data_2KBX
#
_entry.id   2KBX
#
loop_
_entity.id
_entity.type
_entity.pdbx_description
1 polymer 'Integrin-linked protein kinase'
2 polymer 'LIM and senescent cell antigen-like-containing domain protein 1'
3 non-polymer 'ZINC ION'
#
loop_
_entity_poly.entity_id
_entity_poly.type
_entity_poly.pdbx_seq_one_letter_code
_entity_poly.pdbx_strand_id
1 'polypeptide(L)'
;MDDIFTQCREGNAVAVRLWLDNTENDLNQGDDHGFSPLHWACREGRSAVVEMLIMRGARINVMNRGDDTPLHLAASHGHR
DIVQKLLQYKADINAVNEHGNVPLHYACFWGQDQVAEDLVANGALVSICNKYGEMPVDKAKAPLRELLRERAEKMGQNLN
RIPYKDTFWKG
;
A
2 'polypeptide(L)' MANALASATCERCKGGFAPAEKIVNSNGELYHEQCFVCAQCFQQFPEGLFYEFEGRKYCEHDFQMLFAPC B
#
loop_
_chem_comp.id
_chem_comp.type
_chem_comp.name
_chem_comp.formula
ZN non-polymer 'ZINC ION' 'Zn 2'
#
# COMPACT_ATOMS: atom_id res chain seq x y z
N MET A 1 16.89 -19.63 4.95
CA MET A 1 16.96 -21.10 4.77
C MET A 1 15.64 -21.73 5.24
N ASP A 2 14.52 -21.19 4.80
CA ASP A 2 13.21 -21.76 5.21
C ASP A 2 12.86 -22.96 4.33
N ASP A 3 13.84 -23.75 4.00
CA ASP A 3 13.59 -24.97 3.16
C ASP A 3 12.84 -24.60 1.87
N ILE A 4 11.73 -25.24 1.63
CA ILE A 4 10.94 -24.97 0.39
C ILE A 4 10.45 -23.53 0.36
N PHE A 5 9.99 -23.04 1.46
CA PHE A 5 9.49 -21.64 1.50
C PHE A 5 10.62 -20.69 1.06
N THR A 6 11.80 -20.87 1.59
CA THR A 6 12.94 -19.98 1.19
C THR A 6 13.36 -20.32 -0.24
N GLN A 7 13.52 -21.57 -0.52
CA GLN A 7 13.94 -21.98 -1.88
C GLN A 7 12.86 -21.54 -2.89
N CYS A 8 11.63 -21.58 -2.47
CA CYS A 8 10.52 -21.19 -3.38
C CYS A 8 10.72 -19.75 -3.88
N ARG A 9 10.89 -18.82 -2.97
CA ARG A 9 11.07 -17.40 -3.40
C ARG A 9 12.43 -17.22 -4.08
N GLU A 10 13.19 -18.26 -4.18
CA GLU A 10 14.52 -18.15 -4.83
C GLU A 10 14.31 -17.77 -6.30
N GLY A 11 13.07 -17.69 -6.71
CA GLY A 11 12.77 -17.35 -8.14
C GLY A 11 12.62 -18.64 -8.91
N ASN A 12 12.84 -19.74 -8.25
CA ASN A 12 12.70 -21.06 -8.91
C ASN A 12 11.20 -21.32 -9.00
N ALA A 13 10.53 -20.48 -9.71
CA ALA A 13 9.05 -20.62 -9.89
C ALA A 13 8.69 -22.10 -10.14
N VAL A 14 9.66 -22.88 -10.49
CA VAL A 14 9.42 -24.33 -10.72
C VAL A 14 9.40 -25.06 -9.37
N ALA A 15 10.17 -24.57 -8.45
CA ALA A 15 10.23 -25.22 -7.11
C ALA A 15 8.96 -24.94 -6.32
N VAL A 16 8.36 -23.78 -6.49
CA VAL A 16 7.12 -23.49 -5.74
C VAL A 16 5.99 -24.29 -6.38
N ARG A 17 5.96 -24.40 -7.68
CA ARG A 17 4.89 -25.20 -8.33
C ARG A 17 5.09 -26.67 -7.92
N LEU A 18 6.33 -27.07 -7.81
CA LEU A 18 6.66 -28.49 -7.45
C LEU A 18 5.96 -28.90 -6.13
N TRP A 19 6.16 -28.20 -5.04
CA TRP A 19 5.48 -28.66 -3.77
C TRP A 19 4.00 -28.28 -3.79
N LEU A 20 3.63 -27.31 -4.58
CA LEU A 20 2.20 -26.90 -4.63
C LEU A 20 1.36 -28.04 -5.22
N ASP A 21 1.98 -28.96 -5.92
CA ASP A 21 1.21 -30.09 -6.51
C ASP A 21 1.04 -31.20 -5.46
N ASN A 22 0.63 -30.84 -4.27
CA ASN A 22 0.45 -31.86 -3.21
C ASN A 22 -0.63 -32.85 -3.61
N THR A 23 -0.27 -34.04 -3.99
CA THR A 23 -1.29 -35.04 -4.37
C THR A 23 -2.10 -35.42 -3.12
N GLU A 24 -1.72 -34.88 -1.98
CA GLU A 24 -2.44 -35.18 -0.71
C GLU A 24 -3.20 -33.93 -0.25
N ASN A 25 -2.91 -32.81 -0.86
CA ASN A 25 -3.60 -31.54 -0.48
C ASN A 25 -3.45 -31.29 1.03
N ASP A 26 -2.30 -30.85 1.45
CA ASP A 26 -2.06 -30.55 2.88
C ASP A 26 -0.98 -29.48 2.97
N LEU A 27 0.08 -29.68 2.24
CA LEU A 27 1.19 -28.68 2.22
C LEU A 27 0.62 -27.27 1.98
N ASN A 28 -0.64 -27.19 1.66
CA ASN A 28 -1.27 -25.86 1.44
C ASN A 28 -1.49 -25.20 2.81
N GLN A 29 -0.61 -25.47 3.74
CA GLN A 29 -0.74 -24.88 5.10
C GLN A 29 -0.17 -23.46 5.11
N GLY A 30 -0.82 -22.58 5.82
CA GLY A 30 -0.33 -21.18 5.90
C GLY A 30 0.83 -21.11 6.90
N ASP A 31 0.77 -20.19 7.81
CA ASP A 31 1.85 -20.06 8.84
C ASP A 31 1.22 -19.97 10.24
N ASP A 32 2.01 -20.05 11.27
CA ASP A 32 1.45 -19.96 12.65
C ASP A 32 0.60 -18.69 12.76
N HIS A 33 1.02 -17.64 12.10
CA HIS A 33 0.25 -16.36 12.15
C HIS A 33 -0.92 -16.45 11.17
N GLY A 34 -1.06 -17.56 10.49
CA GLY A 34 -2.19 -17.72 9.54
C GLY A 34 -1.81 -17.16 8.17
N PHE A 35 -0.57 -16.81 7.95
CA PHE A 35 -0.21 -16.27 6.62
C PHE A 35 -0.49 -17.35 5.57
N SER A 36 -1.20 -17.01 4.51
CA SER A 36 -1.51 -18.03 3.47
C SER A 36 -0.41 -18.01 2.39
N PRO A 37 -0.24 -19.09 1.64
CA PRO A 37 0.77 -19.08 0.58
C PRO A 37 0.45 -17.93 -0.39
N LEU A 38 -0.80 -17.76 -0.70
CA LEU A 38 -1.23 -16.66 -1.61
C LEU A 38 -0.72 -15.32 -1.06
N HIS A 39 -0.83 -15.13 0.21
CA HIS A 39 -0.36 -13.86 0.83
C HIS A 39 1.11 -13.65 0.47
N TRP A 40 1.95 -14.52 0.92
CA TRP A 40 3.41 -14.39 0.64
C TRP A 40 3.59 -14.24 -0.86
N ALA A 41 2.97 -15.11 -1.60
CA ALA A 41 3.11 -15.06 -3.09
C ALA A 41 2.67 -13.69 -3.62
N CYS A 42 1.59 -13.18 -3.12
CA CYS A 42 1.10 -11.85 -3.62
C CYS A 42 2.23 -10.82 -3.55
N ARG A 43 2.95 -10.77 -2.46
CA ARG A 43 4.05 -9.75 -2.35
C ARG A 43 5.31 -10.24 -3.08
N GLU A 44 5.45 -11.51 -3.30
CA GLU A 44 6.68 -12.01 -4.00
C GLU A 44 6.79 -11.32 -5.36
N GLY A 45 5.82 -11.50 -6.23
CA GLY A 45 5.86 -10.85 -7.58
C GLY A 45 5.85 -11.90 -8.69
N ARG A 46 5.84 -13.15 -8.35
CA ARG A 46 5.82 -14.22 -9.40
C ARG A 46 4.39 -14.42 -9.90
N SER A 47 3.84 -13.42 -10.54
CA SER A 47 2.43 -13.50 -11.06
C SER A 47 2.10 -14.91 -11.56
N ALA A 48 3.02 -15.56 -12.23
CA ALA A 48 2.72 -16.92 -12.73
C ALA A 48 2.23 -17.80 -11.58
N VAL A 49 3.13 -18.38 -10.84
CA VAL A 49 2.74 -19.31 -9.75
C VAL A 49 1.51 -18.81 -8.95
N VAL A 50 1.43 -17.55 -8.60
CA VAL A 50 0.24 -17.08 -7.81
C VAL A 50 -1.01 -17.08 -8.67
N GLU A 51 -0.88 -16.67 -9.89
CA GLU A 51 -2.05 -16.65 -10.82
C GLU A 51 -2.73 -18.01 -10.81
N MET A 52 -1.96 -19.04 -10.98
CA MET A 52 -2.53 -20.42 -11.00
C MET A 52 -3.18 -20.72 -9.64
N LEU A 53 -2.55 -20.33 -8.58
CA LEU A 53 -3.13 -20.58 -7.23
C LEU A 53 -4.54 -19.98 -7.18
N ILE A 54 -4.66 -18.71 -7.47
CA ILE A 54 -6.00 -18.05 -7.45
C ILE A 54 -6.99 -18.86 -8.28
N MET A 55 -6.51 -19.58 -9.26
CA MET A 55 -7.43 -20.37 -10.12
C MET A 55 -7.76 -21.69 -9.42
N ARG A 56 -6.90 -22.14 -8.55
CA ARG A 56 -7.18 -23.42 -7.83
C ARG A 56 -8.45 -23.25 -6.99
N GLY A 57 -8.64 -22.09 -6.42
CA GLY A 57 -9.87 -21.86 -5.59
C GLY A 57 -9.62 -20.79 -4.53
N ALA A 58 -8.42 -20.31 -4.40
CA ALA A 58 -8.15 -19.28 -3.35
C ALA A 58 -8.89 -17.99 -3.73
N ARG A 59 -9.60 -17.42 -2.79
CA ARG A 59 -10.37 -16.17 -3.10
C ARG A 59 -9.51 -14.94 -2.77
N ILE A 60 -9.73 -13.85 -3.45
CA ILE A 60 -8.95 -12.62 -3.18
C ILE A 60 -9.57 -11.90 -1.96
N ASN A 61 -10.80 -12.17 -1.68
CA ASN A 61 -11.47 -11.51 -0.51
C ASN A 61 -11.05 -12.23 0.78
N VAL A 62 -9.77 -12.36 0.99
CA VAL A 62 -9.26 -13.04 2.23
C VAL A 62 -8.57 -11.99 3.12
N MET A 63 -8.76 -12.08 4.41
CA MET A 63 -8.13 -11.11 5.35
C MET A 63 -7.03 -11.80 6.17
N ASN A 64 -5.82 -11.34 6.06
CA ASN A 64 -4.71 -11.97 6.82
C ASN A 64 -5.02 -11.92 8.32
N ARG A 65 -4.24 -12.59 9.12
CA ARG A 65 -4.49 -12.57 10.59
C ARG A 65 -4.32 -11.14 11.11
N GLY A 66 -3.44 -10.39 10.51
CA GLY A 66 -3.22 -9.00 10.99
C GLY A 66 -4.29 -8.09 10.39
N ASP A 67 -5.10 -8.62 9.50
CA ASP A 67 -6.14 -7.78 8.81
C ASP A 67 -5.45 -7.03 7.68
N ASP A 68 -5.33 -7.68 6.55
CA ASP A 68 -4.68 -7.05 5.37
C ASP A 68 -5.14 -7.78 4.11
N THR A 69 -5.84 -7.11 3.23
CA THR A 69 -6.32 -7.79 2.00
C THR A 69 -5.18 -7.78 0.96
N PRO A 70 -5.13 -8.79 0.11
CA PRO A 70 -4.08 -8.84 -0.92
C PRO A 70 -4.12 -7.55 -1.75
N LEU A 71 -5.28 -6.98 -1.93
CA LEU A 71 -5.35 -5.72 -2.72
C LEU A 71 -4.35 -4.73 -2.16
N HIS A 72 -4.39 -4.49 -0.87
CA HIS A 72 -3.40 -3.56 -0.28
C HIS A 72 -2.01 -4.10 -0.64
N LEU A 73 -1.67 -5.24 -0.10
CA LEU A 73 -0.33 -5.84 -0.36
C LEU A 73 0.00 -5.76 -1.86
N ALA A 74 -0.92 -6.15 -2.70
CA ALA A 74 -0.67 -6.10 -4.17
C ALA A 74 -0.15 -4.72 -4.56
N ALA A 75 -0.90 -3.69 -4.27
CA ALA A 75 -0.43 -2.32 -4.62
C ALA A 75 0.82 -1.99 -3.79
N SER A 76 0.86 -2.45 -2.58
CA SER A 76 2.04 -2.19 -1.70
C SER A 76 3.26 -2.92 -2.27
N HIS A 77 3.08 -3.68 -3.32
CA HIS A 77 4.24 -4.41 -3.92
C HIS A 77 4.84 -3.55 -5.03
N GLY A 78 4.07 -3.22 -6.04
CA GLY A 78 4.59 -2.36 -7.16
C GLY A 78 4.54 -3.11 -8.49
N HIS A 79 3.83 -4.21 -8.56
CA HIS A 79 3.75 -4.98 -9.84
C HIS A 79 2.50 -4.54 -10.62
N ARG A 80 2.63 -3.55 -11.45
CA ARG A 80 1.46 -3.06 -12.24
C ARG A 80 0.65 -4.25 -12.78
N ASP A 81 1.29 -5.17 -13.45
CA ASP A 81 0.55 -6.34 -14.04
C ASP A 81 -0.28 -7.10 -12.99
N ILE A 82 0.34 -7.67 -11.99
CA ILE A 82 -0.45 -8.45 -10.99
C ILE A 82 -1.66 -7.62 -10.53
N VAL A 83 -1.46 -6.36 -10.24
CA VAL A 83 -2.58 -5.51 -9.78
C VAL A 83 -3.74 -5.57 -10.78
N GLN A 84 -3.49 -5.27 -12.02
CA GLN A 84 -4.58 -5.29 -13.04
C GLN A 84 -5.35 -6.62 -12.99
N LYS A 85 -4.68 -7.73 -13.10
CA LYS A 85 -5.41 -9.03 -13.09
C LYS A 85 -5.86 -9.39 -11.67
N LEU A 86 -5.25 -8.83 -10.67
CA LEU A 86 -5.63 -9.15 -9.27
C LEU A 86 -6.80 -8.25 -8.85
N LEU A 87 -6.84 -7.06 -9.37
CA LEU A 87 -7.95 -6.10 -9.04
C LEU A 87 -9.12 -6.28 -10.03
N GLN A 88 -8.89 -6.99 -11.10
CA GLN A 88 -9.99 -7.19 -12.11
C GLN A 88 -10.69 -8.53 -11.88
N TYR A 89 -10.35 -9.20 -10.83
CA TYR A 89 -10.99 -10.52 -10.54
C TYR A 89 -12.29 -10.30 -9.76
N LYS A 90 -12.26 -9.54 -8.71
CA LYS A 90 -13.50 -9.30 -7.88
C LYS A 90 -13.65 -7.81 -7.57
N ALA A 91 -12.68 -7.02 -7.94
CA ALA A 91 -12.78 -5.56 -7.67
C ALA A 91 -13.20 -5.32 -6.22
N ASP A 92 -12.54 -5.98 -5.30
CA ASP A 92 -12.88 -5.80 -3.85
C ASP A 92 -12.14 -4.56 -3.33
N ILE A 93 -12.02 -3.55 -4.14
CA ILE A 93 -11.40 -2.28 -3.68
C ILE A 93 -12.43 -1.62 -2.78
N ASN A 94 -13.68 -1.90 -3.04
CA ASN A 94 -14.77 -1.33 -2.21
C ASN A 94 -14.85 -2.14 -0.92
N ALA A 95 -13.76 -2.74 -0.53
CA ALA A 95 -13.73 -3.54 0.73
C ALA A 95 -12.40 -3.27 1.43
N VAL A 96 -12.38 -2.28 2.27
CA VAL A 96 -11.13 -1.90 2.98
C VAL A 96 -10.83 -2.89 4.10
N ASN A 97 -9.77 -2.65 4.84
CA ASN A 97 -9.43 -3.55 5.97
C ASN A 97 -10.16 -3.05 7.23
N GLU A 98 -9.47 -2.93 8.34
CA GLU A 98 -10.13 -2.45 9.58
C GLU A 98 -9.86 -0.95 9.78
N HIS A 99 -8.76 -0.46 9.27
CA HIS A 99 -8.44 0.99 9.44
C HIS A 99 -9.10 1.78 8.31
N GLY A 100 -9.56 1.10 7.29
CA GLY A 100 -10.22 1.81 6.15
C GLY A 100 -9.25 2.01 4.98
N ASN A 101 -8.01 1.69 5.18
CA ASN A 101 -6.99 1.89 4.09
C ASN A 101 -7.50 1.34 2.75
N VAL A 102 -7.72 2.20 1.80
CA VAL A 102 -8.18 1.76 0.45
C VAL A 102 -6.91 1.49 -0.40
N PRO A 103 -6.98 0.57 -1.34
CA PRO A 103 -5.80 0.26 -2.17
C PRO A 103 -5.18 1.55 -2.72
N LEU A 104 -5.97 2.55 -3.02
CA LEU A 104 -5.41 3.81 -3.58
C LEU A 104 -4.56 4.52 -2.51
N HIS A 105 -5.02 4.56 -1.29
CA HIS A 105 -4.23 5.22 -0.22
C HIS A 105 -2.82 4.64 -0.24
N TYR A 106 -2.73 3.35 -0.34
CA TYR A 106 -1.38 2.69 -0.37
C TYR A 106 -0.73 2.90 -1.75
N ALA A 107 -1.49 2.80 -2.80
CA ALA A 107 -0.93 2.97 -4.16
C ALA A 107 -0.17 4.29 -4.25
N CYS A 108 -0.69 5.35 -3.70
CA CYS A 108 0.01 6.66 -3.77
C CYS A 108 1.04 6.74 -2.64
N PHE A 109 0.80 6.04 -1.57
CA PHE A 109 1.78 6.06 -0.44
C PHE A 109 3.15 5.68 -0.98
N TRP A 110 3.20 4.83 -1.97
CA TRP A 110 4.51 4.42 -2.56
C TRP A 110 4.83 5.32 -3.75
N GLY A 111 3.94 5.37 -4.71
CA GLY A 111 4.17 6.22 -5.92
C GLY A 111 3.80 5.43 -7.17
N GLN A 112 2.54 5.17 -7.38
CA GLN A 112 2.11 4.41 -8.60
C GLN A 112 0.93 5.13 -9.27
N ASP A 113 1.21 6.11 -10.07
CA ASP A 113 0.12 6.88 -10.73
C ASP A 113 -0.71 5.97 -11.62
N GLN A 114 -0.08 5.26 -12.50
CA GLN A 114 -0.81 4.36 -13.41
C GLN A 114 -1.83 3.51 -12.63
N VAL A 115 -1.35 2.64 -11.77
CA VAL A 115 -2.29 1.76 -11.02
C VAL A 115 -3.32 2.60 -10.25
N ALA A 116 -2.91 3.73 -9.75
CA ALA A 116 -3.86 4.58 -8.99
C ALA A 116 -5.02 5.00 -9.89
N GLU A 117 -4.74 5.19 -11.13
CA GLU A 117 -5.81 5.58 -12.09
C GLU A 117 -6.78 4.40 -12.26
N ASP A 118 -6.26 3.25 -12.60
CA ASP A 118 -7.15 2.07 -12.80
C ASP A 118 -8.03 1.84 -11.55
N LEU A 119 -7.57 2.28 -10.41
CA LEU A 119 -8.39 2.09 -9.17
C LEU A 119 -9.58 3.05 -9.21
N VAL A 120 -9.33 4.33 -9.27
CA VAL A 120 -10.46 5.30 -9.32
C VAL A 120 -11.17 5.15 -10.67
N ALA A 121 -10.61 4.37 -11.55
CA ALA A 121 -11.25 4.18 -12.89
C ALA A 121 -12.55 3.38 -12.72
N ASN A 122 -12.83 2.94 -11.53
CA ASN A 122 -14.11 2.20 -11.30
C ASN A 122 -15.10 3.17 -10.65
N GLY A 123 -14.60 3.96 -9.74
CA GLY A 123 -15.48 4.94 -9.04
C GLY A 123 -14.97 5.13 -7.60
N ALA A 124 -13.91 4.44 -7.23
CA ALA A 124 -13.39 4.57 -5.83
C ALA A 124 -13.31 6.04 -5.46
N LEU A 125 -13.33 6.90 -6.43
CA LEU A 125 -13.25 8.36 -6.13
C LEU A 125 -11.91 8.64 -5.44
N VAL A 126 -11.09 9.46 -6.03
CA VAL A 126 -9.77 9.79 -5.42
C VAL A 126 -10.00 10.76 -4.25
N SER A 127 -11.13 11.41 -4.23
CA SER A 127 -11.44 12.37 -3.14
C SER A 127 -12.23 11.68 -2.03
N ILE A 128 -11.94 10.44 -1.78
CA ILE A 128 -12.67 9.70 -0.69
C ILE A 128 -12.51 10.44 0.64
N CYS A 129 -11.29 10.67 1.07
CA CYS A 129 -11.01 11.35 2.38
C CYS A 129 -10.91 10.25 3.43
N ASN A 130 -9.71 9.90 3.80
CA ASN A 130 -9.53 8.81 4.79
C ASN A 130 -10.24 9.16 6.11
N LYS A 131 -9.57 8.92 7.19
CA LYS A 131 -10.16 9.22 8.53
C LYS A 131 -9.94 10.69 8.86
N TYR A 132 -8.91 11.27 8.32
CA TYR A 132 -8.61 12.73 8.57
C TYR A 132 -8.37 13.41 7.23
N GLY A 133 -8.88 12.84 6.17
CA GLY A 133 -8.69 13.43 4.83
C GLY A 133 -7.35 12.97 4.26
N GLU A 134 -6.70 12.07 4.95
CA GLU A 134 -5.39 11.58 4.45
C GLU A 134 -5.62 10.86 3.12
N MET A 135 -5.79 11.59 2.05
CA MET A 135 -6.04 10.98 0.71
C MET A 135 -4.87 11.39 -0.22
N PRO A 136 -4.68 10.69 -1.32
CA PRO A 136 -3.56 11.01 -2.24
C PRO A 136 -3.55 12.50 -2.62
N VAL A 137 -4.69 13.12 -2.76
CA VAL A 137 -4.71 14.56 -3.12
C VAL A 137 -3.76 15.36 -2.23
N ASP A 138 -3.75 15.06 -0.96
CA ASP A 138 -2.84 15.80 -0.03
C ASP A 138 -1.43 15.27 -0.22
N LYS A 139 -1.27 13.98 -0.16
CA LYS A 139 0.08 13.40 -0.36
C LYS A 139 0.57 13.80 -1.75
N ALA A 140 -0.33 14.18 -2.62
CA ALA A 140 0.08 14.58 -4.01
C ALA A 140 0.24 16.09 -4.04
N LYS A 141 -0.46 16.77 -3.18
CA LYS A 141 -0.36 18.25 -3.13
C LYS A 141 0.89 18.64 -2.35
N ALA A 142 1.50 17.70 -1.67
CA ALA A 142 2.73 18.04 -0.89
C ALA A 142 3.91 18.19 -1.87
N PRO A 143 4.26 17.13 -2.60
CA PRO A 143 5.35 17.23 -3.58
C PRO A 143 5.08 18.46 -4.46
N LEU A 144 3.82 18.73 -4.70
CA LEU A 144 3.41 19.89 -5.54
C LEU A 144 3.39 19.42 -6.99
N ARG A 145 2.92 18.22 -7.21
CA ARG A 145 2.87 17.70 -8.61
C ARG A 145 2.01 18.69 -9.41
N GLU A 146 0.75 18.78 -9.07
CA GLU A 146 -0.18 19.68 -9.80
C GLU A 146 -0.58 19.00 -11.10
N LEU A 147 0.18 18.02 -11.49
CA LEU A 147 -0.13 17.28 -12.73
C LEU A 147 -1.34 16.38 -12.51
N LEU A 148 -1.24 15.48 -11.58
CA LEU A 148 -2.39 14.57 -11.31
C LEU A 148 -3.48 15.35 -10.55
N ARG A 149 -3.13 16.48 -9.97
CA ARG A 149 -4.19 17.27 -9.25
C ARG A 149 -5.19 17.74 -10.28
N GLU A 150 -4.72 18.37 -11.31
CA GLU A 150 -5.64 18.86 -12.36
C GLU A 150 -6.40 17.68 -12.94
N ARG A 151 -5.70 16.63 -13.27
CA ARG A 151 -6.41 15.44 -13.84
C ARG A 151 -7.41 14.93 -12.79
N ALA A 152 -7.02 14.94 -11.56
CA ALA A 152 -7.93 14.48 -10.48
C ALA A 152 -9.09 15.46 -10.36
N GLU A 153 -8.80 16.73 -10.22
CA GLU A 153 -9.88 17.74 -10.08
C GLU A 153 -10.59 17.96 -11.41
N LYS A 154 -9.97 17.64 -12.50
CA LYS A 154 -10.64 17.84 -13.82
C LYS A 154 -11.67 16.75 -14.01
N MET A 155 -11.85 15.92 -13.02
CA MET A 155 -12.86 14.83 -13.12
C MET A 155 -14.21 15.35 -12.60
N GLY A 156 -14.16 16.37 -11.79
CA GLY A 156 -15.43 16.95 -11.24
C GLY A 156 -15.18 17.43 -9.81
N GLN A 157 -14.47 18.52 -9.66
CA GLN A 157 -14.19 19.03 -8.29
C GLN A 157 -13.74 20.49 -8.36
N ASN A 158 -12.71 20.76 -9.12
CA ASN A 158 -12.22 22.17 -9.23
C ASN A 158 -13.37 23.06 -9.69
N LEU A 159 -13.92 22.79 -10.85
CA LEU A 159 -15.06 23.62 -11.33
C LEU A 159 -16.35 23.08 -10.71
N ASN A 160 -16.55 23.31 -9.45
CA ASN A 160 -17.78 22.82 -8.76
C ASN A 160 -18.76 23.97 -8.58
N ARG A 161 -19.85 23.97 -9.30
CA ARG A 161 -20.85 25.06 -9.14
C ARG A 161 -21.30 25.05 -7.69
N ILE A 162 -21.79 26.16 -7.19
CA ILE A 162 -22.24 26.19 -5.77
C ILE A 162 -23.36 25.14 -5.56
N PRO A 163 -23.10 24.07 -4.81
CA PRO A 163 -24.13 23.03 -4.60
C PRO A 163 -25.33 23.64 -3.87
N TYR A 164 -26.52 23.16 -4.15
CA TYR A 164 -27.74 23.71 -3.48
C TYR A 164 -28.78 22.59 -3.34
N LYS A 165 -30.03 22.91 -3.49
CA LYS A 165 -31.09 21.86 -3.37
C LYS A 165 -31.02 21.22 -1.98
N ASP A 166 -30.70 22.00 -0.97
CA ASP A 166 -30.61 21.43 0.40
C ASP A 166 -30.43 22.55 1.43
N THR A 167 -31.07 23.67 1.23
CA THR A 167 -30.93 24.78 2.21
C THR A 167 -32.06 25.78 2.03
N PHE A 168 -32.26 26.22 0.82
CA PHE A 168 -33.38 27.18 0.54
C PHE A 168 -34.27 26.56 -0.52
N TRP A 169 -35.22 25.84 -0.05
CA TRP A 169 -36.15 25.14 -0.96
C TRP A 169 -37.39 24.78 -0.17
N LYS A 170 -37.24 24.61 1.11
CA LYS A 170 -38.39 24.24 1.99
C LYS A 170 -38.31 25.04 3.30
N GLY A 171 -37.90 24.39 4.35
CA GLY A 171 -37.79 25.09 5.66
C GLY A 171 -37.25 24.12 6.71
N MET B 1 19.09 37.63 -7.92
CA MET B 1 20.08 37.09 -6.95
C MET B 1 19.89 35.57 -6.83
N ALA B 2 18.70 35.09 -7.07
CA ALA B 2 18.45 33.63 -6.96
C ALA B 2 18.89 33.12 -5.59
N ASN B 3 18.64 31.87 -5.30
CA ASN B 3 19.05 31.32 -3.98
C ASN B 3 18.73 29.82 -3.94
N ALA B 4 17.69 29.45 -3.25
CA ALA B 4 17.33 28.00 -3.18
C ALA B 4 18.53 27.20 -2.65
N LEU B 5 18.96 27.47 -1.45
CA LEU B 5 20.12 26.73 -0.88
C LEU B 5 19.63 25.41 -0.30
N ALA B 6 18.82 24.70 -1.03
CA ALA B 6 18.30 23.39 -0.53
C ALA B 6 19.42 22.35 -0.53
N SER B 7 19.30 21.33 0.28
CA SER B 7 20.36 20.28 0.33
C SER B 7 19.84 19.09 1.13
N ALA B 8 20.22 17.89 0.79
CA ALA B 8 19.72 16.71 1.55
C ALA B 8 18.20 16.63 1.38
N THR B 9 17.70 15.48 0.98
CA THR B 9 16.23 15.31 0.71
C THR B 9 15.65 14.11 1.47
N CYS B 10 14.36 14.13 1.71
CA CYS B 10 13.73 12.99 2.41
C CYS B 10 14.04 11.73 1.69
N GLU B 11 14.31 10.73 2.44
CA GLU B 11 14.57 9.42 1.78
C GLU B 11 13.24 8.78 1.41
N ARG B 12 12.12 9.44 1.69
CA ARG B 12 10.79 8.84 1.34
C ARG B 12 9.89 9.86 0.62
N CYS B 13 9.89 11.09 1.02
CA CYS B 13 9.04 12.11 0.32
C CYS B 13 9.92 12.83 -0.69
N LYS B 14 11.21 12.61 -0.60
CA LYS B 14 12.17 13.25 -1.52
C LYS B 14 12.21 14.74 -1.30
N GLY B 15 11.62 15.22 -0.26
CA GLY B 15 11.65 16.62 0.05
C GLY B 15 13.08 16.95 0.31
N GLY B 16 13.31 18.16 0.44
CA GLY B 16 14.63 18.77 0.61
C GLY B 16 14.62 19.62 1.86
N PHE B 17 15.27 19.14 2.87
CA PHE B 17 15.35 19.87 4.14
C PHE B 17 16.75 20.45 4.32
N ALA B 18 16.77 21.30 5.24
CA ALA B 18 17.96 22.09 5.72
C ALA B 18 18.18 21.33 6.97
N PRO B 19 19.14 20.50 7.01
CA PRO B 19 18.96 19.54 8.03
C PRO B 19 19.30 19.33 9.47
N ALA B 20 18.94 20.37 10.00
CA ALA B 20 18.96 20.65 11.42
C ALA B 20 17.62 21.30 11.60
N GLU B 21 16.75 21.20 10.55
CA GLU B 21 15.41 21.79 10.69
C GLU B 21 14.54 20.63 11.05
N LYS B 22 14.10 19.92 10.05
CA LYS B 22 13.37 18.68 10.37
C LYS B 22 13.65 17.67 9.29
N ILE B 23 14.63 16.98 9.61
CA ILE B 23 15.18 15.82 8.89
C ILE B 23 15.46 14.75 9.96
N VAL B 24 15.30 13.50 9.65
CA VAL B 24 15.58 12.43 10.65
C VAL B 24 16.40 11.33 9.99
N ASN B 25 17.53 11.05 10.58
CA ASN B 25 18.45 9.99 10.06
C ASN B 25 18.19 8.70 10.83
N SER B 26 17.96 7.64 10.14
CA SER B 26 17.72 6.34 10.78
C SER B 26 18.49 5.34 9.96
N ASN B 27 19.60 4.93 10.46
CA ASN B 27 20.47 3.94 9.79
C ASN B 27 21.49 4.63 8.88
N GLY B 28 21.12 5.72 8.28
CA GLY B 28 22.06 6.43 7.37
C GLY B 28 21.26 7.05 6.23
N GLU B 29 19.96 6.88 6.26
CA GLU B 29 19.09 7.46 5.21
C GLU B 29 18.30 8.55 5.93
N LEU B 30 17.92 9.60 5.25
CA LEU B 30 17.24 10.73 5.93
C LEU B 30 15.73 10.70 5.71
N TYR B 31 14.96 10.95 6.73
CA TYR B 31 13.49 10.93 6.60
C TYR B 31 12.88 12.08 7.40
N HIS B 32 11.91 12.74 6.86
CA HIS B 32 11.29 13.83 7.60
C HIS B 32 10.63 13.14 8.76
N GLU B 33 10.50 13.76 9.88
CA GLU B 33 9.70 13.08 10.92
C GLU B 33 8.31 12.89 10.26
N GLN B 34 8.20 13.41 9.03
CA GLN B 34 6.97 13.31 8.21
C GLN B 34 7.03 12.02 7.44
N CYS B 35 8.22 11.48 7.35
CA CYS B 35 8.45 10.28 6.61
C CYS B 35 8.47 9.20 7.67
N PHE B 36 8.44 9.68 8.89
CA PHE B 36 8.29 8.76 10.07
C PHE B 36 6.79 8.56 10.20
N VAL B 37 6.34 7.57 9.53
CA VAL B 37 4.87 7.24 9.53
C VAL B 37 4.69 5.73 9.56
N CYS B 38 3.88 5.25 10.48
CA CYS B 38 3.60 3.78 10.58
C CYS B 38 2.77 3.35 9.37
N ALA B 39 3.15 2.31 8.69
CA ALA B 39 2.36 1.87 7.48
C ALA B 39 0.90 1.57 7.88
N GLN B 40 0.68 1.23 9.11
CA GLN B 40 -0.71 0.97 9.62
C GLN B 40 -1.18 2.22 10.35
N CYS B 41 -0.24 2.71 11.09
CA CYS B 41 -0.31 3.88 11.98
C CYS B 41 0.27 5.09 11.24
N PHE B 42 0.54 4.98 9.92
CA PHE B 42 1.27 6.00 9.01
C PHE B 42 0.77 7.34 9.24
N GLN B 43 0.36 7.41 10.37
CA GLN B 43 0.10 8.73 10.90
C GLN B 43 1.44 8.82 11.60
N GLN B 44 1.94 9.95 11.75
CA GLN B 44 3.30 10.03 12.29
C GLN B 44 3.39 9.30 13.61
N PHE B 45 4.49 8.64 13.82
CA PHE B 45 4.71 7.89 15.08
C PHE B 45 5.11 8.86 16.22
N PRO B 46 4.39 8.84 17.33
CA PRO B 46 4.69 9.72 18.47
C PRO B 46 6.08 9.43 19.08
N GLU B 47 6.79 10.47 19.32
CA GLU B 47 8.17 10.43 19.88
C GLU B 47 9.12 9.89 18.84
N GLY B 48 8.59 9.73 17.68
CA GLY B 48 9.45 9.43 16.52
C GLY B 48 10.05 8.01 16.50
N LEU B 49 9.64 7.09 17.33
CA LEU B 49 10.28 5.74 17.27
C LEU B 49 9.56 4.87 16.29
N PHE B 50 10.32 4.41 15.34
CA PHE B 50 9.75 3.58 14.27
C PHE B 50 10.61 2.32 14.03
N TYR B 51 10.04 1.27 13.44
CA TYR B 51 10.79 0.05 13.13
C TYR B 51 10.36 -0.42 11.74
N GLU B 52 11.31 -0.62 10.90
CA GLU B 52 11.04 -1.03 9.50
C GLU B 52 11.06 -2.57 9.29
N PHE B 53 10.07 -3.13 8.58
CA PHE B 53 10.10 -4.59 8.27
C PHE B 53 9.55 -4.89 6.87
N GLU B 54 10.28 -5.71 6.16
CA GLU B 54 9.90 -6.21 4.80
C GLU B 54 9.39 -5.14 3.82
N GLY B 55 9.98 -3.98 3.77
CA GLY B 55 9.52 -2.95 2.78
C GLY B 55 8.43 -2.07 3.35
N ARG B 56 7.79 -2.50 4.40
CA ARG B 56 6.75 -1.66 5.05
C ARG B 56 7.34 -1.32 6.40
N LYS B 57 6.99 -0.22 6.94
CA LYS B 57 7.53 0.15 8.28
C LYS B 57 6.40 0.21 9.30
N TYR B 58 6.59 -0.39 10.45
CA TYR B 58 5.53 -0.43 11.51
C TYR B 58 6.17 -0.07 12.85
N CYS B 59 5.45 0.49 13.79
CA CYS B 59 6.14 0.70 15.08
C CYS B 59 6.48 -0.71 15.51
N GLU B 60 7.35 -0.93 16.41
CA GLU B 60 7.73 -2.30 16.70
C GLU B 60 6.51 -3.08 17.05
N HIS B 61 5.64 -2.41 17.70
CA HIS B 61 4.44 -3.05 18.19
C HIS B 61 3.74 -3.78 17.08
N ASP B 62 3.42 -3.10 16.04
CA ASP B 62 2.70 -3.83 14.98
C ASP B 62 3.65 -4.72 14.25
N PHE B 63 4.86 -4.33 14.18
CA PHE B 63 5.79 -5.16 13.43
C PHE B 63 5.83 -6.50 14.08
N GLN B 64 5.86 -6.57 15.37
CA GLN B 64 5.92 -7.97 15.92
C GLN B 64 4.64 -8.64 15.57
N MET B 65 3.58 -7.93 15.61
CA MET B 65 2.30 -8.65 15.38
C MET B 65 2.37 -9.32 14.02
N LEU B 66 2.79 -8.65 13.00
CA LEU B 66 2.89 -9.36 11.71
C LEU B 66 4.01 -10.36 11.83
N PHE B 67 5.11 -9.93 12.38
CA PHE B 67 6.27 -10.82 12.43
C PHE B 67 6.14 -11.92 13.46
N ALA B 68 5.25 -11.85 14.42
CA ALA B 68 5.20 -12.96 15.43
C ALA B 68 3.74 -13.09 15.93
N PRO B 69 3.44 -14.16 16.63
CA PRO B 69 2.08 -14.37 17.16
C PRO B 69 1.67 -13.19 18.04
N CYS B 70 0.66 -13.36 18.85
CA CYS B 70 0.22 -12.25 19.74
C CYS B 70 -0.57 -12.81 20.92
ZN ZN C . 10.23 13.57 3.57
ZN ZN D . 2.70 1.18 14.13
N MET A 1 12.53 -25.19 7.52
CA MET A 1 11.35 -24.47 6.96
C MET A 1 11.65 -24.05 5.52
N ASP A 2 12.89 -24.03 5.14
CA ASP A 2 13.25 -23.62 3.76
C ASP A 2 12.97 -24.77 2.79
N ASP A 3 13.99 -25.50 2.42
CA ASP A 3 13.78 -26.65 1.48
C ASP A 3 13.01 -26.17 0.24
N ILE A 4 11.99 -26.90 -0.12
CA ILE A 4 11.17 -26.55 -1.29
C ILE A 4 10.56 -25.16 -1.10
N PHE A 5 10.04 -24.89 0.06
CA PHE A 5 9.44 -23.55 0.32
C PHE A 5 10.41 -22.46 -0.15
N THR A 6 11.66 -22.61 0.18
CA THR A 6 12.66 -21.59 -0.26
C THR A 6 12.93 -21.77 -1.75
N GLN A 7 13.33 -22.94 -2.12
CA GLN A 7 13.62 -23.21 -3.56
C GLN A 7 12.35 -22.94 -4.39
N CYS A 8 11.24 -22.70 -3.74
CA CYS A 8 9.98 -22.44 -4.49
C CYS A 8 9.87 -20.94 -4.82
N ARG A 9 9.84 -20.10 -3.83
CA ARG A 9 9.74 -18.64 -4.10
C ARG A 9 11.00 -18.20 -4.83
N GLU A 10 11.97 -19.06 -4.86
CA GLU A 10 13.25 -18.73 -5.54
C GLU A 10 12.96 -18.42 -7.02
N GLY A 11 11.71 -18.50 -7.40
CA GLY A 11 11.34 -18.23 -8.81
C GLY A 11 11.18 -19.55 -9.53
N ASN A 12 11.29 -20.62 -8.80
CA ASN A 12 11.13 -21.95 -9.41
C ASN A 12 9.66 -22.11 -9.73
N ALA A 13 9.14 -21.20 -10.50
CA ALA A 13 7.69 -21.24 -10.89
C ALA A 13 7.28 -22.69 -11.19
N VAL A 14 8.23 -23.53 -11.47
CA VAL A 14 7.92 -24.95 -11.75
C VAL A 14 7.60 -25.66 -10.44
N ALA A 15 8.20 -25.21 -9.37
CA ALA A 15 7.96 -25.84 -8.04
C ALA A 15 6.57 -25.45 -7.54
N VAL A 16 6.17 -24.21 -7.68
CA VAL A 16 4.84 -23.83 -7.20
C VAL A 16 3.81 -24.39 -8.19
N ARG A 17 4.17 -24.48 -9.45
CA ARG A 17 3.22 -25.08 -10.42
C ARG A 17 3.12 -26.55 -10.06
N LEU A 18 4.23 -27.16 -9.74
CA LEU A 18 4.20 -28.59 -9.33
C LEU A 18 3.09 -28.73 -8.28
N TRP A 19 2.97 -27.77 -7.39
CA TRP A 19 1.89 -27.83 -6.37
C TRP A 19 0.53 -27.74 -7.06
N LEU A 20 0.44 -27.02 -8.14
CA LEU A 20 -0.88 -26.90 -8.84
C LEU A 20 -1.29 -28.28 -9.37
N ASP A 21 -0.38 -29.03 -9.94
CA ASP A 21 -0.73 -30.36 -10.49
C ASP A 21 -0.36 -31.46 -9.50
N ASN A 22 -0.62 -31.23 -8.23
CA ASN A 22 -0.29 -32.25 -7.19
C ASN A 22 -1.55 -33.06 -6.85
N THR A 23 -1.45 -34.35 -6.82
CA THR A 23 -2.63 -35.19 -6.50
C THR A 23 -2.85 -35.22 -4.98
N GLU A 24 -2.05 -34.51 -4.24
CA GLU A 24 -2.20 -34.49 -2.75
C GLU A 24 -2.96 -33.23 -2.32
N ASN A 25 -2.73 -32.13 -2.99
CA ASN A 25 -3.42 -30.87 -2.63
C ASN A 25 -3.21 -30.58 -1.14
N ASP A 26 -2.01 -30.19 -0.79
CA ASP A 26 -1.71 -29.87 0.63
C ASP A 26 -0.62 -28.80 0.68
N LEU A 27 0.30 -28.86 -0.25
CA LEU A 27 1.39 -27.85 -0.28
C LEU A 27 0.76 -26.45 -0.24
N ASN A 28 -0.52 -26.37 -0.44
CA ASN A 28 -1.22 -25.06 -0.38
C ASN A 28 -1.32 -24.62 1.08
N GLN A 29 -0.42 -25.08 1.91
CA GLN A 29 -0.47 -24.71 3.35
C GLN A 29 0.12 -23.31 3.54
N GLY A 30 -0.39 -22.59 4.49
CA GLY A 30 0.11 -21.23 4.75
C GLY A 30 1.25 -21.29 5.77
N ASP A 31 1.21 -20.46 6.75
CA ASP A 31 2.28 -20.48 7.82
C ASP A 31 1.62 -20.33 9.18
N ASP A 32 2.39 -20.34 10.23
CA ASP A 32 1.81 -20.21 11.59
C ASP A 32 1.22 -18.80 11.77
N HIS A 33 1.81 -17.81 11.13
CA HIS A 33 1.28 -16.42 11.26
C HIS A 33 0.04 -16.27 10.39
N GLY A 34 -0.30 -17.27 9.63
CA GLY A 34 -1.51 -17.19 8.76
C GLY A 34 -1.13 -16.77 7.34
N PHE A 35 0.13 -16.77 7.01
CA PHE A 35 0.51 -16.39 5.62
C PHE A 35 0.03 -17.50 4.68
N SER A 36 -0.86 -17.20 3.79
CA SER A 36 -1.40 -18.23 2.86
C SER A 36 -0.58 -18.23 1.56
N PRO A 37 -0.80 -19.20 0.69
CA PRO A 37 -0.08 -19.25 -0.59
C PRO A 37 -0.42 -17.98 -1.37
N LEU A 38 -1.69 -17.71 -1.55
CA LEU A 38 -2.10 -16.48 -2.29
C LEU A 38 -1.38 -15.29 -1.67
N HIS A 39 -1.28 -15.30 -0.37
CA HIS A 39 -0.60 -14.20 0.36
C HIS A 39 0.81 -14.00 -0.21
N TRP A 40 1.62 -15.02 -0.12
CA TRP A 40 3.01 -14.91 -0.64
C TRP A 40 2.99 -14.55 -2.13
N ALA A 41 2.19 -15.22 -2.89
CA ALA A 41 2.13 -14.94 -4.35
C ALA A 41 1.83 -13.46 -4.59
N CYS A 42 0.78 -12.94 -4.01
CA CYS A 42 0.44 -11.50 -4.22
C CYS A 42 1.65 -10.63 -3.86
N ARG A 43 2.44 -11.06 -2.90
CA ARG A 43 3.62 -10.28 -2.49
C ARG A 43 4.70 -10.36 -3.58
N GLU A 44 4.96 -11.54 -4.10
CA GLU A 44 6.01 -11.68 -5.15
C GLU A 44 5.55 -11.00 -6.43
N GLY A 45 4.46 -11.47 -7.01
CA GLY A 45 3.95 -10.85 -8.28
C GLY A 45 3.85 -11.92 -9.38
N ARG A 46 4.04 -13.17 -9.01
CA ARG A 46 3.96 -14.25 -10.03
C ARG A 46 2.51 -14.39 -10.52
N SER A 47 1.98 -13.32 -11.05
CA SER A 47 0.56 -13.31 -11.54
C SER A 47 0.17 -14.66 -12.17
N ALA A 48 1.06 -15.28 -12.89
CA ALA A 48 0.70 -16.58 -13.52
C ALA A 48 0.15 -17.52 -12.43
N VAL A 49 1.02 -18.19 -11.74
CA VAL A 49 0.58 -19.16 -10.70
C VAL A 49 -0.61 -18.63 -9.88
N VAL A 50 -0.63 -17.38 -9.48
CA VAL A 50 -1.78 -16.87 -8.67
C VAL A 50 -3.06 -16.89 -9.50
N GLU A 51 -2.97 -16.46 -10.72
CA GLU A 51 -4.16 -16.43 -11.63
C GLU A 51 -4.82 -17.80 -11.66
N MET A 52 -4.06 -18.81 -11.93
CA MET A 52 -4.61 -20.20 -11.99
C MET A 52 -5.09 -20.62 -10.60
N LEU A 53 -4.52 -20.05 -9.57
CA LEU A 53 -4.94 -20.39 -8.19
C LEU A 53 -6.19 -19.58 -7.82
N ILE A 54 -6.20 -18.31 -8.15
CA ILE A 54 -7.37 -17.45 -7.83
C ILE A 54 -8.66 -18.20 -8.18
N MET A 55 -8.65 -18.98 -9.23
CA MET A 55 -9.88 -19.73 -9.63
C MET A 55 -9.89 -21.10 -8.94
N ARG A 56 -8.79 -21.50 -8.36
CA ARG A 56 -8.76 -22.85 -7.69
C ARG A 56 -9.50 -22.77 -6.35
N GLY A 57 -9.72 -21.59 -5.83
CA GLY A 57 -10.43 -21.44 -4.51
C GLY A 57 -9.52 -20.67 -3.56
N ALA A 58 -8.65 -19.89 -4.12
CA ALA A 58 -7.70 -19.09 -3.29
C ALA A 58 -8.46 -18.27 -2.25
N ARG A 59 -7.75 -17.70 -1.32
CA ARG A 59 -8.39 -16.84 -0.28
C ARG A 59 -8.16 -15.37 -0.68
N ILE A 60 -9.17 -14.71 -1.17
CA ILE A 60 -9.02 -13.29 -1.59
C ILE A 60 -9.41 -12.36 -0.44
N ASN A 61 -9.83 -12.91 0.68
CA ASN A 61 -10.25 -12.05 1.84
C ASN A 61 -9.34 -12.30 3.04
N VAL A 62 -8.52 -13.30 2.99
CA VAL A 62 -7.61 -13.58 4.14
C VAL A 62 -6.80 -12.33 4.48
N MET A 63 -6.35 -12.23 5.70
CA MET A 63 -5.55 -11.05 6.13
C MET A 63 -4.42 -11.52 7.04
N ASN A 64 -3.30 -10.85 7.02
CA ASN A 64 -2.16 -11.29 7.90
C ASN A 64 -2.39 -10.83 9.33
N ARG A 65 -1.73 -11.45 10.26
CA ARG A 65 -1.88 -11.05 11.68
C ARG A 65 -1.42 -9.59 11.82
N GLY A 66 -0.90 -9.03 10.75
CA GLY A 66 -0.42 -7.61 10.79
C GLY A 66 -1.33 -6.72 9.93
N ASP A 67 -2.62 -7.00 9.92
CA ASP A 67 -3.54 -6.15 9.13
C ASP A 67 -2.98 -5.92 7.73
N ASP A 68 -3.12 -6.88 6.88
CA ASP A 68 -2.61 -6.71 5.48
C ASP A 68 -3.34 -7.69 4.56
N THR A 69 -4.33 -7.22 3.83
CA THR A 69 -5.06 -8.13 2.91
C THR A 69 -4.31 -8.11 1.58
N PRO A 70 -4.43 -9.15 0.79
CA PRO A 70 -3.74 -9.21 -0.50
C PRO A 70 -4.00 -7.92 -1.29
N LEU A 71 -5.22 -7.42 -1.27
CA LEU A 71 -5.52 -6.17 -2.03
C LEU A 71 -4.44 -5.13 -1.74
N HIS A 72 -4.21 -4.85 -0.49
CA HIS A 72 -3.16 -3.85 -0.14
C HIS A 72 -1.82 -4.32 -0.73
N LEU A 73 -1.33 -5.43 -0.25
CA LEU A 73 -0.03 -5.95 -0.76
C LEU A 73 -0.04 -5.94 -2.30
N ALA A 74 -1.10 -6.39 -2.90
CA ALA A 74 -1.18 -6.41 -4.39
C ALA A 74 -0.82 -5.02 -4.93
N ALA A 75 -1.59 -4.02 -4.57
CA ALA A 75 -1.31 -2.65 -5.07
C ALA A 75 -0.02 -2.12 -4.43
N SER A 76 0.34 -2.62 -3.29
CA SER A 76 1.59 -2.13 -2.61
C SER A 76 2.76 -2.17 -3.59
N HIS A 77 2.98 -3.28 -4.23
CA HIS A 77 4.13 -3.38 -5.17
C HIS A 77 4.02 -2.31 -6.24
N GLY A 78 2.96 -2.32 -7.02
CA GLY A 78 2.79 -1.29 -8.10
C GLY A 78 2.34 -1.97 -9.40
N HIS A 79 2.12 -3.27 -9.37
CA HIS A 79 1.68 -3.98 -10.60
C HIS A 79 0.16 -3.84 -10.72
N ARG A 80 -0.31 -2.82 -11.38
CA ARG A 80 -1.79 -2.63 -11.51
C ARG A 80 -2.43 -3.88 -12.15
N ASP A 81 -1.67 -4.66 -12.87
CA ASP A 81 -2.26 -5.87 -13.53
C ASP A 81 -2.79 -6.84 -12.46
N ILE A 82 -1.97 -7.27 -11.55
CA ILE A 82 -2.44 -8.23 -10.51
C ILE A 82 -3.66 -7.62 -9.80
N VAL A 83 -3.68 -6.34 -9.64
CA VAL A 83 -4.83 -5.67 -8.95
C VAL A 83 -6.09 -5.85 -9.79
N GLN A 84 -6.04 -5.47 -11.04
CA GLN A 84 -7.25 -5.57 -11.90
C GLN A 84 -7.88 -6.97 -11.83
N LYS A 85 -7.10 -8.02 -11.88
CA LYS A 85 -7.71 -9.38 -11.84
C LYS A 85 -8.34 -9.68 -10.49
N LEU A 86 -7.76 -9.24 -9.39
CA LEU A 86 -8.38 -9.53 -8.05
C LEU A 86 -9.31 -8.37 -7.67
N LEU A 87 -9.12 -7.23 -8.28
CA LEU A 87 -9.97 -6.05 -7.98
C LEU A 87 -11.32 -6.22 -8.68
N GLN A 88 -11.37 -7.07 -9.67
CA GLN A 88 -12.66 -7.30 -10.41
C GLN A 88 -13.36 -8.52 -9.85
N TYR A 89 -12.61 -9.38 -9.21
CA TYR A 89 -13.22 -10.61 -8.64
C TYR A 89 -13.97 -10.26 -7.35
N LYS A 90 -13.50 -9.30 -6.61
CA LYS A 90 -14.19 -8.92 -5.33
C LYS A 90 -14.16 -7.40 -5.13
N ALA A 91 -13.28 -6.71 -5.80
CA ALA A 91 -13.22 -5.23 -5.64
C ALA A 91 -13.24 -4.87 -4.15
N ASP A 92 -12.34 -5.42 -3.38
CA ASP A 92 -12.29 -5.10 -1.93
C ASP A 92 -11.68 -3.70 -1.75
N ILE A 93 -11.86 -2.86 -2.74
CA ILE A 93 -11.36 -1.47 -2.67
C ILE A 93 -12.28 -0.69 -1.75
N ASN A 94 -13.55 -0.97 -1.82
CA ASN A 94 -14.51 -0.22 -0.96
C ASN A 94 -14.41 -0.74 0.48
N ALA A 95 -13.70 -1.81 0.70
CA ALA A 95 -13.56 -2.36 2.09
C ALA A 95 -12.11 -2.19 2.53
N VAL A 96 -11.84 -1.17 3.29
CA VAL A 96 -10.46 -0.92 3.77
C VAL A 96 -10.06 -1.96 4.82
N ASN A 97 -8.91 -1.81 5.42
CA ASN A 97 -8.52 -2.75 6.50
C ASN A 97 -9.21 -2.26 7.77
N GLU A 98 -8.50 -2.15 8.87
CA GLU A 98 -9.12 -1.65 10.14
C GLU A 98 -8.60 -0.24 10.43
N HIS A 99 -7.56 0.16 9.74
CA HIS A 99 -6.97 1.53 9.96
C HIS A 99 -7.33 2.46 8.79
N GLY A 100 -8.08 1.96 7.84
CA GLY A 100 -8.47 2.83 6.68
C GLY A 100 -7.39 2.80 5.59
N ASN A 101 -6.62 1.75 5.55
CA ASN A 101 -5.53 1.66 4.52
C ASN A 101 -6.12 1.46 3.12
N VAL A 102 -6.52 2.53 2.46
CA VAL A 102 -7.05 2.39 1.07
C VAL A 102 -5.82 2.18 0.16
N PRO A 103 -5.93 1.38 -0.88
CA PRO A 103 -4.78 1.12 -1.77
C PRO A 103 -4.11 2.45 -2.17
N LEU A 104 -4.85 3.50 -2.33
CA LEU A 104 -4.22 4.80 -2.74
C LEU A 104 -3.39 5.36 -1.58
N HIS A 105 -3.90 5.34 -0.38
CA HIS A 105 -3.12 5.85 0.78
C HIS A 105 -1.73 5.23 0.74
N TYR A 106 -1.67 3.96 0.47
CA TYR A 106 -0.36 3.26 0.41
C TYR A 106 0.44 3.75 -0.80
N ALA A 107 -0.16 3.70 -1.96
CA ALA A 107 0.56 4.16 -3.18
C ALA A 107 0.92 5.64 -3.02
N CYS A 108 0.12 6.37 -2.28
CA CYS A 108 0.41 7.81 -2.07
C CYS A 108 1.74 7.95 -1.33
N PHE A 109 1.95 7.16 -0.31
CA PHE A 109 3.23 7.26 0.44
C PHE A 109 4.38 6.74 -0.43
N TRP A 110 4.08 5.93 -1.41
CA TRP A 110 5.16 5.41 -2.30
C TRP A 110 5.32 6.40 -3.46
N GLY A 111 4.33 6.49 -4.31
CA GLY A 111 4.41 7.43 -5.47
C GLY A 111 4.03 6.71 -6.77
N GLN A 112 3.19 5.71 -6.68
CA GLN A 112 2.79 4.96 -7.89
C GLN A 112 1.65 5.70 -8.62
N ASP A 113 1.98 6.66 -9.43
CA ASP A 113 0.93 7.44 -10.15
C ASP A 113 0.08 6.53 -11.04
N GLN A 114 0.69 5.82 -11.93
CA GLN A 114 -0.07 4.93 -12.86
C GLN A 114 -1.12 4.09 -12.11
N VAL A 115 -0.70 3.28 -11.17
CA VAL A 115 -1.70 2.43 -10.45
C VAL A 115 -2.72 3.32 -9.75
N ALA A 116 -2.27 4.41 -9.21
CA ALA A 116 -3.19 5.34 -8.50
C ALA A 116 -4.23 5.86 -9.48
N GLU A 117 -3.89 5.92 -10.72
CA GLU A 117 -4.84 6.40 -11.75
C GLU A 117 -5.95 5.36 -11.93
N ASP A 118 -5.60 4.15 -12.27
CA ASP A 118 -6.63 3.10 -12.47
C ASP A 118 -7.62 3.09 -11.30
N LEU A 119 -7.15 3.35 -10.11
CA LEU A 119 -8.08 3.32 -8.95
C LEU A 119 -9.09 4.47 -9.07
N VAL A 120 -8.65 5.70 -9.09
CA VAL A 120 -9.62 6.82 -9.23
C VAL A 120 -10.37 6.65 -10.54
N ALA A 121 -9.93 5.74 -11.36
CA ALA A 121 -10.60 5.51 -12.67
C ALA A 121 -11.88 4.68 -12.47
N ASN A 122 -12.07 4.11 -11.30
CA ASN A 122 -13.33 3.32 -11.08
C ASN A 122 -14.36 4.26 -10.46
N GLY A 123 -13.92 5.10 -9.57
CA GLY A 123 -14.85 6.06 -8.89
C GLY A 123 -14.50 6.11 -7.39
N ALA A 124 -13.39 5.55 -7.00
CA ALA A 124 -13.03 5.57 -5.55
C ALA A 124 -12.99 7.01 -5.05
N LEU A 125 -12.79 7.95 -5.92
CA LEU A 125 -12.75 9.37 -5.50
C LEU A 125 -11.44 9.65 -4.75
N VAL A 126 -10.70 10.64 -5.18
CA VAL A 126 -9.41 10.97 -4.50
C VAL A 126 -9.69 11.96 -3.38
N SER A 127 -10.96 12.26 -3.15
CA SER A 127 -11.34 13.22 -2.08
C SER A 127 -12.04 12.48 -0.94
N ILE A 128 -11.72 11.23 -0.74
CA ILE A 128 -12.39 10.45 0.36
C ILE A 128 -12.08 11.12 1.71
N CYS A 129 -10.81 11.32 2.00
CA CYS A 129 -10.37 11.96 3.29
C CYS A 129 -10.09 10.87 4.33
N ASN A 130 -8.86 10.46 4.43
CA ASN A 130 -8.52 9.40 5.41
C ASN A 130 -9.10 9.77 6.78
N LYS A 131 -8.93 8.90 7.73
CA LYS A 131 -9.44 9.18 9.09
C LYS A 131 -8.86 10.52 9.59
N TYR A 132 -7.79 10.96 8.97
CA TYR A 132 -7.15 12.26 9.37
C TYR A 132 -7.03 13.14 8.12
N GLY A 133 -7.74 12.80 7.08
CA GLY A 133 -7.67 13.61 5.84
C GLY A 133 -6.36 13.34 5.12
N GLU A 134 -5.71 12.28 5.48
CA GLU A 134 -4.42 11.95 4.81
C GLU A 134 -4.72 11.53 3.37
N MET A 135 -4.75 12.46 2.45
CA MET A 135 -5.08 12.13 1.03
C MET A 135 -3.85 12.43 0.14
N PRO A 136 -3.77 11.85 -1.05
CA PRO A 136 -2.64 12.13 -1.93
C PRO A 136 -2.70 13.61 -2.34
N VAL A 137 -3.89 14.14 -2.40
CA VAL A 137 -4.06 15.58 -2.77
C VAL A 137 -3.09 16.46 -1.97
N ASP A 138 -2.96 16.22 -0.70
CA ASP A 138 -2.04 17.04 0.13
C ASP A 138 -0.62 16.50 -0.02
N LYS A 139 -0.44 15.23 0.18
CA LYS A 139 0.92 14.66 0.02
C LYS A 139 1.38 14.90 -1.41
N ALA A 140 0.49 15.32 -2.27
CA ALA A 140 0.86 15.58 -3.68
C ALA A 140 1.28 17.04 -3.83
N LYS A 141 0.61 17.90 -3.14
CA LYS A 141 0.94 19.35 -3.22
C LYS A 141 2.11 19.66 -2.30
N ALA A 142 2.60 18.70 -1.55
CA ALA A 142 3.75 18.98 -0.65
C ALA A 142 5.09 18.80 -1.41
N PRO A 143 5.32 17.64 -2.02
CA PRO A 143 6.59 17.40 -2.76
C PRO A 143 6.75 18.46 -3.86
N LEU A 144 5.75 18.61 -4.71
CA LEU A 144 5.78 19.63 -5.83
C LEU A 144 4.92 19.13 -7.01
N ARG A 145 4.26 18.02 -6.88
CA ARG A 145 3.45 17.51 -8.02
C ARG A 145 2.39 18.54 -8.41
N GLU A 146 1.33 18.63 -7.65
CA GLU A 146 0.24 19.60 -7.98
C GLU A 146 -0.35 19.26 -9.36
N LEU A 147 0.24 18.32 -10.05
CA LEU A 147 -0.29 17.94 -11.39
C LEU A 147 -1.52 17.07 -11.19
N LEU A 148 -1.39 15.98 -10.49
CA LEU A 148 -2.55 15.11 -10.25
C LEU A 148 -3.59 15.92 -9.48
N ARG A 149 -3.17 17.00 -8.87
CA ARG A 149 -4.12 17.85 -8.11
C ARG A 149 -5.07 18.54 -9.11
N GLU A 150 -4.53 19.11 -10.15
CA GLU A 150 -5.41 19.78 -11.15
C GLU A 150 -6.39 18.76 -11.71
N ARG A 151 -5.91 17.58 -12.00
CA ARG A 151 -6.80 16.52 -12.56
C ARG A 151 -7.95 16.28 -11.57
N ALA A 152 -7.65 16.34 -10.30
CA ALA A 152 -8.72 16.14 -9.28
C ALA A 152 -9.53 17.44 -9.17
N GLU A 153 -8.86 18.55 -9.00
CA GLU A 153 -9.56 19.85 -8.87
C GLU A 153 -10.58 20.01 -10.00
N LYS A 154 -10.28 19.51 -11.16
CA LYS A 154 -11.23 19.65 -12.31
C LYS A 154 -12.14 18.42 -12.38
N MET A 155 -12.00 17.51 -11.47
CA MET A 155 -12.88 16.30 -11.50
C MET A 155 -14.34 16.75 -11.39
N GLY A 156 -14.55 17.97 -11.00
CA GLY A 156 -15.95 18.51 -10.87
C GLY A 156 -16.27 18.70 -9.38
N GLN A 157 -15.31 18.55 -8.52
CA GLN A 157 -15.56 18.74 -7.06
C GLN A 157 -15.41 20.21 -6.69
N ASN A 158 -14.58 20.92 -7.40
CA ASN A 158 -14.37 22.36 -7.10
C ASN A 158 -15.30 23.19 -7.99
N LEU A 159 -15.30 22.91 -9.27
CA LEU A 159 -16.19 23.65 -10.21
C LEU A 159 -17.38 22.75 -10.54
N ASN A 160 -18.29 22.60 -9.62
CA ASN A 160 -19.48 21.74 -9.86
C ASN A 160 -20.61 22.57 -10.48
N ARG A 161 -21.52 21.95 -11.17
CA ARG A 161 -22.65 22.72 -11.77
C ARG A 161 -23.23 23.62 -10.69
N ILE A 162 -23.89 24.68 -11.05
CA ILE A 162 -24.45 25.59 -10.01
C ILE A 162 -25.33 24.77 -9.04
N PRO A 163 -24.89 24.54 -7.80
CA PRO A 163 -25.69 23.75 -6.85
C PRO A 163 -26.95 24.55 -6.47
N TYR A 164 -28.11 24.05 -6.80
CA TYR A 164 -29.34 24.77 -6.46
C TYR A 164 -30.53 23.82 -6.74
N LYS A 165 -31.61 24.32 -7.29
CA LYS A 165 -32.78 23.47 -7.59
C LYS A 165 -33.36 22.94 -6.27
N ASP A 166 -32.81 21.89 -5.74
CA ASP A 166 -33.32 21.33 -4.46
C ASP A 166 -34.85 21.17 -4.53
N THR A 167 -35.59 22.20 -4.21
CA THR A 167 -37.07 22.07 -4.25
C THR A 167 -37.70 23.45 -4.15
N PHE A 168 -37.02 24.47 -4.60
CA PHE A 168 -37.61 25.84 -4.53
C PHE A 168 -37.16 26.66 -5.73
N TRP A 169 -37.96 26.62 -6.74
CA TRP A 169 -37.68 27.35 -7.99
C TRP A 169 -39.01 27.55 -8.71
N LYS A 170 -39.95 26.69 -8.46
CA LYS A 170 -41.28 26.80 -9.12
C LYS A 170 -41.09 27.01 -10.62
N GLY A 171 -40.25 26.22 -11.24
CA GLY A 171 -40.02 26.36 -12.70
C GLY A 171 -39.35 27.71 -12.99
N MET B 1 14.33 32.89 3.10
CA MET B 1 13.10 32.10 3.39
C MET B 1 13.06 30.88 2.46
N ALA B 2 12.22 30.92 1.46
CA ALA B 2 12.12 29.77 0.52
C ALA B 2 13.33 29.77 -0.42
N ASN B 3 13.13 29.55 -1.68
CA ASN B 3 14.26 29.55 -2.65
C ASN B 3 15.33 28.56 -2.17
N ALA B 4 16.58 28.92 -2.30
CA ALA B 4 17.67 28.00 -1.85
C ALA B 4 17.61 26.70 -2.64
N LEU B 5 18.73 26.22 -3.12
CA LEU B 5 18.74 24.96 -3.90
C LEU B 5 18.82 23.77 -2.93
N ALA B 6 18.84 24.04 -1.65
CA ALA B 6 18.92 22.93 -0.66
C ALA B 6 20.16 22.07 -0.96
N SER B 7 20.16 20.85 -0.50
CA SER B 7 21.33 19.97 -0.75
C SER B 7 20.98 18.53 -0.40
N ALA B 8 21.51 18.01 0.66
CA ALA B 8 21.21 16.62 1.06
C ALA B 8 19.70 16.38 0.98
N THR B 9 19.32 15.17 0.65
CA THR B 9 17.87 14.83 0.46
C THR B 9 17.46 13.67 1.35
N CYS B 10 16.18 13.58 1.63
CA CYS B 10 15.70 12.48 2.48
C CYS B 10 16.00 11.18 1.84
N GLU B 11 16.36 10.26 2.64
CA GLU B 11 16.65 8.92 2.07
C GLU B 11 15.31 8.27 1.69
N ARG B 12 14.21 8.87 2.08
CA ARG B 12 12.87 8.30 1.76
C ARG B 12 11.97 9.33 1.09
N CYS B 13 11.85 10.50 1.65
CA CYS B 13 11.00 11.53 1.01
C CYS B 13 11.74 12.06 -0.20
N LYS B 14 13.00 11.76 -0.27
CA LYS B 14 13.82 12.27 -1.38
C LYS B 14 13.72 13.77 -1.35
N GLY B 15 13.24 14.28 -0.27
CA GLY B 15 13.14 15.70 -0.06
C GLY B 15 14.54 16.15 0.08
N GLY B 16 14.69 17.39 0.10
CA GLY B 16 15.97 18.10 0.16
C GLY B 16 15.95 19.05 1.33
N PHE B 17 16.69 18.73 2.33
CA PHE B 17 16.78 19.58 3.53
C PHE B 17 18.13 20.27 3.56
N ALA B 18 18.15 21.19 4.41
CA ALA B 18 19.32 22.11 4.74
C ALA B 18 19.66 21.44 6.01
N PRO B 19 20.68 20.69 6.03
CA PRO B 19 20.64 19.75 7.09
C PRO B 19 21.10 19.62 8.50
N ALA B 20 20.66 20.65 9.04
CA ALA B 20 20.76 20.97 10.44
C ALA B 20 19.39 21.56 10.67
N GLU B 21 18.48 21.34 9.69
CA GLU B 21 17.10 21.85 9.86
C GLU B 21 16.36 20.68 10.39
N LYS B 22 15.90 19.84 9.52
CA LYS B 22 15.31 18.60 10.02
C LYS B 22 15.58 17.50 9.01
N ILE B 23 16.64 16.93 9.30
CA ILE B 23 17.21 15.75 8.65
C ILE B 23 17.65 14.81 9.78
N VAL B 24 17.60 13.52 9.57
CA VAL B 24 18.06 12.57 10.63
C VAL B 24 18.95 11.54 9.95
N ASN B 25 20.07 11.26 10.54
CA ASN B 25 21.02 10.26 9.99
C ASN B 25 20.86 8.96 10.76
N SER B 26 20.64 7.87 10.07
CA SER B 26 20.48 6.58 10.70
C SER B 26 21.25 5.60 9.85
N ASN B 27 22.40 5.24 10.30
CA ASN B 27 23.28 4.27 9.60
C ASN B 27 24.23 4.98 8.64
N GLY B 28 23.85 6.10 8.12
CA GLY B 28 24.73 6.82 7.16
C GLY B 28 23.87 7.42 6.05
N GLU B 29 22.60 7.13 6.06
CA GLU B 29 21.68 7.69 5.05
C GLU B 29 20.89 8.73 5.81
N LEU B 30 20.34 9.72 5.16
CA LEU B 30 19.60 10.77 5.87
C LEU B 30 18.09 10.54 5.76
N TYR B 31 17.38 10.78 6.82
CA TYR B 31 15.92 10.56 6.82
C TYR B 31 15.21 11.69 7.59
N HIS B 32 14.17 12.24 7.05
CA HIS B 32 13.49 13.32 7.78
C HIS B 32 12.94 12.63 9.00
N GLU B 33 12.80 13.28 10.11
CA GLU B 33 12.08 12.56 11.19
C GLU B 33 10.69 12.22 10.57
N GLN B 34 10.51 12.70 9.34
CA GLN B 34 9.26 12.46 8.55
C GLN B 34 9.45 11.16 7.81
N CYS B 35 10.67 10.70 7.80
CA CYS B 35 11.04 9.48 7.12
C CYS B 35 11.10 8.45 8.23
N PHE B 36 11.06 8.97 9.43
CA PHE B 36 10.97 8.08 10.65
C PHE B 36 9.49 7.80 10.78
N VAL B 37 9.06 6.89 10.00
CA VAL B 37 7.61 6.52 9.98
C VAL B 37 7.43 5.00 9.79
N CYS B 38 6.45 4.46 10.46
CA CYS B 38 6.13 3.00 10.38
C CYS B 38 5.53 2.68 9.02
N ALA B 39 5.78 1.54 8.50
CA ALA B 39 5.14 1.16 7.19
C ALA B 39 3.60 1.11 7.31
N GLN B 40 3.10 0.70 8.45
CA GLN B 40 1.61 0.61 8.71
C GLN B 40 1.21 1.84 9.51
N CYS B 41 2.09 2.14 10.38
CA CYS B 41 2.03 3.20 11.39
C CYS B 41 2.72 4.44 10.80
N PHE B 42 3.12 4.40 9.47
CA PHE B 42 3.97 5.45 8.68
C PHE B 42 3.52 6.78 9.00
N GLN B 43 3.09 6.74 10.10
CA GLN B 43 2.81 7.94 10.78
C GLN B 43 4.07 7.97 11.58
N GLN B 44 4.48 9.07 11.91
CA GLN B 44 5.76 9.18 12.64
C GLN B 44 5.67 8.34 13.91
N PHE B 45 6.78 7.81 14.32
CA PHE B 45 6.80 6.93 15.53
C PHE B 45 6.50 7.78 16.80
N PRO B 46 5.43 7.46 17.53
CA PRO B 46 5.07 8.22 18.74
C PRO B 46 6.02 7.94 19.92
N GLU B 47 6.47 8.98 20.54
CA GLU B 47 7.42 8.92 21.68
C GLU B 47 8.71 8.39 21.15
N GLY B 48 8.75 8.29 19.87
CA GLY B 48 10.00 7.93 19.18
C GLY B 48 10.39 6.46 19.40
N LEU B 49 9.56 5.62 19.99
CA LEU B 49 9.99 4.20 20.22
C LEU B 49 9.63 3.35 19.05
N PHE B 50 10.65 2.75 18.52
CA PHE B 50 10.47 1.95 17.30
C PHE B 50 11.18 0.55 17.28
N TYR B 51 10.69 -0.38 16.43
CA TYR B 51 11.36 -1.68 16.20
C TYR B 51 11.24 -2.01 14.69
N GLU B 52 12.31 -2.29 14.04
CA GLU B 52 12.27 -2.67 12.57
C GLU B 52 12.21 -4.21 12.36
N PHE B 53 11.34 -4.71 11.50
CA PHE B 53 11.34 -6.17 11.21
C PHE B 53 11.10 -6.47 9.73
N GLU B 54 11.85 -7.41 9.25
CA GLU B 54 11.77 -7.94 7.84
C GLU B 54 11.66 -6.90 6.70
N GLY B 55 12.31 -5.79 6.81
CA GLY B 55 12.31 -4.78 5.69
C GLY B 55 11.18 -3.81 5.87
N ARG B 56 10.29 -4.12 6.74
CA ARG B 56 9.17 -3.20 7.00
C ARG B 56 9.38 -2.66 8.38
N LYS B 57 8.92 -1.47 8.62
CA LYS B 57 9.17 -0.83 9.93
C LYS B 57 7.87 -0.65 10.73
N TYR B 58 7.85 -1.05 11.98
CA TYR B 58 6.60 -0.93 12.83
C TYR B 58 6.85 -0.32 14.23
N CYS B 59 5.88 0.36 14.78
CA CYS B 59 6.02 0.83 16.20
C CYS B 59 6.08 -0.45 16.98
N GLU B 60 6.44 -0.45 18.22
CA GLU B 60 6.47 -1.72 18.93
C GLU B 60 5.09 -2.33 18.85
N HIS B 61 4.14 -1.47 18.99
CA HIS B 61 2.74 -1.87 18.98
C HIS B 61 2.46 -2.68 17.74
N ASP B 62 2.76 -2.14 16.62
CA ASP B 62 2.46 -2.92 15.39
C ASP B 62 3.46 -4.04 15.22
N PHE B 63 4.62 -3.85 15.71
CA PHE B 63 5.59 -4.94 15.63
C PHE B 63 5.09 -6.05 16.54
N GLN B 64 4.68 -5.67 17.70
CA GLN B 64 4.18 -6.70 18.67
C GLN B 64 2.89 -7.26 18.17
N MET B 65 2.29 -6.63 17.23
CA MET B 65 1.07 -7.27 16.68
C MET B 65 1.56 -8.54 15.96
N LEU B 66 2.49 -8.39 15.04
CA LEU B 66 3.05 -9.56 14.30
C LEU B 66 4.05 -10.33 15.17
N PHE B 67 4.48 -9.76 16.26
CA PHE B 67 5.48 -10.41 17.18
C PHE B 67 4.75 -10.77 18.48
N ALA B 68 3.55 -10.29 18.57
CA ALA B 68 2.68 -10.59 19.76
C ALA B 68 1.20 -10.50 19.37
N PRO B 69 0.74 -11.42 18.55
CA PRO B 69 -0.66 -11.44 18.11
C PRO B 69 -1.58 -11.66 19.33
N CYS B 70 -2.79 -12.10 19.10
CA CYS B 70 -3.72 -12.33 20.24
C CYS B 70 -3.33 -13.62 20.96
ZN ZN C . 12.07 12.76 3.80
ZN ZN D . 3.69 1.90 14.08
N MET A 1 17.09 -20.15 8.95
CA MET A 1 16.78 -21.05 7.80
C MET A 1 15.35 -21.56 7.93
N ASP A 2 14.89 -22.33 6.98
CA ASP A 2 13.51 -22.85 7.04
C ASP A 2 13.29 -23.88 5.92
N ASP A 3 14.17 -24.84 5.81
CA ASP A 3 14.05 -25.90 4.76
C ASP A 3 13.59 -25.30 3.43
N ILE A 4 12.51 -25.80 2.88
CA ILE A 4 12.03 -25.29 1.57
C ILE A 4 11.37 -23.93 1.78
N PHE A 5 10.55 -23.81 2.78
CA PHE A 5 9.86 -22.50 3.05
C PHE A 5 10.76 -21.33 2.67
N THR A 6 12.02 -21.37 3.04
CA THR A 6 12.95 -20.25 2.68
C THR A 6 13.58 -20.51 1.32
N GLN A 7 14.11 -21.68 1.13
CA GLN A 7 14.74 -22.03 -0.18
C GLN A 7 13.65 -22.13 -1.26
N CYS A 8 12.41 -21.91 -0.90
CA CYS A 8 11.29 -22.00 -1.91
C CYS A 8 10.86 -20.58 -2.32
N ARG A 9 10.52 -19.73 -1.38
CA ARG A 9 10.15 -18.34 -1.75
C ARG A 9 11.40 -17.69 -2.33
N GLU A 10 12.47 -18.42 -2.29
CA GLU A 10 13.78 -17.93 -2.80
C GLU A 10 13.64 -17.61 -4.29
N GLY A 11 12.47 -17.79 -4.83
CA GLY A 11 12.21 -17.50 -6.26
C GLY A 11 12.26 -18.81 -7.03
N ASN A 12 12.58 -19.88 -6.35
CA ASN A 12 12.61 -21.20 -7.01
C ASN A 12 11.17 -21.58 -7.29
N ALA A 13 10.49 -20.77 -8.04
CA ALA A 13 9.05 -21.03 -8.36
C ALA A 13 8.83 -22.53 -8.61
N VAL A 14 9.87 -23.23 -8.92
CA VAL A 14 9.72 -24.71 -9.14
C VAL A 14 9.58 -25.39 -7.79
N ALA A 15 10.16 -24.81 -6.78
CA ALA A 15 10.09 -25.40 -5.42
C ALA A 15 8.70 -25.17 -4.83
N VAL A 16 8.15 -23.99 -4.94
CA VAL A 16 6.83 -23.79 -4.33
C VAL A 16 5.82 -24.69 -5.08
N ARG A 17 6.00 -24.88 -6.36
CA ARG A 17 5.07 -25.78 -7.08
C ARG A 17 5.24 -27.18 -6.51
N LEU A 18 6.44 -27.52 -6.15
CA LEU A 18 6.75 -28.85 -5.56
C LEU A 18 5.69 -29.19 -4.50
N TRP A 19 5.61 -28.41 -3.45
CA TRP A 19 4.60 -28.73 -2.38
C TRP A 19 3.18 -28.42 -2.90
N LEU A 20 3.04 -27.48 -3.79
CA LEU A 20 1.68 -27.15 -4.31
C LEU A 20 1.08 -28.37 -5.01
N ASP A 21 1.85 -29.07 -5.78
CA ASP A 21 1.32 -30.27 -6.50
C ASP A 21 0.90 -31.35 -5.50
N ASN A 22 1.06 -31.09 -4.23
CA ASN A 22 0.69 -32.10 -3.19
C ASN A 22 -0.66 -32.72 -3.54
N THR A 23 -0.70 -34.02 -3.64
CA THR A 23 -1.99 -34.70 -3.94
C THR A 23 -2.79 -34.85 -2.65
N GLU A 24 -2.33 -34.23 -1.58
CA GLU A 24 -3.05 -34.31 -0.27
C GLU A 24 -3.66 -32.95 0.06
N ASN A 25 -3.02 -31.89 -0.35
CA ASN A 25 -3.55 -30.52 -0.08
C ASN A 25 -3.85 -30.35 1.41
N ASP A 26 -2.81 -30.12 2.18
CA ASP A 26 -3.00 -29.93 3.65
C ASP A 26 -1.75 -29.26 4.20
N LEU A 27 -0.62 -29.68 3.71
CA LEU A 27 0.64 -29.03 4.14
C LEU A 27 0.65 -27.69 3.41
N ASN A 28 -0.20 -27.62 2.41
CA ASN A 28 -0.30 -26.41 1.58
C ASN A 28 -0.38 -25.15 2.46
N GLN A 29 -0.96 -25.21 3.64
CA GLN A 29 -1.04 -23.95 4.46
C GLN A 29 0.34 -23.32 4.64
N GLY A 30 0.42 -22.34 5.51
CA GLY A 30 1.73 -21.65 5.75
C GLY A 30 1.96 -21.45 7.25
N ASP A 31 1.97 -20.23 7.71
CA ASP A 31 2.23 -19.97 9.16
C ASP A 31 0.97 -20.22 9.99
N ASP A 32 1.17 -20.38 11.27
CA ASP A 32 0.03 -20.61 12.19
C ASP A 32 -0.65 -19.26 12.45
N HIS A 33 -0.09 -18.21 11.94
CA HIS A 33 -0.72 -16.86 12.14
C HIS A 33 -1.66 -16.60 10.97
N GLY A 34 -1.54 -17.38 9.91
CA GLY A 34 -2.45 -17.21 8.74
C GLY A 34 -1.71 -16.66 7.53
N PHE A 35 -0.41 -16.84 7.46
CA PHE A 35 0.34 -16.34 6.26
C PHE A 35 0.23 -17.40 5.17
N SER A 36 -0.63 -17.18 4.21
CA SER A 36 -0.82 -18.19 3.13
C SER A 36 0.28 -18.03 2.06
N PRO A 37 0.52 -19.05 1.28
CA PRO A 37 1.52 -18.93 0.20
C PRO A 37 1.06 -17.77 -0.69
N LEU A 38 -0.21 -17.71 -0.98
CA LEU A 38 -0.76 -16.63 -1.83
C LEU A 38 -0.44 -15.27 -1.20
N HIS A 39 -0.54 -15.19 0.10
CA HIS A 39 -0.22 -13.91 0.78
C HIS A 39 1.19 -13.48 0.36
N TRP A 40 2.16 -14.26 0.68
CA TRP A 40 3.55 -13.92 0.28
C TRP A 40 3.58 -13.68 -1.22
N ALA A 41 2.99 -14.57 -1.95
CA ALA A 41 2.98 -14.45 -3.44
C ALA A 41 2.59 -13.04 -3.89
N CYS A 42 1.38 -12.61 -3.63
CA CYS A 42 0.96 -11.25 -4.08
C CYS A 42 2.01 -10.22 -3.65
N ARG A 43 2.58 -10.37 -2.49
CA ARG A 43 3.62 -9.39 -2.03
C ARG A 43 4.86 -9.52 -2.93
N GLU A 44 5.31 -10.72 -3.18
CA GLU A 44 6.50 -10.91 -4.06
C GLU A 44 6.16 -10.48 -5.49
N GLY A 45 5.21 -11.13 -6.12
CA GLY A 45 4.81 -10.76 -7.52
C GLY A 45 4.86 -11.98 -8.46
N ARG A 46 5.18 -13.13 -7.96
CA ARG A 46 5.22 -14.34 -8.85
C ARG A 46 3.82 -14.63 -9.40
N SER A 47 3.41 -13.89 -10.39
CA SER A 47 2.05 -14.07 -11.00
C SER A 47 1.71 -15.55 -11.22
N ALA A 48 2.60 -16.31 -11.78
CA ALA A 48 2.29 -17.76 -12.05
C ALA A 48 1.63 -18.39 -10.81
N VAL A 49 2.41 -18.64 -9.80
CA VAL A 49 1.86 -19.30 -8.58
C VAL A 49 0.56 -18.60 -8.13
N VAL A 50 0.49 -17.30 -8.25
CA VAL A 50 -0.75 -16.55 -7.82
C VAL A 50 -1.97 -16.99 -8.64
N GLU A 51 -1.73 -17.46 -9.81
CA GLU A 51 -2.84 -17.91 -10.70
C GLU A 51 -3.21 -19.35 -10.36
N MET A 52 -2.23 -20.18 -10.30
CA MET A 52 -2.47 -21.61 -9.99
C MET A 52 -3.23 -21.73 -8.66
N LEU A 53 -3.14 -20.73 -7.83
CA LEU A 53 -3.85 -20.79 -6.52
C LEU A 53 -5.26 -20.19 -6.68
N ILE A 54 -5.34 -18.98 -7.14
CA ILE A 54 -6.67 -18.33 -7.32
C ILE A 54 -7.53 -19.16 -8.27
N MET A 55 -6.92 -20.02 -9.03
CA MET A 55 -7.70 -20.86 -9.98
C MET A 55 -8.39 -21.95 -9.18
N ARG A 56 -7.85 -22.27 -8.03
CA ARG A 56 -8.48 -23.31 -7.18
C ARG A 56 -9.80 -22.75 -6.62
N GLY A 57 -9.83 -21.47 -6.36
CA GLY A 57 -11.06 -20.83 -5.83
C GLY A 57 -10.79 -20.37 -4.40
N ALA A 58 -9.55 -20.20 -4.06
CA ALA A 58 -9.21 -19.77 -2.68
C ALA A 58 -9.71 -18.36 -2.44
N ARG A 59 -10.43 -18.13 -1.36
CA ARG A 59 -10.93 -16.76 -1.08
C ARG A 59 -9.79 -15.76 -1.15
N ILE A 60 -9.96 -14.76 -1.97
CA ILE A 60 -8.91 -13.73 -2.13
C ILE A 60 -9.23 -12.56 -1.20
N ASN A 61 -10.32 -12.67 -0.46
CA ASN A 61 -10.70 -11.58 0.48
C ASN A 61 -10.14 -11.89 1.88
N VAL A 62 -9.42 -12.96 2.02
CA VAL A 62 -8.83 -13.30 3.34
C VAL A 62 -8.00 -12.11 3.84
N MET A 63 -7.52 -12.17 5.06
CA MET A 63 -6.70 -11.05 5.60
C MET A 63 -5.67 -11.59 6.59
N ASN A 64 -4.48 -11.06 6.58
CA ASN A 64 -3.44 -11.54 7.53
C ASN A 64 -3.75 -11.05 8.94
N ARG A 65 -2.96 -11.46 9.90
CA ARG A 65 -3.20 -11.03 11.31
C ARG A 65 -3.17 -9.50 11.39
N GLY A 66 -2.52 -8.84 10.46
CA GLY A 66 -2.44 -7.35 10.48
C GLY A 66 -3.43 -6.75 9.47
N ASP A 67 -4.59 -7.32 9.33
CA ASP A 67 -5.60 -6.77 8.36
C ASP A 67 -4.91 -6.44 7.05
N ASP A 68 -4.78 -7.41 6.19
CA ASP A 68 -4.12 -7.18 4.88
C ASP A 68 -4.61 -8.23 3.88
N THR A 69 -5.45 -7.84 2.97
CA THR A 69 -5.94 -8.82 1.96
C THR A 69 -4.93 -8.85 0.81
N PRO A 70 -4.81 -9.96 0.11
CA PRO A 70 -3.86 -10.03 -1.01
C PRO A 70 -4.08 -8.84 -1.95
N LEU A 71 -5.31 -8.48 -2.18
CA LEU A 71 -5.59 -7.34 -3.09
C LEU A 71 -4.72 -6.16 -2.68
N HIS A 72 -4.81 -5.76 -1.44
CA HIS A 72 -3.98 -4.63 -0.96
C HIS A 72 -2.51 -4.96 -1.24
N LEU A 73 -2.00 -5.99 -0.62
CA LEU A 73 -0.58 -6.38 -0.84
C LEU A 73 -0.27 -6.40 -2.34
N ALA A 74 -1.09 -7.08 -3.10
CA ALA A 74 -0.84 -7.16 -4.58
C ALA A 74 -0.77 -5.75 -5.17
N ALA A 75 -1.86 -5.02 -5.12
CA ALA A 75 -1.86 -3.64 -5.68
C ALA A 75 -0.81 -2.79 -4.97
N SER A 76 -0.43 -3.16 -3.78
CA SER A 76 0.57 -2.35 -3.04
C SER A 76 1.95 -2.48 -3.67
N HIS A 77 2.25 -3.59 -4.26
CA HIS A 77 3.60 -3.76 -4.89
C HIS A 77 3.75 -2.82 -6.09
N GLY A 78 2.92 -2.99 -7.09
CA GLY A 78 3.00 -2.10 -8.30
C GLY A 78 2.93 -2.93 -9.58
N HIS A 79 2.48 -4.15 -9.50
CA HIS A 79 2.41 -5.00 -10.73
C HIS A 79 1.10 -4.71 -11.46
N ARG A 80 1.07 -3.69 -12.30
CA ARG A 80 -0.18 -3.33 -13.04
C ARG A 80 -0.91 -4.60 -13.52
N ASP A 81 -0.20 -5.51 -14.14
CA ASP A 81 -0.88 -6.74 -14.65
C ASP A 81 -1.69 -7.42 -13.55
N ILE A 82 -1.08 -7.73 -12.44
CA ILE A 82 -1.83 -8.42 -11.35
C ILE A 82 -3.07 -7.58 -10.95
N VAL A 83 -2.93 -6.28 -10.97
CA VAL A 83 -4.07 -5.39 -10.60
C VAL A 83 -5.24 -5.61 -11.57
N GLN A 84 -4.94 -5.74 -12.84
CA GLN A 84 -6.02 -5.95 -13.84
C GLN A 84 -6.60 -7.35 -13.64
N LYS A 85 -5.76 -8.33 -13.53
CA LYS A 85 -6.24 -9.72 -13.36
C LYS A 85 -7.07 -9.83 -12.08
N LEU A 86 -6.68 -9.18 -11.02
CA LEU A 86 -7.48 -9.27 -9.75
C LEU A 86 -8.71 -8.35 -9.86
N LEU A 87 -8.55 -7.21 -10.46
CA LEU A 87 -9.68 -6.27 -10.61
C LEU A 87 -10.68 -6.82 -11.63
N GLN A 88 -10.20 -7.56 -12.60
CA GLN A 88 -11.11 -8.09 -13.65
C GLN A 88 -11.72 -9.42 -13.21
N TYR A 89 -11.40 -9.89 -12.03
CA TYR A 89 -11.98 -11.19 -11.55
C TYR A 89 -13.24 -10.91 -10.71
N LYS A 90 -13.08 -10.27 -9.57
CA LYS A 90 -14.26 -9.99 -8.69
C LYS A 90 -14.34 -8.51 -8.34
N ALA A 91 -13.49 -7.71 -8.93
CA ALA A 91 -13.52 -6.25 -8.62
C ALA A 91 -13.54 -6.04 -7.10
N ASP A 92 -12.61 -6.64 -6.40
CA ASP A 92 -12.57 -6.47 -4.92
C ASP A 92 -12.02 -5.09 -4.59
N ILE A 93 -12.23 -4.13 -5.45
CA ILE A 93 -11.78 -2.74 -5.17
C ILE A 93 -12.77 -2.10 -4.21
N ASN A 94 -14.02 -2.49 -4.30
CA ASN A 94 -15.04 -1.89 -3.41
C ASN A 94 -15.02 -2.56 -2.04
N ALA A 95 -14.25 -3.60 -1.87
CA ALA A 95 -14.18 -4.29 -0.55
C ALA A 95 -12.85 -3.92 0.12
N VAL A 96 -12.88 -2.98 1.01
CA VAL A 96 -11.64 -2.55 1.72
C VAL A 96 -11.32 -3.54 2.84
N ASN A 97 -10.33 -3.26 3.64
CA ASN A 97 -10.02 -4.16 4.79
C ASN A 97 -10.79 -3.66 6.01
N GLU A 98 -10.11 -3.36 7.09
CA GLU A 98 -10.80 -2.86 8.32
C GLU A 98 -10.23 -1.48 8.68
N HIS A 99 -9.23 -1.04 7.97
CA HIS A 99 -8.61 0.30 8.26
C HIS A 99 -9.03 1.31 7.19
N GLY A 100 -9.67 0.85 6.14
CA GLY A 100 -10.11 1.78 5.06
C GLY A 100 -9.02 1.87 3.98
N ASN A 101 -8.22 0.84 3.86
CA ASN A 101 -7.12 0.86 2.84
C ASN A 101 -7.64 0.40 1.47
N VAL A 102 -7.89 1.34 0.59
CA VAL A 102 -8.37 0.99 -0.79
C VAL A 102 -7.12 0.83 -1.68
N PRO A 103 -7.18 -0.02 -2.68
CA PRO A 103 -6.01 -0.22 -3.57
C PRO A 103 -5.43 1.13 -4.02
N LEU A 104 -6.26 2.11 -4.24
CA LEU A 104 -5.74 3.43 -4.70
C LEU A 104 -4.91 4.09 -3.57
N HIS A 105 -5.40 4.07 -2.37
CA HIS A 105 -4.63 4.68 -1.25
C HIS A 105 -3.19 4.16 -1.28
N TYR A 106 -3.04 2.89 -1.48
CA TYR A 106 -1.66 2.30 -1.54
C TYR A 106 -1.04 2.61 -2.90
N ALA A 107 -1.78 2.43 -3.96
CA ALA A 107 -1.22 2.71 -5.31
C ALA A 107 -0.67 4.15 -5.36
N CYS A 108 -1.32 5.06 -4.70
CA CYS A 108 -0.83 6.48 -4.72
C CYS A 108 0.24 6.67 -3.65
N PHE A 109 0.18 5.92 -2.58
CA PHE A 109 1.20 6.06 -1.51
C PHE A 109 2.58 5.75 -2.08
N TRP A 110 2.65 4.93 -3.10
CA TRP A 110 3.97 4.60 -3.71
C TRP A 110 4.21 5.52 -4.92
N GLY A 111 3.34 5.48 -5.89
CA GLY A 111 3.51 6.35 -7.10
C GLY A 111 3.09 5.59 -8.34
N GLN A 112 1.83 5.27 -8.44
CA GLN A 112 1.31 4.53 -9.61
C GLN A 112 0.27 5.40 -10.33
N ASP A 113 0.44 5.53 -11.61
CA ASP A 113 -0.49 6.38 -12.43
C ASP A 113 -1.49 5.51 -13.21
N GLN A 114 -1.02 4.72 -14.13
CA GLN A 114 -1.96 3.88 -14.94
C GLN A 114 -2.88 3.06 -14.02
N VAL A 115 -2.31 2.34 -13.08
CA VAL A 115 -3.16 1.52 -12.18
C VAL A 115 -4.20 2.41 -11.50
N ALA A 116 -3.79 3.55 -11.04
CA ALA A 116 -4.72 4.47 -10.34
C ALA A 116 -5.88 4.84 -11.25
N GLU A 117 -5.61 4.98 -12.50
CA GLU A 117 -6.69 5.32 -13.46
C GLU A 117 -7.72 4.19 -13.48
N ASP A 118 -7.27 3.00 -13.77
CA ASP A 118 -8.20 1.83 -13.82
C ASP A 118 -9.07 1.78 -12.56
N LEU A 119 -8.50 2.05 -11.42
CA LEU A 119 -9.28 1.99 -10.16
C LEU A 119 -10.34 3.11 -10.12
N VAL A 120 -9.93 4.34 -10.26
CA VAL A 120 -10.93 5.46 -10.21
C VAL A 120 -11.68 5.54 -11.54
N ALA A 121 -11.21 4.86 -12.55
CA ALA A 121 -11.89 4.90 -13.87
C ALA A 121 -13.05 3.91 -13.86
N ASN A 122 -13.19 3.13 -12.82
CA ASN A 122 -14.32 2.16 -12.75
C ASN A 122 -15.44 2.79 -11.92
N GLY A 123 -15.07 3.44 -10.85
CA GLY A 123 -16.10 4.08 -9.98
C GLY A 123 -15.58 4.16 -8.54
N ALA A 124 -14.39 3.66 -8.28
CA ALA A 124 -13.85 3.73 -6.89
C ALA A 124 -13.98 5.16 -6.38
N LEU A 125 -14.11 6.11 -7.27
CA LEU A 125 -14.25 7.53 -6.85
C LEU A 125 -13.01 7.97 -6.07
N VAL A 126 -12.45 9.10 -6.41
CA VAL A 126 -11.24 9.60 -5.70
C VAL A 126 -11.68 10.45 -4.51
N SER A 127 -12.96 10.71 -4.40
CA SER A 127 -13.45 11.55 -3.25
C SER A 127 -13.99 10.65 -2.14
N ILE A 128 -13.48 9.45 -2.02
CA ILE A 128 -13.97 8.55 -0.93
C ILE A 128 -13.56 9.15 0.42
N CYS A 129 -12.28 9.39 0.61
CA CYS A 129 -11.76 9.95 1.88
C CYS A 129 -11.43 8.78 2.81
N ASN A 130 -10.17 8.57 3.06
CA ASN A 130 -9.80 7.42 3.93
C ASN A 130 -10.41 7.60 5.30
N LYS A 131 -10.25 6.62 6.12
CA LYS A 131 -10.80 6.68 7.50
C LYS A 131 -10.32 7.97 8.16
N TYR A 132 -9.25 8.54 7.65
CA TYR A 132 -8.71 9.81 8.22
C TYR A 132 -8.70 10.88 7.12
N GLY A 133 -9.39 10.63 6.04
CA GLY A 133 -9.44 11.63 4.93
C GLY A 133 -8.15 11.59 4.15
N GLU A 134 -7.37 10.56 4.33
CA GLU A 134 -6.08 10.48 3.59
C GLU A 134 -6.36 10.05 2.15
N MET A 135 -6.57 11.00 1.25
CA MET A 135 -6.86 10.65 -0.18
C MET A 135 -5.58 10.89 -1.01
N PRO A 136 -5.54 10.37 -2.22
CA PRO A 136 -4.37 10.58 -3.09
C PRO A 136 -4.08 12.09 -3.22
N VAL A 137 -5.12 12.88 -3.26
CA VAL A 137 -4.94 14.35 -3.40
C VAL A 137 -3.90 14.88 -2.41
N ASP A 138 -3.83 14.29 -1.24
CA ASP A 138 -2.83 14.74 -0.24
C ASP A 138 -1.50 14.05 -0.52
N LYS A 139 -1.54 12.77 -0.71
CA LYS A 139 -0.29 12.03 -1.01
C LYS A 139 0.23 12.51 -2.37
N ALA A 140 -0.60 13.17 -3.12
CA ALA A 140 -0.19 13.69 -4.46
C ALA A 140 0.27 15.13 -4.30
N LYS A 141 -0.23 15.79 -3.30
CA LYS A 141 0.15 17.21 -3.06
C LYS A 141 1.38 17.27 -2.14
N ALA A 142 1.86 16.15 -1.64
CA ALA A 142 3.05 16.19 -0.74
C ALA A 142 4.36 16.02 -1.55
N PRO A 143 4.43 15.00 -2.40
CA PRO A 143 5.66 14.75 -3.19
C PRO A 143 5.95 15.98 -4.07
N LEU A 144 5.00 16.35 -4.90
CA LEU A 144 5.14 17.55 -5.82
C LEU A 144 4.31 17.31 -7.09
N ARG A 145 3.55 16.24 -7.17
CA ARG A 145 2.75 16.01 -8.39
C ARG A 145 1.84 17.20 -8.65
N GLU A 146 0.75 17.26 -7.93
CA GLU A 146 -0.21 18.40 -8.11
C GLU A 146 -0.76 18.39 -9.54
N LEU A 147 -0.25 17.57 -10.40
CA LEU A 147 -0.77 17.52 -11.80
C LEU A 147 -2.11 16.81 -11.79
N LEU A 148 -2.12 15.60 -11.29
CA LEU A 148 -3.40 14.86 -11.21
C LEU A 148 -4.35 15.65 -10.32
N ARG A 149 -3.79 16.50 -9.48
CA ARG A 149 -4.66 17.32 -8.57
C ARG A 149 -5.48 18.31 -9.40
N GLU A 150 -4.87 18.95 -10.37
CA GLU A 150 -5.65 19.90 -11.21
C GLU A 150 -6.76 19.14 -11.92
N ARG A 151 -6.43 18.03 -12.52
CA ARG A 151 -7.47 17.23 -13.23
C ARG A 151 -8.51 16.78 -12.22
N ALA A 152 -8.11 16.69 -10.99
CA ALA A 152 -9.06 16.27 -9.92
C ALA A 152 -9.82 17.50 -9.42
N GLU A 153 -9.12 18.53 -9.05
CA GLU A 153 -9.79 19.75 -8.53
C GLU A 153 -10.71 20.34 -9.61
N LYS A 154 -10.61 19.84 -10.82
CA LYS A 154 -11.46 20.36 -11.93
C LYS A 154 -12.62 19.39 -12.18
N MET A 155 -12.58 18.27 -11.51
CA MET A 155 -13.67 17.26 -11.68
C MET A 155 -14.86 17.68 -10.82
N GLY A 156 -14.65 18.59 -9.92
CA GLY A 156 -15.74 19.06 -9.02
C GLY A 156 -15.37 18.68 -7.58
N GLN A 157 -14.22 18.08 -7.39
CA GLN A 157 -13.80 17.68 -6.03
C GLN A 157 -13.78 18.90 -5.12
N ASN A 158 -13.31 20.02 -5.63
CA ASN A 158 -13.26 21.27 -4.81
C ASN A 158 -13.98 22.39 -5.58
N LEU A 159 -13.91 22.35 -6.88
CA LEU A 159 -14.60 23.40 -7.69
C LEU A 159 -16.04 22.94 -7.92
N ASN A 160 -16.85 22.98 -6.90
CA ASN A 160 -18.27 22.55 -7.02
C ASN A 160 -19.17 23.78 -7.12
N ARG A 161 -19.76 24.01 -8.27
CA ARG A 161 -20.66 25.19 -8.41
C ARG A 161 -21.67 25.16 -7.26
N ILE A 162 -22.24 26.27 -6.90
CA ILE A 162 -23.22 26.28 -5.77
C ILE A 162 -24.37 25.31 -6.09
N PRO A 163 -24.48 24.18 -5.37
CA PRO A 163 -25.57 23.23 -5.65
C PRO A 163 -26.92 23.89 -5.36
N TYR A 164 -27.91 23.65 -6.17
CA TYR A 164 -29.24 24.27 -5.93
C TYR A 164 -29.79 23.77 -4.59
N LYS A 165 -31.09 23.57 -4.49
CA LYS A 165 -31.72 23.08 -3.22
C LYS A 165 -30.99 23.65 -2.00
N ASP A 166 -30.50 22.80 -1.14
CA ASP A 166 -29.76 23.28 0.06
C ASP A 166 -30.68 24.12 0.95
N THR A 167 -30.96 25.35 0.58
CA THR A 167 -31.84 26.17 1.46
C THR A 167 -32.22 27.48 0.76
N PHE A 168 -32.08 27.57 -0.54
CA PHE A 168 -32.48 28.83 -1.26
C PHE A 168 -33.36 28.48 -2.45
N TRP A 169 -34.64 28.58 -2.22
CA TRP A 169 -35.64 28.27 -3.27
C TRP A 169 -36.93 28.99 -2.90
N LYS A 170 -37.20 29.07 -1.63
CA LYS A 170 -38.44 29.73 -1.15
C LYS A 170 -38.14 30.56 0.10
N GLY A 171 -36.88 30.66 0.47
CA GLY A 171 -36.52 31.45 1.68
C GLY A 171 -35.03 31.25 1.99
N MET B 1 14.72 34.54 -6.44
CA MET B 1 16.09 34.41 -7.01
C MET B 1 16.57 32.97 -6.87
N ALA B 2 16.74 32.50 -5.66
CA ALA B 2 17.20 31.10 -5.45
C ALA B 2 17.11 30.74 -3.97
N ASN B 3 15.91 30.63 -3.46
CA ASN B 3 15.74 30.27 -2.02
C ASN B 3 16.10 28.80 -1.81
N ALA B 4 17.31 28.52 -1.41
CA ALA B 4 17.71 27.10 -1.19
C ALA B 4 19.10 27.07 -0.56
N LEU B 5 19.38 27.97 0.36
CA LEU B 5 20.72 27.98 1.02
C LEU B 5 20.77 26.86 2.06
N ALA B 6 19.98 25.84 1.90
CA ALA B 6 19.99 24.72 2.89
C ALA B 6 21.13 23.74 2.56
N SER B 7 20.99 22.51 2.96
CA SER B 7 22.06 21.51 2.67
C SER B 7 21.46 20.10 2.66
N ALA B 8 21.84 19.28 3.59
CA ALA B 8 21.30 17.89 3.64
C ALA B 8 19.77 17.95 3.50
N THR B 9 19.20 16.98 2.85
CA THR B 9 17.73 16.97 2.59
C THR B 9 17.08 15.70 3.14
N CYS B 10 15.79 15.78 3.39
CA CYS B 10 15.08 14.61 3.92
C CYS B 10 15.19 13.47 2.98
N GLU B 11 15.34 12.33 3.53
CA GLU B 11 15.43 11.13 2.66
C GLU B 11 14.05 10.87 2.05
N ARG B 12 13.03 11.54 2.56
CA ARG B 12 11.64 11.32 2.03
C ARG B 12 10.99 12.64 1.63
N CYS B 13 11.00 13.61 2.50
CA CYS B 13 10.39 14.92 2.16
C CYS B 13 11.30 15.62 1.17
N LYS B 14 12.49 15.12 1.05
CA LYS B 14 13.47 15.75 0.14
C LYS B 14 13.66 17.16 0.62
N GLY B 15 13.14 17.46 1.76
CA GLY B 15 13.29 18.75 2.37
C GLY B 15 14.73 18.93 2.59
N GLY B 16 15.05 20.06 2.98
CA GLY B 16 16.43 20.53 3.21
C GLY B 16 16.53 21.11 4.59
N PHE B 17 17.16 20.39 5.47
CA PHE B 17 17.33 20.86 6.86
C PHE B 17 18.78 21.26 7.08
N ALA B 18 18.90 21.92 8.15
CA ALA B 18 20.17 22.49 8.73
C ALA B 18 20.32 21.49 9.81
N PRO B 19 21.21 20.58 9.68
CA PRO B 19 20.95 19.47 10.48
C PRO B 19 21.27 18.96 11.85
N ALA B 20 21.00 19.90 12.60
CA ALA B 20 21.05 19.88 14.03
C ALA B 20 19.76 20.59 14.36
N GLU B 21 18.90 20.75 13.34
CA GLU B 21 17.59 21.39 13.62
C GLU B 21 16.67 20.24 13.79
N LYS B 22 16.14 19.75 12.71
CA LYS B 22 15.36 18.52 12.84
C LYS B 22 15.51 17.70 11.58
N ILE B 23 16.46 16.92 11.70
CA ILE B 23 16.89 15.88 10.76
C ILE B 23 17.13 14.60 11.57
N VAL B 24 16.88 13.45 11.02
CA VAL B 24 17.13 12.18 11.77
C VAL B 24 17.86 11.21 10.84
N ASN B 25 18.97 10.72 11.32
CA ASN B 25 19.79 9.76 10.52
C ASN B 25 19.48 8.35 11.01
N SER B 26 19.13 7.46 10.11
CA SER B 26 18.83 6.09 10.46
C SER B 26 19.48 5.24 9.40
N ASN B 27 20.57 4.66 9.73
CA ASN B 27 21.34 3.77 8.81
C ASN B 27 22.38 4.57 8.04
N GLY B 28 22.03 5.72 7.58
CA GLY B 28 22.98 6.54 6.79
C GLY B 28 22.20 7.50 5.91
N GLU B 29 20.90 7.42 5.97
CA GLU B 29 20.05 8.33 5.16
C GLU B 29 19.44 9.30 6.17
N LEU B 30 19.07 10.46 5.77
CA LEU B 30 18.53 11.46 6.71
C LEU B 30 17.01 11.51 6.59
N TYR B 31 16.33 11.59 7.70
CA TYR B 31 14.84 11.60 7.68
C TYR B 31 14.32 12.61 8.71
N HIS B 32 13.38 13.41 8.34
CA HIS B 32 12.83 14.37 9.32
C HIS B 32 12.16 13.48 10.34
N GLU B 33 12.10 13.83 11.57
CA GLU B 33 11.26 12.97 12.45
C GLU B 33 9.85 13.01 11.80
N GLN B 34 9.73 13.77 10.71
CA GLN B 34 8.47 13.88 9.93
C GLN B 34 8.50 12.78 8.88
N CYS B 35 9.66 12.21 8.72
CA CYS B 35 9.88 11.17 7.74
C CYS B 35 9.79 9.88 8.55
N PHE B 36 9.78 10.09 9.84
CA PHE B 36 9.54 8.96 10.79
C PHE B 36 8.03 8.82 10.85
N VAL B 37 7.52 8.14 9.89
CA VAL B 37 6.04 7.94 9.79
C VAL B 37 5.73 6.51 9.29
N CYS B 38 4.80 5.87 9.95
CA CYS B 38 4.37 4.48 9.56
C CYS B 38 3.56 4.49 8.27
N ALA B 39 3.78 3.56 7.38
CA ALA B 39 2.98 3.52 6.11
C ALA B 39 1.47 3.35 6.41
N GLN B 40 1.16 2.72 7.50
CA GLN B 40 -0.28 2.52 7.89
C GLN B 40 -0.59 3.58 8.94
N CYS B 41 0.38 3.71 9.76
CA CYS B 41 0.43 4.59 10.94
C CYS B 41 1.17 5.90 10.60
N PHE B 42 1.49 6.17 9.28
CA PHE B 42 2.36 7.36 8.74
C PHE B 42 1.96 8.58 9.39
N GLN B 43 1.55 8.29 10.45
CA GLN B 43 1.36 9.31 11.42
C GLN B 43 2.67 9.09 12.11
N GLN B 44 3.19 10.08 12.62
CA GLN B 44 4.52 9.97 13.21
C GLN B 44 4.52 8.96 14.36
N PHE B 45 5.59 8.23 14.46
CA PHE B 45 5.74 7.23 15.55
C PHE B 45 6.04 7.96 16.89
N PRO B 46 5.25 7.74 17.92
CA PRO B 46 5.46 8.40 19.23
C PRO B 46 6.80 7.98 19.87
N GLU B 47 7.51 8.95 20.36
CA GLU B 47 8.85 8.78 20.99
C GLU B 47 9.84 8.39 19.92
N GLY B 48 9.39 8.45 18.73
CA GLY B 48 10.28 8.34 17.56
C GLY B 48 10.91 6.94 17.30
N LEU B 49 10.59 5.88 18.01
CA LEU B 49 11.26 4.57 17.65
C LEU B 49 10.38 3.83 16.68
N PHE B 50 10.90 3.63 15.53
CA PHE B 50 10.13 2.98 14.45
C PHE B 50 11.02 1.92 13.69
N TYR B 51 10.46 1.01 12.84
CA TYR B 51 11.32 0.07 12.06
C TYR B 51 10.82 -0.06 10.59
N GLU B 52 11.71 0.16 9.67
CA GLU B 52 11.42 0.05 8.18
C GLU B 52 11.78 -1.35 7.59
N PHE B 53 10.96 -1.90 6.71
CA PHE B 53 11.31 -3.19 6.04
C PHE B 53 10.85 -3.18 4.59
N GLU B 54 11.67 -3.70 3.73
CA GLU B 54 11.37 -3.84 2.28
C GLU B 54 10.75 -2.58 1.63
N GLY B 55 11.03 -1.42 2.16
CA GLY B 55 10.55 -0.16 1.52
C GLY B 55 9.20 0.27 2.05
N ARG B 56 8.66 -0.44 2.99
CA ARG B 56 7.38 0.00 3.59
C ARG B 56 7.74 0.28 5.04
N LYS B 57 7.08 1.21 5.69
CA LYS B 57 7.47 1.51 7.09
C LYS B 57 6.37 1.18 8.12
N TYR B 58 6.69 0.46 9.19
CA TYR B 58 5.66 0.10 10.22
C TYR B 58 6.19 0.32 11.65
N CYS B 59 5.31 0.56 12.60
CA CYS B 59 5.75 0.71 14.01
C CYS B 59 6.34 -0.64 14.35
N GLU B 60 7.07 -0.75 15.40
CA GLU B 60 7.65 -2.05 15.70
C GLU B 60 6.54 -3.05 15.78
N HIS B 61 5.51 -2.61 16.38
CA HIS B 61 4.36 -3.46 16.59
C HIS B 61 3.92 -4.06 15.29
N ASP B 62 3.63 -3.23 14.36
CA ASP B 62 3.19 -3.75 13.07
C ASP B 62 4.35 -4.32 12.32
N PHE B 63 5.49 -3.73 12.49
CA PHE B 63 6.63 -4.27 11.75
C PHE B 63 6.81 -5.69 12.20
N GLN B 64 6.72 -5.95 13.46
CA GLN B 64 6.94 -7.38 13.81
C GLN B 64 5.89 -8.18 13.15
N MET B 65 4.72 -7.71 13.10
CA MET B 65 3.68 -8.62 12.59
C MET B 65 4.04 -9.13 11.20
N LEU B 66 4.28 -8.31 10.23
CA LEU B 66 4.62 -8.92 8.90
C LEU B 66 5.99 -9.50 8.94
N PHE B 67 6.81 -8.87 9.66
CA PHE B 67 8.22 -9.24 9.69
C PHE B 67 8.59 -10.19 10.80
N ALA B 68 7.75 -10.44 11.77
CA ALA B 68 8.17 -11.38 12.87
C ALA B 68 6.92 -11.99 13.52
N PRO B 69 7.09 -13.02 14.34
CA PRO B 69 5.95 -13.67 15.01
C PRO B 69 5.20 -12.65 15.88
N CYS B 70 4.37 -13.12 16.78
CA CYS B 70 3.60 -12.19 17.66
C CYS B 70 4.58 -11.29 18.41
ZN ZN C . 11.36 15.07 5.36
ZN ZN D . 3.08 1.41 12.70
N MET A 1 11.21 -24.88 8.98
CA MET A 1 11.96 -23.76 9.61
C MET A 1 12.12 -22.62 8.60
N ASP A 2 12.87 -22.83 7.54
CA ASP A 2 13.05 -21.76 6.53
C ASP A 2 13.78 -22.31 5.31
N ASP A 3 14.26 -23.53 5.40
CA ASP A 3 15.00 -24.14 4.26
C ASP A 3 14.29 -23.86 2.94
N ILE A 4 13.32 -24.64 2.60
CA ILE A 4 12.59 -24.44 1.32
C ILE A 4 11.90 -23.08 1.33
N PHE A 5 11.42 -22.67 2.48
CA PHE A 5 10.74 -21.36 2.56
C PHE A 5 11.69 -20.28 2.04
N THR A 6 12.93 -20.33 2.45
CA THR A 6 13.92 -19.32 1.98
C THR A 6 14.36 -19.67 0.56
N GLN A 7 14.68 -20.90 0.33
CA GLN A 7 15.12 -21.31 -1.03
C GLN A 7 13.94 -21.20 -2.00
N CYS A 8 12.78 -20.89 -1.48
CA CYS A 8 11.57 -20.75 -2.34
C CYS A 8 11.47 -19.30 -2.84
N ARG A 9 11.32 -18.37 -1.93
CA ARG A 9 11.20 -16.94 -2.37
C ARG A 9 12.54 -16.50 -2.96
N GLU A 10 13.49 -17.37 -2.97
CA GLU A 10 14.81 -17.03 -3.53
C GLU A 10 14.65 -16.79 -5.03
N GLY A 11 13.45 -16.88 -5.52
CA GLY A 11 13.21 -16.68 -6.98
C GLY A 11 13.26 -18.04 -7.63
N ASN A 12 13.32 -19.05 -6.83
CA ASN A 12 13.36 -20.43 -7.35
C ASN A 12 11.96 -20.77 -7.82
N ALA A 13 11.43 -19.97 -8.72
CA ALA A 13 10.06 -20.23 -9.27
C ALA A 13 9.85 -21.74 -9.48
N VAL A 14 10.92 -22.46 -9.60
CA VAL A 14 10.80 -23.94 -9.79
C VAL A 14 10.51 -24.59 -8.45
N ALA A 15 10.95 -23.99 -7.39
CA ALA A 15 10.71 -24.56 -6.04
C ALA A 15 9.28 -24.30 -5.66
N VAL A 16 8.76 -23.16 -5.97
CA VAL A 16 7.37 -22.89 -5.62
C VAL A 16 6.50 -23.94 -6.31
N ARG A 17 6.77 -24.21 -7.56
CA ARG A 17 5.98 -25.25 -8.27
C ARG A 17 6.16 -26.59 -7.55
N LEU A 18 7.37 -26.86 -7.13
CA LEU A 18 7.68 -28.13 -6.42
C LEU A 18 6.65 -28.43 -5.32
N TRP A 19 6.53 -27.58 -4.33
CA TRP A 19 5.55 -27.87 -3.22
C TRP A 19 4.17 -27.28 -3.55
N LEU A 20 4.12 -26.21 -4.29
CA LEU A 20 2.78 -25.63 -4.60
C LEU A 20 1.90 -26.71 -5.24
N ASP A 21 2.50 -27.62 -5.96
CA ASP A 21 1.69 -28.71 -6.60
C ASP A 21 1.44 -29.83 -5.60
N ASN A 22 1.23 -29.47 -4.36
CA ASN A 22 0.98 -30.51 -3.31
C ASN A 22 -0.52 -30.77 -3.21
N THR A 23 -0.92 -32.02 -3.25
CA THR A 23 -2.36 -32.36 -3.15
C THR A 23 -2.75 -32.47 -1.68
N GLU A 24 -1.86 -32.15 -0.78
CA GLU A 24 -2.18 -32.25 0.67
C GLU A 24 -2.98 -31.01 1.09
N ASN A 25 -2.71 -29.88 0.49
CA ASN A 25 -3.46 -28.64 0.85
C ASN A 25 -3.55 -28.51 2.37
N ASP A 26 -2.43 -28.45 3.03
CA ASP A 26 -2.44 -28.31 4.52
C ASP A 26 -1.15 -27.63 4.96
N LEU A 27 -0.06 -28.14 4.50
CA LEU A 27 1.25 -27.53 4.80
C LEU A 27 1.52 -26.51 3.70
N ASN A 28 1.10 -26.85 2.51
CA ASN A 28 1.30 -25.95 1.35
C ASN A 28 0.96 -24.51 1.76
N GLN A 29 0.18 -24.34 2.79
CA GLN A 29 -0.18 -22.96 3.25
C GLN A 29 1.06 -22.09 3.46
N GLY A 30 0.88 -20.99 4.15
CA GLY A 30 2.01 -20.06 4.44
C GLY A 30 2.67 -20.47 5.76
N ASP A 31 2.23 -19.93 6.88
CA ASP A 31 2.81 -20.31 8.21
C ASP A 31 1.66 -20.55 9.20
N ASP A 32 1.96 -20.86 10.43
CA ASP A 32 0.89 -21.10 11.44
C ASP A 32 0.32 -19.76 11.89
N HIS A 33 0.99 -18.70 11.54
CA HIS A 33 0.51 -17.34 11.90
C HIS A 33 -0.68 -17.00 11.00
N GLY A 34 -1.06 -17.92 10.16
CA GLY A 34 -2.22 -17.68 9.25
C GLY A 34 -1.71 -17.21 7.90
N PHE A 35 -0.42 -17.09 7.76
CA PHE A 35 0.15 -16.66 6.46
C PHE A 35 -0.34 -17.61 5.36
N SER A 36 -0.76 -17.09 4.24
CA SER A 36 -1.24 -17.96 3.12
C SER A 36 -0.19 -17.91 1.99
N PRO A 37 -0.31 -18.77 1.01
CA PRO A 37 0.65 -18.77 -0.11
C PRO A 37 0.51 -17.44 -0.88
N LEU A 38 -0.69 -17.10 -1.26
CA LEU A 38 -0.91 -15.84 -2.02
C LEU A 38 -0.24 -14.68 -1.28
N HIS A 39 -0.31 -14.71 0.02
CA HIS A 39 0.32 -13.62 0.81
C HIS A 39 1.80 -13.55 0.47
N TRP A 40 2.53 -14.55 0.85
CA TRP A 40 3.98 -14.55 0.55
C TRP A 40 4.17 -14.20 -0.93
N ALA A 41 3.44 -14.86 -1.77
CA ALA A 41 3.55 -14.63 -3.24
C ALA A 41 3.27 -13.16 -3.56
N CYS A 42 2.16 -12.64 -3.12
CA CYS A 42 1.83 -11.23 -3.43
C CYS A 42 3.05 -10.34 -3.12
N ARG A 43 3.86 -10.75 -2.18
CA ARG A 43 5.07 -9.95 -1.84
C ARG A 43 6.13 -10.16 -2.91
N GLU A 44 6.54 -11.38 -3.13
CA GLU A 44 7.58 -11.65 -4.17
C GLU A 44 7.09 -11.13 -5.52
N GLY A 45 6.00 -11.64 -6.02
CA GLY A 45 5.46 -11.17 -7.34
C GLY A 45 5.26 -12.37 -8.28
N ARG A 46 5.52 -13.56 -7.82
CA ARG A 46 5.35 -14.76 -8.70
C ARG A 46 3.89 -14.80 -9.20
N SER A 47 3.64 -14.22 -10.34
CA SER A 47 2.25 -14.21 -10.89
C SER A 47 1.70 -15.65 -10.98
N ALA A 48 2.43 -16.55 -11.58
CA ALA A 48 1.92 -17.96 -11.69
C ALA A 48 1.39 -18.41 -10.33
N VAL A 49 2.26 -18.44 -9.34
CA VAL A 49 1.85 -18.88 -7.98
C VAL A 49 0.46 -18.31 -7.66
N VAL A 50 0.34 -17.03 -7.56
CA VAL A 50 -0.99 -16.41 -7.25
C VAL A 50 -2.06 -17.02 -8.17
N GLU A 51 -1.88 -16.89 -9.44
CA GLU A 51 -2.87 -17.43 -10.41
C GLU A 51 -3.07 -18.93 -10.22
N MET A 52 -2.04 -19.67 -10.34
CA MET A 52 -2.14 -21.16 -10.22
C MET A 52 -2.70 -21.55 -8.85
N LEU A 53 -2.48 -20.73 -7.86
CA LEU A 53 -3.01 -21.05 -6.50
C LEU A 53 -4.43 -20.50 -6.35
N ILE A 54 -4.64 -19.26 -6.73
CA ILE A 54 -6.01 -18.65 -6.62
C ILE A 54 -7.07 -19.66 -7.08
N MET A 55 -6.83 -20.31 -8.19
CA MET A 55 -7.83 -21.29 -8.71
C MET A 55 -7.61 -22.66 -8.07
N ARG A 56 -6.44 -22.93 -7.54
CA ARG A 56 -6.20 -24.27 -6.94
C ARG A 56 -7.21 -24.51 -5.83
N GLY A 57 -7.50 -23.50 -5.04
CA GLY A 57 -8.50 -23.71 -3.95
C GLY A 57 -8.30 -22.71 -2.83
N ALA A 58 -7.71 -21.58 -3.09
CA ALA A 58 -7.55 -20.57 -2.01
C ALA A 58 -8.90 -19.88 -1.87
N ARG A 59 -9.20 -19.24 -0.77
CA ARG A 59 -10.53 -18.56 -0.65
C ARG A 59 -10.42 -17.14 -1.16
N ILE A 60 -11.49 -16.58 -1.62
CA ILE A 60 -11.46 -15.20 -2.16
C ILE A 60 -11.48 -14.20 -0.98
N ASN A 61 -11.88 -14.65 0.18
CA ASN A 61 -11.91 -13.75 1.39
C ASN A 61 -10.80 -14.16 2.34
N VAL A 62 -9.58 -14.14 1.87
CA VAL A 62 -8.42 -14.50 2.73
C VAL A 62 -7.73 -13.21 3.21
N MET A 63 -7.49 -13.11 4.50
CA MET A 63 -6.82 -11.90 5.07
C MET A 63 -5.59 -12.36 5.84
N ASN A 64 -4.59 -11.55 5.91
CA ASN A 64 -3.35 -11.95 6.65
C ASN A 64 -3.51 -11.71 8.15
N ARG A 65 -2.68 -12.34 8.93
CA ARG A 65 -2.73 -12.20 10.41
C ARG A 65 -2.99 -10.72 10.78
N GLY A 66 -2.54 -9.79 9.97
CA GLY A 66 -2.74 -8.34 10.29
C GLY A 66 -3.70 -7.69 9.28
N ASP A 67 -4.90 -8.21 9.13
CA ASP A 67 -5.90 -7.58 8.22
C ASP A 67 -5.25 -7.05 6.96
N ASP A 68 -5.19 -7.84 5.96
CA ASP A 68 -4.61 -7.38 4.66
C ASP A 68 -5.10 -8.29 3.53
N THR A 69 -5.90 -7.77 2.64
CA THR A 69 -6.37 -8.59 1.50
C THR A 69 -5.27 -8.55 0.44
N PRO A 70 -5.11 -9.60 -0.34
CA PRO A 70 -4.06 -9.61 -1.37
C PRO A 70 -4.20 -8.37 -2.26
N LEU A 71 -5.39 -7.91 -2.51
CA LEU A 71 -5.56 -6.71 -3.38
C LEU A 71 -4.68 -5.60 -2.83
N HIS A 72 -4.79 -5.31 -1.57
CA HIS A 72 -3.92 -4.26 -0.98
C HIS A 72 -2.47 -4.63 -1.29
N LEU A 73 -2.00 -5.69 -0.68
CA LEU A 73 -0.60 -6.13 -0.91
C LEU A 73 -0.27 -6.05 -2.41
N ALA A 74 -1.12 -6.59 -3.24
CA ALA A 74 -0.87 -6.51 -4.69
C ALA A 74 -0.79 -5.04 -5.09
N ALA A 75 -1.88 -4.33 -5.02
CA ALA A 75 -1.86 -2.89 -5.37
C ALA A 75 -0.68 -2.20 -4.68
N SER A 76 -0.19 -2.76 -3.61
CA SER A 76 0.94 -2.11 -2.89
C SER A 76 2.16 -2.02 -3.80
N HIS A 77 2.60 -3.12 -4.34
CA HIS A 77 3.79 -3.07 -5.24
C HIS A 77 3.37 -2.46 -6.58
N GLY A 78 2.15 -2.66 -6.98
CA GLY A 78 1.66 -2.06 -8.26
C GLY A 78 2.00 -2.97 -9.46
N HIS A 79 1.93 -4.27 -9.30
CA HIS A 79 2.22 -5.16 -10.46
C HIS A 79 0.98 -5.23 -11.35
N ARG A 80 0.95 -4.44 -12.39
CA ARG A 80 -0.23 -4.40 -13.31
C ARG A 80 -0.84 -5.81 -13.48
N ASP A 81 -0.06 -6.78 -13.86
CA ASP A 81 -0.61 -8.15 -14.08
C ASP A 81 -1.34 -8.64 -12.82
N ILE A 82 -0.66 -8.73 -11.71
CA ILE A 82 -1.32 -9.21 -10.47
C ILE A 82 -2.54 -8.35 -10.17
N VAL A 83 -2.43 -7.06 -10.37
CA VAL A 83 -3.58 -6.16 -10.10
C VAL A 83 -4.77 -6.58 -10.97
N GLN A 84 -4.61 -6.53 -12.26
CA GLN A 84 -5.72 -6.92 -13.20
C GLN A 84 -6.46 -8.15 -12.65
N LYS A 85 -5.76 -9.17 -12.28
CA LYS A 85 -6.43 -10.39 -11.76
C LYS A 85 -7.26 -10.03 -10.52
N LEU A 86 -6.63 -9.64 -9.45
CA LEU A 86 -7.39 -9.31 -8.21
C LEU A 86 -8.41 -8.19 -8.51
N LEU A 87 -8.13 -7.37 -9.48
CA LEU A 87 -9.07 -6.26 -9.79
C LEU A 87 -10.26 -6.81 -10.58
N GLN A 88 -10.04 -7.77 -11.44
CA GLN A 88 -11.14 -8.34 -12.26
C GLN A 88 -11.77 -9.56 -11.58
N TYR A 89 -10.96 -10.36 -10.96
CA TYR A 89 -11.49 -11.60 -10.30
C TYR A 89 -12.59 -11.25 -9.30
N LYS A 90 -12.51 -10.13 -8.64
CA LYS A 90 -13.56 -9.80 -7.63
C LYS A 90 -13.68 -8.29 -7.41
N ALA A 91 -12.78 -7.51 -7.94
CA ALA A 91 -12.87 -6.04 -7.73
C ALA A 91 -13.10 -5.74 -6.23
N ASP A 92 -12.30 -6.32 -5.38
CA ASP A 92 -12.46 -6.07 -3.91
C ASP A 92 -11.80 -4.74 -3.55
N ILE A 93 -11.86 -3.80 -4.44
CA ILE A 93 -11.31 -2.45 -4.14
C ILE A 93 -12.31 -1.72 -3.25
N ASN A 94 -13.57 -2.07 -3.38
CA ASN A 94 -14.61 -1.38 -2.57
C ASN A 94 -14.60 -1.90 -1.13
N ALA A 95 -13.85 -2.93 -0.84
CA ALA A 95 -13.79 -3.46 0.56
C ALA A 95 -12.44 -3.10 1.15
N VAL A 96 -12.38 -2.06 1.91
CA VAL A 96 -11.09 -1.61 2.51
C VAL A 96 -10.69 -2.58 3.65
N ASN A 97 -9.60 -2.30 4.31
CA ASN A 97 -9.17 -3.15 5.47
C ASN A 97 -9.85 -2.60 6.72
N GLU A 98 -9.11 -2.47 7.80
CA GLU A 98 -9.69 -1.94 9.08
C GLU A 98 -9.08 -0.57 9.38
N HIS A 99 -7.94 -0.26 8.81
CA HIS A 99 -7.29 1.06 9.06
C HIS A 99 -7.71 2.03 7.97
N GLY A 100 -8.36 1.54 6.96
CA GLY A 100 -8.81 2.42 5.82
C GLY A 100 -7.76 2.36 4.71
N ASN A 101 -7.16 1.21 4.53
CA ASN A 101 -6.10 1.07 3.48
C ASN A 101 -6.75 0.69 2.13
N VAL A 102 -7.16 1.67 1.36
CA VAL A 102 -7.78 1.38 0.03
C VAL A 102 -6.61 1.22 -0.98
N PRO A 103 -6.76 0.38 -1.98
CA PRO A 103 -5.70 0.17 -2.97
C PRO A 103 -5.13 1.51 -3.46
N LEU A 104 -5.98 2.48 -3.72
CA LEU A 104 -5.45 3.79 -4.22
C LEU A 104 -4.46 4.35 -3.19
N HIS A 105 -4.88 4.46 -1.97
CA HIS A 105 -4.00 5.02 -0.92
C HIS A 105 -2.60 4.43 -1.05
N TYR A 106 -2.51 3.13 -1.12
CA TYR A 106 -1.18 2.48 -1.26
C TYR A 106 -0.65 2.72 -2.69
N ALA A 107 -1.49 2.56 -3.67
CA ALA A 107 -1.05 2.78 -5.08
C ALA A 107 -0.48 4.20 -5.23
N CYS A 108 -1.17 5.21 -4.75
CA CYS A 108 -0.61 6.58 -4.91
C CYS A 108 0.58 6.76 -3.96
N PHE A 109 0.63 6.00 -2.91
CA PHE A 109 1.79 6.13 -1.98
C PHE A 109 3.08 5.83 -2.73
N TRP A 110 3.01 4.95 -3.70
CA TRP A 110 4.23 4.62 -4.49
C TRP A 110 4.46 5.75 -5.50
N GLY A 111 3.51 5.97 -6.37
CA GLY A 111 3.64 7.07 -7.38
C GLY A 111 3.50 6.52 -8.79
N GLN A 112 2.52 5.69 -9.03
CA GLN A 112 2.31 5.12 -10.41
C GLN A 112 0.83 5.29 -10.78
N ASP A 113 0.52 6.30 -11.56
CA ASP A 113 -0.90 6.55 -11.92
C ASP A 113 -1.49 5.34 -12.64
N GLN A 114 -0.68 4.61 -13.34
CA GLN A 114 -1.18 3.43 -14.09
C GLN A 114 -2.17 2.62 -13.23
N VAL A 115 -1.86 2.42 -11.98
CA VAL A 115 -2.78 1.64 -11.09
C VAL A 115 -3.82 2.58 -10.50
N ALA A 116 -3.40 3.73 -10.07
CA ALA A 116 -4.37 4.70 -9.51
C ALA A 116 -5.44 4.97 -10.56
N GLU A 117 -5.09 4.78 -11.79
CA GLU A 117 -6.06 5.01 -12.89
C GLU A 117 -7.01 3.82 -12.98
N ASP A 118 -6.49 2.65 -13.27
CA ASP A 118 -7.37 1.46 -13.38
C ASP A 118 -8.25 1.33 -12.14
N LEU A 119 -7.87 1.92 -11.05
CA LEU A 119 -8.70 1.81 -9.81
C LEU A 119 -9.85 2.82 -9.87
N VAL A 120 -9.54 4.08 -10.02
CA VAL A 120 -10.63 5.09 -10.10
C VAL A 120 -11.37 4.91 -11.42
N ALA A 121 -10.83 4.08 -12.29
CA ALA A 121 -11.48 3.84 -13.60
C ALA A 121 -12.73 2.99 -13.40
N ASN A 122 -12.96 2.52 -12.20
CA ASN A 122 -14.17 1.70 -11.93
C ASN A 122 -15.16 2.55 -11.14
N GLY A 123 -14.67 3.29 -10.18
CA GLY A 123 -15.57 4.15 -9.36
C GLY A 123 -14.96 4.37 -7.96
N ALA A 124 -13.82 3.78 -7.69
CA ALA A 124 -13.20 3.94 -6.34
C ALA A 124 -13.24 5.40 -5.94
N LEU A 125 -13.37 6.27 -6.90
CA LEU A 125 -13.43 7.73 -6.59
C LEU A 125 -12.14 8.16 -5.89
N VAL A 126 -11.46 9.12 -6.46
CA VAL A 126 -10.20 9.61 -5.83
C VAL A 126 -10.57 10.34 -4.54
N SER A 127 -11.81 10.77 -4.46
CA SER A 127 -12.27 11.49 -3.25
C SER A 127 -12.92 10.49 -2.29
N ILE A 128 -12.34 9.32 -2.15
CA ILE A 128 -12.92 8.32 -1.21
C ILE A 128 -12.94 8.91 0.20
N CYS A 129 -11.80 9.37 0.66
CA CYS A 129 -11.70 9.97 1.99
C CYS A 129 -11.65 8.88 3.04
N ASN A 130 -10.48 8.56 3.51
CA ASN A 130 -10.38 7.49 4.55
C ASN A 130 -11.21 7.91 5.77
N LYS A 131 -10.71 7.59 6.90
CA LYS A 131 -11.39 7.96 8.17
C LYS A 131 -10.94 9.36 8.58
N TYR A 132 -9.87 9.83 7.99
CA TYR A 132 -9.33 11.19 8.30
C TYR A 132 -9.23 11.98 7.00
N GLY A 133 -9.75 11.44 5.92
CA GLY A 133 -9.71 12.15 4.62
C GLY A 133 -8.32 12.09 4.02
N GLU A 134 -7.53 11.16 4.45
CA GLU A 134 -6.16 11.05 3.90
C GLU A 134 -6.21 10.45 2.49
N MET A 135 -6.45 11.25 1.47
CA MET A 135 -6.53 10.72 0.09
C MET A 135 -5.30 11.22 -0.69
N PRO A 136 -5.06 10.69 -1.87
CA PRO A 136 -3.91 11.13 -2.68
C PRO A 136 -3.96 12.64 -2.87
N VAL A 137 -5.12 13.23 -2.85
CA VAL A 137 -5.24 14.70 -3.03
C VAL A 137 -4.32 15.42 -2.03
N ASP A 138 -4.33 15.01 -0.80
CA ASP A 138 -3.46 15.66 0.23
C ASP A 138 -2.03 15.23 -0.01
N LYS A 139 -1.80 13.96 -0.13
CA LYS A 139 -0.41 13.49 -0.37
C LYS A 139 0.04 14.05 -1.72
N ALA A 140 -0.89 14.49 -2.52
CA ALA A 140 -0.54 15.06 -3.86
C ALA A 140 -0.33 16.57 -3.73
N LYS A 141 -0.89 17.14 -2.70
CA LYS A 141 -0.74 18.61 -2.49
C LYS A 141 0.53 18.88 -1.67
N ALA A 142 1.12 17.88 -1.06
CA ALA A 142 2.36 18.12 -0.27
C ALA A 142 3.55 18.33 -1.23
N PRO A 143 3.81 17.39 -2.13
CA PRO A 143 4.92 17.57 -3.08
C PRO A 143 4.69 18.85 -3.89
N LEU A 144 3.44 19.15 -4.15
CA LEU A 144 3.01 20.36 -4.96
C LEU A 144 2.75 19.91 -6.40
N ARG A 145 2.26 18.73 -6.58
CA ARG A 145 1.96 18.25 -7.96
C ARG A 145 0.87 19.15 -8.54
N GLU A 146 -0.27 19.17 -7.91
CA GLU A 146 -1.40 20.00 -8.39
C GLU A 146 -1.85 19.53 -9.77
N LEU A 147 -1.13 18.61 -10.37
CA LEU A 147 -1.52 18.11 -11.72
C LEU A 147 -2.75 17.21 -11.58
N LEU A 148 -2.61 16.11 -10.89
CA LEU A 148 -3.78 15.21 -10.71
C LEU A 148 -4.82 15.94 -9.87
N ARG A 149 -4.42 16.96 -9.17
CA ARG A 149 -5.42 17.71 -8.35
C ARG A 149 -6.45 18.32 -9.29
N GLU A 150 -6.00 19.00 -10.32
CA GLU A 150 -6.97 19.61 -11.27
C GLU A 150 -7.81 18.51 -11.90
N ARG A 151 -7.17 17.47 -12.36
CA ARG A 151 -7.94 16.35 -12.99
C ARG A 151 -8.94 15.82 -11.96
N ALA A 152 -8.56 15.87 -10.72
CA ALA A 152 -9.48 15.39 -9.64
C ALA A 152 -10.51 16.48 -9.35
N GLU A 153 -10.06 17.67 -9.06
CA GLU A 153 -11.02 18.77 -8.74
C GLU A 153 -12.08 18.89 -9.82
N LYS A 154 -11.80 18.43 -11.00
CA LYS A 154 -12.79 18.51 -12.10
C LYS A 154 -13.61 17.22 -12.12
N MET A 155 -13.21 16.25 -11.34
CA MET A 155 -13.95 14.97 -11.30
C MET A 155 -15.39 15.26 -10.86
N GLY A 156 -15.62 16.43 -10.34
CA GLY A 156 -16.99 16.80 -9.88
C GLY A 156 -17.14 16.46 -8.41
N GLN A 157 -16.08 16.59 -7.64
CA GLN A 157 -16.13 16.27 -6.18
C GLN A 157 -15.62 17.48 -5.38
N ASN A 158 -14.91 18.38 -6.02
CA ASN A 158 -14.38 19.58 -5.29
C ASN A 158 -14.85 20.85 -6.02
N LEU A 159 -14.90 20.81 -7.31
CA LEU A 159 -15.36 22.00 -8.08
C LEU A 159 -16.88 21.95 -8.20
N ASN A 160 -17.57 22.23 -7.12
CA ASN A 160 -19.06 22.19 -7.14
C ASN A 160 -19.60 23.61 -7.18
N ARG A 161 -20.21 23.99 -8.28
CA ARG A 161 -20.78 25.38 -8.37
C ARG A 161 -21.67 25.61 -7.15
N ILE A 162 -21.89 26.84 -6.78
CA ILE A 162 -22.74 27.12 -5.57
C ILE A 162 -24.14 26.48 -5.78
N PRO A 163 -24.49 25.43 -5.03
CA PRO A 163 -25.81 24.80 -5.20
C PRO A 163 -26.90 25.77 -4.76
N TYR A 164 -27.70 26.26 -5.67
CA TYR A 164 -28.78 27.21 -5.29
C TYR A 164 -29.81 26.45 -4.45
N LYS A 165 -29.68 25.15 -4.38
CA LYS A 165 -30.65 24.32 -3.59
C LYS A 165 -30.07 24.05 -2.20
N ASP A 166 -30.32 24.91 -1.27
CA ASP A 166 -29.78 24.71 0.10
C ASP A 166 -30.62 25.51 1.09
N THR A 167 -30.90 26.74 0.78
CA THR A 167 -31.72 27.59 1.70
C THR A 167 -32.10 28.88 0.99
N PHE A 168 -31.92 28.94 -0.31
CA PHE A 168 -32.30 30.18 -1.08
C PHE A 168 -33.15 29.77 -2.27
N TRP A 169 -34.41 29.86 -2.09
CA TRP A 169 -35.38 29.49 -3.15
C TRP A 169 -36.71 30.18 -2.85
N LYS A 170 -36.95 30.44 -1.60
CA LYS A 170 -38.21 31.12 -1.20
C LYS A 170 -38.35 32.44 -1.96
N GLY A 171 -37.36 32.80 -2.71
CA GLY A 171 -37.44 34.09 -3.48
C GLY A 171 -38.53 33.98 -4.54
N MET B 1 16.47 33.84 -8.18
CA MET B 1 15.94 32.47 -7.89
C MET B 1 17.01 31.65 -7.18
N ALA B 2 16.70 30.44 -6.81
CA ALA B 2 17.70 29.58 -6.12
C ALA B 2 18.26 30.35 -4.91
N ASN B 3 17.46 30.57 -3.91
CA ASN B 3 17.94 31.31 -2.71
C ASN B 3 18.90 30.41 -1.92
N ALA B 4 18.83 29.12 -2.13
CA ALA B 4 19.74 28.20 -1.39
C ALA B 4 19.61 26.79 -1.96
N LEU B 5 20.69 26.07 -2.06
CA LEU B 5 20.64 24.68 -2.60
C LEU B 5 20.34 23.70 -1.46
N ALA B 6 20.19 24.19 -0.26
CA ALA B 6 19.90 23.29 0.88
C ALA B 6 20.91 22.15 0.90
N SER B 7 20.68 21.14 1.69
CA SER B 7 21.65 20.00 1.75
C SER B 7 20.99 18.82 2.46
N ALA B 8 21.33 17.61 2.08
CA ALA B 8 20.70 16.44 2.74
C ALA B 8 19.19 16.46 2.50
N THR B 9 18.66 15.40 1.96
CA THR B 9 17.20 15.34 1.60
C THR B 9 16.51 14.16 2.28
N CYS B 10 15.21 14.25 2.44
CA CYS B 10 14.46 13.15 3.06
C CYS B 10 14.68 11.90 2.29
N GLU B 11 14.76 10.84 2.99
CA GLU B 11 14.93 9.54 2.28
C GLU B 11 13.58 9.17 1.67
N ARG B 12 12.56 9.88 2.06
CA ARG B 12 11.18 9.60 1.57
C ARG B 12 10.59 10.82 0.87
N CYS B 13 10.51 11.93 1.55
CA CYS B 13 9.94 13.15 0.93
C CYS B 13 10.94 13.69 -0.07
N LYS B 14 12.14 13.19 -0.02
CA LYS B 14 13.18 13.70 -0.93
C LYS B 14 13.33 15.18 -0.67
N GLY B 15 12.71 15.63 0.38
CA GLY B 15 12.79 16.99 0.82
C GLY B 15 14.22 17.23 1.11
N GLY B 16 14.49 18.41 1.38
CA GLY B 16 15.83 18.94 1.64
C GLY B 16 15.82 19.71 2.94
N PHE B 17 16.37 19.13 3.95
CA PHE B 17 16.43 19.79 5.27
C PHE B 17 17.84 20.25 5.56
N ALA B 18 17.85 21.04 6.54
CA ALA B 18 19.06 21.73 7.15
C ALA B 18 19.14 20.88 8.35
N PRO B 19 20.06 20.00 8.41
CA PRO B 19 19.75 18.98 9.33
C PRO B 19 19.98 18.67 10.77
N ALA B 20 19.62 19.69 11.36
CA ALA B 20 19.56 19.86 12.78
C ALA B 20 18.23 20.57 12.92
N GLU B 21 17.44 20.57 11.82
CA GLU B 21 16.11 21.21 11.91
C GLU B 21 15.20 20.06 12.17
N LYS B 22 14.77 19.42 11.12
CA LYS B 22 14.00 18.20 11.35
C LYS B 22 14.27 17.22 10.23
N ILE B 23 15.22 16.49 10.55
CA ILE B 23 15.75 15.36 9.79
C ILE B 23 15.97 14.20 10.80
N VAL B 24 15.78 12.98 10.39
CA VAL B 24 16.00 11.84 11.32
C VAL B 24 16.81 10.76 10.58
N ASN B 25 17.90 10.38 11.16
CA ASN B 25 18.78 9.33 10.56
C ASN B 25 18.41 7.98 11.18
N SER B 26 18.13 7.01 10.36
CA SER B 26 17.78 5.69 10.86
C SER B 26 18.50 4.71 9.97
N ASN B 27 19.55 4.17 10.46
CA ASN B 27 20.37 3.17 9.72
C ASN B 27 21.45 3.85 8.89
N GLY B 28 21.21 5.04 8.45
CA GLY B 28 22.22 5.74 7.61
C GLY B 28 21.50 6.56 6.53
N GLU B 29 20.19 6.44 6.47
CA GLU B 29 19.41 7.23 5.48
C GLU B 29 18.71 8.29 6.30
N LEU B 30 18.37 9.40 5.72
CA LEU B 30 17.73 10.50 6.48
C LEU B 30 16.22 10.51 6.23
N TYR B 31 15.45 10.70 7.26
CA TYR B 31 13.97 10.70 7.12
C TYR B 31 13.35 11.82 7.97
N HIS B 32 12.41 12.53 7.44
CA HIS B 32 11.77 13.58 8.24
C HIS B 32 11.05 12.82 9.32
N GLU B 33 10.89 13.33 10.48
CA GLU B 33 10.01 12.56 11.41
C GLU B 33 8.65 12.45 10.67
N GLN B 34 8.57 13.10 9.50
CA GLN B 34 7.37 13.07 8.63
C GLN B 34 7.50 11.86 7.72
N CYS B 35 8.67 11.31 7.71
CA CYS B 35 8.97 10.17 6.87
C CYS B 35 8.86 8.98 7.81
N PHE B 36 8.76 9.32 9.07
CA PHE B 36 8.49 8.28 10.11
C PHE B 36 6.98 8.13 10.09
N VAL B 37 6.58 7.34 9.15
CA VAL B 37 5.15 7.03 8.92
C VAL B 37 5.02 5.57 8.55
N CYS B 38 4.08 4.90 9.13
CA CYS B 38 3.83 3.47 8.82
C CYS B 38 3.25 3.35 7.43
N ALA B 39 3.61 2.38 6.64
CA ALA B 39 2.96 2.25 5.29
C ALA B 39 1.42 2.06 5.40
N GLN B 40 0.97 1.41 6.45
CA GLN B 40 -0.51 1.17 6.67
C GLN B 40 -1.02 2.20 7.68
N CYS B 41 -0.18 2.37 8.62
CA CYS B 41 -0.29 3.20 9.81
C CYS B 41 0.36 4.56 9.48
N PHE B 42 0.78 4.80 8.16
CA PHE B 42 1.59 6.03 7.61
C PHE B 42 1.05 7.25 8.14
N GLN B 43 0.58 6.99 9.19
CA GLN B 43 0.18 8.03 10.05
C GLN B 43 1.41 8.03 10.89
N GLN B 44 1.69 9.10 11.39
CA GLN B 44 2.92 9.27 12.16
C GLN B 44 2.99 8.23 13.28
N PHE B 45 4.18 7.84 13.55
CA PHE B 45 4.49 6.81 14.59
C PHE B 45 4.23 7.32 16.05
N PRO B 46 3.35 6.62 16.80
CA PRO B 46 2.98 6.98 18.20
C PRO B 46 4.08 6.65 19.25
N GLU B 47 4.33 7.58 20.12
CA GLU B 47 5.37 7.50 21.20
C GLU B 47 6.71 7.45 20.53
N GLY B 48 6.64 7.65 19.27
CA GLY B 48 7.81 7.80 18.43
C GLY B 48 8.61 6.51 18.22
N LEU B 49 8.19 5.38 18.74
CA LEU B 49 8.98 4.12 18.48
C LEU B 49 8.39 3.38 17.32
N PHE B 50 9.19 3.19 16.34
CA PHE B 50 8.75 2.49 15.11
C PHE B 50 9.85 1.49 14.61
N TYR B 51 9.49 0.50 13.77
CA TYR B 51 10.51 -0.39 13.15
C TYR B 51 10.14 -0.66 11.67
N GLU B 52 11.07 -0.43 10.81
CA GLU B 52 10.88 -0.68 9.32
C GLU B 52 11.38 -2.07 8.90
N PHE B 53 10.67 -2.75 8.00
CA PHE B 53 11.16 -4.05 7.49
C PHE B 53 10.85 -4.23 5.99
N GLU B 54 11.82 -4.76 5.31
CA GLU B 54 11.74 -5.10 3.85
C GLU B 54 11.17 -4.02 2.92
N GLY B 55 11.63 -2.80 3.01
CA GLY B 55 11.18 -1.77 2.03
C GLY B 55 9.87 -1.12 2.46
N ARG B 56 9.21 -1.66 3.42
CA ARG B 56 7.94 -1.06 3.91
C ARG B 56 8.24 -0.60 5.31
N LYS B 57 7.57 0.39 5.78
CA LYS B 57 7.85 0.87 7.17
C LYS B 57 6.63 0.56 8.07
N TYR B 58 6.84 -0.04 9.24
CA TYR B 58 5.68 -0.38 10.15
C TYR B 58 5.98 0.05 11.60
N CYS B 59 4.99 0.37 12.39
CA CYS B 59 5.29 0.69 13.82
C CYS B 59 5.79 -0.64 14.37
N GLU B 60 6.42 -0.64 15.49
CA GLU B 60 6.92 -1.92 16.00
C GLU B 60 5.76 -2.86 16.09
N HIS B 61 4.69 -2.29 16.52
CA HIS B 61 3.48 -3.05 16.73
C HIS B 61 3.13 -3.78 15.48
N ASP B 62 3.00 -3.09 14.39
CA ASP B 62 2.63 -3.83 13.17
C ASP B 62 3.80 -4.61 12.68
N PHE B 63 4.98 -4.10 12.85
CA PHE B 63 6.12 -4.83 12.34
C PHE B 63 6.13 -6.18 12.98
N GLN B 64 5.85 -6.24 14.23
CA GLN B 64 5.89 -7.60 14.84
C GLN B 64 4.82 -8.42 14.20
N MET B 65 3.71 -7.84 14.02
CA MET B 65 2.58 -8.64 13.52
C MET B 65 2.96 -9.25 12.19
N LEU B 66 3.52 -8.52 11.30
CA LEU B 66 3.94 -9.16 10.04
C LEU B 66 5.07 -10.07 10.38
N PHE B 67 5.98 -9.59 11.16
CA PHE B 67 7.12 -10.44 11.48
C PHE B 67 6.62 -11.74 12.09
N ALA B 68 5.64 -11.69 12.94
CA ALA B 68 5.17 -12.96 13.55
C ALA B 68 6.36 -13.76 14.11
N PRO B 69 7.00 -13.23 15.13
CA PRO B 69 8.15 -13.91 15.75
C PRO B 69 7.71 -15.23 16.39
N CYS B 70 6.84 -15.15 17.38
CA CYS B 70 6.34 -16.39 18.06
C CYS B 70 7.51 -17.36 18.29
ZN ZN C . 10.64 13.73 4.12
ZN ZN D . 1.41 1.20 12.11
N MET A 1 16.40 -23.35 7.69
CA MET A 1 15.84 -23.17 6.32
C MET A 1 14.46 -23.85 6.24
N ASP A 2 13.56 -23.27 5.50
CA ASP A 2 12.20 -23.88 5.39
C ASP A 2 12.25 -25.06 4.43
N ASP A 3 13.31 -25.83 4.48
CA ASP A 3 13.43 -27.01 3.58
C ASP A 3 13.12 -26.60 2.13
N ILE A 4 12.20 -27.30 1.50
CA ILE A 4 11.86 -26.96 0.08
C ILE A 4 11.30 -25.54 0.03
N PHE A 5 10.23 -25.27 0.73
CA PHE A 5 9.61 -23.89 0.70
C PHE A 5 10.71 -22.82 0.61
N THR A 6 11.74 -22.96 1.39
CA THR A 6 12.85 -21.96 1.35
C THR A 6 13.47 -21.97 -0.05
N GLN A 7 14.05 -23.07 -0.41
CA GLN A 7 14.68 -23.17 -1.76
C GLN A 7 13.61 -23.07 -2.85
N CYS A 8 12.35 -23.18 -2.51
CA CYS A 8 11.29 -23.09 -3.55
C CYS A 8 11.22 -21.65 -4.08
N ARG A 9 11.35 -20.70 -3.20
CA ARG A 9 11.30 -19.28 -3.63
C ARG A 9 12.53 -18.99 -4.49
N GLU A 10 13.36 -19.98 -4.67
CA GLU A 10 14.58 -19.79 -5.51
C GLU A 10 14.15 -19.42 -6.93
N GLY A 11 12.87 -19.42 -7.20
CA GLY A 11 12.38 -19.06 -8.55
C GLY A 11 12.11 -20.34 -9.33
N ASN A 12 12.07 -21.43 -8.63
CA ASN A 12 11.79 -22.73 -9.28
C ASN A 12 10.28 -22.91 -9.24
N ALA A 13 9.60 -22.02 -9.89
CA ALA A 13 8.10 -22.08 -9.95
C ALA A 13 7.64 -23.53 -10.06
N VAL A 14 8.47 -24.35 -10.62
CA VAL A 14 8.13 -25.79 -10.77
C VAL A 14 8.13 -26.46 -9.39
N ALA A 15 9.06 -26.11 -8.56
CA ALA A 15 9.13 -26.77 -7.24
C ALA A 15 8.00 -26.24 -6.39
N VAL A 16 7.79 -24.97 -6.41
CA VAL A 16 6.72 -24.39 -5.56
C VAL A 16 5.38 -25.08 -5.87
N ARG A 17 5.07 -25.33 -7.12
CA ARG A 17 3.76 -25.99 -7.42
C ARG A 17 3.80 -27.44 -6.94
N LEU A 18 4.94 -28.07 -7.01
CA LEU A 18 5.03 -29.49 -6.57
C LEU A 18 4.48 -29.62 -5.12
N TRP A 19 5.01 -28.88 -4.18
CA TRP A 19 4.48 -29.04 -2.78
C TRP A 19 3.09 -28.41 -2.66
N LEU A 20 2.86 -27.31 -3.30
CA LEU A 20 1.52 -26.66 -3.23
C LEU A 20 0.53 -27.58 -3.97
N ASP A 21 0.94 -28.16 -5.06
CA ASP A 21 0.04 -29.08 -5.81
C ASP A 21 -0.01 -30.43 -5.09
N ASN A 22 -0.08 -30.41 -3.80
CA ASN A 22 -0.13 -31.67 -3.02
C ASN A 22 -1.55 -32.24 -3.05
N THR A 23 -1.68 -33.50 -3.33
CA THR A 23 -3.04 -34.11 -3.41
C THR A 23 -3.74 -34.07 -2.04
N GLU A 24 -3.13 -33.52 -1.02
CA GLU A 24 -3.78 -33.48 0.35
C GLU A 24 -4.13 -32.02 0.71
N ASN A 25 -3.35 -31.08 0.30
CA ASN A 25 -3.65 -29.65 0.65
C ASN A 25 -3.84 -29.52 2.16
N ASP A 26 -2.76 -29.53 2.90
CA ASP A 26 -2.86 -29.39 4.38
C ASP A 26 -1.63 -28.67 4.91
N LEU A 27 -0.48 -29.02 4.40
CA LEU A 27 0.78 -28.35 4.79
C LEU A 27 1.08 -27.33 3.71
N ASN A 28 0.18 -27.22 2.77
CA ASN A 28 0.37 -26.27 1.65
C ASN A 28 0.09 -24.85 2.14
N GLN A 29 -0.35 -24.69 3.36
CA GLN A 29 -0.61 -23.31 3.85
C GLN A 29 0.70 -22.53 3.89
N GLY A 30 0.69 -21.37 4.49
CA GLY A 30 1.94 -20.54 4.60
C GLY A 30 2.54 -20.72 5.99
N ASP A 31 2.30 -19.78 6.89
CA ASP A 31 2.86 -19.89 8.27
C ASP A 31 1.74 -19.76 9.29
N ASP A 32 2.02 -20.06 10.53
CA ASP A 32 1.01 -19.94 11.60
C ASP A 32 0.84 -18.46 11.93
N HIS A 33 1.71 -17.65 11.41
CA HIS A 33 1.61 -16.19 11.66
C HIS A 33 0.46 -15.64 10.84
N GLY A 34 -0.22 -16.49 10.10
CA GLY A 34 -1.38 -16.01 9.30
C GLY A 34 -0.93 -15.69 7.87
N PHE A 35 -0.03 -16.45 7.31
CA PHE A 35 0.43 -16.21 5.92
C PHE A 35 -0.12 -17.33 5.04
N SER A 36 -0.67 -16.99 3.89
CA SER A 36 -1.24 -18.04 2.98
C SER A 36 -0.26 -18.24 1.79
N PRO A 37 -0.47 -19.28 1.00
CA PRO A 37 0.39 -19.51 -0.16
C PRO A 37 0.30 -18.31 -1.11
N LEU A 38 -0.90 -17.87 -1.39
CA LEU A 38 -1.08 -16.70 -2.30
C LEU A 38 -0.41 -15.46 -1.69
N HIS A 39 -0.40 -15.37 -0.39
CA HIS A 39 0.24 -14.21 0.28
C HIS A 39 1.69 -14.14 -0.15
N TRP A 40 2.44 -15.14 0.18
CA TRP A 40 3.88 -15.16 -0.20
C TRP A 40 4.02 -15.01 -1.71
N ALA A 41 3.23 -15.74 -2.44
CA ALA A 41 3.31 -15.67 -3.92
C ALA A 41 3.08 -14.23 -4.40
N CYS A 42 2.00 -13.62 -3.99
CA CYS A 42 1.72 -12.23 -4.43
C CYS A 42 2.96 -11.36 -4.16
N ARG A 43 3.70 -11.67 -3.13
CA ARG A 43 4.92 -10.87 -2.81
C ARG A 43 6.07 -11.32 -3.71
N GLU A 44 6.26 -12.59 -3.87
CA GLU A 44 7.38 -13.09 -4.73
C GLU A 44 7.19 -12.60 -6.18
N GLY A 45 6.11 -12.98 -6.83
CA GLY A 45 5.87 -12.52 -8.24
C GLY A 45 5.60 -13.72 -9.15
N ARG A 46 5.51 -14.91 -8.60
CA ARG A 46 5.24 -16.09 -9.46
C ARG A 46 3.80 -16.01 -10.01
N SER A 47 3.51 -14.92 -10.69
CA SER A 47 2.14 -14.69 -11.26
C SER A 47 1.50 -16.00 -11.72
N ALA A 48 2.24 -16.89 -12.31
CA ALA A 48 1.61 -18.17 -12.76
C ALA A 48 0.88 -18.81 -11.59
N VAL A 49 1.58 -19.59 -10.80
CA VAL A 49 0.94 -20.30 -9.65
C VAL A 49 -0.13 -19.41 -8.97
N VAL A 50 0.12 -18.13 -8.85
CA VAL A 50 -0.89 -17.23 -8.20
C VAL A 50 -2.25 -17.40 -8.88
N GLU A 51 -2.28 -17.16 -10.15
CA GLU A 51 -3.54 -17.29 -10.94
C GLU A 51 -4.15 -18.67 -10.74
N MET A 52 -3.40 -19.68 -10.99
CA MET A 52 -3.90 -21.08 -10.84
C MET A 52 -4.22 -21.37 -9.37
N LEU A 53 -3.68 -20.62 -8.47
CA LEU A 53 -3.95 -20.84 -7.03
C LEU A 53 -5.27 -20.15 -6.65
N ILE A 54 -5.44 -18.91 -7.03
CA ILE A 54 -6.70 -18.18 -6.69
C ILE A 54 -7.89 -19.12 -6.87
N MET A 55 -7.75 -20.08 -7.75
CA MET A 55 -8.85 -21.04 -8.00
C MET A 55 -8.77 -22.20 -7.01
N ARG A 56 -7.59 -22.54 -6.56
CA ARG A 56 -7.50 -23.67 -5.59
C ARG A 56 -8.40 -23.35 -4.40
N GLY A 57 -8.58 -22.09 -4.11
CA GLY A 57 -9.47 -21.69 -2.98
C GLY A 57 -8.86 -20.51 -2.23
N ALA A 58 -7.71 -20.04 -2.62
CA ALA A 58 -7.10 -18.89 -1.90
C ALA A 58 -8.05 -17.71 -1.95
N ARG A 59 -8.76 -17.49 -0.89
CA ARG A 59 -9.72 -16.36 -0.83
C ARG A 59 -8.99 -15.03 -0.98
N ILE A 60 -9.59 -14.07 -1.62
CA ILE A 60 -8.95 -12.74 -1.79
C ILE A 60 -9.36 -11.86 -0.61
N ASN A 61 -10.17 -12.38 0.29
CA ASN A 61 -10.61 -11.57 1.46
C ASN A 61 -9.74 -11.89 2.67
N VAL A 62 -8.89 -12.87 2.55
CA VAL A 62 -8.00 -13.25 3.68
C VAL A 62 -7.03 -12.09 3.95
N MET A 63 -6.30 -12.16 5.03
CA MET A 63 -5.33 -11.08 5.35
C MET A 63 -4.29 -11.59 6.34
N ASN A 64 -3.14 -10.98 6.36
CA ASN A 64 -2.07 -11.44 7.30
C ASN A 64 -2.37 -10.90 8.69
N ARG A 65 -1.65 -11.35 9.68
CA ARG A 65 -1.89 -10.86 11.07
C ARG A 65 -1.96 -9.32 11.03
N GLY A 66 -1.18 -8.70 10.20
CA GLY A 66 -1.23 -7.21 10.11
C GLY A 66 -2.47 -6.82 9.28
N ASP A 67 -3.50 -7.62 9.36
CA ASP A 67 -4.77 -7.33 8.61
C ASP A 67 -4.47 -6.68 7.25
N ASP A 68 -3.71 -7.35 6.42
CA ASP A 68 -3.36 -6.79 5.08
C ASP A 68 -3.90 -7.76 4.05
N THR A 69 -4.90 -7.35 3.32
CA THR A 69 -5.48 -8.28 2.34
C THR A 69 -4.55 -8.28 1.10
N PRO A 70 -4.49 -9.38 0.37
CA PRO A 70 -3.63 -9.44 -0.81
C PRO A 70 -3.97 -8.29 -1.78
N LEU A 71 -5.21 -7.86 -1.83
CA LEU A 71 -5.54 -6.75 -2.77
C LEU A 71 -4.63 -5.58 -2.46
N HIS A 72 -4.49 -5.28 -1.21
CA HIS A 72 -3.56 -4.19 -0.81
C HIS A 72 -2.18 -4.55 -1.35
N LEU A 73 -1.59 -5.57 -0.81
CA LEU A 73 -0.23 -5.99 -1.24
C LEU A 73 -0.16 -6.07 -2.78
N ALA A 74 -1.15 -6.66 -3.39
CA ALA A 74 -1.14 -6.79 -4.87
C ALA A 74 -0.99 -5.41 -5.53
N ALA A 75 -1.85 -4.49 -5.20
CA ALA A 75 -1.76 -3.13 -5.82
C ALA A 75 -0.44 -2.47 -5.42
N SER A 76 0.13 -2.86 -4.31
CA SER A 76 1.41 -2.25 -3.87
C SER A 76 2.57 -2.83 -4.65
N HIS A 77 2.38 -3.94 -5.30
CA HIS A 77 3.49 -4.55 -6.09
C HIS A 77 3.73 -3.72 -7.35
N GLY A 78 2.73 -3.60 -8.20
CA GLY A 78 2.88 -2.80 -9.46
C GLY A 78 2.34 -3.60 -10.64
N HIS A 79 2.29 -4.90 -10.55
CA HIS A 79 1.77 -5.71 -11.68
C HIS A 79 0.26 -5.48 -11.82
N ARG A 80 -0.12 -4.50 -12.60
CA ARG A 80 -1.58 -4.21 -12.77
C ARG A 80 -2.33 -5.50 -13.07
N ASP A 81 -1.72 -6.43 -13.75
CA ASP A 81 -2.44 -7.71 -14.06
C ASP A 81 -2.95 -8.35 -12.78
N ILE A 82 -2.08 -8.66 -11.86
CA ILE A 82 -2.53 -9.29 -10.59
C ILE A 82 -3.67 -8.47 -9.98
N VAL A 83 -3.63 -7.17 -10.12
CA VAL A 83 -4.70 -6.32 -9.55
C VAL A 83 -6.03 -6.62 -10.26
N GLN A 84 -6.07 -6.46 -11.56
CA GLN A 84 -7.32 -6.72 -12.31
C GLN A 84 -7.96 -8.03 -11.84
N LYS A 85 -7.19 -9.07 -11.70
CA LYS A 85 -7.76 -10.38 -11.25
C LYS A 85 -8.44 -10.23 -9.90
N LEU A 86 -7.73 -9.77 -8.90
CA LEU A 86 -8.35 -9.61 -7.55
C LEU A 86 -9.33 -8.44 -7.57
N LEU A 87 -9.05 -7.44 -8.36
CA LEU A 87 -9.95 -6.26 -8.43
C LEU A 87 -11.22 -6.61 -9.20
N GLN A 88 -11.19 -7.67 -9.98
CA GLN A 88 -12.39 -8.07 -10.77
C GLN A 88 -13.15 -9.19 -10.05
N TYR A 89 -12.44 -10.10 -9.47
CA TYR A 89 -13.11 -11.24 -8.79
C TYR A 89 -14.07 -10.72 -7.70
N LYS A 90 -13.56 -10.16 -6.64
CA LYS A 90 -14.45 -9.66 -5.53
C LYS A 90 -14.35 -8.14 -5.41
N ALA A 91 -13.42 -7.53 -6.09
CA ALA A 91 -13.30 -6.06 -6.03
C ALA A 91 -13.27 -5.59 -4.57
N ASP A 92 -12.40 -6.14 -3.76
CA ASP A 92 -12.33 -5.70 -2.34
C ASP A 92 -11.86 -4.24 -2.29
N ILE A 93 -11.83 -3.59 -3.43
CA ILE A 93 -11.43 -2.16 -3.48
C ILE A 93 -12.57 -1.33 -2.86
N ASN A 94 -13.78 -1.78 -3.02
CA ASN A 94 -14.93 -1.04 -2.44
C ASN A 94 -15.05 -1.39 -0.97
N ALA A 95 -14.22 -2.29 -0.50
CA ALA A 95 -14.26 -2.69 0.95
C ALA A 95 -12.86 -2.52 1.53
N VAL A 96 -12.62 -1.40 2.16
CA VAL A 96 -11.27 -1.14 2.75
C VAL A 96 -11.03 -2.14 3.91
N ASN A 97 -9.87 -2.13 4.51
CA ASN A 97 -9.62 -3.05 5.66
C ASN A 97 -10.06 -2.37 6.96
N GLU A 98 -9.39 -2.61 8.07
CA GLU A 98 -9.80 -1.99 9.37
C GLU A 98 -9.01 -0.70 9.63
N HIS A 99 -7.98 -0.43 8.87
CA HIS A 99 -7.20 0.83 9.07
C HIS A 99 -7.70 1.82 8.02
N GLY A 100 -8.78 1.49 7.39
CA GLY A 100 -9.38 2.37 6.37
C GLY A 100 -8.35 2.68 5.27
N ASN A 101 -7.32 1.89 5.13
CA ASN A 101 -6.32 2.17 4.05
C ASN A 101 -6.77 1.50 2.75
N VAL A 102 -7.06 2.29 1.75
CA VAL A 102 -7.50 1.74 0.43
C VAL A 102 -6.25 1.54 -0.44
N PRO A 103 -6.16 0.46 -1.19
CA PRO A 103 -4.98 0.25 -2.05
C PRO A 103 -4.72 1.52 -2.90
N LEU A 104 -5.75 2.28 -3.17
CA LEU A 104 -5.56 3.51 -3.98
C LEU A 104 -4.64 4.46 -3.21
N HIS A 105 -4.95 4.71 -1.96
CA HIS A 105 -4.08 5.59 -1.14
C HIS A 105 -2.63 5.15 -1.31
N TYR A 106 -2.38 3.92 -1.01
CA TYR A 106 -1.00 3.36 -1.11
C TYR A 106 -0.51 3.44 -2.57
N ALA A 107 -1.34 3.11 -3.51
CA ALA A 107 -0.91 3.16 -4.94
C ALA A 107 -0.36 4.55 -5.29
N CYS A 108 -0.86 5.57 -4.64
CA CYS A 108 -0.36 6.95 -4.95
C CYS A 108 0.95 7.21 -4.21
N PHE A 109 1.09 6.72 -3.01
CA PHE A 109 2.37 6.93 -2.27
C PHE A 109 3.49 6.25 -3.05
N TRP A 110 3.12 5.34 -3.91
CA TRP A 110 4.13 4.63 -4.75
C TRP A 110 4.42 5.50 -5.98
N GLY A 111 3.41 5.83 -6.74
CA GLY A 111 3.62 6.70 -7.95
C GLY A 111 3.00 6.03 -9.18
N GLN A 112 2.22 5.00 -8.99
CA GLN A 112 1.57 4.33 -10.15
C GLN A 112 0.31 5.09 -10.53
N ASP A 113 0.44 6.15 -11.29
CA ASP A 113 -0.75 6.96 -11.67
C ASP A 113 -1.75 6.12 -12.47
N GLN A 114 -1.29 5.27 -13.35
CA GLN A 114 -2.25 4.45 -14.14
C GLN A 114 -3.32 3.83 -13.23
N VAL A 115 -2.91 2.99 -12.31
CA VAL A 115 -3.91 2.34 -11.41
C VAL A 115 -4.69 3.42 -10.64
N ALA A 116 -4.02 4.46 -10.24
CA ALA A 116 -4.70 5.54 -9.48
C ALA A 116 -5.90 6.04 -10.29
N GLU A 117 -5.73 6.09 -11.57
CA GLU A 117 -6.83 6.56 -12.46
C GLU A 117 -7.89 5.47 -12.61
N ASP A 118 -7.48 4.28 -12.97
CA ASP A 118 -8.46 3.17 -13.15
C ASP A 118 -9.21 2.90 -11.85
N LEU A 119 -8.62 3.23 -10.74
CA LEU A 119 -9.32 2.99 -9.43
C LEU A 119 -10.38 4.07 -9.19
N VAL A 120 -9.99 5.31 -9.22
CA VAL A 120 -10.98 6.41 -8.99
C VAL A 120 -11.96 6.43 -10.17
N ALA A 121 -11.59 5.80 -11.25
CA ALA A 121 -12.48 5.76 -12.44
C ALA A 121 -13.45 4.59 -12.33
N ASN A 122 -13.50 3.94 -11.19
CA ASN A 122 -14.45 2.80 -11.00
C ASN A 122 -15.48 3.22 -9.97
N GLY A 123 -15.11 4.11 -9.08
CA GLY A 123 -16.06 4.58 -8.02
C GLY A 123 -15.28 4.82 -6.73
N ALA A 124 -14.07 4.33 -6.67
CA ALA A 124 -13.26 4.52 -5.44
C ALA A 124 -13.27 5.98 -5.01
N LEU A 125 -13.51 6.87 -5.94
CA LEU A 125 -13.53 8.32 -5.59
C LEU A 125 -12.14 8.73 -5.11
N VAL A 126 -11.76 9.97 -5.30
CA VAL A 126 -10.42 10.44 -4.84
C VAL A 126 -10.57 11.11 -3.48
N SER A 127 -11.68 11.75 -3.25
CA SER A 127 -11.91 12.46 -1.96
C SER A 127 -12.58 11.51 -0.95
N ILE A 128 -12.10 10.31 -0.84
CA ILE A 128 -12.73 9.36 0.13
C ILE A 128 -12.55 9.91 1.54
N CYS A 129 -11.33 10.18 1.94
CA CYS A 129 -11.03 10.73 3.30
C CYS A 129 -10.84 9.56 4.26
N ASN A 130 -9.65 9.01 4.32
CA ASN A 130 -9.41 7.86 5.21
C ASN A 130 -9.80 8.22 6.64
N LYS A 131 -9.43 7.38 7.55
CA LYS A 131 -9.75 7.61 9.00
C LYS A 131 -9.01 8.86 9.47
N TYR A 132 -7.99 9.27 8.77
CA TYR A 132 -7.23 10.50 9.15
C TYR A 132 -7.15 11.38 7.90
N GLY A 133 -8.14 11.24 7.07
CA GLY A 133 -8.21 12.03 5.82
C GLY A 133 -6.99 11.77 4.97
N GLU A 134 -6.25 10.74 5.26
CA GLU A 134 -5.05 10.48 4.42
C GLU A 134 -5.49 10.43 2.95
N MET A 135 -5.17 11.46 2.21
CA MET A 135 -5.58 11.53 0.77
C MET A 135 -4.32 11.67 -0.12
N PRO A 136 -4.39 11.16 -1.35
CA PRO A 136 -3.23 11.25 -2.26
C PRO A 136 -2.75 12.70 -2.45
N VAL A 137 -3.63 13.66 -2.35
CA VAL A 137 -3.20 15.07 -2.53
C VAL A 137 -1.95 15.36 -1.70
N ASP A 138 -1.91 14.87 -0.48
CA ASP A 138 -0.72 15.12 0.38
C ASP A 138 0.34 14.07 0.09
N LYS A 139 -0.04 12.82 0.12
CA LYS A 139 0.96 11.76 -0.16
C LYS A 139 1.50 11.96 -1.58
N ALA A 140 0.83 12.77 -2.36
CA ALA A 140 1.32 13.04 -3.75
C ALA A 140 2.15 14.32 -3.74
N LYS A 141 1.82 15.22 -2.88
CA LYS A 141 2.59 16.48 -2.76
C LYS A 141 3.96 16.16 -2.16
N ALA A 142 4.11 14.97 -1.63
CA ALA A 142 5.42 14.57 -1.03
C ALA A 142 6.43 14.24 -2.14
N PRO A 143 6.17 13.21 -2.94
CA PRO A 143 7.09 12.85 -4.03
C PRO A 143 7.44 14.10 -4.86
N LEU A 144 6.43 14.82 -5.31
CA LEU A 144 6.60 16.08 -6.11
C LEU A 144 5.56 16.11 -7.25
N ARG A 145 4.63 15.19 -7.26
CA ARG A 145 3.63 15.18 -8.37
C ARG A 145 3.03 16.58 -8.52
N GLU A 146 2.04 16.90 -7.71
CA GLU A 146 1.36 18.23 -7.80
C GLU A 146 0.61 18.34 -9.13
N LEU A 147 0.86 17.42 -10.02
CA LEU A 147 0.18 17.44 -11.34
C LEU A 147 -1.23 16.87 -11.19
N LEU A 148 -1.37 15.79 -10.49
CA LEU A 148 -2.71 15.22 -10.29
C LEU A 148 -3.46 16.14 -9.33
N ARG A 149 -2.74 16.93 -8.58
CA ARG A 149 -3.40 17.84 -7.61
C ARG A 149 -4.19 18.88 -8.39
N GLU A 150 -3.56 19.56 -9.31
CA GLU A 150 -4.30 20.59 -10.07
C GLU A 150 -5.41 19.90 -10.88
N ARG A 151 -5.19 18.71 -11.36
CA ARG A 151 -6.29 18.03 -12.11
C ARG A 151 -7.36 17.64 -11.10
N ALA A 152 -6.96 17.04 -10.04
CA ALA A 152 -7.94 16.61 -9.01
C ALA A 152 -8.71 17.82 -8.47
N GLU A 153 -8.04 18.91 -8.18
CA GLU A 153 -8.76 20.08 -7.61
C GLU A 153 -9.63 20.75 -8.68
N LYS A 154 -9.25 20.68 -9.91
CA LYS A 154 -10.07 21.33 -10.98
C LYS A 154 -11.08 20.32 -11.51
N MET A 155 -11.23 19.21 -10.83
CA MET A 155 -12.22 18.19 -11.28
C MET A 155 -13.59 18.58 -10.76
N GLY A 156 -13.62 19.49 -9.83
CA GLY A 156 -14.92 19.97 -9.25
C GLY A 156 -15.08 19.40 -7.84
N GLN A 157 -14.03 19.42 -7.06
CA GLN A 157 -14.09 18.86 -5.67
C GLN A 157 -13.85 19.99 -4.66
N ASN A 158 -12.98 20.92 -4.95
CA ASN A 158 -12.72 22.04 -3.99
C ASN A 158 -13.41 23.31 -4.51
N LEU A 159 -13.38 23.54 -5.79
CA LEU A 159 -14.04 24.74 -6.37
C LEU A 159 -15.42 24.32 -6.90
N ASN A 160 -16.35 24.09 -6.01
CA ASN A 160 -17.71 23.65 -6.43
C ASN A 160 -18.67 24.84 -6.38
N ARG A 161 -19.12 25.30 -7.52
CA ARG A 161 -20.07 26.45 -7.53
C ARG A 161 -21.23 26.13 -6.58
N ILE A 162 -21.92 27.12 -6.10
CA ILE A 162 -23.04 26.86 -5.14
C ILE A 162 -24.07 25.91 -5.80
N PRO A 163 -24.18 24.67 -5.33
CA PRO A 163 -25.15 23.72 -5.94
C PRO A 163 -26.57 24.25 -5.71
N TYR A 164 -27.47 24.00 -6.62
CA TYR A 164 -28.85 24.48 -6.46
C TYR A 164 -29.74 23.70 -7.44
N LYS A 165 -30.20 24.31 -8.50
CA LYS A 165 -31.06 23.59 -9.48
C LYS A 165 -32.13 22.78 -8.72
N ASP A 166 -32.89 23.43 -7.89
CA ASP A 166 -33.95 22.70 -7.13
C ASP A 166 -35.00 23.69 -6.62
N THR A 167 -34.80 24.26 -5.47
CA THR A 167 -35.79 25.22 -4.93
C THR A 167 -35.19 25.96 -3.73
N PHE A 168 -34.03 26.55 -3.88
CA PHE A 168 -33.40 27.30 -2.74
C PHE A 168 -33.17 28.74 -3.15
N TRP A 169 -34.19 29.48 -3.11
CA TRP A 169 -34.15 30.89 -3.52
C TRP A 169 -35.30 31.63 -2.88
N LYS A 170 -36.39 31.70 -3.57
CA LYS A 170 -37.56 32.43 -3.00
C LYS A 170 -38.79 32.22 -3.88
N GLY A 171 -38.59 31.97 -5.15
CA GLY A 171 -39.74 31.76 -6.06
C GLY A 171 -40.45 33.09 -6.32
N MET B 1 20.57 33.10 -4.31
CA MET B 1 19.15 33.47 -4.57
C MET B 1 18.36 33.34 -3.27
N ALA B 2 18.91 33.77 -2.18
CA ALA B 2 18.18 33.68 -0.88
C ALA B 2 17.70 32.24 -0.67
N ASN B 3 16.57 32.07 -0.04
CA ASN B 3 16.05 30.68 0.20
C ASN B 3 15.88 29.97 -1.15
N ALA B 4 16.43 28.80 -1.29
CA ALA B 4 16.28 28.06 -2.57
C ALA B 4 16.61 26.58 -2.34
N LEU B 5 17.87 26.24 -2.33
CA LEU B 5 18.26 24.82 -2.12
C LEU B 5 17.95 24.43 -0.68
N ALA B 6 17.46 25.36 0.11
CA ALA B 6 17.14 25.04 1.53
C ALA B 6 18.34 24.33 2.17
N SER B 7 18.09 23.28 2.91
CA SER B 7 19.22 22.54 3.57
C SER B 7 18.67 21.27 4.20
N ALA B 8 19.45 20.23 4.28
CA ALA B 8 18.94 18.97 4.88
C ALA B 8 17.74 18.48 4.07
N THR B 9 17.57 17.19 3.97
CA THR B 9 16.42 16.62 3.19
C THR B 9 15.84 15.40 3.90
N CYS B 10 14.60 15.09 3.64
CA CYS B 10 13.98 13.92 4.28
C CYS B 10 14.72 12.69 3.88
N GLU B 11 14.86 11.81 4.78
CA GLU B 11 15.55 10.54 4.42
C GLU B 11 14.57 9.66 3.64
N ARG B 12 13.31 10.06 3.64
CA ARG B 12 12.26 9.25 2.91
C ARG B 12 11.65 10.07 1.78
N CYS B 13 11.18 11.24 2.07
CA CYS B 13 10.53 12.07 1.00
C CYS B 13 11.61 12.70 0.15
N LYS B 14 12.82 12.74 0.63
CA LYS B 14 13.88 13.41 -0.15
C LYS B 14 13.41 14.84 -0.33
N GLY B 15 12.78 15.29 0.70
CA GLY B 15 12.25 16.62 0.82
C GLY B 15 13.38 17.41 1.39
N GLY B 16 13.18 18.63 1.44
CA GLY B 16 14.17 19.63 1.87
C GLY B 16 13.54 20.51 2.92
N PHE B 17 13.91 20.31 4.14
CA PHE B 17 13.37 21.13 5.24
C PHE B 17 14.45 22.07 5.76
N ALA B 18 13.98 22.95 6.51
CA ALA B 18 14.74 24.05 7.22
C ALA B 18 14.68 23.41 8.56
N PRO B 19 15.75 22.86 9.00
CA PRO B 19 15.48 21.91 9.99
C PRO B 19 15.37 21.83 11.48
N ALA B 20 14.62 22.77 11.77
CA ALA B 20 14.12 23.07 13.07
C ALA B 20 12.67 23.38 12.74
N GLU B 21 12.26 23.03 11.51
CA GLU B 21 10.85 23.25 11.12
C GLU B 21 10.22 21.94 11.41
N LYS B 22 10.28 21.05 10.48
CA LYS B 22 9.80 19.70 10.79
C LYS B 22 10.63 18.68 10.02
N ILE B 23 11.60 18.35 10.71
CA ILE B 23 12.57 17.30 10.42
C ILE B 23 12.76 16.54 11.72
N VAL B 24 12.92 15.25 11.70
CA VAL B 24 13.14 14.50 12.95
C VAL B 24 14.27 13.51 12.70
N ASN B 25 15.14 13.39 13.64
CA ASN B 25 16.30 12.45 13.51
C ASN B 25 16.08 11.27 14.45
N SER B 26 16.12 10.07 13.92
CA SER B 26 15.96 8.87 14.77
C SER B 26 16.97 7.86 14.29
N ASN B 27 18.03 7.76 15.02
CA ASN B 27 19.14 6.82 14.73
C ASN B 27 20.36 7.60 14.24
N GLY B 28 20.12 8.53 13.36
CA GLY B 28 21.22 9.36 12.81
C GLY B 28 20.84 9.81 11.40
N GLU B 29 19.61 9.56 10.98
CA GLU B 29 19.16 9.97 9.63
C GLU B 29 17.84 10.71 9.81
N LEU B 30 17.57 11.66 8.97
CA LEU B 30 16.41 12.56 9.15
C LEU B 30 15.18 12.05 8.40
N TYR B 31 14.06 12.23 9.03
CA TYR B 31 12.75 11.82 8.46
C TYR B 31 11.70 12.88 8.85
N HIS B 32 10.82 13.27 7.97
CA HIS B 32 9.79 14.23 8.37
C HIS B 32 8.96 13.50 9.39
N GLU B 33 8.37 14.14 10.33
CA GLU B 33 7.44 13.34 11.17
C GLU B 33 6.40 12.79 10.17
N GLN B 34 6.54 13.21 8.92
CA GLN B 34 5.65 12.78 7.80
C GLN B 34 6.22 11.50 7.27
N CYS B 35 7.45 11.26 7.62
CA CYS B 35 8.17 10.09 7.16
C CYS B 35 8.07 9.10 8.32
N PHE B 36 7.61 9.61 9.44
CA PHE B 36 7.33 8.73 10.64
C PHE B 36 5.92 8.20 10.41
N VAL B 37 5.79 7.37 9.45
CA VAL B 37 4.43 6.81 9.11
C VAL B 37 4.53 5.32 8.72
N CYS B 38 3.67 4.51 9.30
CA CYS B 38 3.63 3.06 8.98
C CYS B 38 3.04 2.82 7.59
N ALA B 39 3.57 1.91 6.82
CA ALA B 39 2.99 1.65 5.46
C ALA B 39 1.53 1.17 5.56
N GLN B 40 1.21 0.51 6.63
CA GLN B 40 -0.17 0.01 6.85
C GLN B 40 -0.86 0.99 7.77
N CYS B 41 -0.07 1.38 8.69
CA CYS B 41 -0.39 2.29 9.80
C CYS B 41 0.08 3.71 9.47
N PHE B 42 0.53 4.00 8.19
CA PHE B 42 1.19 5.35 7.70
C PHE B 42 0.42 6.46 8.17
N GLN B 43 -0.08 6.13 9.19
CA GLN B 43 -0.65 7.14 10.04
C GLN B 43 0.55 7.26 10.93
N GLN B 44 0.76 8.37 11.43
CA GLN B 44 1.98 8.58 12.22
C GLN B 44 2.03 7.63 13.40
N PHE B 45 3.21 7.17 13.68
CA PHE B 45 3.44 6.26 14.83
C PHE B 45 3.44 7.11 16.16
N PRO B 46 2.61 6.75 17.12
CA PRO B 46 2.54 7.50 18.41
C PRO B 46 3.87 7.45 19.20
N GLU B 47 4.26 8.59 19.69
CA GLU B 47 5.55 8.84 20.44
C GLU B 47 6.70 8.69 19.49
N GLY B 48 6.32 8.53 18.28
CA GLY B 48 7.27 8.60 17.17
C GLY B 48 8.29 7.43 17.02
N LEU B 49 8.25 6.35 17.79
CA LEU B 49 9.29 5.29 17.53
C LEU B 49 8.69 4.28 16.59
N PHE B 50 9.29 4.18 15.46
CA PHE B 50 8.77 3.27 14.41
C PHE B 50 9.94 2.48 13.70
N TYR B 51 9.64 1.38 12.95
CA TYR B 51 10.71 0.73 12.13
C TYR B 51 10.18 0.27 10.75
N GLU B 52 10.80 0.76 9.72
CA GLU B 52 10.55 0.34 8.30
C GLU B 52 11.56 -0.72 7.87
N PHE B 53 11.21 -1.75 7.14
CA PHE B 53 12.20 -2.78 6.73
C PHE B 53 11.97 -3.12 5.25
N GLU B 54 13.04 -3.30 4.56
CA GLU B 54 13.04 -3.62 3.10
C GLU B 54 12.18 -2.68 2.23
N GLY B 55 12.26 -1.42 2.49
CA GLY B 55 11.57 -0.40 1.66
C GLY B 55 10.21 -0.07 2.19
N ARG B 56 9.62 -0.93 2.94
CA ARG B 56 8.25 -0.69 3.41
C ARG B 56 8.27 -0.34 4.88
N LYS B 57 7.26 0.34 5.35
CA LYS B 57 7.26 0.82 6.75
C LYS B 57 6.27 0.08 7.66
N TYR B 58 6.74 -0.31 8.85
CA TYR B 58 5.85 -0.97 9.88
C TYR B 58 6.12 -0.45 11.30
N CYS B 59 5.14 -0.42 12.18
CA CYS B 59 5.45 -0.01 13.58
C CYS B 59 6.44 -1.06 14.04
N GLU B 60 7.13 -0.85 15.11
CA GLU B 60 8.05 -1.89 15.52
C GLU B 60 7.28 -3.17 15.68
N HIS B 61 6.12 -2.99 16.22
CA HIS B 61 5.24 -4.12 16.49
C HIS B 61 5.06 -4.92 15.24
N ASP B 62 4.63 -4.29 14.19
CA ASP B 62 4.42 -5.07 12.97
C ASP B 62 5.73 -5.44 12.34
N PHE B 63 6.69 -4.61 12.47
CA PHE B 63 8.00 -4.95 11.88
C PHE B 63 8.48 -6.19 12.58
N GLN B 64 8.27 -6.25 13.83
CA GLN B 64 8.79 -7.43 14.54
C GLN B 64 8.11 -8.68 14.11
N MET B 65 6.84 -8.67 13.92
CA MET B 65 6.19 -9.98 13.59
C MET B 65 6.68 -10.49 12.25
N LEU B 66 6.98 -9.64 11.31
CA LEU B 66 7.51 -10.21 10.05
C LEU B 66 8.87 -10.75 10.40
N PHE B 67 9.60 -9.98 11.15
CA PHE B 67 10.98 -10.38 11.53
C PHE B 67 10.98 -11.44 12.63
N ALA B 68 9.88 -11.65 13.32
CA ALA B 68 9.88 -12.69 14.40
C ALA B 68 10.58 -13.98 13.94
N PRO B 69 10.08 -14.64 12.90
CA PRO B 69 10.71 -15.88 12.42
C PRO B 69 12.20 -15.62 12.13
N CYS B 70 12.94 -16.65 11.84
CA CYS B 70 14.39 -16.48 11.56
C CYS B 70 15.04 -15.67 12.69
ZN ZN C . 9.93 13.42 4.16
ZN ZN D . 2.75 -0.25 11.97
N MET A 1 17.14 -18.63 5.40
CA MET A 1 17.29 -20.11 5.30
C MET A 1 16.10 -20.79 5.98
N ASP A 2 15.12 -21.21 5.22
CA ASP A 2 13.94 -21.87 5.83
C ASP A 2 13.25 -22.76 4.78
N ASP A 3 13.72 -23.97 4.64
CA ASP A 3 13.09 -24.90 3.66
C ASP A 3 13.11 -24.29 2.25
N ILE A 4 12.38 -24.90 1.35
CA ILE A 4 12.33 -24.38 -0.05
C ILE A 4 11.61 -23.04 -0.05
N PHE A 5 10.88 -22.75 0.98
CA PHE A 5 10.17 -21.48 1.06
C PHE A 5 11.24 -20.36 0.88
N THR A 6 12.36 -20.53 1.52
CA THR A 6 13.45 -19.51 1.37
C THR A 6 14.13 -19.69 0.02
N GLN A 7 14.42 -20.91 -0.32
CA GLN A 7 15.09 -21.16 -1.63
C GLN A 7 14.06 -20.97 -2.75
N CYS A 8 12.84 -20.69 -2.41
CA CYS A 8 11.79 -20.49 -3.45
C CYS A 8 11.83 -19.03 -3.92
N ARG A 9 11.76 -18.10 -3.01
CA ARG A 9 11.80 -16.66 -3.44
C ARG A 9 13.18 -16.34 -4.01
N GLU A 10 14.05 -17.30 -4.00
CA GLU A 10 15.43 -17.08 -4.52
C GLU A 10 15.39 -17.04 -6.05
N GLY A 11 14.21 -17.06 -6.62
CA GLY A 11 14.10 -17.03 -8.11
C GLY A 11 14.03 -18.45 -8.63
N ASN A 12 14.00 -19.41 -7.74
CA ASN A 12 13.91 -20.82 -8.17
C ASN A 12 12.47 -21.11 -8.57
N ALA A 13 11.93 -20.30 -9.44
CA ALA A 13 10.52 -20.49 -9.91
C ALA A 13 10.29 -21.98 -10.17
N VAL A 14 11.35 -22.68 -10.44
CA VAL A 14 11.21 -24.15 -10.70
C VAL A 14 10.95 -24.88 -9.39
N ALA A 15 11.50 -24.42 -8.30
CA ALA A 15 11.29 -25.13 -7.02
C ALA A 15 9.92 -24.80 -6.49
N VAL A 16 9.51 -23.57 -6.64
CA VAL A 16 8.20 -23.17 -6.11
C VAL A 16 7.09 -23.97 -6.81
N ARG A 17 7.22 -24.21 -8.09
CA ARG A 17 6.16 -25.00 -8.78
C ARG A 17 6.29 -26.46 -8.35
N LEU A 18 7.49 -26.93 -8.13
CA LEU A 18 7.67 -28.35 -7.73
C LEU A 18 6.71 -28.67 -6.56
N TRP A 19 6.71 -27.87 -5.52
CA TRP A 19 5.80 -28.19 -4.37
C TRP A 19 4.36 -27.80 -4.71
N LEU A 20 4.17 -26.84 -5.57
CA LEU A 20 2.78 -26.45 -5.94
C LEU A 20 2.08 -27.64 -6.60
N ASP A 21 2.82 -28.42 -7.36
CA ASP A 21 2.21 -29.61 -8.02
C ASP A 21 2.31 -30.82 -7.09
N ASN A 22 2.19 -30.59 -5.82
CA ASN A 22 2.27 -31.72 -4.84
C ASN A 22 1.23 -32.78 -5.18
N THR A 23 1.67 -33.96 -5.51
CA THR A 23 0.69 -35.05 -5.83
C THR A 23 0.02 -35.49 -4.53
N GLU A 24 0.41 -34.91 -3.43
CA GLU A 24 -0.19 -35.27 -2.10
C GLU A 24 -1.04 -34.10 -1.60
N ASN A 25 -0.87 -32.95 -2.17
CA ASN A 25 -1.66 -31.76 -1.75
C ASN A 25 -1.53 -31.55 -0.25
N ASP A 26 -0.44 -30.94 0.16
CA ASP A 26 -0.23 -30.66 1.61
C ASP A 26 0.76 -29.53 1.73
N LEU A 27 1.79 -29.58 0.95
CA LEU A 27 2.82 -28.50 0.97
C LEU A 27 2.09 -27.16 0.82
N ASN A 28 0.82 -27.20 0.48
CA ASN A 28 0.04 -25.94 0.36
C ASN A 28 -0.40 -25.52 1.76
N GLN A 29 0.34 -25.97 2.74
CA GLN A 29 0.02 -25.61 4.15
C GLN A 29 0.45 -24.15 4.36
N GLY A 30 -0.22 -23.44 5.24
CA GLY A 30 0.16 -22.02 5.49
C GLY A 30 0.95 -21.91 6.80
N ASP A 31 0.45 -21.16 7.74
CA ASP A 31 1.13 -21.03 9.06
C ASP A 31 0.08 -21.11 10.16
N ASP A 32 0.48 -21.24 11.39
CA ASP A 32 -0.51 -21.30 12.49
C ASP A 32 -0.99 -19.88 12.78
N HIS A 33 -0.32 -18.91 12.22
CA HIS A 33 -0.69 -17.48 12.43
C HIS A 33 -1.73 -17.07 11.38
N GLY A 34 -2.00 -17.94 10.42
CA GLY A 34 -3.03 -17.64 9.38
C GLY A 34 -2.38 -17.20 8.06
N PHE A 35 -1.09 -17.33 7.91
CA PHE A 35 -0.46 -16.92 6.61
C PHE A 35 -0.61 -18.06 5.61
N SER A 36 -1.17 -17.80 4.45
CA SER A 36 -1.34 -18.90 3.43
C SER A 36 -0.21 -18.79 2.39
N PRO A 37 -0.05 -19.80 1.56
CA PRO A 37 0.98 -19.75 0.51
C PRO A 37 0.71 -18.51 -0.37
N LEU A 38 -0.54 -18.26 -0.65
CA LEU A 38 -0.90 -17.08 -1.48
C LEU A 38 -0.26 -15.82 -0.89
N HIS A 39 -0.28 -15.72 0.40
CA HIS A 39 0.34 -14.53 1.06
C HIS A 39 1.82 -14.49 0.72
N TRP A 40 2.53 -15.48 1.17
CA TRP A 40 4.00 -15.54 0.88
C TRP A 40 4.21 -15.27 -0.61
N ALA A 41 3.43 -15.92 -1.42
CA ALA A 41 3.59 -15.75 -2.89
C ALA A 41 3.58 -14.26 -3.29
N CYS A 42 2.50 -13.57 -3.05
CA CYS A 42 2.43 -12.13 -3.40
C CYS A 42 3.72 -11.43 -2.95
N ARG A 43 4.30 -11.90 -1.88
CA ARG A 43 5.56 -11.28 -1.38
C ARG A 43 6.68 -11.41 -2.43
N GLU A 44 7.07 -12.61 -2.75
CA GLU A 44 8.16 -12.80 -3.77
C GLU A 44 7.81 -12.04 -5.05
N GLY A 45 6.64 -12.24 -5.60
CA GLY A 45 6.25 -11.52 -6.86
C GLY A 45 6.10 -12.51 -8.02
N ARG A 46 6.19 -13.78 -7.77
CA ARG A 46 6.04 -14.77 -8.88
C ARG A 46 4.60 -14.73 -9.41
N SER A 47 4.18 -13.60 -9.91
CA SER A 47 2.78 -13.43 -10.44
C SER A 47 2.23 -14.71 -11.07
N ALA A 48 2.99 -15.38 -11.88
CA ALA A 48 2.47 -16.62 -12.52
C ALA A 48 1.97 -17.60 -11.44
N VAL A 49 2.86 -18.31 -10.83
CA VAL A 49 2.46 -19.33 -9.81
C VAL A 49 1.31 -18.85 -8.90
N VAL A 50 1.32 -17.62 -8.44
CA VAL A 50 0.21 -17.17 -7.54
C VAL A 50 -1.10 -17.10 -8.31
N GLU A 51 -1.06 -16.60 -9.50
CA GLU A 51 -2.28 -16.51 -10.33
C GLU A 51 -2.98 -17.87 -10.38
N MET A 52 -2.23 -18.89 -10.57
CA MET A 52 -2.83 -20.26 -10.64
C MET A 52 -3.42 -20.62 -9.28
N LEU A 53 -2.73 -20.29 -8.22
CA LEU A 53 -3.23 -20.61 -6.85
C LEU A 53 -4.65 -20.04 -6.69
N ILE A 54 -4.84 -18.78 -6.98
CA ILE A 54 -6.20 -18.17 -6.83
C ILE A 54 -7.25 -19.11 -7.44
N MET A 55 -7.02 -19.59 -8.63
CA MET A 55 -8.01 -20.48 -9.29
C MET A 55 -7.90 -21.89 -8.72
N ARG A 56 -6.73 -22.27 -8.25
CA ARG A 56 -6.56 -23.65 -7.70
C ARG A 56 -7.66 -23.92 -6.68
N GLY A 57 -7.97 -22.96 -5.86
CA GLY A 57 -9.04 -23.19 -4.86
C GLY A 57 -8.87 -22.27 -3.65
N ALA A 58 -8.15 -21.19 -3.77
CA ALA A 58 -8.00 -20.27 -2.62
C ALA A 58 -9.18 -19.30 -2.65
N ARG A 59 -9.56 -18.71 -1.55
CA ARG A 59 -10.73 -17.78 -1.57
C ARG A 59 -10.26 -16.35 -1.81
N ILE A 60 -11.11 -15.53 -2.36
CA ILE A 60 -10.74 -14.11 -2.60
C ILE A 60 -11.13 -13.30 -1.35
N ASN A 61 -11.86 -13.92 -0.45
CA ASN A 61 -12.32 -13.23 0.80
C ASN A 61 -11.59 -13.83 2.01
N VAL A 62 -10.29 -13.82 1.99
CA VAL A 62 -9.49 -14.34 3.15
C VAL A 62 -8.63 -13.18 3.71
N MET A 63 -8.35 -13.18 4.98
CA MET A 63 -7.54 -12.08 5.58
C MET A 63 -6.53 -12.66 6.58
N ASN A 64 -5.32 -12.20 6.57
CA ASN A 64 -4.31 -12.74 7.52
C ASN A 64 -4.48 -12.06 8.88
N ARG A 65 -3.88 -12.59 9.90
CA ARG A 65 -4.00 -11.96 11.24
C ARG A 65 -3.54 -10.50 11.16
N GLY A 66 -2.59 -10.24 10.30
CA GLY A 66 -2.06 -8.85 10.18
C GLY A 66 -2.99 -8.02 9.29
N ASP A 67 -4.27 -8.31 9.30
CA ASP A 67 -5.23 -7.54 8.47
C ASP A 67 -4.65 -7.32 7.07
N ASP A 68 -4.83 -8.29 6.22
CA ASP A 68 -4.31 -8.16 4.84
C ASP A 68 -5.13 -9.06 3.92
N THR A 69 -6.04 -8.48 3.18
CA THR A 69 -6.85 -9.28 2.23
C THR A 69 -6.06 -9.31 0.93
N PRO A 70 -6.33 -10.26 0.07
CA PRO A 70 -5.59 -10.38 -1.18
C PRO A 70 -5.45 -9.02 -1.88
N LEU A 71 -6.52 -8.29 -2.04
CA LEU A 71 -6.41 -6.97 -2.75
C LEU A 71 -5.26 -6.17 -2.14
N HIS A 72 -5.29 -5.97 -0.86
CA HIS A 72 -4.21 -5.19 -0.22
C HIS A 72 -2.85 -5.77 -0.62
N LEU A 73 -2.51 -6.93 -0.12
CA LEU A 73 -1.16 -7.50 -0.42
C LEU A 73 -0.97 -7.66 -1.93
N ALA A 74 -1.97 -8.06 -2.64
CA ALA A 74 -1.83 -8.21 -4.12
C ALA A 74 -1.55 -6.84 -4.73
N ALA A 75 -2.33 -5.86 -4.38
CA ALA A 75 -2.11 -4.49 -4.93
C ALA A 75 -0.89 -3.87 -4.25
N SER A 76 -0.58 -4.32 -3.06
CA SER A 76 0.59 -3.75 -2.34
C SER A 76 1.81 -3.80 -3.23
N HIS A 77 2.08 -4.94 -3.79
CA HIS A 77 3.28 -5.06 -4.67
C HIS A 77 3.22 -4.00 -5.79
N GLY A 78 2.05 -3.75 -6.33
CA GLY A 78 1.94 -2.72 -7.42
C GLY A 78 2.09 -3.40 -8.79
N HIS A 79 2.18 -4.70 -8.81
CA HIS A 79 2.32 -5.41 -10.12
C HIS A 79 1.02 -5.26 -10.91
N ARG A 80 1.01 -4.39 -11.88
CA ARG A 80 -0.22 -4.17 -12.70
C ARG A 80 -0.86 -5.52 -13.05
N ASP A 81 -0.08 -6.44 -13.57
CA ASP A 81 -0.66 -7.75 -13.94
C ASP A 81 -1.38 -8.38 -12.75
N ILE A 82 -0.71 -8.51 -11.62
CA ILE A 82 -1.37 -9.13 -10.45
C ILE A 82 -2.66 -8.35 -10.10
N VAL A 83 -2.64 -7.07 -10.27
CA VAL A 83 -3.86 -6.27 -9.96
C VAL A 83 -5.00 -6.67 -10.90
N GLN A 84 -4.78 -6.58 -12.18
CA GLN A 84 -5.86 -6.94 -13.16
C GLN A 84 -6.44 -8.33 -12.88
N LYS A 85 -5.63 -9.31 -12.65
CA LYS A 85 -6.19 -10.68 -12.42
C LYS A 85 -6.96 -10.73 -11.10
N LEU A 86 -6.51 -10.05 -10.08
CA LEU A 86 -7.26 -10.10 -8.77
C LEU A 86 -8.33 -9.00 -8.77
N LEU A 87 -8.16 -8.02 -9.61
CA LEU A 87 -9.14 -6.91 -9.68
C LEU A 87 -10.29 -7.33 -10.60
N GLN A 88 -10.03 -8.24 -11.50
CA GLN A 88 -11.09 -8.67 -12.45
C GLN A 88 -11.93 -9.81 -11.84
N TYR A 89 -11.70 -10.16 -10.60
CA TYR A 89 -12.51 -11.25 -9.98
C TYR A 89 -13.72 -10.66 -9.26
N LYS A 90 -13.53 -9.68 -8.42
CA LYS A 90 -14.69 -9.10 -7.68
C LYS A 90 -14.42 -7.65 -7.28
N ALA A 91 -13.36 -7.09 -7.75
CA ALA A 91 -13.05 -5.67 -7.40
C ALA A 91 -13.14 -5.45 -5.90
N ASP A 92 -12.43 -6.22 -5.13
CA ASP A 92 -12.47 -6.03 -3.65
C ASP A 92 -11.66 -4.78 -3.29
N ILE A 93 -11.66 -3.81 -4.16
CA ILE A 93 -10.97 -2.55 -3.87
C ILE A 93 -11.83 -1.81 -2.86
N ASN A 94 -13.10 -2.00 -2.96
CA ASN A 94 -14.05 -1.34 -2.04
C ASN A 94 -14.15 -2.18 -0.77
N ALA A 95 -13.07 -2.83 -0.40
CA ALA A 95 -13.06 -3.66 0.85
C ALA A 95 -11.77 -3.38 1.61
N VAL A 96 -11.81 -2.42 2.49
CA VAL A 96 -10.61 -2.06 3.29
C VAL A 96 -10.46 -3.03 4.47
N ASN A 97 -9.47 -2.81 5.27
CA ASN A 97 -9.30 -3.65 6.50
C ASN A 97 -10.17 -3.01 7.58
N GLU A 98 -9.56 -2.52 8.64
CA GLU A 98 -10.33 -1.87 9.75
C GLU A 98 -9.80 -0.44 9.92
N HIS A 99 -8.78 -0.08 9.18
CA HIS A 99 -8.19 1.29 9.29
C HIS A 99 -8.60 2.11 8.06
N GLY A 100 -9.37 1.53 7.18
CA GLY A 100 -9.80 2.28 5.96
C GLY A 100 -8.68 2.26 4.91
N ASN A 101 -7.77 1.34 5.04
CA ASN A 101 -6.63 1.28 4.07
C ASN A 101 -7.09 0.62 2.75
N VAL A 102 -7.52 1.40 1.80
CA VAL A 102 -7.94 0.81 0.48
C VAL A 102 -6.64 0.57 -0.32
N PRO A 103 -6.72 -0.26 -1.34
CA PRO A 103 -5.54 -0.50 -2.17
C PRO A 103 -5.04 0.85 -2.69
N LEU A 104 -5.95 1.76 -2.92
CA LEU A 104 -5.55 3.10 -3.42
C LEU A 104 -4.77 3.84 -2.33
N HIS A 105 -5.24 3.85 -1.12
CA HIS A 105 -4.48 4.57 -0.05
C HIS A 105 -3.02 4.09 -0.09
N TYR A 106 -2.83 2.81 -0.25
CA TYR A 106 -1.46 2.24 -0.29
C TYR A 106 -0.84 2.50 -1.67
N ALA A 107 -1.59 2.33 -2.72
CA ALA A 107 -1.04 2.57 -4.08
C ALA A 107 -0.50 4.00 -4.16
N CYS A 108 -1.15 4.92 -3.50
CA CYS A 108 -0.67 6.33 -3.54
C CYS A 108 0.56 6.47 -2.64
N PHE A 109 0.59 5.77 -1.54
CA PHE A 109 1.77 5.86 -0.64
C PHE A 109 3.02 5.50 -1.44
N TRP A 110 2.88 4.68 -2.45
CA TRP A 110 4.05 4.31 -3.28
C TRP A 110 4.33 5.46 -4.24
N GLY A 111 3.35 5.82 -5.04
CA GLY A 111 3.53 6.96 -6.00
C GLY A 111 3.36 6.46 -7.44
N GLN A 112 2.30 5.72 -7.71
CA GLN A 112 2.06 5.20 -9.09
C GLN A 112 0.67 5.65 -9.57
N ASP A 113 0.61 6.74 -10.28
CA ASP A 113 -0.71 7.28 -10.75
C ASP A 113 -1.44 6.26 -11.64
N GLN A 114 -0.75 5.66 -12.57
CA GLN A 114 -1.44 4.68 -13.48
C GLN A 114 -2.33 3.72 -12.67
N VAL A 115 -1.74 2.92 -11.83
CA VAL A 115 -2.56 1.95 -11.04
C VAL A 115 -3.59 2.69 -10.20
N ALA A 116 -3.20 3.75 -9.58
CA ALA A 116 -4.15 4.52 -8.74
C ALA A 116 -5.26 5.11 -9.60
N GLU A 117 -4.97 5.33 -10.84
CA GLU A 117 -6.01 5.91 -11.74
C GLU A 117 -7.08 4.86 -12.06
N ASP A 118 -6.67 3.71 -12.54
CA ASP A 118 -7.66 2.66 -12.87
C ASP A 118 -8.40 2.23 -11.60
N LEU A 119 -7.81 2.46 -10.46
CA LEU A 119 -8.48 2.06 -9.19
C LEU A 119 -9.67 2.99 -8.92
N VAL A 120 -9.48 4.28 -8.94
CA VAL A 120 -10.64 5.20 -8.67
C VAL A 120 -11.66 4.99 -9.79
N ALA A 121 -11.22 4.51 -10.92
CA ALA A 121 -12.16 4.26 -12.04
C ALA A 121 -12.88 2.95 -11.80
N ASN A 122 -12.64 2.34 -10.65
CA ASN A 122 -13.29 1.04 -10.31
C ASN A 122 -14.35 1.26 -9.24
N GLY A 123 -14.41 2.42 -8.62
CA GLY A 123 -15.44 2.67 -7.56
C GLY A 123 -14.80 3.37 -6.36
N ALA A 124 -13.51 3.32 -6.24
CA ALA A 124 -12.83 3.95 -5.06
C ALA A 124 -12.91 5.48 -5.17
N LEU A 125 -12.93 6.01 -6.36
CA LEU A 125 -12.98 7.48 -6.54
C LEU A 125 -11.87 8.18 -5.74
N VAL A 126 -11.52 9.36 -6.13
CA VAL A 126 -10.43 10.10 -5.44
C VAL A 126 -11.00 10.82 -4.22
N SER A 127 -12.30 10.89 -4.11
CA SER A 127 -12.92 11.57 -2.94
C SER A 127 -13.32 10.50 -1.91
N ILE A 128 -12.49 9.52 -1.72
CA ILE A 128 -12.82 8.46 -0.72
C ILE A 128 -12.89 9.09 0.67
N CYS A 129 -11.89 9.85 1.02
CA CYS A 129 -11.86 10.51 2.34
C CYS A 129 -11.61 9.44 3.39
N ASN A 130 -10.37 9.07 3.58
CA ASN A 130 -10.08 8.03 4.59
C ASN A 130 -10.72 8.39 5.91
N LYS A 131 -10.73 7.48 6.82
CA LYS A 131 -11.32 7.74 8.15
C LYS A 131 -10.74 9.05 8.71
N TYR A 132 -9.61 9.46 8.17
CA TYR A 132 -8.95 10.72 8.62
C TYR A 132 -8.83 11.65 7.42
N GLY A 133 -9.54 11.35 6.36
CA GLY A 133 -9.50 12.20 5.15
C GLY A 133 -8.15 12.04 4.46
N GLU A 134 -7.48 10.97 4.72
CA GLU A 134 -6.16 10.76 4.07
C GLU A 134 -6.39 10.26 2.64
N MET A 135 -6.53 11.14 1.68
CA MET A 135 -6.76 10.72 0.27
C MET A 135 -5.50 11.07 -0.57
N PRO A 136 -5.31 10.40 -1.68
CA PRO A 136 -4.15 10.70 -2.55
C PRO A 136 -4.03 12.21 -2.81
N VAL A 137 -5.13 12.92 -2.85
CA VAL A 137 -5.07 14.38 -3.11
C VAL A 137 -4.01 15.04 -2.20
N ASP A 138 -3.96 14.66 -0.96
CA ASP A 138 -2.97 15.25 -0.03
C ASP A 138 -1.64 14.54 -0.21
N LYS A 139 -1.64 13.24 -0.18
CA LYS A 139 -0.37 12.51 -0.36
C LYS A 139 0.16 12.79 -1.76
N ALA A 140 -0.64 13.41 -2.60
CA ALA A 140 -0.20 13.74 -3.98
C ALA A 140 0.26 15.19 -4.02
N LYS A 141 -0.27 15.97 -3.14
CA LYS A 141 0.11 17.41 -3.07
C LYS A 141 1.31 17.58 -2.13
N ALA A 142 1.75 16.52 -1.48
CA ALA A 142 2.91 16.64 -0.54
C ALA A 142 4.25 16.27 -1.23
N PRO A 143 4.32 15.13 -1.89
CA PRO A 143 5.57 14.70 -2.53
C PRO A 143 6.04 15.75 -3.55
N LEU A 144 5.19 16.08 -4.49
CA LEU A 144 5.51 17.12 -5.54
C LEU A 144 4.77 16.80 -6.84
N ARG A 145 3.93 15.80 -6.87
CA ARG A 145 3.26 15.47 -8.16
C ARG A 145 2.08 16.39 -8.42
N GLU A 146 1.22 16.57 -7.45
CA GLU A 146 0.01 17.47 -7.59
C GLU A 146 -0.57 17.45 -9.03
N LEU A 147 -0.15 16.56 -9.88
CA LEU A 147 -0.71 16.51 -11.26
C LEU A 147 -2.04 15.78 -11.17
N LEU A 148 -2.09 14.69 -10.47
CA LEU A 148 -3.35 13.97 -10.33
C LEU A 148 -4.23 14.78 -9.37
N ARG A 149 -3.62 15.64 -8.59
CA ARG A 149 -4.42 16.47 -7.64
C ARG A 149 -5.29 17.45 -8.43
N GLU A 150 -4.70 18.19 -9.32
CA GLU A 150 -5.51 19.18 -10.10
C GLU A 150 -6.51 18.43 -10.98
N ARG A 151 -6.13 17.30 -11.52
CA ARG A 151 -7.09 16.53 -12.37
C ARG A 151 -8.25 16.11 -11.47
N ALA A 152 -7.99 15.95 -10.21
CA ALA A 152 -9.06 15.57 -9.25
C ALA A 152 -9.75 16.85 -8.77
N GLU A 153 -8.98 17.81 -8.33
CA GLU A 153 -9.57 19.08 -7.84
C GLU A 153 -10.50 19.67 -8.90
N LYS A 154 -10.39 19.20 -10.11
CA LYS A 154 -11.25 19.71 -11.21
C LYS A 154 -12.36 18.71 -11.52
N MET A 155 -12.31 17.57 -10.88
CA MET A 155 -13.37 16.54 -11.13
C MET A 155 -14.74 17.15 -10.86
N GLY A 156 -14.76 18.28 -10.20
CA GLY A 156 -16.04 18.96 -9.89
C GLY A 156 -16.57 18.44 -8.55
N GLN A 157 -15.88 17.51 -7.95
CA GLN A 157 -16.32 16.95 -6.64
C GLN A 157 -15.52 17.59 -5.51
N ASN A 158 -14.49 18.33 -5.83
CA ASN A 158 -13.67 18.98 -4.77
C ASN A 158 -14.12 20.42 -4.57
N LEU A 159 -14.14 21.19 -5.63
CA LEU A 159 -14.57 22.62 -5.54
C LEU A 159 -15.96 22.76 -6.17
N ASN A 160 -16.97 22.31 -5.48
CA ASN A 160 -18.36 22.42 -6.03
C ASN A 160 -18.92 23.80 -5.70
N ARG A 161 -19.07 24.64 -6.69
CA ARG A 161 -19.63 26.00 -6.44
C ARG A 161 -20.97 25.85 -5.73
N ILE A 162 -21.37 26.85 -4.97
CA ILE A 162 -22.67 26.78 -4.24
C ILE A 162 -23.82 26.55 -5.25
N PRO A 163 -24.42 25.37 -5.28
CA PRO A 163 -25.51 25.11 -6.25
C PRO A 163 -26.69 26.06 -5.97
N TYR A 164 -27.42 26.42 -6.98
CA TYR A 164 -28.56 27.35 -6.78
C TYR A 164 -29.49 26.80 -5.68
N LYS A 165 -29.30 27.25 -4.46
CA LYS A 165 -30.15 26.78 -3.32
C LYS A 165 -29.56 27.33 -2.02
N ASP A 166 -30.39 27.78 -1.12
CA ASP A 166 -29.87 28.31 0.17
C ASP A 166 -31.03 28.58 1.12
N THR A 167 -32.01 29.30 0.67
CA THR A 167 -33.18 29.60 1.55
C THR A 167 -34.37 29.97 0.66
N PHE A 168 -34.28 29.65 -0.60
CA PHE A 168 -35.41 29.96 -1.55
C PHE A 168 -35.80 28.67 -2.25
N TRP A 169 -36.83 28.08 -1.76
CA TRP A 169 -37.33 26.81 -2.32
C TRP A 169 -38.79 26.65 -1.91
N LYS A 170 -39.05 26.83 -0.65
CA LYS A 170 -40.44 26.70 -0.14
C LYS A 170 -40.58 27.52 1.16
N GLY A 171 -39.54 27.60 1.92
CA GLY A 171 -39.59 28.37 3.19
C GLY A 171 -40.56 27.69 4.17
N MET B 1 17.06 35.15 -8.17
CA MET B 1 16.71 34.18 -7.11
C MET B 1 15.72 33.14 -7.66
N ALA B 2 15.79 31.92 -7.20
CA ALA B 2 14.85 30.88 -7.70
C ALA B 2 15.01 29.61 -6.85
N ASN B 3 14.46 29.60 -5.68
CA ASN B 3 14.58 28.39 -4.82
C ASN B 3 16.05 27.99 -4.67
N ALA B 4 16.38 26.75 -4.92
CA ALA B 4 17.80 26.31 -4.80
C ALA B 4 18.34 26.71 -3.43
N LEU B 5 19.62 26.92 -3.33
CA LEU B 5 20.22 27.31 -2.01
C LEU B 5 19.77 26.30 -0.95
N ALA B 6 20.21 25.08 -1.05
CA ALA B 6 19.82 24.05 -0.04
C ALA B 6 20.87 22.94 -0.03
N SER B 7 20.71 21.95 0.82
CA SER B 7 21.71 20.85 0.86
C SER B 7 21.13 19.68 1.66
N ALA B 8 21.50 18.48 1.33
CA ALA B 8 20.95 17.30 2.09
C ALA B 8 19.43 17.26 1.91
N THR B 9 18.91 16.16 1.44
CA THR B 9 17.45 16.06 1.14
C THR B 9 16.81 14.85 1.84
N CYS B 10 15.53 14.89 2.06
CA CYS B 10 14.85 13.77 2.71
C CYS B 10 15.09 12.54 1.91
N GLU B 11 15.33 11.47 2.58
CA GLU B 11 15.53 10.21 1.82
C GLU B 11 14.15 9.62 1.48
N ARG B 12 13.10 10.34 1.78
CA ARG B 12 11.71 9.82 1.49
C ARG B 12 10.88 10.87 0.75
N CYS B 13 10.91 12.10 1.19
CA CYS B 13 10.11 13.15 0.49
C CYS B 13 11.03 13.88 -0.47
N LYS B 14 12.31 13.63 -0.36
CA LYS B 14 13.30 14.26 -1.24
C LYS B 14 13.38 15.74 -0.97
N GLY B 15 12.85 16.18 0.12
CA GLY B 15 12.91 17.56 0.50
C GLY B 15 14.35 17.83 0.76
N GLY B 16 14.61 19.04 0.94
CA GLY B 16 15.97 19.58 1.15
C GLY B 16 15.99 20.36 2.44
N PHE B 17 16.61 19.81 3.43
CA PHE B 17 16.71 20.48 4.73
C PHE B 17 18.13 20.99 4.94
N ALA B 18 18.18 21.79 5.91
CA ALA B 18 19.42 22.51 6.43
C ALA B 18 19.59 21.64 7.62
N PRO B 19 20.52 20.77 7.58
CA PRO B 19 20.30 19.72 8.50
C PRO B 19 20.65 19.37 9.91
N ALA B 20 20.31 20.36 10.55
CA ALA B 20 20.35 20.50 11.98
C ALA B 20 19.06 21.24 12.23
N GLU B 21 18.20 21.29 11.19
CA GLU B 21 16.88 21.95 11.39
C GLU B 21 15.97 20.82 11.69
N LYS B 22 15.46 20.19 10.67
CA LYS B 22 14.69 18.98 10.94
C LYS B 22 14.89 18.00 9.80
N ILE B 23 15.84 17.26 10.08
CA ILE B 23 16.31 16.10 9.32
C ILE B 23 16.52 14.97 10.34
N VAL B 24 16.25 13.74 9.99
CA VAL B 24 16.47 12.63 10.94
C VAL B 24 17.25 11.53 10.22
N ASN B 25 18.33 11.11 10.82
CA ASN B 25 19.19 10.05 10.22
C ASN B 25 18.78 8.71 10.80
N SER B 26 18.60 7.73 9.97
CA SER B 26 18.22 6.40 10.43
C SER B 26 19.06 5.42 9.64
N ASN B 27 20.04 4.91 10.29
CA ASN B 27 21.00 3.94 9.71
C ASN B 27 22.05 4.64 8.85
N GLY B 28 21.65 5.58 8.07
CA GLY B 28 22.64 6.29 7.21
C GLY B 28 21.91 7.12 6.16
N GLU B 29 20.61 7.07 6.15
CA GLU B 29 19.81 7.85 5.16
C GLU B 29 19.11 8.93 5.96
N LEU B 30 18.77 10.04 5.38
CA LEU B 30 18.13 11.13 6.13
C LEU B 30 16.63 11.17 5.88
N TYR B 31 15.88 11.40 6.91
CA TYR B 31 14.40 11.43 6.79
C TYR B 31 13.83 12.57 7.64
N HIS B 32 12.92 13.32 7.12
CA HIS B 32 12.32 14.39 7.93
C HIS B 32 11.58 13.64 9.00
N GLU B 33 11.41 14.17 10.16
CA GLU B 33 10.50 13.46 11.08
C GLU B 33 9.15 13.38 10.32
N GLN B 34 9.13 13.99 9.14
CA GLN B 34 7.96 14.00 8.24
C GLN B 34 8.02 12.76 7.38
N CYS B 35 9.20 12.19 7.33
CA CYS B 35 9.44 11.02 6.52
C CYS B 35 9.36 9.87 7.48
N PHE B 36 9.22 10.24 8.73
CA PHE B 36 8.95 9.25 9.81
C PHE B 36 7.45 9.07 9.76
N VAL B 37 7.06 8.20 8.91
CA VAL B 37 5.60 7.95 8.68
C VAL B 37 5.35 6.44 8.50
N CYS B 38 4.30 5.93 9.14
CA CYS B 38 3.97 4.47 9.06
C CYS B 38 3.47 4.10 7.67
N ALA B 39 3.85 2.96 7.17
CA ALA B 39 3.38 2.53 5.81
C ALA B 39 1.84 2.41 5.78
N GLN B 40 1.22 2.11 6.89
CA GLN B 40 -0.29 2.05 6.97
C GLN B 40 -0.76 3.34 7.62
N CYS B 41 0.00 3.71 8.60
CA CYS B 41 -0.19 4.90 9.47
C CYS B 41 0.64 6.06 8.91
N PHE B 42 1.25 5.94 7.68
CA PHE B 42 2.24 6.94 7.00
C PHE B 42 1.74 8.28 7.15
N GLN B 43 1.13 8.29 8.15
CA GLN B 43 0.76 9.54 8.73
C GLN B 43 1.91 9.56 9.71
N GLN B 44 2.35 10.66 10.06
CA GLN B 44 3.54 10.70 10.94
C GLN B 44 3.27 9.90 12.20
N PHE B 45 4.27 9.21 12.65
CA PHE B 45 4.16 8.40 13.89
C PHE B 45 4.27 9.33 15.12
N PRO B 46 3.31 9.31 16.01
CA PRO B 46 3.34 10.15 17.23
C PRO B 46 4.50 9.78 18.18
N GLU B 47 5.18 10.78 18.64
CA GLU B 47 6.37 10.67 19.54
C GLU B 47 7.54 10.10 18.78
N GLY B 48 7.37 9.99 17.51
CA GLY B 48 8.51 9.65 16.65
C GLY B 48 9.03 8.20 16.76
N LEU B 49 8.36 7.29 17.40
CA LEU B 49 8.92 5.89 17.51
C LEU B 49 8.46 5.09 16.33
N PHE B 50 9.44 4.60 15.62
CA PHE B 50 9.17 3.84 14.40
C PHE B 50 10.01 2.54 14.34
N TYR B 51 9.59 1.49 13.59
CA TYR B 51 10.43 0.30 13.43
C TYR B 51 10.33 -0.15 11.98
N GLU B 52 11.42 -0.26 11.34
CA GLU B 52 11.45 -0.70 9.91
C GLU B 52 11.71 -2.22 9.71
N PHE B 53 10.93 -2.83 8.83
CA PHE B 53 11.19 -4.26 8.45
C PHE B 53 10.98 -4.46 6.94
N GLU B 54 11.87 -5.19 6.37
CA GLU B 54 11.85 -5.57 4.93
C GLU B 54 11.56 -4.40 3.95
N GLY B 55 12.11 -3.24 4.16
CA GLY B 55 11.89 -2.13 3.17
C GLY B 55 10.64 -1.32 3.45
N ARG B 56 9.79 -1.78 4.31
CA ARG B 56 8.56 -1.01 4.64
C ARG B 56 8.72 -0.61 6.07
N LYS B 57 8.17 0.51 6.46
CA LYS B 57 8.28 0.89 7.89
C LYS B 57 6.89 0.97 8.52
N TYR B 58 6.74 0.33 9.64
CA TYR B 58 5.46 0.35 10.42
C TYR B 58 5.83 0.58 11.87
N CYS B 59 4.98 1.13 12.69
CA CYS B 59 5.40 1.20 14.10
C CYS B 59 5.53 -0.27 14.50
N GLU B 60 6.21 -0.58 15.54
CA GLU B 60 6.40 -2.00 15.88
C GLU B 60 5.07 -2.65 15.98
N HIS B 61 4.12 -1.89 16.34
CA HIS B 61 2.79 -2.45 16.56
C HIS B 61 2.32 -3.21 15.32
N ASP B 62 2.40 -2.60 14.18
CA ASP B 62 1.88 -3.31 12.99
C ASP B 62 2.84 -4.40 12.58
N PHE B 63 4.08 -4.14 12.74
CA PHE B 63 5.02 -5.20 12.46
C PHE B 63 4.85 -6.22 13.53
N GLN B 64 4.57 -5.76 14.71
CA GLN B 64 4.38 -6.69 15.84
C GLN B 64 3.20 -7.51 15.49
N MET B 65 2.45 -7.08 14.53
CA MET B 65 1.39 -8.04 14.09
C MET B 65 2.16 -9.21 13.46
N LEU B 66 2.93 -8.91 12.45
CA LEU B 66 3.76 -9.97 11.76
C LEU B 66 4.97 -10.38 12.61
N PHE B 67 5.29 -9.59 13.58
CA PHE B 67 6.50 -9.84 14.44
C PHE B 67 6.02 -10.23 15.84
N ALA B 68 4.74 -10.10 16.07
CA ALA B 68 4.16 -10.49 17.40
C ALA B 68 2.77 -11.12 17.19
N PRO B 69 2.75 -12.31 16.61
CA PRO B 69 1.48 -13.02 16.36
C PRO B 69 0.80 -13.35 17.70
N CYS B 70 -0.20 -14.18 17.67
CA CYS B 70 -0.90 -14.54 18.93
C CYS B 70 -1.26 -13.27 19.70
ZN ZN C . 11.37 14.44 3.84
ZN ZN D . 2.09 1.79 12.33
N MET A 1 10.41 -18.65 6.04
CA MET A 1 11.88 -18.47 6.06
C MET A 1 12.57 -19.84 6.18
N ASP A 2 11.82 -20.90 6.03
CA ASP A 2 12.42 -22.25 6.14
C ASP A 2 13.19 -22.57 4.85
N ASP A 3 13.82 -23.71 4.79
CA ASP A 3 14.59 -24.07 3.57
C ASP A 3 13.69 -23.93 2.35
N ILE A 4 12.64 -24.70 2.29
CA ILE A 4 11.72 -24.63 1.12
C ILE A 4 11.07 -23.24 1.04
N PHE A 5 10.62 -22.70 2.15
CA PHE A 5 10.00 -21.34 2.10
C PHE A 5 11.04 -20.35 1.57
N THR A 6 12.22 -20.40 2.11
CA THR A 6 13.30 -19.47 1.65
C THR A 6 13.75 -19.86 0.25
N GLN A 7 13.90 -21.13 0.02
CA GLN A 7 14.34 -21.60 -1.32
C GLN A 7 13.19 -21.48 -2.32
N CYS A 8 11.99 -21.26 -1.84
CA CYS A 8 10.83 -21.14 -2.78
C CYS A 8 10.79 -19.72 -3.36
N ARG A 9 10.98 -18.72 -2.52
CA ARG A 9 10.95 -17.31 -3.02
C ARG A 9 12.25 -17.01 -3.77
N GLU A 10 13.22 -17.85 -3.60
CA GLU A 10 14.51 -17.64 -4.30
C GLU A 10 14.26 -17.58 -5.81
N GLY A 11 13.03 -17.77 -6.22
CA GLY A 11 12.69 -17.74 -7.66
C GLY A 11 12.68 -19.17 -8.17
N ASN A 12 12.76 -20.10 -7.26
CA ASN A 12 12.73 -21.52 -7.65
C ASN A 12 11.27 -21.88 -7.89
N ALA A 13 10.65 -21.18 -8.78
CA ALA A 13 9.21 -21.44 -9.12
C ALA A 13 8.97 -22.95 -9.18
N VAL A 14 10.01 -23.69 -9.40
CA VAL A 14 9.87 -25.17 -9.47
C VAL A 14 9.78 -25.74 -8.06
N ALA A 15 10.46 -25.13 -7.11
CA ALA A 15 10.43 -25.65 -5.73
C ALA A 15 9.08 -25.32 -5.08
N VAL A 16 8.51 -24.18 -5.37
CA VAL A 16 7.21 -23.85 -4.74
C VAL A 16 6.15 -24.79 -5.34
N ARG A 17 6.24 -25.03 -6.62
CA ARG A 17 5.25 -25.95 -7.25
C ARG A 17 5.43 -27.36 -6.65
N LEU A 18 6.66 -27.74 -6.43
CA LEU A 18 6.95 -29.09 -5.87
C LEU A 18 6.07 -29.35 -4.62
N TRP A 19 6.12 -28.54 -3.60
CA TRP A 19 5.26 -28.84 -2.40
C TRP A 19 3.80 -28.50 -2.71
N LEU A 20 3.56 -27.62 -3.64
CA LEU A 20 2.15 -27.26 -3.97
C LEU A 20 1.43 -28.51 -4.51
N ASP A 21 2.16 -29.38 -5.18
CA ASP A 21 1.51 -30.61 -5.73
C ASP A 21 1.31 -31.65 -4.62
N ASN A 22 1.03 -31.22 -3.42
CA ASN A 22 0.82 -32.20 -2.32
C ASN A 22 -0.61 -32.75 -2.40
N THR A 23 -0.76 -34.05 -2.42
CA THR A 23 -2.12 -34.64 -2.49
C THR A 23 -2.76 -34.65 -1.10
N GLU A 24 -2.16 -33.98 -0.15
CA GLU A 24 -2.74 -33.95 1.22
C GLU A 24 -3.64 -32.72 1.35
N ASN A 25 -3.30 -31.66 0.68
CA ASN A 25 -4.14 -30.43 0.76
C ASN A 25 -4.39 -30.08 2.23
N ASP A 26 -3.40 -29.60 2.90
CA ASP A 26 -3.56 -29.24 4.33
C ASP A 26 -2.36 -28.45 4.81
N LEU A 27 -1.21 -28.96 4.53
CA LEU A 27 0.03 -28.22 4.89
C LEU A 27 0.29 -27.28 3.73
N ASN A 28 -0.27 -27.64 2.60
CA ASN A 28 -0.10 -26.83 1.39
C ASN A 28 -0.40 -25.37 1.71
N GLN A 29 -1.18 -25.09 2.73
CA GLN A 29 -1.51 -23.68 3.08
C GLN A 29 -0.24 -22.84 3.26
N GLY A 30 -0.38 -21.70 3.87
CA GLY A 30 0.78 -20.79 4.11
C GLY A 30 1.44 -21.15 5.44
N ASP A 31 1.06 -20.52 6.53
CA ASP A 31 1.67 -20.85 7.86
C ASP A 31 0.56 -20.97 8.92
N ASP A 32 0.91 -21.29 10.13
CA ASP A 32 -0.11 -21.43 11.21
C ASP A 32 -0.51 -20.03 11.69
N HIS A 33 0.29 -19.05 11.39
CA HIS A 33 -0.04 -17.65 11.79
C HIS A 33 -1.22 -17.18 10.93
N GLY A 34 -1.74 -18.07 10.13
CA GLY A 34 -2.91 -17.72 9.26
C GLY A 34 -2.40 -17.28 7.90
N PHE A 35 -1.12 -17.14 7.74
CA PHE A 35 -0.61 -16.73 6.41
C PHE A 35 -1.08 -17.75 5.39
N SER A 36 -1.59 -17.30 4.27
CA SER A 36 -2.07 -18.26 3.23
C SER A 36 -1.01 -18.33 2.10
N PRO A 37 -1.14 -19.28 1.21
CA PRO A 37 -0.19 -19.39 0.09
C PRO A 37 -0.27 -18.10 -0.75
N LEU A 38 -1.46 -17.73 -1.13
CA LEU A 38 -1.65 -16.49 -1.93
C LEU A 38 -1.02 -15.31 -1.19
N HIS A 39 -1.24 -15.25 0.08
CA HIS A 39 -0.66 -14.13 0.89
C HIS A 39 0.82 -13.99 0.57
N TRP A 40 1.59 -14.94 0.98
CA TRP A 40 3.06 -14.88 0.73
C TRP A 40 3.34 -14.74 -0.76
N ALA A 41 2.73 -15.57 -1.54
CA ALA A 41 2.97 -15.52 -3.02
C ALA A 41 2.64 -14.12 -3.54
N CYS A 42 1.58 -13.53 -3.08
CA CYS A 42 1.21 -12.17 -3.56
C CYS A 42 2.38 -11.21 -3.33
N ARG A 43 3.05 -11.31 -2.21
CA ARG A 43 4.19 -10.38 -1.93
C ARG A 43 5.43 -10.83 -2.71
N GLU A 44 5.51 -12.07 -3.10
CA GLU A 44 6.71 -12.54 -3.87
C GLU A 44 6.68 -11.93 -5.28
N GLY A 45 5.68 -12.23 -6.06
CA GLY A 45 5.58 -11.69 -7.45
C GLY A 45 5.42 -12.82 -8.46
N ARG A 46 5.38 -14.04 -7.99
CA ARG A 46 5.21 -15.20 -8.93
C ARG A 46 3.81 -15.15 -9.56
N SER A 47 3.47 -14.05 -10.18
CA SER A 47 2.13 -13.88 -10.81
C SER A 47 1.61 -15.20 -11.41
N ALA A 48 2.47 -16.04 -11.90
CA ALA A 48 1.98 -17.32 -12.47
C ALA A 48 1.32 -18.15 -11.38
N VAL A 49 2.10 -18.89 -10.65
CA VAL A 49 1.55 -19.78 -9.58
C VAL A 49 0.43 -19.06 -8.80
N VAL A 50 0.47 -17.74 -8.70
CA VAL A 50 -0.61 -17.02 -7.95
C VAL A 50 -1.93 -17.14 -8.71
N GLU A 51 -1.93 -16.77 -9.94
CA GLU A 51 -3.16 -16.84 -10.77
C GLU A 51 -3.79 -18.22 -10.65
N MET A 52 -2.99 -19.23 -10.68
CA MET A 52 -3.54 -20.62 -10.58
C MET A 52 -4.03 -20.90 -9.16
N LEU A 53 -3.28 -20.46 -8.18
CA LEU A 53 -3.69 -20.68 -6.76
C LEU A 53 -5.12 -20.14 -6.56
N ILE A 54 -5.41 -18.98 -7.06
CA ILE A 54 -6.77 -18.41 -6.90
C ILE A 54 -7.82 -19.37 -7.47
N MET A 55 -7.48 -20.08 -8.50
CA MET A 55 -8.44 -21.03 -9.12
C MET A 55 -8.46 -22.32 -8.32
N ARG A 56 -7.37 -22.67 -7.70
CA ARG A 56 -7.33 -23.92 -6.90
C ARG A 56 -8.48 -23.86 -5.90
N GLY A 57 -8.81 -22.68 -5.44
CA GLY A 57 -9.95 -22.55 -4.48
C GLY A 57 -9.69 -21.41 -3.48
N ALA A 58 -8.52 -20.86 -3.46
CA ALA A 58 -8.25 -19.76 -2.47
C ALA A 58 -9.03 -18.51 -2.86
N ARG A 59 -9.71 -17.90 -1.92
CA ARG A 59 -10.50 -16.67 -2.22
C ARG A 59 -9.65 -15.43 -1.92
N ILE A 60 -9.91 -14.36 -2.61
CA ILE A 60 -9.15 -13.10 -2.37
C ILE A 60 -9.68 -12.47 -1.07
N ASN A 61 -10.72 -13.01 -0.51
CA ASN A 61 -11.28 -12.44 0.75
C ASN A 61 -10.57 -13.07 1.95
N VAL A 62 -9.26 -13.12 1.92
CA VAL A 62 -8.48 -13.70 3.06
C VAL A 62 -7.69 -12.57 3.74
N MET A 63 -7.64 -12.56 5.05
CA MET A 63 -6.91 -11.48 5.79
C MET A 63 -5.82 -12.11 6.65
N ASN A 64 -4.70 -11.44 6.78
CA ASN A 64 -3.59 -11.99 7.61
C ASN A 64 -3.83 -11.64 9.08
N ARG A 65 -3.27 -12.43 9.97
CA ARG A 65 -3.44 -12.16 11.42
C ARG A 65 -3.13 -10.68 11.71
N GLY A 66 -2.43 -10.02 10.80
CA GLY A 66 -2.07 -8.58 11.03
C GLY A 66 -2.88 -7.67 10.10
N ASP A 67 -4.17 -7.88 9.99
CA ASP A 67 -5.02 -6.99 9.14
C ASP A 67 -4.29 -6.63 7.85
N ASP A 68 -4.33 -7.50 6.90
CA ASP A 68 -3.66 -7.22 5.60
C ASP A 68 -4.28 -8.11 4.52
N THR A 69 -5.09 -7.56 3.66
CA THR A 69 -5.69 -8.38 2.58
C THR A 69 -4.70 -8.42 1.40
N PRO A 70 -4.77 -9.42 0.58
CA PRO A 70 -3.87 -9.51 -0.57
C PRO A 70 -3.95 -8.22 -1.39
N LEU A 71 -5.12 -7.65 -1.51
CA LEU A 71 -5.26 -6.39 -2.29
C LEU A 71 -4.20 -5.40 -1.81
N HIS A 72 -4.18 -5.11 -0.54
CA HIS A 72 -3.16 -4.19 -0.03
C HIS A 72 -1.78 -4.73 -0.47
N LEU A 73 -1.40 -5.86 0.08
CA LEU A 73 -0.08 -6.46 -0.27
C LEU A 73 0.16 -6.37 -1.79
N ALA A 74 -0.77 -6.88 -2.56
CA ALA A 74 -0.59 -6.81 -4.04
C ALA A 74 -0.49 -5.35 -4.48
N ALA A 75 -1.49 -4.56 -4.18
CA ALA A 75 -1.46 -3.13 -4.57
C ALA A 75 -0.23 -2.45 -3.97
N SER A 76 0.29 -2.97 -2.89
CA SER A 76 1.49 -2.33 -2.28
C SER A 76 2.63 -2.35 -3.27
N HIS A 77 2.94 -3.49 -3.80
CA HIS A 77 4.06 -3.59 -4.79
C HIS A 77 3.70 -2.77 -6.02
N GLY A 78 2.61 -3.10 -6.67
CA GLY A 78 2.18 -2.36 -7.89
C GLY A 78 2.15 -3.30 -9.09
N HIS A 79 1.71 -4.52 -8.90
CA HIS A 79 1.66 -5.47 -10.04
C HIS A 79 0.41 -5.17 -10.87
N ARG A 80 0.53 -4.25 -11.79
CA ARG A 80 -0.63 -3.87 -12.64
C ARG A 80 -1.38 -5.12 -13.11
N ASP A 81 -0.68 -6.02 -13.74
CA ASP A 81 -1.35 -7.25 -14.26
C ASP A 81 -2.13 -7.94 -13.14
N ILE A 82 -1.49 -8.22 -12.04
CA ILE A 82 -2.23 -8.90 -10.94
C ILE A 82 -3.40 -8.01 -10.52
N VAL A 83 -3.16 -6.74 -10.35
CA VAL A 83 -4.24 -5.80 -9.95
C VAL A 83 -5.42 -5.88 -10.93
N GLN A 84 -5.15 -6.22 -12.15
CA GLN A 84 -6.25 -6.29 -13.16
C GLN A 84 -7.09 -7.54 -12.97
N LYS A 85 -6.50 -8.70 -12.98
CA LYS A 85 -7.30 -9.95 -12.81
C LYS A 85 -7.91 -9.98 -11.41
N LEU A 86 -7.39 -9.21 -10.50
CA LEU A 86 -7.94 -9.18 -9.12
C LEU A 86 -9.00 -8.08 -9.03
N LEU A 87 -8.97 -7.15 -9.95
CA LEU A 87 -9.96 -6.05 -9.96
C LEU A 87 -11.26 -6.52 -10.63
N GLN A 88 -11.20 -7.57 -11.43
CA GLN A 88 -12.46 -8.10 -12.09
C GLN A 88 -12.96 -9.32 -11.33
N TYR A 89 -12.08 -9.99 -10.66
CA TYR A 89 -12.49 -11.21 -9.91
C TYR A 89 -13.34 -10.82 -8.71
N LYS A 90 -12.77 -10.08 -7.80
CA LYS A 90 -13.53 -9.66 -6.58
C LYS A 90 -13.68 -8.14 -6.53
N ALA A 91 -12.79 -7.41 -7.14
CA ALA A 91 -12.93 -5.92 -7.10
C ALA A 91 -13.10 -5.48 -5.65
N ASP A 92 -12.34 -6.08 -4.77
CA ASP A 92 -12.44 -5.76 -3.32
C ASP A 92 -11.67 -4.46 -3.01
N ILE A 93 -11.62 -3.53 -3.93
CA ILE A 93 -10.95 -2.24 -3.63
C ILE A 93 -11.86 -1.47 -2.68
N ASN A 94 -13.14 -1.75 -2.78
CA ASN A 94 -14.12 -1.08 -1.88
C ASN A 94 -14.26 -1.94 -0.62
N ALA A 95 -13.20 -2.63 -0.25
CA ALA A 95 -13.25 -3.48 0.98
C ALA A 95 -11.94 -3.31 1.73
N VAL A 96 -11.92 -2.38 2.64
CA VAL A 96 -10.69 -2.09 3.41
C VAL A 96 -10.44 -3.20 4.43
N ASN A 97 -9.37 -3.09 5.18
CA ASN A 97 -9.06 -4.13 6.22
C ASN A 97 -9.63 -3.72 7.58
N GLU A 98 -9.36 -2.53 8.05
CA GLU A 98 -9.92 -2.13 9.38
C GLU A 98 -9.60 -0.66 9.63
N HIS A 99 -8.47 -0.20 9.17
CA HIS A 99 -8.09 1.23 9.38
C HIS A 99 -8.67 2.06 8.24
N GLY A 100 -9.06 1.42 7.16
CA GLY A 100 -9.66 2.16 6.01
C GLY A 100 -8.64 2.27 4.88
N ASN A 101 -7.43 1.85 5.12
CA ASN A 101 -6.39 1.94 4.06
C ASN A 101 -6.89 1.27 2.77
N VAL A 102 -7.17 2.04 1.76
CA VAL A 102 -7.67 1.47 0.47
C VAL A 102 -6.43 1.18 -0.44
N PRO A 103 -6.50 0.18 -1.29
CA PRO A 103 -5.35 -0.15 -2.16
C PRO A 103 -4.90 1.10 -2.95
N LEU A 104 -5.83 1.89 -3.42
CA LEU A 104 -5.42 3.10 -4.19
C LEU A 104 -4.52 3.98 -3.32
N HIS A 105 -4.81 4.10 -2.05
CA HIS A 105 -3.96 4.94 -1.15
C HIS A 105 -2.53 4.41 -1.19
N TYR A 106 -2.38 3.12 -1.18
CA TYR A 106 -1.01 2.54 -1.22
C TYR A 106 -0.36 2.84 -2.57
N ALA A 107 -1.13 2.81 -3.62
CA ALA A 107 -0.57 3.10 -4.97
C ALA A 107 0.06 4.49 -4.96
N CYS A 108 -0.53 5.41 -4.24
CA CYS A 108 0.04 6.79 -4.19
C CYS A 108 1.29 6.80 -3.30
N PHE A 109 1.31 5.99 -2.28
CA PHE A 109 2.49 5.95 -1.39
C PHE A 109 3.72 5.60 -2.22
N TRP A 110 3.58 4.78 -3.22
CA TRP A 110 4.74 4.41 -4.07
C TRP A 110 4.96 5.52 -5.10
N GLY A 111 3.98 5.80 -5.92
CA GLY A 111 4.12 6.89 -6.94
C GLY A 111 3.89 6.33 -8.35
N GLN A 112 2.83 5.58 -8.54
CA GLN A 112 2.53 5.00 -9.89
C GLN A 112 1.06 5.29 -10.23
N ASP A 113 0.81 6.31 -11.00
CA ASP A 113 -0.60 6.67 -11.34
C ASP A 113 -1.28 5.52 -12.10
N GLN A 114 -0.55 4.77 -12.87
CA GLN A 114 -1.17 3.66 -13.64
C GLN A 114 -2.09 2.84 -12.72
N VAL A 115 -1.55 2.25 -11.68
CA VAL A 115 -2.39 1.43 -10.77
C VAL A 115 -3.52 2.28 -10.17
N ALA A 116 -3.20 3.49 -9.82
CA ALA A 116 -4.23 4.40 -9.22
C ALA A 116 -5.41 4.48 -10.18
N GLU A 117 -5.14 4.41 -11.43
CA GLU A 117 -6.21 4.46 -12.45
C GLU A 117 -6.99 3.15 -12.43
N ASP A 118 -6.29 2.05 -12.44
CA ASP A 118 -6.98 0.72 -12.46
C ASP A 118 -8.18 0.71 -11.50
N LEU A 119 -8.06 1.23 -10.29
CA LEU A 119 -9.28 1.21 -9.41
C LEU A 119 -10.21 2.36 -9.83
N VAL A 120 -9.71 3.56 -9.98
CA VAL A 120 -10.61 4.67 -10.39
C VAL A 120 -11.34 4.26 -11.68
N ALA A 121 -10.75 3.35 -12.40
CA ALA A 121 -11.38 2.86 -13.65
C ALA A 121 -12.53 1.93 -13.27
N ASN A 122 -12.65 1.65 -12.00
CA ASN A 122 -13.75 0.79 -11.53
C ASN A 122 -14.94 1.70 -11.25
N GLY A 123 -14.65 2.84 -10.66
CA GLY A 123 -15.71 3.83 -10.30
C GLY A 123 -15.61 4.10 -8.80
N ALA A 124 -14.48 3.82 -8.22
CA ALA A 124 -14.33 4.05 -6.74
C ALA A 124 -14.05 5.52 -6.47
N LEU A 125 -13.75 6.29 -7.48
CA LEU A 125 -13.46 7.75 -7.27
C LEU A 125 -12.07 7.91 -6.64
N VAL A 126 -11.21 8.65 -7.27
CA VAL A 126 -9.83 8.85 -6.74
C VAL A 126 -9.87 9.89 -5.62
N SER A 127 -11.05 10.25 -5.20
CA SER A 127 -11.20 11.26 -4.11
C SER A 127 -12.07 10.67 -3.00
N ILE A 128 -12.08 9.37 -2.84
CA ILE A 128 -12.91 8.74 -1.77
C ILE A 128 -12.80 9.55 -0.46
N CYS A 129 -11.60 9.95 -0.09
CA CYS A 129 -11.36 10.73 1.17
C CYS A 129 -10.93 9.77 2.28
N ASN A 130 -9.65 9.65 2.49
CA ASN A 130 -9.15 8.73 3.54
C ASN A 130 -9.74 9.12 4.89
N LYS A 131 -9.20 8.55 5.92
CA LYS A 131 -9.68 8.86 7.30
C LYS A 131 -9.50 10.36 7.54
N TYR A 132 -8.52 10.95 6.91
CA TYR A 132 -8.25 12.42 7.07
C TYR A 132 -8.38 13.08 5.70
N GLY A 133 -9.17 12.52 4.84
CA GLY A 133 -9.35 13.11 3.48
C GLY A 133 -8.01 13.07 2.78
N GLU A 134 -7.08 12.36 3.33
CA GLU A 134 -5.74 12.28 2.71
C GLU A 134 -5.81 11.50 1.40
N MET A 135 -5.83 12.18 0.28
CA MET A 135 -5.89 11.49 -1.05
C MET A 135 -4.58 11.79 -1.80
N PRO A 136 -4.37 11.19 -2.96
CA PRO A 136 -3.14 11.43 -3.73
C PRO A 136 -3.00 12.93 -4.04
N VAL A 137 -4.09 13.64 -4.13
CA VAL A 137 -4.02 15.09 -4.43
C VAL A 137 -3.00 15.77 -3.50
N ASP A 138 -2.99 15.40 -2.24
CA ASP A 138 -2.04 16.03 -1.29
C ASP A 138 -0.69 15.33 -1.41
N LYS A 139 -0.68 14.03 -1.36
CA LYS A 139 0.62 13.32 -1.51
C LYS A 139 1.19 13.63 -2.89
N ALA A 140 0.36 14.14 -3.78
CA ALA A 140 0.85 14.47 -5.16
C ALA A 140 1.27 15.93 -5.20
N LYS A 141 0.71 16.73 -4.34
CA LYS A 141 1.05 18.17 -4.31
C LYS A 141 2.29 18.40 -3.44
N ALA A 142 2.75 17.40 -2.72
CA ALA A 142 3.96 17.59 -1.86
C ALA A 142 5.26 17.32 -2.66
N PRO A 143 5.36 16.17 -3.30
CA PRO A 143 6.58 15.83 -4.06
C PRO A 143 6.88 16.93 -5.08
N LEU A 144 5.92 17.24 -5.93
CA LEU A 144 6.05 18.30 -6.99
C LEU A 144 5.29 17.85 -8.25
N ARG A 145 4.49 16.83 -8.17
CA ARG A 145 3.75 16.37 -9.38
C ARG A 145 2.88 17.50 -9.91
N GLU A 146 1.78 17.76 -9.25
CA GLU A 146 0.85 18.85 -9.70
C GLU A 146 0.29 18.53 -11.07
N LEU A 147 0.88 17.61 -11.79
CA LEU A 147 0.36 17.26 -13.13
C LEU A 147 -0.94 16.48 -12.95
N LEU A 148 -0.89 15.39 -12.25
CA LEU A 148 -2.12 14.60 -12.04
C LEU A 148 -3.09 15.45 -11.23
N ARG A 149 -2.60 16.49 -10.60
CA ARG A 149 -3.51 17.38 -9.82
C ARG A 149 -4.44 18.10 -10.79
N GLU A 150 -3.89 18.66 -11.83
CA GLU A 150 -4.76 19.36 -12.82
C GLU A 150 -5.76 18.37 -13.41
N ARG A 151 -5.30 17.21 -13.77
CA ARG A 151 -6.23 16.18 -14.33
C ARG A 151 -7.34 15.91 -13.32
N ALA A 152 -7.02 16.02 -12.07
CA ALA A 152 -8.05 15.79 -11.02
C ALA A 152 -8.81 17.10 -10.80
N GLU A 153 -8.09 18.17 -10.59
CA GLU A 153 -8.72 19.49 -10.36
C GLU A 153 -9.73 19.81 -11.46
N LYS A 154 -9.61 19.18 -12.60
CA LYS A 154 -10.55 19.46 -13.73
C LYS A 154 -11.54 18.30 -13.88
N MET A 155 -11.42 17.30 -13.06
CA MET A 155 -12.36 16.15 -13.16
C MET A 155 -13.79 16.66 -12.97
N GLY A 156 -13.93 17.85 -12.43
CA GLY A 156 -15.28 18.43 -12.22
C GLY A 156 -15.72 18.20 -10.76
N GLN A 157 -14.78 18.10 -9.85
CA GLN A 157 -15.12 17.86 -8.41
C GLN A 157 -14.40 18.89 -7.55
N ASN A 158 -13.41 19.56 -8.08
CA ASN A 158 -12.67 20.58 -7.27
C ASN A 158 -13.34 21.94 -7.41
N LEU A 159 -13.55 22.40 -8.63
CA LEU A 159 -14.21 23.72 -8.82
C LEU A 159 -15.72 23.51 -8.92
N ASN A 160 -16.35 23.24 -7.82
CA ASN A 160 -17.83 23.01 -7.82
C ASN A 160 -18.54 24.26 -7.31
N ARG A 161 -19.24 24.95 -8.17
CA ARG A 161 -19.96 26.18 -7.73
C ARG A 161 -21.03 25.75 -6.73
N ILE A 162 -21.44 26.64 -5.84
CA ILE A 162 -22.49 26.28 -4.83
C ILE A 162 -23.77 25.82 -5.57
N PRO A 163 -24.11 24.54 -5.52
CA PRO A 163 -25.32 24.06 -6.22
C PRO A 163 -26.58 24.76 -5.66
N TYR A 164 -27.54 24.99 -6.49
CA TYR A 164 -28.77 25.69 -6.03
C TYR A 164 -29.30 25.06 -4.74
N LYS A 165 -29.20 25.79 -3.66
CA LYS A 165 -29.71 25.29 -2.34
C LYS A 165 -29.52 26.40 -1.29
N ASP A 166 -30.37 26.43 -0.30
CA ASP A 166 -30.24 27.46 0.77
C ASP A 166 -31.54 27.46 1.59
N THR A 167 -32.61 27.93 1.01
CA THR A 167 -33.91 27.96 1.73
C THR A 167 -35.02 28.23 0.73
N PHE A 168 -34.67 28.49 -0.49
CA PHE A 168 -35.71 28.74 -1.51
C PHE A 168 -36.26 27.38 -1.88
N TRP A 169 -35.49 26.58 -2.55
CA TRP A 169 -35.95 25.20 -2.86
C TRP A 169 -37.40 25.21 -3.33
N LYS A 170 -38.30 25.11 -2.40
CA LYS A 170 -39.75 25.10 -2.76
C LYS A 170 -40.61 25.47 -1.54
N GLY A 171 -40.01 25.87 -0.46
CA GLY A 171 -40.80 26.24 0.75
C GLY A 171 -39.88 26.77 1.84
N MET B 1 16.23 33.61 -8.78
CA MET B 1 17.43 32.77 -9.04
C MET B 1 18.01 32.27 -7.72
N ALA B 2 17.29 32.44 -6.65
CA ALA B 2 17.80 31.97 -5.32
C ALA B 2 16.67 32.08 -4.29
N ASN B 3 16.58 31.12 -3.41
CA ASN B 3 15.51 31.15 -2.37
C ASN B 3 15.75 30.05 -1.35
N ALA B 4 16.55 30.32 -0.35
CA ALA B 4 16.83 29.28 0.69
C ALA B 4 17.32 28.00 0.01
N LEU B 5 18.61 27.83 -0.10
CA LEU B 5 19.15 26.60 -0.76
C LEU B 5 18.93 25.40 0.18
N ALA B 6 18.49 25.66 1.38
CA ALA B 6 18.26 24.54 2.34
C ALA B 6 19.45 23.60 2.35
N SER B 7 19.30 22.44 2.93
CA SER B 7 20.43 21.46 2.97
C SER B 7 19.86 20.05 3.12
N ALA B 8 20.18 19.39 4.21
CA ALA B 8 19.65 18.02 4.42
C ALA B 8 18.15 18.00 4.15
N THR B 9 17.64 16.89 3.69
CA THR B 9 16.19 16.79 3.31
C THR B 9 15.51 15.60 4.01
N CYS B 10 14.20 15.67 4.16
CA CYS B 10 13.49 14.56 4.81
C CYS B 10 13.77 13.29 4.05
N GLU B 11 13.92 12.26 4.77
CA GLU B 11 14.17 10.95 4.07
C GLU B 11 12.84 10.45 3.52
N ARG B 12 11.78 11.16 3.80
CA ARG B 12 10.42 10.70 3.34
C ARG B 12 9.70 11.81 2.58
N CYS B 13 9.60 12.98 3.13
CA CYS B 13 8.88 14.06 2.41
C CYS B 13 9.87 14.74 1.48
N LYS B 14 11.13 14.40 1.65
CA LYS B 14 12.19 14.98 0.80
C LYS B 14 12.29 16.45 1.07
N GLY B 15 11.66 16.92 2.09
CA GLY B 15 11.73 18.31 2.47
C GLY B 15 13.15 18.57 2.76
N GLY B 16 13.42 19.77 2.95
CA GLY B 16 14.76 20.32 3.17
C GLY B 16 14.74 21.12 4.44
N PHE B 17 15.33 20.58 5.47
CA PHE B 17 15.40 21.28 6.75
C PHE B 17 16.82 21.78 6.96
N ALA B 18 16.87 22.61 7.91
CA ALA B 18 18.10 23.33 8.42
C ALA B 18 18.24 22.52 9.64
N PRO B 19 19.16 21.64 9.66
CA PRO B 19 18.91 20.62 10.60
C PRO B 19 19.21 20.30 12.03
N ALA B 20 18.85 21.31 12.63
CA ALA B 20 18.84 21.48 14.05
C ALA B 20 17.51 22.21 14.23
N GLU B 21 16.70 22.20 13.15
CA GLU B 21 15.37 22.84 13.24
C GLU B 21 14.47 21.72 13.59
N LYS B 22 13.99 21.03 12.60
CA LYS B 22 13.23 19.82 12.92
C LYS B 22 13.46 18.80 11.84
N ILE B 23 14.43 18.10 12.14
CA ILE B 23 14.94 16.92 11.45
C ILE B 23 15.23 15.90 12.55
N VAL B 24 15.03 14.64 12.30
CA VAL B 24 15.37 13.62 13.32
C VAL B 24 16.08 12.46 12.62
N ASN B 25 17.14 12.01 13.22
CA ASN B 25 17.94 10.88 12.65
C ASN B 25 17.51 9.59 13.33
N SER B 26 17.13 8.60 12.56
CA SER B 26 16.73 7.32 13.10
C SER B 26 17.35 6.29 12.20
N ASN B 27 18.39 5.70 12.67
CA ASN B 27 19.13 4.64 11.91
C ASN B 27 20.30 5.23 11.14
N GLY B 28 20.19 6.46 10.73
CA GLY B 28 21.30 7.09 9.95
C GLY B 28 20.69 7.91 8.81
N GLU B 29 19.38 7.90 8.71
CA GLU B 29 18.70 8.68 7.64
C GLU B 29 17.86 9.74 8.36
N LEU B 30 17.56 10.84 7.74
CA LEU B 30 16.83 11.93 8.42
C LEU B 30 15.33 11.94 8.07
N TYR B 31 14.50 12.13 9.07
CA TYR B 31 13.03 12.19 8.85
C TYR B 31 12.44 13.29 9.73
N HIS B 32 11.50 14.02 9.21
CA HIS B 32 10.85 15.06 10.01
C HIS B 32 10.14 14.28 11.07
N GLU B 33 10.04 14.75 12.27
CA GLU B 33 9.21 13.97 13.22
C GLU B 33 7.82 13.86 12.55
N GLN B 34 7.69 14.53 11.41
CA GLN B 34 6.44 14.49 10.61
C GLN B 34 6.52 13.29 9.70
N CYS B 35 7.74 12.86 9.49
CA CYS B 35 8.03 11.76 8.58
C CYS B 35 8.23 10.51 9.42
N PHE B 36 8.04 10.69 10.69
CA PHE B 36 8.14 9.53 11.65
C PHE B 36 6.80 8.82 11.62
N VAL B 37 6.42 8.44 10.45
CA VAL B 37 5.09 7.80 10.23
C VAL B 37 5.22 6.62 9.26
N CYS B 38 4.50 5.57 9.57
CA CYS B 38 4.50 4.30 8.78
C CYS B 38 3.82 4.49 7.44
N ALA B 39 4.25 3.76 6.44
CA ALA B 39 3.57 3.79 5.10
C ALA B 39 2.11 3.33 5.22
N GLN B 40 1.86 2.37 6.06
CA GLN B 40 0.50 1.80 6.28
C GLN B 40 -0.08 2.41 7.55
N CYS B 41 0.81 2.51 8.46
CA CYS B 41 0.62 2.96 9.84
C CYS B 41 0.93 4.47 9.87
N PHE B 42 1.16 5.15 8.70
CA PHE B 42 1.67 6.62 8.53
C PHE B 42 0.98 7.48 9.45
N GLN B 43 0.70 6.82 10.38
CA GLN B 43 0.26 7.45 11.58
C GLN B 43 1.56 7.34 12.32
N GLN B 44 1.79 8.22 13.14
CA GLN B 44 3.07 8.25 13.87
C GLN B 44 3.28 6.95 14.63
N PHE B 45 4.52 6.57 14.74
CA PHE B 45 4.90 5.30 15.45
C PHE B 45 4.66 5.47 16.98
N PRO B 46 3.87 4.62 17.61
CA PRO B 46 3.61 4.71 19.06
C PRO B 46 4.85 4.29 19.89
N GLU B 47 5.16 5.09 20.86
CA GLU B 47 6.33 4.91 21.76
C GLU B 47 7.58 5.08 20.95
N GLY B 48 7.38 5.48 19.75
CA GLY B 48 8.49 5.85 18.87
C GLY B 48 9.35 4.67 18.42
N LEU B 49 9.01 3.43 18.74
CA LEU B 49 9.86 2.29 18.25
C LEU B 49 9.28 1.81 16.96
N PHE B 50 10.04 1.89 15.92
CA PHE B 50 9.55 1.48 14.58
C PHE B 50 10.62 0.63 13.82
N TYR B 51 10.25 -0.14 12.78
CA TYR B 51 11.23 -0.89 11.99
C TYR B 51 10.87 -0.80 10.48
N GLU B 52 11.79 -0.42 9.69
CA GLU B 52 11.57 -0.35 8.19
C GLU B 52 11.98 -1.66 7.50
N PHE B 53 11.24 -2.11 6.51
CA PHE B 53 11.65 -3.30 5.75
C PHE B 53 11.29 -3.16 4.26
N GLU B 54 12.21 -3.56 3.43
CA GLU B 54 12.05 -3.58 1.93
C GLU B 54 11.47 -2.32 1.25
N GLY B 55 12.03 -1.16 1.48
CA GLY B 55 11.57 0.06 0.72
C GLY B 55 10.37 0.73 1.37
N ARG B 56 9.69 0.04 2.22
CA ARG B 56 8.50 0.64 2.89
C ARG B 56 8.89 0.76 4.33
N LYS B 57 8.33 1.68 5.02
CA LYS B 57 8.67 1.84 6.45
C LYS B 57 7.42 1.48 7.29
N TYR B 58 7.55 0.62 8.28
CA TYR B 58 6.38 0.25 9.14
C TYR B 58 6.84 0.24 10.60
N CYS B 59 6.03 0.51 11.56
CA CYS B 59 6.55 0.36 12.93
C CYS B 59 6.74 -1.14 13.10
N GLU B 60 7.57 -1.54 14.00
CA GLU B 60 7.86 -2.97 14.16
C GLU B 60 6.59 -3.68 14.43
N HIS B 61 5.74 -2.98 15.05
CA HIS B 61 4.50 -3.60 15.46
C HIS B 61 3.87 -4.25 14.27
N ASP B 62 3.64 -3.51 13.26
CA ASP B 62 2.99 -4.12 12.10
C ASP B 62 3.90 -5.08 11.41
N PHE B 63 5.04 -4.59 11.11
CA PHE B 63 5.96 -5.41 10.38
C PHE B 63 6.51 -6.51 11.20
N GLN B 64 6.56 -6.41 12.48
CA GLN B 64 7.16 -7.58 13.18
C GLN B 64 6.22 -8.69 12.95
N MET B 65 4.97 -8.40 12.95
CA MET B 65 4.02 -9.53 12.79
C MET B 65 4.36 -10.17 11.47
N LEU B 66 4.60 -9.40 10.47
CA LEU B 66 5.05 -10.04 9.21
C LEU B 66 6.44 -10.57 9.44
N PHE B 67 7.28 -9.76 10.01
CA PHE B 67 8.70 -10.18 10.20
C PHE B 67 8.83 -11.34 11.17
N ALA B 68 7.85 -11.66 11.99
CA ALA B 68 8.06 -12.78 12.96
C ALA B 68 8.74 -13.98 12.27
N PRO B 69 9.59 -14.71 13.00
CA PRO B 69 10.27 -15.88 12.42
C PRO B 69 9.24 -16.93 11.98
N CYS B 70 8.57 -17.56 12.92
CA CYS B 70 7.55 -18.58 12.57
C CYS B 70 6.40 -18.52 13.57
ZN ZN C . 9.86 15.18 5.84
ZN ZN D . 2.87 1.07 11.70
N MET A 1 12.65 -21.49 7.45
CA MET A 1 14.10 -21.48 7.14
C MET A 1 14.30 -21.36 5.62
N ASP A 2 15.08 -22.23 5.04
CA ASP A 2 15.31 -22.16 3.55
C ASP A 2 14.29 -23.04 2.84
N ASP A 3 14.70 -24.20 2.41
CA ASP A 3 13.75 -25.13 1.71
C ASP A 3 13.18 -24.45 0.46
N ILE A 4 11.89 -24.56 0.28
CA ILE A 4 11.22 -23.95 -0.90
C ILE A 4 11.23 -22.43 -0.75
N PHE A 5 11.00 -21.98 0.44
CA PHE A 5 10.98 -20.51 0.69
C PHE A 5 12.20 -19.87 0.04
N THR A 6 13.35 -20.38 0.34
CA THR A 6 14.60 -19.81 -0.25
C THR A 6 14.82 -20.37 -1.65
N GLN A 7 14.62 -21.63 -1.83
CA GLN A 7 14.83 -22.24 -3.16
C GLN A 7 13.71 -21.78 -4.11
N CYS A 8 12.75 -21.03 -3.63
CA CYS A 8 11.66 -20.56 -4.52
C CYS A 8 12.00 -19.16 -5.01
N ARG A 9 12.22 -18.26 -4.10
CA ARG A 9 12.56 -16.87 -4.50
C ARG A 9 13.88 -16.88 -5.25
N GLU A 10 14.45 -18.04 -5.43
CA GLU A 10 15.73 -18.10 -6.15
C GLU A 10 15.49 -17.70 -7.61
N GLY A 11 14.26 -17.50 -7.99
CA GLY A 11 13.96 -17.15 -9.40
C GLY A 11 13.66 -18.45 -10.13
N ASN A 12 13.62 -19.51 -9.39
CA ASN A 12 13.32 -20.83 -9.98
C ASN A 12 11.83 -20.96 -10.14
N ALA A 13 11.23 -20.02 -10.83
CA ALA A 13 9.75 -20.05 -11.08
C ALA A 13 9.32 -21.49 -11.41
N VAL A 14 10.25 -22.29 -11.83
CA VAL A 14 9.93 -23.70 -12.17
C VAL A 14 9.91 -24.54 -10.88
N ALA A 15 10.71 -24.21 -9.91
CA ALA A 15 10.74 -25.00 -8.66
C ALA A 15 9.52 -24.63 -7.84
N VAL A 16 9.08 -23.42 -7.94
CA VAL A 16 7.90 -23.00 -7.17
C VAL A 16 6.69 -23.74 -7.70
N ARG A 17 6.57 -23.85 -9.00
CA ARG A 17 5.39 -24.58 -9.56
C ARG A 17 5.49 -26.05 -9.16
N LEU A 18 6.69 -26.57 -9.06
CA LEU A 18 6.87 -28.00 -8.69
C LEU A 18 6.13 -28.31 -7.38
N TRP A 19 6.39 -27.61 -6.31
CA TRP A 19 5.64 -27.94 -5.05
C TRP A 19 4.19 -27.45 -5.19
N LEU A 20 3.97 -26.43 -5.97
CA LEU A 20 2.59 -25.91 -6.16
C LEU A 20 1.69 -27.03 -6.66
N ASP A 21 2.26 -28.03 -7.30
CA ASP A 21 1.43 -29.16 -7.81
C ASP A 21 1.38 -30.28 -6.78
N ASN A 22 1.26 -29.94 -5.53
CA ASN A 22 1.22 -30.99 -4.46
C ASN A 22 0.18 -32.05 -4.83
N THR A 23 0.61 -33.12 -5.45
CA THR A 23 -0.35 -34.20 -5.80
C THR A 23 -0.99 -34.74 -4.52
N GLU A 24 -0.54 -34.25 -3.39
CA GLU A 24 -1.10 -34.72 -2.08
C GLU A 24 -1.92 -33.58 -1.45
N ASN A 25 -1.78 -32.39 -1.96
CA ASN A 25 -2.54 -31.24 -1.41
C ASN A 25 -2.32 -31.13 0.10
N ASP A 26 -1.13 -30.75 0.50
CA ASP A 26 -0.84 -30.59 1.96
C ASP A 26 0.23 -29.51 2.11
N LEU A 27 1.30 -29.67 1.41
CA LEU A 27 2.41 -28.66 1.48
C LEU A 27 1.83 -27.26 1.26
N ASN A 28 0.58 -27.18 0.89
CA ASN A 28 -0.06 -25.86 0.67
C ASN A 28 -0.46 -25.29 2.04
N GLN A 29 0.34 -25.56 3.04
CA GLN A 29 0.03 -25.04 4.41
C GLN A 29 0.47 -23.57 4.48
N GLY A 30 0.15 -22.89 5.55
CA GLY A 30 0.53 -21.44 5.67
C GLY A 30 1.28 -21.21 6.99
N ASP A 31 0.72 -20.43 7.87
CA ASP A 31 1.37 -20.16 9.18
C ASP A 31 0.32 -20.26 10.30
N ASP A 32 0.76 -20.30 11.53
CA ASP A 32 -0.22 -20.37 12.66
C ASP A 32 -0.80 -18.98 12.89
N HIS A 33 -0.17 -17.98 12.35
CA HIS A 33 -0.68 -16.58 12.52
C HIS A 33 -1.72 -16.29 11.43
N GLY A 34 -1.94 -17.23 10.54
CA GLY A 34 -2.98 -17.01 9.47
C GLY A 34 -2.34 -16.63 8.14
N PHE A 35 -1.04 -16.66 8.01
CA PHE A 35 -0.45 -16.31 6.69
C PHE A 35 -0.63 -17.49 5.75
N SER A 36 -1.46 -17.34 4.74
CA SER A 36 -1.69 -18.49 3.79
C SER A 36 -0.68 -18.42 2.64
N PRO A 37 -0.55 -19.49 1.89
CA PRO A 37 0.37 -19.49 0.74
C PRO A 37 -0.04 -18.35 -0.20
N LEU A 38 -1.32 -18.18 -0.39
CA LEU A 38 -1.83 -17.09 -1.27
C LEU A 38 -1.26 -15.75 -0.80
N HIS A 39 -1.29 -15.52 0.47
CA HIS A 39 -0.74 -14.25 1.00
C HIS A 39 0.69 -14.11 0.50
N TRP A 40 1.55 -14.99 0.90
CA TRP A 40 2.96 -14.93 0.45
C TRP A 40 2.97 -14.82 -1.07
N ALA A 41 2.21 -15.65 -1.71
CA ALA A 41 2.15 -15.64 -3.20
C ALA A 41 1.91 -14.22 -3.73
N CYS A 42 0.76 -13.67 -3.45
CA CYS A 42 0.45 -12.30 -3.95
C CYS A 42 1.64 -11.36 -3.71
N ARG A 43 2.40 -11.60 -2.67
CA ARG A 43 3.57 -10.72 -2.38
C ARG A 43 4.66 -10.91 -3.44
N GLU A 44 5.21 -12.09 -3.54
CA GLU A 44 6.29 -12.32 -4.55
C GLU A 44 5.87 -11.75 -5.91
N GLY A 45 4.71 -12.13 -6.39
CA GLY A 45 4.23 -11.61 -7.72
C GLY A 45 4.38 -12.66 -8.81
N ARG A 46 4.96 -13.80 -8.51
CA ARG A 46 5.11 -14.85 -9.57
C ARG A 46 3.70 -15.25 -10.04
N SER A 47 3.17 -14.49 -10.97
CA SER A 47 1.78 -14.74 -11.49
C SER A 47 1.44 -16.23 -11.55
N ALA A 48 2.27 -17.03 -12.15
CA ALA A 48 1.95 -18.48 -12.26
C ALA A 48 1.42 -19.02 -10.92
N VAL A 49 2.30 -19.32 -10.01
CA VAL A 49 1.88 -19.91 -8.71
C VAL A 49 0.62 -19.19 -8.17
N VAL A 50 0.62 -17.89 -8.04
CA VAL A 50 -0.60 -17.21 -7.49
C VAL A 50 -1.77 -17.38 -8.45
N GLU A 51 -1.52 -17.22 -9.70
CA GLU A 51 -2.60 -17.36 -10.72
C GLU A 51 -3.26 -18.74 -10.60
N MET A 52 -2.47 -19.76 -10.61
CA MET A 52 -3.02 -21.14 -10.55
C MET A 52 -3.62 -21.42 -9.17
N LEU A 53 -3.12 -20.79 -8.14
CA LEU A 53 -3.68 -21.04 -6.78
C LEU A 53 -5.04 -20.35 -6.63
N ILE A 54 -5.16 -19.14 -7.10
CA ILE A 54 -6.46 -18.41 -6.98
C ILE A 54 -7.62 -19.34 -7.37
N MET A 55 -7.43 -20.16 -8.37
CA MET A 55 -8.53 -21.07 -8.80
C MET A 55 -8.46 -22.38 -7.99
N ARG A 56 -7.34 -22.68 -7.39
CA ARG A 56 -7.25 -23.95 -6.61
C ARG A 56 -8.26 -23.92 -5.48
N GLY A 57 -8.40 -22.81 -4.82
CA GLY A 57 -9.40 -22.73 -3.71
C GLY A 57 -8.98 -21.65 -2.71
N ALA A 58 -8.35 -20.62 -3.18
CA ALA A 58 -7.93 -19.50 -2.28
C ALA A 58 -8.89 -18.34 -2.52
N ARG A 59 -9.43 -17.75 -1.49
CA ARG A 59 -10.39 -16.62 -1.68
C ARG A 59 -9.63 -15.29 -1.66
N ILE A 60 -10.16 -14.28 -2.29
CA ILE A 60 -9.49 -12.95 -2.29
C ILE A 60 -9.96 -12.20 -1.04
N ASN A 61 -10.96 -12.73 -0.36
CA ASN A 61 -11.49 -12.06 0.87
C ASN A 61 -10.86 -12.69 2.11
N VAL A 62 -9.55 -12.76 2.14
CA VAL A 62 -8.83 -13.33 3.32
C VAL A 62 -7.97 -12.22 3.94
N MET A 63 -7.80 -12.21 5.24
CA MET A 63 -6.97 -11.15 5.89
C MET A 63 -6.03 -11.81 6.90
N ASN A 64 -4.81 -11.34 6.97
CA ASN A 64 -3.85 -11.94 7.93
C ASN A 64 -4.19 -11.49 9.35
N ARG A 65 -3.58 -12.11 10.33
CA ARG A 65 -3.86 -11.72 11.74
C ARG A 65 -3.69 -10.21 11.89
N GLY A 66 -2.77 -9.62 11.17
CA GLY A 66 -2.56 -8.14 11.28
C GLY A 66 -3.35 -7.41 10.18
N ASP A 67 -4.59 -7.79 9.97
CA ASP A 67 -5.43 -7.11 8.94
C ASP A 67 -4.60 -6.82 7.70
N ASP A 68 -4.62 -7.73 6.79
CA ASP A 68 -3.87 -7.53 5.52
C ASP A 68 -4.56 -8.31 4.42
N THR A 69 -5.36 -7.65 3.61
CA THR A 69 -6.05 -8.37 2.52
C THR A 69 -5.11 -8.40 1.31
N PRO A 70 -5.21 -9.41 0.48
CA PRO A 70 -4.34 -9.50 -0.69
C PRO A 70 -4.41 -8.20 -1.49
N LEU A 71 -5.56 -7.58 -1.56
CA LEU A 71 -5.65 -6.31 -2.35
C LEU A 71 -4.56 -5.35 -1.88
N HIS A 72 -4.48 -5.11 -0.60
CA HIS A 72 -3.39 -4.21 -0.12
C HIS A 72 -2.07 -4.77 -0.63
N LEU A 73 -1.70 -5.91 -0.12
CA LEU A 73 -0.41 -6.55 -0.54
C LEU A 73 -0.27 -6.47 -2.07
N ALA A 74 -1.26 -6.93 -2.77
CA ALA A 74 -1.21 -6.86 -4.25
C ALA A 74 -1.08 -5.41 -4.68
N ALA A 75 -2.08 -4.61 -4.43
CA ALA A 75 -2.00 -3.17 -4.82
C ALA A 75 -0.66 -2.59 -4.37
N SER A 76 -0.04 -3.19 -3.39
CA SER A 76 1.25 -2.65 -2.89
C SER A 76 2.31 -2.72 -4.00
N HIS A 77 2.50 -3.86 -4.57
CA HIS A 77 3.53 -3.98 -5.65
C HIS A 77 3.20 -3.02 -6.80
N GLY A 78 1.95 -2.86 -7.14
CA GLY A 78 1.58 -1.91 -8.24
C GLY A 78 1.50 -2.65 -9.59
N HIS A 79 1.78 -3.93 -9.60
CA HIS A 79 1.72 -4.68 -10.89
C HIS A 79 0.27 -4.71 -11.39
N ARG A 80 -0.04 -3.89 -12.36
CA ARG A 80 -1.42 -3.83 -12.90
C ARG A 80 -1.93 -5.24 -13.25
N ASP A 81 -1.11 -6.07 -13.80
CA ASP A 81 -1.57 -7.44 -14.16
C ASP A 81 -2.22 -8.11 -12.95
N ILE A 82 -1.53 -8.21 -11.86
CA ILE A 82 -2.11 -8.87 -10.65
C ILE A 82 -3.38 -8.14 -10.23
N VAL A 83 -3.41 -6.84 -10.36
CA VAL A 83 -4.63 -6.08 -9.97
C VAL A 83 -5.83 -6.59 -10.79
N GLN A 84 -5.77 -6.48 -12.08
CA GLN A 84 -6.90 -6.96 -12.93
C GLN A 84 -7.37 -8.34 -12.46
N LYS A 85 -6.44 -9.22 -12.19
CA LYS A 85 -6.82 -10.60 -11.76
C LYS A 85 -7.76 -10.59 -10.55
N LEU A 86 -7.35 -10.03 -9.43
CA LEU A 86 -8.24 -10.03 -8.24
C LEU A 86 -9.15 -8.79 -8.24
N LEU A 87 -8.85 -7.79 -9.01
CA LEU A 87 -9.70 -6.58 -9.04
C LEU A 87 -11.03 -6.90 -9.72
N GLN A 88 -11.08 -7.92 -10.55
CA GLN A 88 -12.36 -8.26 -11.25
C GLN A 88 -13.07 -9.40 -10.51
N TYR A 89 -12.36 -10.14 -9.73
CA TYR A 89 -13.00 -11.28 -9.00
C TYR A 89 -13.82 -10.75 -7.82
N LYS A 90 -13.20 -10.23 -6.80
CA LYS A 90 -13.96 -9.74 -5.60
C LYS A 90 -13.76 -8.22 -5.42
N ALA A 91 -12.75 -7.64 -6.02
CA ALA A 91 -12.54 -6.18 -5.86
C ALA A 91 -12.64 -5.81 -4.37
N ASP A 92 -11.86 -6.44 -3.53
CA ASP A 92 -11.90 -6.17 -2.07
C ASP A 92 -11.46 -4.71 -1.78
N ILE A 93 -11.74 -3.80 -2.68
CA ILE A 93 -11.42 -2.37 -2.40
C ILE A 93 -12.53 -1.86 -1.49
N ASN A 94 -13.69 -2.43 -1.65
CA ASN A 94 -14.85 -2.03 -0.82
C ASN A 94 -14.73 -2.68 0.55
N ALA A 95 -13.54 -3.07 0.93
CA ALA A 95 -13.34 -3.67 2.28
C ALA A 95 -11.96 -3.23 2.78
N VAL A 96 -11.92 -2.12 3.45
CA VAL A 96 -10.63 -1.57 3.95
C VAL A 96 -10.11 -2.38 5.15
N ASN A 97 -8.97 -1.99 5.66
CA ASN A 97 -8.41 -2.67 6.86
C ASN A 97 -9.26 -2.28 8.07
N GLU A 98 -8.67 -2.17 9.23
CA GLU A 98 -9.46 -1.78 10.44
C GLU A 98 -9.33 -0.26 10.64
N HIS A 99 -8.26 0.31 10.14
CA HIS A 99 -8.06 1.78 10.29
C HIS A 99 -8.64 2.51 9.08
N GLY A 100 -8.80 1.81 7.97
CA GLY A 100 -9.38 2.44 6.74
C GLY A 100 -8.31 2.53 5.65
N ASN A 101 -7.16 1.92 5.87
CA ASN A 101 -6.08 1.98 4.84
C ASN A 101 -6.62 1.47 3.50
N VAL A 102 -6.94 2.37 2.60
CA VAL A 102 -7.45 1.96 1.26
C VAL A 102 -6.22 1.82 0.31
N PRO A 103 -6.23 0.88 -0.60
CA PRO A 103 -5.11 0.72 -1.53
C PRO A 103 -4.75 2.08 -2.16
N LEU A 104 -5.72 2.89 -2.48
CA LEU A 104 -5.41 4.21 -3.11
C LEU A 104 -4.47 5.00 -2.20
N HIS A 105 -4.77 5.07 -0.93
CA HIS A 105 -3.87 5.81 0.01
C HIS A 105 -2.44 5.32 -0.20
N TYR A 106 -2.28 4.04 -0.27
CA TYR A 106 -0.91 3.46 -0.47
C TYR A 106 -0.48 3.61 -1.94
N ALA A 107 -1.39 3.43 -2.85
CA ALA A 107 -1.04 3.57 -4.29
C ALA A 107 -0.46 4.96 -4.55
N CYS A 108 -1.00 5.97 -3.93
CA CYS A 108 -0.47 7.34 -4.14
C CYS A 108 0.81 7.52 -3.31
N PHE A 109 0.90 6.82 -2.20
CA PHE A 109 2.12 6.93 -1.36
C PHE A 109 3.32 6.57 -2.23
N TRP A 110 3.13 5.71 -3.20
CA TRP A 110 4.26 5.34 -4.10
C TRP A 110 4.40 6.43 -5.17
N GLY A 111 3.36 6.65 -5.95
CA GLY A 111 3.42 7.71 -7.00
C GLY A 111 3.01 7.12 -8.36
N GLN A 112 1.96 6.34 -8.40
CA GLN A 112 1.49 5.74 -9.69
C GLN A 112 0.04 6.16 -9.94
N ASP A 113 -0.14 7.28 -10.60
CA ASP A 113 -1.52 7.79 -10.87
C ASP A 113 -2.32 6.79 -11.72
N GLN A 114 -1.68 6.10 -12.63
CA GLN A 114 -2.43 5.14 -13.50
C GLN A 114 -3.28 4.20 -12.63
N VAL A 115 -2.67 3.44 -11.78
CA VAL A 115 -3.45 2.50 -10.92
C VAL A 115 -4.51 3.26 -10.14
N ALA A 116 -4.19 4.42 -9.69
CA ALA A 116 -5.18 5.21 -8.91
C ALA A 116 -6.40 5.50 -9.77
N GLU A 117 -6.19 5.81 -11.01
CA GLU A 117 -7.32 6.09 -11.92
C GLU A 117 -8.26 4.88 -11.89
N ASP A 118 -7.71 3.71 -12.02
CA ASP A 118 -8.54 2.48 -12.02
C ASP A 118 -9.42 2.42 -10.77
N LEU A 119 -8.88 2.69 -9.61
CA LEU A 119 -9.70 2.62 -8.36
C LEU A 119 -10.84 3.64 -8.41
N VAL A 120 -10.57 4.90 -8.62
CA VAL A 120 -11.69 5.89 -8.67
C VAL A 120 -12.62 5.53 -9.82
N ALA A 121 -12.08 5.14 -10.94
CA ALA A 121 -12.95 4.78 -12.08
C ALA A 121 -13.67 3.47 -11.74
N ASN A 122 -13.40 2.93 -10.58
CA ASN A 122 -14.06 1.64 -10.16
C ASN A 122 -15.01 1.90 -8.98
N GLY A 123 -15.18 3.13 -8.56
CA GLY A 123 -16.10 3.40 -7.40
C GLY A 123 -15.28 3.48 -6.11
N ALA A 124 -14.08 3.96 -6.20
CA ALA A 124 -13.22 4.07 -4.97
C ALA A 124 -13.35 5.48 -4.39
N LEU A 125 -13.74 6.44 -5.18
CA LEU A 125 -13.90 7.84 -4.70
C LEU A 125 -12.58 8.32 -4.08
N VAL A 126 -11.96 9.29 -4.69
CA VAL A 126 -10.68 9.82 -4.14
C VAL A 126 -10.99 10.73 -2.96
N SER A 127 -12.22 11.18 -2.86
CA SER A 127 -12.61 12.06 -1.74
C SER A 127 -13.19 11.23 -0.60
N ILE A 128 -12.61 10.09 -0.32
CA ILE A 128 -13.12 9.26 0.81
C ILE A 128 -12.89 10.01 2.13
N CYS A 129 -11.67 10.44 2.37
CA CYS A 129 -11.30 11.17 3.62
C CYS A 129 -10.78 10.16 4.63
N ASN A 130 -9.50 9.88 4.60
CA ASN A 130 -8.95 8.88 5.55
C ASN A 130 -9.31 9.26 6.99
N LYS A 131 -8.75 8.58 7.93
CA LYS A 131 -9.05 8.87 9.36
C LYS A 131 -8.75 10.35 9.64
N TYR A 132 -7.75 10.90 8.99
CA TYR A 132 -7.39 12.34 9.20
C TYR A 132 -7.47 13.06 7.86
N GLY A 133 -8.30 12.58 6.98
CA GLY A 133 -8.44 13.24 5.65
C GLY A 133 -7.19 13.00 4.84
N GLU A 134 -6.39 12.07 5.26
CA GLU A 134 -5.14 11.79 4.51
C GLU A 134 -5.53 11.29 3.12
N MET A 135 -5.65 12.16 2.16
CA MET A 135 -6.04 11.73 0.77
C MET A 135 -4.88 12.08 -0.17
N PRO A 136 -4.86 11.49 -1.35
CA PRO A 136 -3.80 11.78 -2.32
C PRO A 136 -3.67 13.29 -2.53
N VAL A 137 -4.78 13.99 -2.56
CA VAL A 137 -4.72 15.47 -2.78
C VAL A 137 -3.76 16.13 -1.78
N ASP A 138 -3.87 15.78 -0.52
CA ASP A 138 -2.97 16.40 0.50
C ASP A 138 -1.61 15.72 0.41
N LYS A 139 -1.60 14.43 0.35
CA LYS A 139 -0.30 13.73 0.24
C LYS A 139 0.34 14.16 -1.07
N ALA A 140 -0.45 14.78 -1.93
CA ALA A 140 0.10 15.25 -3.24
C ALA A 140 0.46 16.72 -3.12
N LYS A 141 -0.13 17.38 -2.17
CA LYS A 141 0.15 18.82 -1.95
C LYS A 141 1.40 18.96 -1.08
N ALA A 142 1.86 17.90 -0.46
CA ALA A 142 3.08 18.02 0.40
C ALA A 142 4.32 18.04 -0.50
N PRO A 143 4.58 16.99 -1.25
CA PRO A 143 5.75 16.97 -2.16
C PRO A 143 5.75 18.28 -2.96
N LEU A 144 4.57 18.77 -3.25
CA LEU A 144 4.40 20.03 -4.04
C LEU A 144 4.29 19.65 -5.51
N ARG A 145 3.68 18.52 -5.78
CA ARG A 145 3.51 18.09 -7.19
C ARG A 145 2.48 19.00 -7.85
N GLU A 146 1.30 19.06 -7.29
CA GLU A 146 0.22 19.93 -7.86
C GLU A 146 -0.15 19.48 -9.28
N LEU A 147 0.68 18.69 -9.88
CA LEU A 147 0.40 18.21 -11.27
C LEU A 147 -0.74 17.21 -11.23
N LEU A 148 -0.56 16.10 -10.58
CA LEU A 148 -1.66 15.11 -10.53
C LEU A 148 -2.82 15.73 -9.75
N ARG A 149 -2.55 16.76 -8.98
CA ARG A 149 -3.64 17.39 -8.21
C ARG A 149 -4.65 18.01 -9.17
N GLU A 150 -4.19 18.69 -10.18
CA GLU A 150 -5.13 19.31 -11.15
C GLU A 150 -5.75 18.24 -12.04
N ARG A 151 -5.03 17.21 -12.35
CA ARG A 151 -5.59 16.13 -13.22
C ARG A 151 -6.75 15.43 -12.51
N ALA A 152 -6.73 15.33 -11.21
CA ALA A 152 -7.85 14.65 -10.50
C ALA A 152 -8.96 15.65 -10.19
N GLU A 153 -8.65 16.91 -10.07
CA GLU A 153 -9.70 17.92 -9.73
C GLU A 153 -10.35 18.47 -11.02
N LYS A 154 -9.86 18.07 -12.17
CA LYS A 154 -10.43 18.58 -13.47
C LYS A 154 -10.95 17.43 -14.33
N MET A 155 -11.07 16.27 -13.78
CA MET A 155 -11.57 15.14 -14.59
C MET A 155 -13.09 15.22 -14.75
N GLY A 156 -13.81 15.62 -13.73
CA GLY A 156 -15.31 15.74 -13.90
C GLY A 156 -16.07 15.50 -12.58
N GLN A 157 -15.39 15.17 -11.53
CA GLN A 157 -16.05 14.92 -10.21
C GLN A 157 -15.87 16.14 -9.30
N ASN A 158 -15.24 17.18 -9.79
CA ASN A 158 -15.01 18.40 -8.95
C ASN A 158 -15.61 19.61 -9.65
N LEU A 159 -15.37 19.75 -10.92
CA LEU A 159 -15.95 20.92 -11.66
C LEU A 159 -17.47 20.78 -11.68
N ASN A 160 -18.09 20.98 -10.55
CA ASN A 160 -19.58 20.85 -10.46
C ASN A 160 -20.21 22.25 -10.43
N ARG A 161 -20.97 22.58 -11.44
CA ARG A 161 -21.61 23.93 -11.46
C ARG A 161 -22.32 24.15 -10.12
N ILE A 162 -22.51 25.39 -9.73
CA ILE A 162 -23.18 25.68 -8.43
C ILE A 162 -24.59 25.03 -8.42
N PRO A 163 -24.81 23.97 -7.64
CA PRO A 163 -26.13 23.32 -7.61
C PRO A 163 -27.20 24.33 -7.14
N TYR A 164 -28.41 24.19 -7.60
CA TYR A 164 -29.48 25.16 -7.20
C TYR A 164 -29.49 25.34 -5.67
N LYS A 165 -29.51 24.27 -4.93
CA LYS A 165 -29.53 24.40 -3.44
C LYS A 165 -28.26 25.11 -2.98
N ASP A 166 -27.76 24.78 -1.82
CA ASP A 166 -26.52 25.43 -1.30
C ASP A 166 -26.86 26.81 -0.72
N THR A 167 -27.74 27.53 -1.34
CA THR A 167 -28.11 28.87 -0.82
C THR A 167 -29.46 29.28 -1.38
N PHE A 168 -29.79 28.78 -2.53
CA PHE A 168 -31.11 29.12 -3.15
C PHE A 168 -32.13 28.09 -2.70
N TRP A 169 -31.82 27.48 -1.61
CA TRP A 169 -32.72 26.48 -0.99
C TRP A 169 -34.17 26.94 -1.11
N LYS A 170 -34.36 28.22 -1.23
CA LYS A 170 -35.74 28.79 -1.34
C LYS A 170 -35.73 29.91 -2.38
N GLY A 171 -35.77 31.13 -1.93
CA GLY A 171 -35.77 32.28 -2.88
C GLY A 171 -35.96 33.58 -2.10
N MET B 1 17.57 35.01 -5.86
CA MET B 1 17.75 33.78 -6.66
C MET B 1 16.63 32.78 -6.33
N ALA B 2 16.72 32.12 -5.21
CA ALA B 2 15.66 31.14 -4.84
C ALA B 2 15.79 30.79 -3.36
N ASN B 3 14.69 30.65 -2.68
CA ASN B 3 14.75 30.29 -1.22
C ASN B 3 15.02 28.80 -1.07
N ALA B 4 15.55 28.39 0.05
CA ALA B 4 15.83 26.95 0.26
C ALA B 4 16.72 26.43 -0.87
N LEU B 5 17.99 26.24 -0.60
CA LEU B 5 18.91 25.73 -1.65
C LEU B 5 18.64 24.24 -1.90
N ALA B 6 17.66 23.69 -1.23
CA ALA B 6 17.34 22.26 -1.42
C ALA B 6 18.58 21.41 -1.14
N SER B 7 18.94 21.26 0.11
CA SER B 7 20.14 20.44 0.46
C SER B 7 19.73 18.99 0.67
N ALA B 8 20.13 18.39 1.76
CA ALA B 8 19.75 16.98 2.02
C ALA B 8 18.23 16.84 1.89
N THR B 9 17.79 15.65 1.56
CA THR B 9 16.33 15.38 1.32
C THR B 9 15.81 14.26 2.23
N CYS B 10 14.51 14.23 2.50
CA CYS B 10 14.01 13.14 3.36
C CYS B 10 14.28 11.84 2.71
N GLU B 11 14.58 10.91 3.52
CA GLU B 11 14.81 9.55 3.00
C GLU B 11 13.45 8.99 2.53
N ARG B 12 12.38 9.72 2.80
CA ARG B 12 11.01 9.23 2.40
C ARG B 12 10.22 10.28 1.60
N CYS B 13 10.11 11.51 2.06
CA CYS B 13 9.32 12.49 1.24
C CYS B 13 10.22 13.04 0.14
N LYS B 14 11.48 12.74 0.23
CA LYS B 14 12.45 13.22 -0.80
C LYS B 14 12.47 14.73 -0.79
N GLY B 15 11.85 15.29 0.20
CA GLY B 15 11.83 16.71 0.44
C GLY B 15 13.24 17.07 0.65
N GLY B 16 13.46 18.28 0.73
CA GLY B 16 14.79 18.90 0.86
C GLY B 16 14.80 19.81 2.05
N PHE B 17 15.43 19.41 3.11
CA PHE B 17 15.51 20.25 4.31
C PHE B 17 16.91 20.82 4.45
N ALA B 18 16.90 21.84 5.17
CA ALA B 18 18.09 22.70 5.58
C ALA B 18 18.13 22.25 6.98
N PRO B 19 19.03 21.43 7.35
CA PRO B 19 18.66 20.77 8.54
C PRO B 19 18.78 21.00 10.02
N ALA B 20 18.41 22.14 10.17
CA ALA B 20 18.20 22.79 11.44
C ALA B 20 16.75 23.16 11.28
N GLU B 21 16.13 22.60 10.24
CA GLU B 21 14.69 22.82 10.03
C GLU B 21 14.15 21.64 10.72
N LYS B 22 13.83 20.64 9.96
CA LYS B 22 13.45 19.41 10.54
C LYS B 22 13.86 18.23 9.67
N ILE B 23 14.99 17.73 10.01
CA ILE B 23 15.59 16.53 9.44
C ILE B 23 15.88 15.54 10.58
N VAL B 24 15.72 14.25 10.37
CA VAL B 24 16.02 13.28 11.45
C VAL B 24 16.90 12.18 10.85
N ASN B 25 18.04 11.97 11.44
CA ASN B 25 18.99 10.93 10.96
C ASN B 25 18.81 9.68 11.81
N SER B 26 18.54 8.57 11.20
CA SER B 26 18.36 7.32 11.91
C SER B 26 19.06 6.26 11.10
N ASN B 27 20.21 5.88 11.56
CA ASN B 27 21.04 4.83 10.90
C ASN B 27 22.05 5.44 9.93
N GLY B 28 21.72 6.56 9.34
CA GLY B 28 22.66 7.18 8.36
C GLY B 28 21.85 7.77 7.22
N GLU B 29 20.56 7.56 7.23
CA GLU B 29 19.68 8.13 6.18
C GLU B 29 18.94 9.25 6.87
N LEU B 30 18.45 10.23 6.16
CA LEU B 30 17.77 11.37 6.80
C LEU B 30 16.27 11.20 6.67
N TYR B 31 15.54 11.51 7.70
CA TYR B 31 14.07 11.33 7.69
C TYR B 31 13.39 12.51 8.38
N HIS B 32 12.41 13.09 7.77
CA HIS B 32 11.71 14.20 8.44
C HIS B 32 11.03 13.52 9.60
N GLU B 33 10.81 14.14 10.70
CA GLU B 33 9.98 13.43 11.70
C GLU B 33 8.63 13.11 10.96
N GLN B 34 8.56 13.59 9.72
CA GLN B 34 7.39 13.36 8.82
C GLN B 34 7.64 12.06 8.08
N CYS B 35 8.84 11.59 8.20
CA CYS B 35 9.28 10.39 7.53
C CYS B 35 9.20 9.31 8.60
N PHE B 36 9.01 9.79 9.80
CA PHE B 36 8.78 8.87 10.96
C PHE B 36 7.30 8.55 10.90
N VAL B 37 6.98 7.70 9.99
CA VAL B 37 5.55 7.27 9.77
C VAL B 37 5.49 5.78 9.40
N CYS B 38 4.61 5.04 10.03
CA CYS B 38 4.39 3.60 9.67
C CYS B 38 3.70 3.53 8.33
N ALA B 39 4.02 2.56 7.52
CA ALA B 39 3.30 2.43 6.21
C ALA B 39 1.78 2.20 6.42
N GLN B 40 1.43 1.52 7.48
CA GLN B 40 -0.01 1.23 7.83
C GLN B 40 -0.47 2.22 8.88
N CYS B 41 0.45 2.41 9.75
CA CYS B 41 0.37 3.24 10.96
C CYS B 41 0.92 4.64 10.61
N PHE B 42 1.25 4.92 9.28
CA PHE B 42 1.99 6.19 8.72
C PHE B 42 1.45 7.37 9.34
N GLN B 43 1.10 7.06 10.42
CA GLN B 43 0.76 8.05 11.37
C GLN B 43 2.08 8.02 12.09
N GLN B 44 2.40 9.06 12.63
CA GLN B 44 3.70 9.18 13.28
C GLN B 44 3.87 8.08 14.32
N PHE B 45 5.08 7.64 14.47
CA PHE B 45 5.40 6.56 15.45
C PHE B 45 5.21 7.07 16.89
N PRO B 46 4.35 6.43 17.68
CA PRO B 46 4.11 6.84 19.07
C PRO B 46 5.29 6.47 19.99
N GLU B 47 5.71 7.42 20.76
CA GLU B 47 6.86 7.30 21.71
C GLU B 47 8.10 7.13 20.88
N GLY B 48 7.93 7.30 19.61
CA GLY B 48 9.06 7.32 18.70
C GLY B 48 9.74 5.96 18.52
N LEU B 49 9.18 4.88 19.04
CA LEU B 49 9.86 3.56 18.86
C LEU B 49 9.37 2.91 17.62
N PHE B 50 10.32 2.63 16.78
CA PHE B 50 9.99 2.07 15.47
C PHE B 50 10.88 0.87 15.01
N TYR B 51 10.35 0.02 14.10
CA TYR B 51 11.15 -1.07 13.48
C TYR B 51 10.76 -1.18 11.99
N GLU B 52 11.72 -1.18 11.12
CA GLU B 52 11.46 -1.35 9.64
C GLU B 52 11.59 -2.84 9.24
N PHE B 53 10.70 -3.36 8.40
CA PHE B 53 10.87 -4.75 7.90
C PHE B 53 10.46 -4.89 6.42
N GLU B 54 11.26 -5.62 5.72
CA GLU B 54 11.04 -5.95 4.26
C GLU B 54 10.65 -4.76 3.37
N GLY B 55 11.15 -3.59 3.63
CA GLY B 55 10.81 -2.43 2.71
C GLY B 55 9.53 -1.71 3.16
N ARG B 56 8.86 -2.20 4.16
CA ARG B 56 7.64 -1.49 4.67
C ARG B 56 8.04 -1.05 6.06
N LYS B 57 7.46 0.00 6.55
CA LYS B 57 7.83 0.48 7.91
C LYS B 57 6.65 0.32 8.89
N TYR B 58 6.86 -0.31 10.05
CA TYR B 58 5.72 -0.48 11.04
C TYR B 58 6.21 -0.16 12.46
N CYS B 59 5.38 0.34 13.34
CA CYS B 59 5.87 0.53 14.73
C CYS B 59 6.14 -0.88 15.19
N GLU B 60 6.84 -1.07 16.25
CA GLU B 60 7.17 -2.44 16.63
C GLU B 60 5.90 -3.23 16.73
N HIS B 61 4.93 -2.58 17.25
CA HIS B 61 3.66 -3.21 17.49
C HIS B 61 3.13 -3.85 16.23
N ASP B 62 3.04 -3.12 15.16
CA ASP B 62 2.50 -3.78 13.95
C ASP B 62 3.55 -4.67 13.40
N PHE B 63 4.76 -4.28 13.54
CA PHE B 63 5.81 -5.11 12.95
C PHE B 63 5.73 -6.46 13.58
N GLN B 64 5.52 -6.54 14.85
CA GLN B 64 5.48 -7.93 15.41
C GLN B 64 4.31 -8.61 14.83
N MET B 65 3.25 -7.91 14.67
CA MET B 65 2.04 -8.61 14.20
C MET B 65 2.36 -9.27 12.88
N LEU B 66 2.96 -8.59 11.96
CA LEU B 66 3.31 -9.28 10.71
C LEU B 66 4.43 -10.23 11.04
N PHE B 67 5.37 -9.77 11.81
CA PHE B 67 6.51 -10.65 12.09
C PHE B 67 6.06 -11.90 12.79
N ALA B 68 5.05 -11.88 13.61
CA ALA B 68 4.68 -13.15 14.30
C ALA B 68 5.91 -13.77 14.97
N PRO B 69 6.48 -13.08 15.94
CA PRO B 69 7.67 -13.58 16.67
C PRO B 69 7.31 -14.87 17.43
N CYS B 70 6.18 -14.88 18.09
CA CYS B 70 5.78 -16.09 18.85
C CYS B 70 4.25 -16.11 19.00
ZN ZN C . 10.72 13.71 4.43
ZN ZN D . 2.28 1.38 13.15
N MET A 1 10.72 -19.69 6.37
CA MET A 1 10.79 -20.56 5.17
C MET A 1 12.21 -21.13 5.03
N ASP A 2 12.32 -22.36 4.58
CA ASP A 2 13.67 -22.97 4.43
C ASP A 2 13.59 -24.13 3.43
N ASP A 3 14.70 -24.77 3.16
CA ASP A 3 14.70 -25.91 2.21
C ASP A 3 13.98 -25.52 0.90
N ILE A 4 12.93 -26.22 0.58
CA ILE A 4 12.17 -25.93 -0.68
C ILE A 4 11.52 -24.56 -0.56
N PHE A 5 10.81 -24.34 0.51
CA PHE A 5 10.13 -23.03 0.72
C PHE A 5 11.05 -21.87 0.33
N THR A 6 12.25 -21.84 0.86
CA THR A 6 13.18 -20.71 0.52
C THR A 6 13.79 -20.93 -0.86
N GLN A 7 14.15 -22.13 -1.17
CA GLN A 7 14.75 -22.41 -2.50
C GLN A 7 13.67 -22.26 -3.57
N CYS A 8 12.43 -22.12 -3.15
CA CYS A 8 11.32 -21.97 -4.14
C CYS A 8 11.19 -20.49 -4.52
N ARG A 9 11.09 -19.62 -3.55
CA ARG A 9 10.95 -18.16 -3.86
C ARG A 9 12.25 -17.69 -4.53
N GLU A 10 13.27 -18.49 -4.44
CA GLU A 10 14.57 -18.13 -5.04
C GLU A 10 14.39 -17.92 -6.55
N GLY A 11 13.18 -18.09 -7.04
CA GLY A 11 12.92 -17.92 -8.49
C GLY A 11 12.90 -19.29 -9.14
N ASN A 12 13.09 -20.31 -8.36
CA ASN A 12 13.06 -21.68 -8.91
C ASN A 12 11.61 -21.99 -9.24
N ALA A 13 11.03 -21.17 -10.08
CA ALA A 13 9.60 -21.38 -10.48
C ALA A 13 9.35 -22.87 -10.71
N VAL A 14 10.39 -23.58 -10.98
CA VAL A 14 10.24 -25.05 -11.21
C VAL A 14 10.07 -25.75 -9.85
N ALA A 15 10.77 -25.29 -8.87
CA ALA A 15 10.69 -25.92 -7.53
C ALA A 15 9.33 -25.63 -6.89
N VAL A 16 8.77 -24.47 -7.06
CA VAL A 16 7.47 -24.20 -6.41
C VAL A 16 6.38 -25.02 -7.09
N ARG A 17 6.37 -25.11 -8.39
CA ARG A 17 5.30 -25.94 -9.04
C ARG A 17 5.51 -27.39 -8.59
N LEU A 18 6.74 -27.80 -8.52
CA LEU A 18 7.06 -29.19 -8.10
C LEU A 18 6.22 -29.56 -6.87
N TRP A 19 6.39 -28.89 -5.76
CA TRP A 19 5.60 -29.27 -4.54
C TRP A 19 4.14 -28.84 -4.70
N LEU A 20 3.87 -27.83 -5.47
CA LEU A 20 2.45 -27.39 -5.62
C LEU A 20 1.66 -28.44 -6.40
N ASP A 21 2.30 -29.24 -7.21
CA ASP A 21 1.57 -30.28 -7.99
C ASP A 21 1.37 -31.52 -7.13
N ASN A 22 2.01 -31.58 -6.01
CA ASN A 22 1.87 -32.77 -5.12
C ASN A 22 0.40 -33.16 -5.00
N THR A 23 0.10 -34.41 -5.17
CA THR A 23 -1.32 -34.86 -5.08
C THR A 23 -1.75 -34.89 -3.61
N GLU A 24 -0.90 -34.44 -2.72
CA GLU A 24 -1.26 -34.43 -1.26
C GLU A 24 -1.62 -33.01 -0.84
N ASN A 25 -0.98 -32.03 -1.42
CA ASN A 25 -1.27 -30.61 -1.06
C ASN A 25 -1.24 -30.44 0.46
N ASP A 26 -0.06 -30.45 1.02
CA ASP A 26 0.09 -30.26 2.50
C ASP A 26 1.22 -29.26 2.74
N LEU A 27 2.25 -29.36 1.96
CA LEU A 27 3.39 -28.42 2.11
C LEU A 27 2.84 -27.00 2.03
N ASN A 28 1.60 -26.84 1.65
CA ASN A 28 1.00 -25.49 1.58
C ASN A 28 0.81 -24.97 3.01
N GLN A 29 1.71 -25.32 3.89
CA GLN A 29 1.59 -24.88 5.31
C GLN A 29 2.10 -23.44 5.43
N GLY A 30 1.41 -22.62 6.20
CA GLY A 30 1.83 -21.20 6.37
C GLY A 30 2.47 -21.02 7.75
N ASP A 31 1.91 -20.18 8.58
CA ASP A 31 2.46 -19.98 9.97
C ASP A 31 1.32 -19.97 10.98
N ASP A 32 1.65 -19.96 12.25
CA ASP A 32 0.59 -19.95 13.29
C ASP A 32 -0.01 -18.54 13.41
N HIS A 33 0.61 -17.58 12.78
CA HIS A 33 0.08 -16.18 12.83
C HIS A 33 -0.79 -15.93 11.61
N GLY A 34 -0.73 -16.82 10.64
CA GLY A 34 -1.58 -16.67 9.42
C GLY A 34 -0.75 -16.19 8.22
N PHE A 35 0.52 -16.50 8.17
CA PHE A 35 1.33 -16.10 6.99
C PHE A 35 1.23 -17.23 5.97
N SER A 36 0.72 -16.96 4.79
CA SER A 36 0.57 -18.04 3.75
C SER A 36 1.42 -17.66 2.52
N PRO A 37 1.63 -18.59 1.63
CA PRO A 37 2.40 -18.30 0.40
C PRO A 37 1.76 -17.11 -0.33
N LEU A 38 0.46 -17.02 -0.30
CA LEU A 38 -0.22 -15.89 -0.98
C LEU A 38 0.39 -14.57 -0.49
N HIS A 39 0.50 -14.46 0.79
CA HIS A 39 1.06 -13.24 1.39
C HIS A 39 2.45 -12.98 0.84
N TRP A 40 3.35 -13.86 1.09
CA TRP A 40 4.74 -13.66 0.60
C TRP A 40 4.70 -13.45 -0.91
N ALA A 41 3.96 -14.27 -1.58
CA ALA A 41 3.89 -14.19 -3.08
C ALA A 41 3.21 -12.90 -3.55
N CYS A 42 2.05 -12.59 -3.03
CA CYS A 42 1.31 -11.39 -3.48
C CYS A 42 2.13 -10.10 -3.29
N ARG A 43 3.02 -10.05 -2.32
CA ARG A 43 3.79 -8.78 -2.11
C ARG A 43 5.05 -8.74 -3.00
N GLU A 44 5.72 -9.84 -3.21
CA GLU A 44 6.95 -9.79 -4.06
C GLU A 44 6.55 -9.56 -5.53
N GLY A 45 5.66 -10.37 -6.08
CA GLY A 45 5.24 -10.17 -7.51
C GLY A 45 5.37 -11.46 -8.31
N ARG A 46 5.53 -12.58 -7.66
CA ARG A 46 5.65 -13.85 -8.43
C ARG A 46 4.31 -14.18 -9.07
N SER A 47 3.79 -13.28 -9.88
CA SER A 47 2.47 -13.48 -10.55
C SER A 47 2.24 -14.95 -10.90
N ALA A 48 3.22 -15.61 -11.45
CA ALA A 48 3.03 -17.05 -11.81
C ALA A 48 2.46 -17.80 -10.60
N VAL A 49 3.32 -18.24 -9.72
CA VAL A 49 2.86 -19.04 -8.54
C VAL A 49 1.52 -18.50 -8.00
N VAL A 50 1.40 -17.21 -7.85
CA VAL A 50 0.12 -16.62 -7.32
C VAL A 50 -1.08 -17.08 -8.15
N GLU A 51 -1.03 -16.85 -9.41
CA GLU A 51 -2.15 -17.23 -10.32
C GLU A 51 -2.51 -18.71 -10.18
N MET A 52 -1.55 -19.57 -10.35
CA MET A 52 -1.82 -21.03 -10.27
C MET A 52 -2.26 -21.41 -8.85
N LEU A 53 -2.07 -20.55 -7.89
CA LEU A 53 -2.50 -20.85 -6.49
C LEU A 53 -3.99 -20.52 -6.33
N ILE A 54 -4.36 -19.32 -6.70
CA ILE A 54 -5.80 -18.89 -6.58
C ILE A 54 -6.73 -20.02 -7.02
N MET A 55 -6.30 -20.83 -7.95
CA MET A 55 -7.16 -21.93 -8.46
C MET A 55 -7.12 -23.12 -7.50
N ARG A 56 -6.02 -23.33 -6.84
CA ARG A 56 -5.95 -24.48 -5.89
C ARG A 56 -7.14 -24.40 -4.94
N GLY A 57 -7.53 -23.21 -4.58
CA GLY A 57 -8.69 -23.04 -3.68
C GLY A 57 -8.47 -21.86 -2.72
N ALA A 58 -7.35 -21.21 -2.81
CA ALA A 58 -7.09 -20.06 -1.88
C ALA A 58 -8.30 -19.13 -1.92
N ARG A 59 -8.67 -18.57 -0.79
CA ARG A 59 -9.84 -17.66 -0.74
C ARG A 59 -9.38 -16.22 -0.94
N ILE A 60 -10.18 -15.42 -1.57
CA ILE A 60 -9.81 -14.00 -1.79
C ILE A 60 -10.34 -13.15 -0.63
N ASN A 61 -11.03 -13.76 0.31
CA ASN A 61 -11.59 -12.98 1.46
C ASN A 61 -10.66 -13.12 2.68
N VAL A 62 -9.72 -14.00 2.61
CA VAL A 62 -8.79 -14.19 3.77
C VAL A 62 -8.04 -12.88 4.03
N MET A 63 -7.50 -12.73 5.22
CA MET A 63 -6.75 -11.48 5.55
C MET A 63 -5.68 -11.79 6.59
N ASN A 64 -4.58 -11.09 6.55
CA ASN A 64 -3.48 -11.36 7.53
C ASN A 64 -3.87 -10.84 8.93
N ARG A 65 -3.05 -11.11 9.90
CA ARG A 65 -3.32 -10.63 11.28
C ARG A 65 -3.28 -9.10 11.26
N GLY A 66 -2.49 -8.54 10.37
CA GLY A 66 -2.39 -7.06 10.29
C GLY A 66 -3.31 -6.53 9.18
N ASP A 67 -4.47 -7.13 9.03
CA ASP A 67 -5.42 -6.65 8.00
C ASP A 67 -4.70 -6.45 6.66
N ASP A 68 -4.66 -7.48 5.88
CA ASP A 68 -4.01 -7.38 4.54
C ASP A 68 -4.59 -8.46 3.62
N THR A 69 -5.51 -8.08 2.76
CA THR A 69 -6.11 -9.05 1.82
C THR A 69 -5.24 -9.05 0.56
N PRO A 70 -5.15 -10.14 -0.14
CA PRO A 70 -4.33 -10.20 -1.36
C PRO A 70 -4.65 -9.01 -2.27
N LEU A 71 -5.88 -8.63 -2.41
CA LEU A 71 -6.21 -7.50 -3.32
C LEU A 71 -5.33 -6.31 -2.95
N HIS A 72 -5.34 -5.91 -1.71
CA HIS A 72 -4.48 -4.76 -1.31
C HIS A 72 -3.05 -5.07 -1.74
N LEU A 73 -2.47 -6.08 -1.13
CA LEU A 73 -1.07 -6.46 -1.45
C LEU A 73 -0.89 -6.51 -2.97
N ALA A 74 -1.83 -7.07 -3.68
CA ALA A 74 -1.73 -7.13 -5.16
C ALA A 74 -1.57 -5.71 -5.70
N ALA A 75 -2.61 -4.93 -5.65
CA ALA A 75 -2.54 -3.54 -6.15
C ALA A 75 -1.31 -2.84 -5.56
N SER A 76 -0.84 -3.30 -4.44
CA SER A 76 0.34 -2.64 -3.80
C SER A 76 1.55 -2.68 -4.74
N HIS A 77 1.86 -3.82 -5.27
CA HIS A 77 3.06 -3.91 -6.18
C HIS A 77 2.86 -2.98 -7.39
N GLY A 78 1.73 -3.06 -8.06
CA GLY A 78 1.49 -2.17 -9.25
C GLY A 78 1.30 -3.01 -10.52
N HIS A 79 1.60 -4.28 -10.47
CA HIS A 79 1.45 -5.13 -11.69
C HIS A 79 -0.04 -5.21 -12.06
N ARG A 80 -0.47 -4.37 -12.95
CA ARG A 80 -1.90 -4.36 -13.36
C ARG A 80 -2.38 -5.79 -13.65
N ASP A 81 -1.52 -6.63 -14.14
CA ASP A 81 -1.94 -8.02 -14.46
C ASP A 81 -2.63 -8.67 -13.26
N ILE A 82 -1.95 -8.77 -12.14
CA ILE A 82 -2.61 -9.40 -10.96
C ILE A 82 -3.94 -8.72 -10.69
N VAL A 83 -4.02 -7.43 -10.86
CA VAL A 83 -5.32 -6.75 -10.61
C VAL A 83 -6.42 -7.45 -11.40
N GLN A 84 -6.29 -7.50 -12.70
CA GLN A 84 -7.34 -8.15 -13.55
C GLN A 84 -7.69 -9.50 -12.91
N LYS A 85 -6.70 -10.20 -12.45
CA LYS A 85 -6.90 -11.52 -11.82
C LYS A 85 -7.83 -11.41 -10.60
N LEU A 86 -7.46 -10.64 -9.60
CA LEU A 86 -8.32 -10.51 -8.39
C LEU A 86 -9.54 -9.62 -8.70
N LEU A 87 -9.43 -8.76 -9.66
CA LEU A 87 -10.55 -7.84 -10.00
C LEU A 87 -11.62 -8.57 -10.83
N GLN A 88 -11.24 -9.56 -11.59
CA GLN A 88 -12.24 -10.28 -12.42
C GLN A 88 -12.91 -11.40 -11.65
N TYR A 89 -12.20 -11.98 -10.73
CA TYR A 89 -12.78 -13.12 -9.95
C TYR A 89 -13.96 -12.64 -9.10
N LYS A 90 -13.88 -11.50 -8.48
CA LYS A 90 -15.02 -11.04 -7.64
C LYS A 90 -15.02 -9.53 -7.48
N ALA A 91 -14.17 -8.83 -8.16
CA ALA A 91 -14.13 -7.35 -8.04
C ALA A 91 -14.20 -6.94 -6.55
N ASP A 92 -13.29 -7.43 -5.76
CA ASP A 92 -13.29 -7.05 -4.31
C ASP A 92 -12.62 -5.68 -4.20
N ILE A 93 -12.72 -4.91 -5.24
CA ILE A 93 -12.16 -3.52 -5.26
C ILE A 93 -13.10 -2.64 -4.43
N ASN A 94 -14.38 -2.87 -4.56
CA ASN A 94 -15.35 -2.05 -3.77
C ASN A 94 -15.39 -2.57 -2.34
N ALA A 95 -14.71 -3.66 -2.06
CA ALA A 95 -14.68 -4.21 -0.68
C ALA A 95 -13.38 -3.80 -0.01
N VAL A 96 -13.42 -2.75 0.76
CA VAL A 96 -12.19 -2.28 1.45
C VAL A 96 -11.89 -3.16 2.66
N ASN A 97 -10.86 -2.84 3.40
CA ASN A 97 -10.55 -3.63 4.61
C ASN A 97 -11.43 -3.10 5.75
N GLU A 98 -10.88 -2.79 6.90
CA GLU A 98 -11.70 -2.26 8.03
C GLU A 98 -11.41 -0.77 8.24
N HIS A 99 -10.37 -0.26 7.63
CA HIS A 99 -10.02 1.19 7.78
C HIS A 99 -10.33 1.89 6.47
N GLY A 100 -10.98 1.22 5.57
CA GLY A 100 -11.32 1.84 4.25
C GLY A 100 -10.10 1.76 3.32
N ASN A 101 -9.52 0.60 3.20
CA ASN A 101 -8.30 0.45 2.34
C ASN A 101 -8.70 0.23 0.88
N VAL A 102 -8.76 1.29 0.11
CA VAL A 102 -9.10 1.17 -1.35
C VAL A 102 -7.76 1.02 -2.11
N PRO A 103 -7.74 0.25 -3.18
CA PRO A 103 -6.49 0.04 -3.94
C PRO A 103 -5.88 1.40 -4.35
N LEU A 104 -6.69 2.40 -4.55
CA LEU A 104 -6.14 3.72 -4.95
C LEU A 104 -5.32 4.30 -3.80
N HIS A 105 -5.83 4.25 -2.59
CA HIS A 105 -5.07 4.80 -1.44
C HIS A 105 -3.65 4.23 -1.49
N TYR A 106 -3.56 2.96 -1.72
CA TYR A 106 -2.21 2.31 -1.80
C TYR A 106 -1.51 2.71 -3.11
N ALA A 107 -2.17 2.46 -4.22
CA ALA A 107 -1.57 2.81 -5.54
C ALA A 107 -1.15 4.28 -5.56
N CYS A 108 -1.87 5.12 -4.87
CA CYS A 108 -1.52 6.56 -4.86
C CYS A 108 -0.41 6.81 -3.84
N PHE A 109 -0.48 6.18 -2.70
CA PHE A 109 0.58 6.39 -1.67
C PHE A 109 1.95 6.10 -2.27
N TRP A 110 2.01 5.34 -3.34
CA TRP A 110 3.34 5.03 -3.96
C TRP A 110 3.56 5.96 -5.17
N GLY A 111 2.61 6.02 -6.07
CA GLY A 111 2.76 6.92 -7.27
C GLY A 111 2.53 6.11 -8.55
N GLN A 112 1.32 5.69 -8.80
CA GLN A 112 1.01 4.89 -10.03
C GLN A 112 -0.20 5.49 -10.74
N ASP A 113 0.01 6.50 -11.54
CA ASP A 113 -1.11 7.20 -12.23
C ASP A 113 -1.90 6.24 -13.15
N GLN A 114 -1.25 5.54 -14.03
CA GLN A 114 -2.00 4.64 -14.96
C GLN A 114 -3.00 3.76 -14.19
N VAL A 115 -2.53 2.93 -13.31
CA VAL A 115 -3.46 2.03 -12.56
C VAL A 115 -4.48 2.87 -11.78
N ALA A 116 -4.08 3.99 -11.27
CA ALA A 116 -5.04 4.83 -10.50
C ALA A 116 -6.25 5.11 -11.36
N GLU A 117 -6.03 5.31 -12.61
CA GLU A 117 -7.16 5.59 -13.54
C GLU A 117 -8.03 4.34 -13.65
N ASP A 118 -7.42 3.20 -13.90
CA ASP A 118 -8.21 1.95 -14.03
C ASP A 118 -9.07 1.73 -12.78
N LEU A 119 -8.53 1.97 -11.62
CA LEU A 119 -9.31 1.75 -10.37
C LEU A 119 -10.56 2.65 -10.35
N VAL A 120 -10.40 3.94 -10.41
CA VAL A 120 -11.59 4.83 -10.41
C VAL A 120 -12.44 4.51 -11.63
N ALA A 121 -11.89 3.78 -12.56
CA ALA A 121 -12.65 3.40 -13.77
C ALA A 121 -13.41 2.11 -13.46
N ASN A 122 -13.25 1.60 -12.27
CA ASN A 122 -13.96 0.36 -11.87
C ASN A 122 -15.30 0.77 -11.26
N GLY A 123 -15.35 1.93 -10.64
CA GLY A 123 -16.60 2.41 -10.00
C GLY A 123 -16.27 2.84 -8.57
N ALA A 124 -15.02 2.74 -8.18
CA ALA A 124 -14.66 3.12 -6.79
C ALA A 124 -14.79 4.63 -6.56
N LEU A 125 -14.73 5.41 -7.60
CA LEU A 125 -14.85 6.88 -7.42
C LEU A 125 -13.60 7.36 -6.65
N VAL A 126 -13.06 8.50 -7.00
CA VAL A 126 -11.84 9.00 -6.30
C VAL A 126 -12.24 9.94 -5.16
N SER A 127 -13.50 10.30 -5.09
CA SER A 127 -13.97 11.22 -4.02
C SER A 127 -14.62 10.41 -2.89
N ILE A 128 -14.19 9.20 -2.69
CA ILE A 128 -14.79 8.37 -1.61
C ILE A 128 -14.45 8.98 -0.24
N CYS A 129 -13.20 9.30 -0.01
CA CYS A 129 -12.76 9.88 1.28
C CYS A 129 -12.44 8.74 2.24
N ASN A 130 -11.19 8.49 2.46
CA ASN A 130 -10.81 7.37 3.35
C ASN A 130 -11.49 7.56 4.70
N LYS A 131 -11.31 6.61 5.55
CA LYS A 131 -11.90 6.70 6.91
C LYS A 131 -11.44 8.00 7.54
N TYR A 132 -10.34 8.55 7.06
CA TYR A 132 -9.81 9.83 7.59
C TYR A 132 -9.75 10.84 6.43
N GLY A 133 -10.56 10.62 5.43
CA GLY A 133 -10.60 11.55 4.27
C GLY A 133 -9.26 11.54 3.56
N GLU A 134 -8.45 10.56 3.83
CA GLU A 134 -7.12 10.52 3.16
C GLU A 134 -7.31 10.13 1.70
N MET A 135 -7.34 11.09 0.79
CA MET A 135 -7.53 10.77 -0.66
C MET A 135 -6.27 11.27 -1.40
N PRO A 136 -6.17 11.02 -2.69
CA PRO A 136 -4.98 11.45 -3.46
C PRO A 136 -4.78 12.98 -3.33
N VAL A 137 -5.81 13.70 -3.02
CA VAL A 137 -5.71 15.18 -2.91
C VAL A 137 -4.57 15.62 -1.98
N ASP A 138 -4.54 15.10 -0.79
CA ASP A 138 -3.48 15.50 0.17
C ASP A 138 -2.25 14.67 -0.13
N LYS A 139 -2.47 13.45 -0.46
CA LYS A 139 -1.33 12.57 -0.78
C LYS A 139 -0.70 13.07 -2.07
N ALA A 140 -1.41 13.87 -2.82
CA ALA A 140 -0.84 14.41 -4.09
C ALA A 140 -0.20 15.77 -3.82
N LYS A 141 -0.66 16.44 -2.81
CA LYS A 141 -0.09 17.79 -2.49
C LYS A 141 1.09 17.65 -1.52
N ALA A 142 1.37 16.46 -1.01
CA ALA A 142 2.50 16.32 -0.06
C ALA A 142 3.82 15.96 -0.80
N PRO A 143 3.79 14.93 -1.64
CA PRO A 143 5.01 14.54 -2.37
C PRO A 143 5.55 15.71 -3.20
N LEU A 144 4.69 16.32 -3.99
CA LEU A 144 5.07 17.50 -4.85
C LEU A 144 4.27 17.42 -6.18
N ARG A 145 3.37 16.48 -6.30
CA ARG A 145 2.57 16.37 -7.55
C ARG A 145 1.83 17.71 -7.76
N GLU A 146 0.79 17.93 -7.02
CA GLU A 146 0.01 19.20 -7.16
C GLU A 146 -0.64 19.28 -8.55
N LEU A 147 -0.14 18.55 -9.51
CA LEU A 147 -0.76 18.59 -10.86
C LEU A 147 -1.93 17.64 -10.83
N LEU A 148 -1.73 16.53 -10.18
CA LEU A 148 -2.80 15.53 -10.03
C LEU A 148 -3.85 16.14 -9.09
N ARG A 149 -3.42 17.04 -8.24
CA ARG A 149 -4.37 17.71 -7.30
C ARG A 149 -5.37 18.52 -8.12
N GLU A 150 -4.89 19.38 -8.97
CA GLU A 150 -5.83 20.21 -9.79
C GLU A 150 -6.79 19.27 -10.51
N ARG A 151 -6.26 18.25 -11.13
CA ARG A 151 -7.14 17.28 -11.84
C ARG A 151 -8.12 16.69 -10.82
N ALA A 152 -7.60 16.22 -9.73
CA ALA A 152 -8.48 15.64 -8.68
C ALA A 152 -9.50 16.69 -8.27
N GLU A 153 -9.04 17.85 -7.84
CA GLU A 153 -9.99 18.92 -7.40
C GLU A 153 -10.91 19.29 -8.56
N LYS A 154 -10.48 19.08 -9.76
CA LYS A 154 -11.32 19.42 -10.94
C LYS A 154 -12.20 18.22 -11.29
N MET A 155 -12.05 17.15 -10.58
CA MET A 155 -12.88 15.93 -10.86
C MET A 155 -14.34 16.25 -10.57
N GLY A 156 -14.61 16.73 -9.39
CA GLY A 156 -16.02 17.06 -9.03
C GLY A 156 -16.19 16.94 -7.51
N GLN A 157 -15.42 17.69 -6.75
CA GLN A 157 -15.53 17.63 -5.27
C GLN A 157 -15.01 18.93 -4.67
N ASN A 158 -13.95 19.47 -5.20
CA ASN A 158 -13.40 20.73 -4.64
C ASN A 158 -14.40 21.86 -4.90
N LEU A 159 -14.73 22.11 -6.13
CA LEU A 159 -15.72 23.19 -6.42
C LEU A 159 -17.13 22.62 -6.28
N ASN A 160 -17.55 22.37 -5.06
CA ASN A 160 -18.91 21.80 -4.82
C ASN A 160 -19.86 22.90 -4.36
N ARG A 161 -20.80 23.29 -5.18
CA ARG A 161 -21.76 24.35 -4.75
C ARG A 161 -22.54 23.83 -3.56
N ILE A 162 -23.08 24.70 -2.74
CA ILE A 162 -23.86 24.22 -1.55
C ILE A 162 -25.06 23.38 -2.05
N PRO A 163 -25.06 22.06 -1.82
CA PRO A 163 -26.19 21.23 -2.30
C PRO A 163 -27.44 21.48 -1.45
N TYR A 164 -28.36 22.27 -1.96
CA TYR A 164 -29.62 22.57 -1.23
C TYR A 164 -29.32 22.74 0.27
N LYS A 165 -28.97 23.93 0.67
CA LYS A 165 -28.65 24.20 2.12
C LYS A 165 -27.81 25.48 2.16
N ASP A 166 -28.33 26.52 2.75
CA ASP A 166 -27.58 27.80 2.82
C ASP A 166 -28.51 28.90 3.36
N THR A 167 -29.18 29.58 2.47
CA THR A 167 -30.10 30.67 2.93
C THR A 167 -31.01 31.07 1.77
N PHE A 168 -30.95 30.37 0.67
CA PHE A 168 -31.83 30.70 -0.50
C PHE A 168 -32.63 29.49 -0.88
N TRP A 169 -33.75 29.36 -0.25
CA TRP A 169 -34.63 28.21 -0.48
C TRP A 169 -36.00 28.51 0.11
N LYS A 170 -36.15 28.26 1.36
CA LYS A 170 -37.47 28.52 2.00
C LYS A 170 -37.38 28.36 3.52
N GLY A 171 -36.42 27.62 3.99
CA GLY A 171 -36.27 27.43 5.46
C GLY A 171 -35.96 28.77 6.12
N MET B 1 25.37 23.67 -4.12
CA MET B 1 26.21 24.80 -4.64
C MET B 1 26.07 26.01 -3.73
N ALA B 2 26.68 27.11 -4.08
CA ALA B 2 26.58 28.32 -3.23
C ALA B 2 25.13 28.80 -3.21
N ASN B 3 24.35 28.35 -2.25
CA ASN B 3 22.93 28.78 -2.18
C ASN B 3 22.37 28.45 -0.79
N ALA B 4 22.76 29.20 0.20
CA ALA B 4 22.25 28.94 1.57
C ALA B 4 20.72 28.91 1.56
N LEU B 5 20.13 29.32 0.47
CA LEU B 5 18.64 29.31 0.38
C LEU B 5 18.15 27.88 0.15
N ALA B 6 19.06 26.95 0.01
CA ALA B 6 18.64 25.54 -0.23
C ALA B 6 19.87 24.63 -0.16
N SER B 7 19.77 23.53 0.52
CA SER B 7 20.93 22.59 0.61
C SER B 7 20.46 21.26 1.20
N ALA B 8 20.87 20.17 0.61
CA ALA B 8 20.44 18.83 1.13
C ALA B 8 18.92 18.72 1.06
N THR B 9 18.42 17.58 0.61
CA THR B 9 16.94 17.40 0.45
C THR B 9 16.47 16.12 1.13
N CYS B 10 15.21 16.05 1.48
CA CYS B 10 14.69 14.85 2.14
C CYS B 10 14.95 13.64 1.31
N GLU B 11 15.27 12.59 1.98
CA GLU B 11 15.53 11.33 1.25
C GLU B 11 14.18 10.73 0.85
N ARG B 12 13.09 11.38 1.22
CA ARG B 12 11.73 10.87 0.86
C ARG B 12 10.84 12.01 0.37
N CYS B 13 10.79 13.10 1.07
CA CYS B 13 9.95 14.25 0.61
C CYS B 13 10.71 14.98 -0.47
N LYS B 14 11.97 14.68 -0.60
CA LYS B 14 12.81 15.36 -1.59
C LYS B 14 12.80 16.85 -1.30
N GLY B 15 12.30 17.24 -0.17
CA GLY B 15 12.28 18.63 0.21
C GLY B 15 13.70 18.99 0.48
N GLY B 16 13.92 20.21 0.66
CA GLY B 16 15.23 20.84 0.84
C GLY B 16 15.33 21.55 2.18
N PHE B 17 16.04 20.94 3.05
CA PHE B 17 16.32 21.51 4.40
C PHE B 17 17.83 21.88 4.43
N ALA B 18 18.01 23.07 4.72
CA ALA B 18 19.37 23.73 4.90
C ALA B 18 19.20 23.94 6.32
N PRO B 19 19.73 23.11 7.11
CA PRO B 19 19.18 23.18 8.38
C PRO B 19 19.43 23.67 9.76
N ALA B 20 18.54 23.12 10.39
CA ALA B 20 18.15 23.33 11.74
C ALA B 20 16.66 23.47 11.51
N GLU B 21 16.20 23.10 10.28
CA GLU B 21 14.78 23.15 10.02
C GLU B 21 14.37 21.78 10.40
N LYS B 22 13.84 21.03 9.50
CA LYS B 22 13.54 19.64 9.85
C LYS B 22 14.27 18.71 8.95
N ILE B 23 15.37 18.34 9.43
CA ILE B 23 16.25 17.33 8.80
C ILE B 23 16.66 16.29 9.84
N VAL B 24 16.55 15.04 9.50
CA VAL B 24 16.96 13.96 10.44
C VAL B 24 17.92 13.05 9.66
N ASN B 25 19.06 12.83 10.22
CA ASN B 25 20.08 11.95 9.57
C ASN B 25 19.92 10.53 10.10
N SER B 26 19.80 9.58 9.23
CA SER B 26 19.64 8.19 9.63
C SER B 26 20.50 7.36 8.72
N ASN B 27 21.60 6.95 9.23
CA ASN B 27 22.59 6.10 8.52
C ASN B 27 23.46 6.89 7.55
N GLY B 28 23.01 8.01 7.07
CA GLY B 28 23.85 8.79 6.11
C GLY B 28 22.96 9.49 5.09
N GLU B 29 21.67 9.27 5.16
CA GLU B 29 20.73 9.94 4.22
C GLU B 29 19.86 10.81 5.09
N LEU B 30 19.37 11.91 4.60
CA LEU B 30 18.57 12.82 5.45
C LEU B 30 17.07 12.59 5.21
N TYR B 31 16.31 12.66 6.27
CA TYR B 31 14.85 12.42 6.20
C TYR B 31 14.11 13.43 7.08
N HIS B 32 13.06 14.04 6.60
CA HIS B 32 12.34 14.99 7.47
C HIS B 32 11.77 14.12 8.55
N GLU B 33 11.57 14.59 9.73
CA GLU B 33 10.83 13.70 10.66
C GLU B 33 9.47 13.43 9.95
N GLN B 34 9.30 14.09 8.80
CA GLN B 34 8.09 13.94 7.94
C GLN B 34 8.33 12.77 7.02
N CYS B 35 9.56 12.34 7.01
CA CYS B 35 10.00 11.24 6.17
C CYS B 35 10.01 10.06 7.13
N PHE B 36 9.96 10.40 8.40
CA PHE B 36 9.79 9.35 9.46
C PHE B 36 8.30 9.13 9.54
N VAL B 37 7.87 8.24 8.73
CA VAL B 37 6.41 7.94 8.62
C VAL B 37 6.16 6.43 8.46
N CYS B 38 5.13 5.95 9.13
CA CYS B 38 4.75 4.50 9.08
C CYS B 38 4.19 4.16 7.71
N ALA B 39 4.63 3.10 7.09
CA ALA B 39 4.09 2.75 5.73
C ALA B 39 2.57 2.49 5.80
N GLN B 40 2.06 2.13 6.93
CA GLN B 40 0.58 1.91 7.11
C GLN B 40 0.02 3.18 7.74
N CYS B 41 0.79 3.61 8.67
CA CYS B 41 0.56 4.78 9.55
C CYS B 41 1.32 5.99 9.02
N PHE B 42 1.92 5.92 7.79
CA PHE B 42 2.89 6.97 7.14
C PHE B 42 2.39 8.30 7.34
N GLN B 43 1.80 8.28 8.36
CA GLN B 43 1.45 9.50 9.00
C GLN B 43 2.64 9.48 9.93
N GLN B 44 3.08 10.56 10.34
CA GLN B 44 4.33 10.57 11.13
C GLN B 44 4.18 9.63 12.33
N PHE B 45 5.26 9.00 12.66
CA PHE B 45 5.29 8.01 13.78
C PHE B 45 5.17 8.73 15.16
N PRO B 46 4.13 8.40 15.94
CA PRO B 46 3.88 9.03 17.26
C PRO B 46 4.86 8.59 18.38
N GLU B 47 5.33 9.57 19.11
CA GLU B 47 6.29 9.41 20.24
C GLU B 47 7.60 8.92 19.69
N GLY B 48 7.68 8.95 18.41
CA GLY B 48 8.95 8.68 17.74
C GLY B 48 9.40 7.22 17.81
N LEU B 49 8.59 6.29 18.25
CA LEU B 49 9.06 4.87 18.33
C LEU B 49 8.78 4.16 17.07
N PHE B 50 9.83 3.57 16.56
CA PHE B 50 9.71 2.89 15.26
C PHE B 50 10.28 1.45 15.30
N TYR B 51 9.81 0.63 14.37
CA TYR B 51 10.26 -0.72 14.17
C TYR B 51 10.34 -0.89 12.67
N GLU B 52 11.45 -1.34 12.22
CA GLU B 52 11.61 -1.54 10.77
C GLU B 52 11.27 -2.97 10.37
N PHE B 53 10.52 -3.10 9.32
CA PHE B 53 10.10 -4.43 8.82
C PHE B 53 10.24 -4.57 7.29
N GLU B 54 11.21 -5.32 6.87
CA GLU B 54 11.44 -5.64 5.42
C GLU B 54 11.26 -4.47 4.45
N GLY B 55 12.02 -3.43 4.58
CA GLY B 55 11.93 -2.30 3.59
C GLY B 55 10.86 -1.29 3.99
N ARG B 56 9.95 -1.68 4.82
CA ARG B 56 8.90 -0.73 5.28
C ARG B 56 9.16 -0.48 6.74
N LYS B 57 8.81 0.68 7.21
CA LYS B 57 9.00 0.97 8.65
C LYS B 57 7.63 1.15 9.31
N TYR B 58 7.43 0.50 10.43
CA TYR B 58 6.11 0.53 11.14
C TYR B 58 6.25 0.85 12.63
N CYS B 59 5.24 1.48 13.22
CA CYS B 59 5.30 1.70 14.68
C CYS B 59 5.28 0.30 15.27
N GLU B 60 5.57 0.13 16.51
CA GLU B 60 5.61 -1.22 17.06
C GLU B 60 4.32 -1.92 16.81
N HIS B 61 3.29 -1.18 16.83
CA HIS B 61 1.98 -1.76 16.67
C HIS B 61 1.91 -2.60 15.41
N ASP B 62 2.23 -2.04 14.31
CA ASP B 62 2.16 -2.86 13.07
C ASP B 62 3.32 -3.80 12.99
N PHE B 63 4.38 -3.43 13.56
CA PHE B 63 5.54 -4.31 13.58
C PHE B 63 5.22 -5.47 14.49
N GLN B 64 4.66 -5.14 15.61
CA GLN B 64 4.35 -6.18 16.62
C GLN B 64 3.26 -7.03 16.10
N MET B 65 2.60 -6.59 15.09
CA MET B 65 1.62 -7.52 14.49
C MET B 65 2.47 -8.63 13.84
N LEU B 66 3.40 -8.23 13.03
CA LEU B 66 4.32 -9.21 12.34
C LEU B 66 5.41 -9.68 13.30
N PHE B 67 5.58 -8.97 14.37
CA PHE B 67 6.64 -9.32 15.39
C PHE B 67 5.94 -9.94 16.61
N ALA B 68 4.64 -9.84 16.64
CA ALA B 68 3.86 -10.41 17.79
C ALA B 68 4.44 -11.79 18.20
N PRO B 69 4.52 -12.74 17.28
CA PRO B 69 5.06 -14.08 17.61
C PRO B 69 6.51 -13.93 18.11
N CYS B 70 7.22 -15.03 18.22
CA CYS B 70 8.62 -15.00 18.70
C CYS B 70 8.75 -14.01 19.88
ZN ZN C . 11.14 15.04 3.47
ZN ZN D . 2.76 2.11 12.20
N MET A 1 12.24 -17.46 6.73
CA MET A 1 12.72 -18.67 6.01
C MET A 1 11.74 -19.82 6.26
N ASP A 2 11.37 -20.54 5.24
CA ASP A 2 10.42 -21.68 5.43
C ASP A 2 10.55 -22.68 4.27
N ASP A 3 11.59 -23.46 4.28
CA ASP A 3 11.80 -24.51 3.23
C ASP A 3 11.38 -24.02 1.83
N ILE A 4 10.46 -24.74 1.24
CA ILE A 4 9.99 -24.44 -0.14
C ILE A 4 9.38 -23.03 -0.23
N PHE A 5 8.34 -22.80 0.50
CA PHE A 5 7.64 -21.48 0.45
C PHE A 5 8.67 -20.34 0.35
N THR A 6 9.76 -20.44 1.07
CA THR A 6 10.81 -19.38 1.00
C THR A 6 11.60 -19.58 -0.29
N GLN A 7 12.26 -20.69 -0.41
CA GLN A 7 13.05 -20.97 -1.63
C GLN A 7 12.16 -20.87 -2.88
N CYS A 8 10.88 -20.57 -2.71
CA CYS A 8 9.96 -20.49 -3.88
C CYS A 8 9.79 -19.04 -4.33
N ARG A 9 9.42 -18.14 -3.44
CA ARG A 9 9.23 -16.73 -3.86
C ARG A 9 10.54 -16.21 -4.45
N GLU A 10 11.57 -17.00 -4.36
CA GLU A 10 12.88 -16.57 -4.90
C GLU A 10 12.79 -16.40 -6.42
N GLY A 11 11.59 -16.54 -6.94
CA GLY A 11 11.41 -16.39 -8.41
C GLY A 11 11.51 -17.77 -9.05
N ASN A 12 11.77 -18.76 -8.25
CA ASN A 12 11.87 -20.13 -8.77
C ASN A 12 10.46 -20.57 -9.12
N ALA A 13 9.84 -19.83 -9.99
CA ALA A 13 8.43 -20.15 -10.41
C ALA A 13 8.30 -21.66 -10.61
N VAL A 14 9.39 -22.32 -10.83
CA VAL A 14 9.35 -23.79 -11.04
C VAL A 14 9.23 -24.47 -9.67
N ALA A 15 9.85 -23.90 -8.68
CA ALA A 15 9.80 -24.50 -7.32
C ALA A 15 8.39 -24.35 -6.74
N VAL A 16 7.73 -23.26 -6.97
CA VAL A 16 6.38 -23.12 -6.40
C VAL A 16 5.44 -24.09 -7.12
N ARG A 17 5.52 -24.18 -8.42
CA ARG A 17 4.64 -25.14 -9.14
C ARG A 17 4.98 -26.55 -8.65
N LEU A 18 6.23 -26.84 -8.54
CA LEU A 18 6.69 -28.19 -8.07
C LEU A 18 5.84 -28.65 -6.88
N TRP A 19 5.88 -27.96 -5.77
CA TRP A 19 5.07 -28.45 -4.61
C TRP A 19 3.58 -28.28 -4.90
N LEU A 20 3.23 -27.40 -5.81
CA LEU A 20 1.79 -27.23 -6.15
C LEU A 20 1.29 -28.54 -6.77
N ASP A 21 2.12 -29.17 -7.57
CA ASP A 21 1.71 -30.46 -8.21
C ASP A 21 1.91 -31.61 -7.21
N ASN A 22 1.60 -31.39 -5.96
CA ASN A 22 1.78 -32.47 -4.95
C ASN A 22 0.59 -33.44 -4.99
N THR A 23 0.88 -34.71 -5.03
CA THR A 23 -0.22 -35.72 -5.05
C THR A 23 -0.67 -35.98 -3.61
N GLU A 24 -0.06 -35.31 -2.66
CA GLU A 24 -0.43 -35.50 -1.23
C GLU A 24 -1.20 -34.26 -0.73
N ASN A 25 -0.90 -33.12 -1.30
CA ASN A 25 -1.60 -31.87 -0.89
C ASN A 25 -1.46 -31.64 0.61
N ASP A 26 -0.34 -31.11 1.02
CA ASP A 26 -0.11 -30.81 2.48
C ASP A 26 0.75 -29.58 2.55
N LEU A 27 1.78 -29.53 1.77
CA LEU A 27 2.66 -28.33 1.76
C LEU A 27 1.78 -27.09 1.57
N ASN A 28 0.53 -27.31 1.23
CA ASN A 28 -0.42 -26.18 1.08
C ASN A 28 -0.85 -25.75 2.49
N GLN A 29 -0.06 -26.12 3.47
CA GLN A 29 -0.38 -25.71 4.87
C GLN A 29 0.07 -24.27 5.07
N GLY A 30 -0.54 -23.59 5.99
CA GLY A 30 -0.19 -22.18 6.25
C GLY A 30 0.42 -22.08 7.64
N ASP A 31 0.88 -20.92 7.95
CA ASP A 31 1.53 -20.70 9.28
C ASP A 31 0.46 -20.66 10.37
N ASP A 32 0.86 -20.94 11.58
CA ASP A 32 -0.11 -20.90 12.71
C ASP A 32 -0.66 -19.49 12.82
N HIS A 33 -0.08 -18.58 12.09
CA HIS A 33 -0.55 -17.17 12.11
C HIS A 33 -1.59 -16.99 11.00
N GLY A 34 -1.62 -17.91 10.08
CA GLY A 34 -2.61 -17.84 8.96
C GLY A 34 -1.91 -17.40 7.66
N PHE A 35 -0.61 -17.58 7.57
CA PHE A 35 0.10 -17.17 6.32
C PHE A 35 0.01 -18.30 5.30
N SER A 36 -0.56 -18.00 4.16
CA SER A 36 -0.73 -19.04 3.09
C SER A 36 0.37 -18.90 2.02
N PRO A 37 0.61 -19.94 1.24
CA PRO A 37 1.59 -19.83 0.17
C PRO A 37 1.19 -18.64 -0.73
N LEU A 38 -0.09 -18.50 -0.99
CA LEU A 38 -0.58 -17.38 -1.83
C LEU A 38 -0.15 -16.05 -1.21
N HIS A 39 -0.26 -15.94 0.07
CA HIS A 39 0.16 -14.69 0.76
C HIS A 39 1.58 -14.35 0.31
N TRP A 40 2.48 -15.26 0.55
CA TRP A 40 3.90 -15.02 0.15
C TRP A 40 3.97 -14.78 -1.35
N ALA A 41 3.32 -15.61 -2.10
CA ALA A 41 3.35 -15.45 -3.58
C ALA A 41 2.97 -14.02 -3.96
N CYS A 42 1.88 -13.53 -3.45
CA CYS A 42 1.47 -12.13 -3.77
C CYS A 42 2.61 -11.17 -3.40
N ARG A 43 3.16 -11.31 -2.23
CA ARG A 43 4.28 -10.43 -1.80
C ARG A 43 5.41 -10.49 -2.85
N GLU A 44 5.55 -11.61 -3.50
CA GLU A 44 6.62 -11.75 -4.54
C GLU A 44 6.18 -11.03 -5.82
N GLY A 45 5.11 -11.47 -6.45
CA GLY A 45 4.63 -10.80 -7.70
C GLY A 45 4.49 -11.83 -8.83
N ARG A 46 4.70 -13.09 -8.55
CA ARG A 46 4.58 -14.12 -9.62
C ARG A 46 3.11 -14.32 -9.99
N SER A 47 2.47 -13.26 -10.43
CA SER A 47 1.02 -13.32 -10.81
C SER A 47 0.65 -14.67 -11.44
N ALA A 48 1.54 -15.27 -12.18
CA ALA A 48 1.20 -16.57 -12.82
C ALA A 48 0.87 -17.61 -11.75
N VAL A 49 1.85 -18.26 -11.19
CA VAL A 49 1.57 -19.31 -10.17
C VAL A 49 0.44 -18.85 -9.22
N VAL A 50 0.31 -17.57 -9.04
CA VAL A 50 -0.77 -17.04 -8.14
C VAL A 50 -2.15 -17.31 -8.77
N GLU A 51 -2.37 -16.80 -9.93
CA GLU A 51 -3.69 -16.99 -10.60
C GLU A 51 -4.10 -18.45 -10.62
N MET A 52 -3.17 -19.33 -10.82
CA MET A 52 -3.53 -20.79 -10.85
C MET A 52 -4.01 -21.23 -9.47
N LEU A 53 -3.33 -20.84 -8.45
CA LEU A 53 -3.74 -21.23 -7.06
C LEU A 53 -5.15 -20.69 -6.77
N ILE A 54 -5.40 -19.44 -7.08
CA ILE A 54 -6.76 -18.85 -6.81
C ILE A 54 -7.85 -19.78 -7.32
N MET A 55 -7.62 -20.44 -8.42
CA MET A 55 -8.68 -21.33 -8.98
C MET A 55 -8.71 -22.65 -8.23
N ARG A 56 -7.65 -23.02 -7.57
CA ARG A 56 -7.66 -24.30 -6.82
C ARG A 56 -8.75 -24.22 -5.76
N GLY A 57 -8.99 -23.04 -5.25
CA GLY A 57 -10.05 -22.88 -4.21
C GLY A 57 -9.67 -21.79 -3.22
N ALA A 58 -8.48 -21.25 -3.33
CA ALA A 58 -8.07 -20.19 -2.37
C ALA A 58 -8.93 -18.94 -2.57
N ARG A 59 -9.49 -18.43 -1.51
CA ARG A 59 -10.35 -17.22 -1.63
C ARG A 59 -9.47 -15.97 -1.50
N ILE A 60 -9.87 -14.89 -2.12
CA ILE A 60 -9.07 -13.64 -2.05
C ILE A 60 -9.29 -12.93 -0.70
N ASN A 61 -10.16 -13.46 0.13
CA ASN A 61 -10.41 -12.79 1.44
C ASN A 61 -9.27 -13.12 2.41
N VAL A 62 -8.46 -14.08 2.06
CA VAL A 62 -7.34 -14.46 2.97
C VAL A 62 -6.59 -13.20 3.43
N MET A 63 -6.23 -13.13 4.68
CA MET A 63 -5.51 -11.94 5.21
C MET A 63 -4.63 -12.38 6.38
N ASN A 64 -3.60 -11.63 6.67
CA ASN A 64 -2.70 -12.01 7.80
C ASN A 64 -3.27 -11.45 9.10
N ARG A 65 -3.08 -12.12 10.19
CA ARG A 65 -3.62 -11.60 11.46
C ARG A 65 -3.18 -10.14 11.63
N GLY A 66 -2.21 -9.73 10.85
CA GLY A 66 -1.74 -8.31 10.93
C GLY A 66 -2.51 -7.47 9.93
N ASP A 67 -3.76 -7.81 9.69
CA ASP A 67 -4.60 -7.04 8.72
C ASP A 67 -3.80 -6.76 7.45
N ASP A 68 -3.75 -7.72 6.57
CA ASP A 68 -3.00 -7.55 5.29
C ASP A 68 -3.66 -8.41 4.22
N THR A 69 -4.48 -7.82 3.40
CA THR A 69 -5.15 -8.59 2.32
C THR A 69 -4.25 -8.50 1.07
N PRO A 70 -4.41 -9.42 0.15
CA PRO A 70 -3.60 -9.42 -1.08
C PRO A 70 -3.63 -8.04 -1.75
N LEU A 71 -4.78 -7.41 -1.82
CA LEU A 71 -4.84 -6.07 -2.48
C LEU A 71 -3.79 -5.16 -1.87
N HIS A 72 -3.79 -5.00 -0.57
CA HIS A 72 -2.76 -4.13 0.05
C HIS A 72 -1.40 -4.65 -0.40
N LEU A 73 -1.07 -5.86 -0.02
CA LEU A 73 0.24 -6.45 -0.42
C LEU A 73 0.48 -6.20 -1.92
N ALA A 74 -0.52 -6.41 -2.74
CA ALA A 74 -0.36 -6.20 -4.20
C ALA A 74 0.17 -4.78 -4.47
N ALA A 75 -0.51 -3.78 -3.97
CA ALA A 75 -0.03 -2.38 -4.18
C ALA A 75 1.28 -2.20 -3.42
N SER A 76 1.41 -2.85 -2.29
CA SER A 76 2.66 -2.72 -1.49
C SER A 76 3.79 -3.47 -2.20
N HIS A 77 3.48 -4.13 -3.29
CA HIS A 77 4.53 -4.86 -4.07
C HIS A 77 5.00 -3.98 -5.23
N GLY A 78 4.08 -3.60 -6.10
CA GLY A 78 4.44 -2.73 -7.26
C GLY A 78 4.17 -3.46 -8.57
N HIS A 79 3.60 -4.64 -8.52
CA HIS A 79 3.31 -5.40 -9.78
C HIS A 79 1.85 -5.15 -10.21
N ARG A 80 1.63 -4.10 -10.95
CA ARG A 80 0.25 -3.75 -11.40
C ARG A 80 -0.56 -4.99 -11.80
N ASP A 81 0.06 -5.95 -12.42
CA ASP A 81 -0.71 -7.15 -12.85
C ASP A 81 -1.53 -7.70 -11.70
N ILE A 82 -1.01 -7.65 -10.51
CA ILE A 82 -1.78 -8.18 -9.34
C ILE A 82 -2.95 -7.24 -9.07
N VAL A 83 -2.68 -5.97 -8.96
CA VAL A 83 -3.77 -4.99 -8.72
C VAL A 83 -4.98 -5.27 -9.62
N GLN A 84 -4.73 -5.45 -10.89
CA GLN A 84 -5.87 -5.71 -11.83
C GLN A 84 -6.41 -7.14 -11.63
N LYS A 85 -5.54 -8.09 -11.55
CA LYS A 85 -6.00 -9.51 -11.39
C LYS A 85 -6.81 -9.68 -10.11
N LEU A 86 -6.48 -8.96 -9.06
CA LEU A 86 -7.22 -9.14 -7.78
C LEU A 86 -8.58 -8.43 -7.81
N LEU A 87 -8.68 -7.25 -8.36
CA LEU A 87 -10.00 -6.56 -8.37
C LEU A 87 -10.90 -7.12 -9.48
N GLN A 88 -10.35 -7.80 -10.44
CA GLN A 88 -11.20 -8.34 -11.55
C GLN A 88 -11.88 -9.64 -11.10
N TYR A 89 -11.59 -10.09 -9.92
CA TYR A 89 -12.22 -11.36 -9.44
C TYR A 89 -13.48 -11.04 -8.63
N LYS A 90 -13.48 -9.97 -7.88
CA LYS A 90 -14.69 -9.64 -7.08
C LYS A 90 -14.77 -8.14 -6.78
N ALA A 91 -13.89 -7.36 -7.35
CA ALA A 91 -13.92 -5.89 -7.10
C ALA A 91 -13.66 -5.59 -5.63
N ASP A 92 -12.75 -6.30 -5.01
CA ASP A 92 -12.45 -6.05 -3.57
C ASP A 92 -11.60 -4.77 -3.41
N ILE A 93 -11.68 -3.89 -4.37
CA ILE A 93 -10.92 -2.60 -4.27
C ILE A 93 -11.62 -1.70 -3.25
N ASN A 94 -12.91 -1.81 -3.13
CA ASN A 94 -13.63 -0.96 -2.15
C ASN A 94 -13.58 -1.59 -0.77
N ALA A 95 -13.09 -2.80 -0.66
CA ALA A 95 -13.02 -3.46 0.68
C ALA A 95 -11.68 -3.13 1.35
N VAL A 96 -11.68 -2.17 2.22
CA VAL A 96 -10.43 -1.77 2.93
C VAL A 96 -10.11 -2.76 4.05
N ASN A 97 -9.08 -2.50 4.80
CA ASN A 97 -8.76 -3.39 5.95
C ASN A 97 -9.59 -2.88 7.14
N GLU A 98 -8.95 -2.48 8.21
CA GLU A 98 -9.70 -1.96 9.40
C GLU A 98 -9.33 -0.48 9.59
N HIS A 99 -8.38 0.00 8.81
CA HIS A 99 -7.96 1.43 8.93
C HIS A 99 -8.58 2.25 7.81
N GLY A 100 -8.85 1.64 6.68
CA GLY A 100 -9.45 2.38 5.52
C GLY A 100 -8.43 2.45 4.38
N ASN A 101 -7.45 1.57 4.41
CA ASN A 101 -6.40 1.58 3.35
C ASN A 101 -6.93 1.03 2.03
N VAL A 102 -7.27 1.89 1.10
CA VAL A 102 -7.76 1.43 -0.24
C VAL A 102 -6.50 1.16 -1.10
N PRO A 103 -6.55 0.22 -2.01
CA PRO A 103 -5.37 -0.08 -2.85
C PRO A 103 -4.77 1.21 -3.45
N LEU A 104 -5.58 2.19 -3.74
CA LEU A 104 -5.03 3.45 -4.34
C LEU A 104 -4.26 4.25 -3.25
N HIS A 105 -4.75 4.26 -2.04
CA HIS A 105 -4.04 4.99 -0.95
C HIS A 105 -2.59 4.52 -0.92
N TYR A 106 -2.40 3.24 -1.07
CA TYR A 106 -1.02 2.70 -1.05
C TYR A 106 -0.26 3.15 -2.30
N ALA A 107 -0.86 3.00 -3.46
CA ALA A 107 -0.17 3.43 -4.71
C ALA A 107 0.26 4.90 -4.60
N CYS A 108 -0.57 5.73 -4.02
CA CYS A 108 -0.19 7.16 -3.90
C CYS A 108 0.90 7.33 -2.85
N PHE A 109 0.82 6.59 -1.77
CA PHE A 109 1.87 6.71 -0.71
C PHE A 109 3.24 6.48 -1.34
N TRP A 110 3.31 5.67 -2.36
CA TRP A 110 4.63 5.41 -3.02
C TRP A 110 4.77 6.34 -4.23
N GLY A 111 3.82 6.31 -5.13
CA GLY A 111 3.87 7.18 -6.34
C GLY A 111 3.78 6.32 -7.59
N GLN A 112 2.65 5.68 -7.82
CA GLN A 112 2.50 4.82 -9.04
C GLN A 112 1.18 5.15 -9.74
N ASP A 113 1.20 6.10 -10.64
CA ASP A 113 -0.06 6.51 -11.34
C ASP A 113 -0.73 5.31 -12.02
N GLN A 114 0.03 4.54 -12.75
CA GLN A 114 -0.55 3.36 -13.48
C GLN A 114 -1.56 2.59 -12.61
N VAL A 115 -1.21 2.26 -11.40
CA VAL A 115 -2.17 1.50 -10.54
C VAL A 115 -3.13 2.46 -9.86
N ALA A 116 -2.62 3.55 -9.37
CA ALA A 116 -3.49 4.54 -8.70
C ALA A 116 -4.57 4.98 -9.68
N GLU A 117 -4.25 4.92 -10.95
CA GLU A 117 -5.22 5.32 -12.00
C GLU A 117 -6.26 4.21 -12.19
N ASP A 118 -5.82 3.05 -12.58
CA ASP A 118 -6.77 1.92 -12.82
C ASP A 118 -7.76 1.81 -11.66
N LEU A 119 -7.38 2.23 -10.48
CA LEU A 119 -8.30 2.11 -9.32
C LEU A 119 -9.35 3.22 -9.36
N VAL A 120 -8.93 4.46 -9.42
CA VAL A 120 -9.95 5.56 -9.48
C VAL A 120 -10.60 5.56 -10.86
N ALA A 121 -10.04 4.81 -11.78
CA ALA A 121 -10.61 4.75 -13.15
C ALA A 121 -11.87 3.88 -13.16
N ASN A 122 -12.13 3.17 -12.08
CA ASN A 122 -13.36 2.32 -12.03
C ASN A 122 -14.48 3.13 -11.37
N GLY A 123 -14.13 3.89 -10.36
CA GLY A 123 -15.14 4.71 -9.64
C GLY A 123 -14.83 4.73 -8.15
N ALA A 124 -13.72 4.16 -7.75
CA ALA A 124 -13.37 4.16 -6.30
C ALA A 124 -13.51 5.57 -5.75
N LEU A 125 -13.58 6.53 -6.61
CA LEU A 125 -13.73 7.94 -6.14
C LEU A 125 -12.42 8.35 -5.43
N VAL A 126 -11.76 9.36 -5.91
CA VAL A 126 -10.50 9.81 -5.27
C VAL A 126 -10.83 10.77 -4.13
N SER A 127 -12.06 11.19 -4.04
CA SER A 127 -12.47 12.13 -2.95
C SER A 127 -13.00 11.35 -1.75
N ILE A 128 -12.47 10.17 -1.53
CA ILE A 128 -12.95 9.37 -0.35
C ILE A 128 -12.58 10.11 0.94
N CYS A 129 -11.31 10.46 1.10
CA CYS A 129 -10.82 11.17 2.32
C CYS A 129 -10.39 10.14 3.36
N ASN A 130 -9.13 9.79 3.36
CA ASN A 130 -8.65 8.78 4.32
C ASN A 130 -9.10 9.16 5.73
N LYS A 131 -8.80 8.34 6.68
CA LYS A 131 -9.19 8.62 8.09
C LYS A 131 -8.77 10.04 8.47
N TYR A 132 -7.82 10.60 7.76
CA TYR A 132 -7.37 12.00 8.06
C TYR A 132 -7.34 12.81 6.75
N GLY A 133 -8.01 12.32 5.74
CA GLY A 133 -8.05 13.04 4.45
C GLY A 133 -6.80 12.72 3.65
N GLU A 134 -6.04 11.77 4.09
CA GLU A 134 -4.80 11.42 3.34
C GLU A 134 -5.19 10.91 1.95
N MET A 135 -5.42 11.78 1.01
CA MET A 135 -5.82 11.36 -0.37
C MET A 135 -4.64 11.61 -1.33
N PRO A 136 -4.67 11.01 -2.49
CA PRO A 136 -3.60 11.24 -3.49
C PRO A 136 -3.57 12.74 -3.85
N VAL A 137 -4.73 13.34 -3.97
CA VAL A 137 -4.79 14.79 -4.34
C VAL A 137 -3.87 15.61 -3.44
N ASP A 138 -3.81 15.31 -2.17
CA ASP A 138 -2.92 16.08 -1.27
C ASP A 138 -1.51 15.51 -1.39
N LYS A 139 -1.38 14.22 -1.28
CA LYS A 139 -0.03 13.63 -1.43
C LYS A 139 0.46 13.94 -2.84
N ALA A 140 -0.41 14.47 -3.65
CA ALA A 140 -0.03 14.82 -5.06
C ALA A 140 0.43 16.26 -5.13
N LYS A 141 -0.21 17.10 -4.38
CA LYS A 141 0.17 18.54 -4.39
C LYS A 141 1.33 18.77 -3.41
N ALA A 142 1.78 17.75 -2.71
CA ALA A 142 2.91 17.94 -1.76
C ALA A 142 4.27 17.72 -2.47
N PRO A 143 4.46 16.57 -3.11
CA PRO A 143 5.74 16.30 -3.81
C PRO A 143 6.05 17.41 -4.82
N LEU A 144 5.12 17.68 -5.71
CA LEU A 144 5.30 18.77 -6.75
C LEU A 144 4.47 18.43 -8.01
N ARG A 145 3.66 17.40 -7.97
CA ARG A 145 2.87 17.05 -9.18
C ARG A 145 1.73 18.03 -9.43
N GLU A 146 0.88 18.22 -8.45
CA GLU A 146 -0.32 19.11 -8.56
C GLU A 146 -0.97 19.09 -9.97
N LEU A 147 -0.53 18.24 -10.85
CA LEU A 147 -1.15 18.17 -12.20
C LEU A 147 -2.42 17.33 -12.08
N LEU A 148 -2.29 16.14 -11.58
CA LEU A 148 -3.48 15.28 -11.42
C LEU A 148 -4.39 15.96 -10.39
N ARG A 149 -3.84 16.83 -9.58
CA ARG A 149 -4.68 17.55 -8.57
C ARG A 149 -5.69 18.42 -9.31
N GLU A 150 -5.22 19.21 -10.25
CA GLU A 150 -6.17 20.09 -11.00
C GLU A 150 -7.23 19.22 -11.66
N ARG A 151 -6.82 18.18 -12.32
CA ARG A 151 -7.81 17.28 -13.00
C ARG A 151 -8.82 16.80 -11.95
N ALA A 152 -8.35 16.58 -10.75
CA ALA A 152 -9.25 16.14 -9.67
C ALA A 152 -10.01 17.36 -9.14
N GLU A 153 -9.30 18.37 -8.75
CA GLU A 153 -9.94 19.61 -8.21
C GLU A 153 -10.85 20.26 -9.27
N LYS A 154 -10.65 19.93 -10.52
CA LYS A 154 -11.51 20.52 -11.59
C LYS A 154 -12.64 19.57 -11.93
N MET A 155 -12.76 18.49 -11.20
CA MET A 155 -13.85 17.51 -11.49
C MET A 155 -15.17 18.02 -10.89
N GLY A 156 -15.08 18.89 -9.92
CA GLY A 156 -16.31 19.44 -9.28
C GLY A 156 -16.09 19.52 -7.76
N GLN A 157 -14.92 19.19 -7.32
CA GLN A 157 -14.62 19.22 -5.86
C GLN A 157 -14.53 20.67 -5.37
N ASN A 158 -14.23 21.59 -6.27
CA ASN A 158 -14.13 23.04 -5.88
C ASN A 158 -15.19 23.84 -6.61
N LEU A 159 -15.41 23.52 -7.87
CA LEU A 159 -16.45 24.25 -8.66
C LEU A 159 -17.78 23.52 -8.49
N ASN A 160 -18.40 23.66 -7.34
CA ASN A 160 -19.70 22.98 -7.08
C ASN A 160 -20.86 23.96 -7.25
N ARG A 161 -21.66 23.78 -8.28
CA ARG A 161 -22.81 24.71 -8.47
C ARG A 161 -23.58 24.79 -7.16
N ILE A 162 -24.35 25.83 -6.94
CA ILE A 162 -25.09 25.96 -5.65
C ILE A 162 -26.01 24.72 -5.49
N PRO A 163 -25.74 23.83 -4.53
CA PRO A 163 -26.58 22.64 -4.35
C PRO A 163 -28.04 23.06 -4.13
N TYR A 164 -28.98 22.25 -4.55
CA TYR A 164 -30.41 22.62 -4.41
C TYR A 164 -30.94 22.33 -2.99
N LYS A 165 -30.08 22.17 -2.01
CA LYS A 165 -30.58 21.89 -0.62
C LYS A 165 -30.59 23.20 0.19
N ASP A 166 -30.81 23.10 1.47
CA ASP A 166 -30.84 24.32 2.34
C ASP A 166 -31.81 25.35 1.77
N THR A 167 -31.30 26.40 1.17
CA THR A 167 -32.19 27.46 0.61
C THR A 167 -31.50 28.12 -0.58
N PHE A 168 -30.79 27.35 -1.37
CA PHE A 168 -30.08 27.91 -2.55
C PHE A 168 -30.90 27.60 -3.80
N TRP A 169 -32.13 27.97 -3.76
CA TRP A 169 -33.05 27.74 -4.90
C TRP A 169 -33.09 26.26 -5.26
N LYS A 170 -34.21 25.63 -5.05
CA LYS A 170 -34.32 24.18 -5.37
C LYS A 170 -34.89 24.02 -6.79
N GLY A 171 -36.15 23.72 -6.90
CA GLY A 171 -36.76 23.55 -8.26
C GLY A 171 -36.66 24.86 -9.03
N MET B 1 16.59 32.62 -10.09
CA MET B 1 16.35 33.11 -8.71
C MET B 1 16.78 32.03 -7.71
N ALA B 2 16.81 30.80 -8.13
CA ALA B 2 17.22 29.70 -7.21
C ALA B 2 16.42 29.80 -5.91
N ASN B 3 15.23 29.27 -5.90
CA ASN B 3 14.40 29.34 -4.67
C ASN B 3 14.88 28.26 -3.69
N ALA B 4 15.37 28.67 -2.55
CA ALA B 4 15.85 27.68 -1.55
C ALA B 4 16.96 26.81 -2.16
N LEU B 5 18.16 26.92 -1.66
CA LEU B 5 19.27 26.11 -2.22
C LEU B 5 18.96 24.63 -2.05
N ALA B 6 18.19 24.30 -1.05
CA ALA B 6 17.81 22.88 -0.81
C ALA B 6 19.03 21.97 -0.95
N SER B 7 19.68 21.65 0.14
CA SER B 7 20.88 20.76 0.07
C SER B 7 20.43 19.30 0.22
N ALA B 8 20.90 18.61 1.22
CA ALA B 8 20.48 17.20 1.41
C ALA B 8 18.95 17.14 1.42
N THR B 9 18.40 16.03 1.04
CA THR B 9 16.91 15.89 0.94
C THR B 9 16.40 14.65 1.67
N CYS B 10 15.14 14.67 2.07
CA CYS B 10 14.58 13.50 2.78
C CYS B 10 14.86 12.25 2.03
N GLU B 11 15.17 11.24 2.75
CA GLU B 11 15.42 9.93 2.09
C GLU B 11 14.08 9.28 1.78
N ARG B 12 12.98 9.97 2.09
CA ARG B 12 11.62 9.37 1.82
C ARG B 12 10.69 10.39 1.14
N CYS B 13 10.76 11.65 1.50
CA CYS B 13 9.87 12.67 0.85
C CYS B 13 10.69 13.49 -0.14
N LYS B 14 11.97 13.31 -0.12
CA LYS B 14 12.87 14.05 -1.03
C LYS B 14 12.89 15.53 -0.71
N GLY B 15 12.35 15.93 0.40
CA GLY B 15 12.37 17.33 0.80
C GLY B 15 13.80 17.68 0.93
N GLY B 16 14.04 18.91 1.11
CA GLY B 16 15.38 19.49 1.18
C GLY B 16 15.59 20.26 2.47
N PHE B 17 16.31 19.65 3.35
CA PHE B 17 16.68 20.26 4.65
C PHE B 17 18.20 20.55 4.59
N ALA B 18 18.45 21.74 4.74
CA ALA B 18 19.85 22.35 4.83
C ALA B 18 19.72 22.71 6.23
N PRO B 19 20.21 21.95 7.09
CA PRO B 19 19.67 22.16 8.35
C PRO B 19 19.97 22.78 9.67
N ALA B 20 19.07 22.33 10.36
CA ALA B 20 18.72 22.71 11.69
C ALA B 20 17.23 22.84 11.50
N GLU B 21 16.73 22.36 10.33
CA GLU B 21 15.31 22.42 10.09
C GLU B 21 14.87 21.11 10.58
N LYS B 22 14.30 20.32 9.74
CA LYS B 22 13.95 18.96 10.18
C LYS B 22 14.64 17.95 9.33
N ILE B 23 15.71 17.55 9.83
CA ILE B 23 16.54 16.48 9.26
C ILE B 23 16.91 15.50 10.38
N VAL B 24 16.75 14.23 10.14
CA VAL B 24 17.12 13.23 11.16
C VAL B 24 17.99 12.20 10.46
N ASN B 25 19.13 11.95 11.00
CA ASN B 25 20.08 10.96 10.42
C ASN B 25 19.89 9.63 11.12
N SER B 26 19.64 8.59 10.37
CA SER B 26 19.47 7.26 10.94
C SER B 26 20.19 6.32 10.02
N ASN B 27 21.35 5.93 10.43
CA ASN B 27 22.21 4.98 9.66
C ASN B 27 23.18 5.73 8.75
N GLY B 28 22.76 6.81 8.18
CA GLY B 28 23.66 7.57 7.28
C GLY B 28 22.81 8.23 6.20
N GLU B 29 21.53 7.97 6.22
CA GLU B 29 20.60 8.57 5.22
C GLU B 29 19.73 9.52 6.02
N LEU B 30 19.24 10.58 5.44
CA LEU B 30 18.47 11.58 6.21
C LEU B 30 16.96 11.42 5.97
N TYR B 31 16.19 11.56 7.03
CA TYR B 31 14.70 11.44 6.94
C TYR B 31 14.06 12.53 7.81
N HIS B 32 13.06 13.20 7.32
CA HIS B 32 12.42 14.22 8.15
C HIS B 32 11.82 13.47 9.28
N GLU B 33 11.71 14.01 10.44
CA GLU B 33 10.95 13.25 11.46
C GLU B 33 9.55 13.06 10.82
N GLN B 34 9.38 13.65 9.64
CA GLN B 34 8.12 13.53 8.87
C GLN B 34 8.22 12.28 8.04
N CYS B 35 9.42 11.81 7.90
CA CYS B 35 9.72 10.65 7.09
C CYS B 35 9.85 9.50 8.08
N PHE B 36 9.82 9.87 9.32
CA PHE B 36 9.77 8.85 10.42
C PHE B 36 8.30 8.52 10.52
N VAL B 37 7.90 7.69 9.61
CA VAL B 37 6.47 7.24 9.57
C VAL B 37 6.35 5.77 9.14
N CYS B 38 5.36 5.11 9.69
CA CYS B 38 5.06 3.67 9.43
C CYS B 38 4.51 3.46 8.03
N ALA B 39 4.80 2.37 7.38
CA ALA B 39 4.18 2.09 6.04
C ALA B 39 2.62 1.97 6.15
N GLN B 40 2.14 1.46 7.24
CA GLN B 40 0.66 1.29 7.48
C GLN B 40 0.16 2.43 8.35
N CYS B 41 1.02 2.68 9.26
CA CYS B 41 0.92 3.64 10.36
C CYS B 41 1.62 4.93 9.88
N PHE B 42 2.04 5.03 8.58
CA PHE B 42 2.91 6.17 7.94
C PHE B 42 2.39 7.46 8.32
N GLN B 43 1.88 7.35 9.39
CA GLN B 43 1.58 8.53 10.12
C GLN B 43 2.79 8.43 11.03
N GLN B 44 3.23 9.49 11.44
CA GLN B 44 4.46 9.51 12.24
C GLN B 44 4.32 8.63 13.48
N PHE B 45 5.41 8.04 13.87
CA PHE B 45 5.44 7.10 15.04
C PHE B 45 5.19 7.83 16.40
N PRO B 46 4.19 7.42 17.16
CA PRO B 46 3.89 8.05 18.46
C PRO B 46 4.95 7.71 19.53
N GLU B 47 5.39 8.73 20.22
CA GLU B 47 6.44 8.68 21.30
C GLU B 47 7.74 8.29 20.65
N GLY B 48 7.65 8.24 19.39
CA GLY B 48 8.82 8.05 18.53
C GLY B 48 9.45 6.65 18.59
N LEU B 49 8.88 5.69 19.29
CA LEU B 49 9.53 4.32 19.28
C LEU B 49 8.88 3.49 18.19
N PHE B 50 9.67 3.09 17.27
CA PHE B 50 9.17 2.30 16.11
C PHE B 50 10.12 1.09 15.78
N TYR B 51 9.66 0.07 15.04
CA TYR B 51 10.55 -1.06 14.61
C TYR B 51 10.27 -1.42 13.13
N GLU B 52 11.29 -1.45 12.36
CA GLU B 52 11.18 -1.81 10.87
C GLU B 52 11.44 -3.32 10.58
N PHE B 53 10.63 -3.95 9.72
CA PHE B 53 10.89 -5.36 9.34
C PHE B 53 10.61 -5.63 7.85
N GLU B 54 11.51 -6.38 7.28
CA GLU B 54 11.46 -6.86 5.85
C GLU B 54 11.11 -5.81 4.77
N GLY B 55 11.71 -4.65 4.77
CA GLY B 55 11.43 -3.68 3.66
C GLY B 55 10.23 -2.79 3.98
N ARG B 56 9.47 -3.14 4.98
CA ARG B 56 8.29 -2.31 5.36
C ARG B 56 8.64 -1.72 6.70
N LYS B 57 8.07 -0.60 7.01
CA LYS B 57 8.36 0.02 8.33
C LYS B 57 7.11 -0.03 9.18
N TYR B 58 7.21 -0.50 10.40
CA TYR B 58 6.03 -0.58 11.30
C TYR B 58 6.35 -0.01 12.69
N CYS B 59 5.39 0.58 13.34
CA CYS B 59 5.60 1.01 14.74
C CYS B 59 5.70 -0.29 15.48
N GLU B 60 6.10 -0.30 16.69
CA GLU B 60 6.25 -1.58 17.37
C GLU B 60 4.94 -2.32 17.31
N HIS B 61 3.91 -1.57 17.40
CA HIS B 61 2.58 -2.17 17.43
C HIS B 61 2.36 -3.01 16.20
N ASP B 62 2.55 -2.45 15.04
CA ASP B 62 2.31 -3.27 13.82
C ASP B 62 3.43 -4.25 13.64
N PHE B 63 4.57 -3.91 14.12
CA PHE B 63 5.65 -4.87 14.04
C PHE B 63 5.20 -5.99 14.97
N GLN B 64 4.69 -5.59 16.09
CA GLN B 64 4.18 -6.58 17.09
C GLN B 64 3.00 -7.32 16.51
N MET B 65 2.40 -6.84 15.50
CA MET B 65 1.32 -7.66 14.93
C MET B 65 1.98 -8.90 14.35
N LEU B 66 2.89 -8.68 13.46
CA LEU B 66 3.64 -9.80 12.80
C LEU B 66 4.67 -10.39 13.77
N PHE B 67 4.95 -9.72 14.85
CA PHE B 67 5.97 -10.20 15.83
C PHE B 67 5.29 -10.51 17.18
N ALA B 68 4.05 -10.13 17.28
CA ALA B 68 3.25 -10.42 18.52
C ALA B 68 1.88 -10.99 18.14
N PRO B 69 1.85 -12.24 17.71
CA PRO B 69 0.59 -12.89 17.29
C PRO B 69 -0.35 -13.02 18.50
N CYS B 70 -0.13 -14.00 19.34
CA CYS B 70 -1.02 -14.17 20.52
C CYS B 70 -0.65 -13.14 21.60
ZN ZN C . 11.33 14.08 4.15
ZN ZN D . 2.47 1.74 12.75
N MET A 1 13.12 -24.12 9.07
CA MET A 1 12.99 -25.06 7.92
C MET A 1 12.50 -24.31 6.69
N ASP A 2 13.08 -23.18 6.40
CA ASP A 2 12.65 -22.40 5.21
C ASP A 2 13.33 -22.94 3.95
N ASP A 3 13.80 -24.16 4.02
CA ASP A 3 14.50 -24.81 2.86
C ASP A 3 13.98 -24.31 1.51
N ILE A 4 13.11 -25.05 0.89
CA ILE A 4 12.57 -24.64 -0.44
C ILE A 4 11.83 -23.31 -0.32
N PHE A 5 11.17 -23.09 0.78
CA PHE A 5 10.43 -21.80 0.95
C PHE A 5 11.40 -20.64 0.68
N THR A 6 12.59 -20.74 1.20
CA THR A 6 13.59 -19.66 0.97
C THR A 6 14.08 -19.70 -0.47
N GLN A 7 14.44 -20.86 -0.92
CA GLN A 7 14.93 -21.00 -2.33
C GLN A 7 13.76 -20.85 -3.29
N CYS A 8 12.56 -20.80 -2.78
CA CYS A 8 11.37 -20.67 -3.65
C CYS A 8 11.22 -19.21 -4.09
N ARG A 9 11.23 -18.29 -3.15
CA ARG A 9 11.09 -16.86 -3.52
C ARG A 9 12.37 -16.36 -4.19
N GLU A 10 13.40 -17.16 -4.15
CA GLU A 10 14.69 -16.77 -4.76
C GLU A 10 14.51 -16.58 -6.27
N GLY A 11 13.29 -16.68 -6.76
CA GLY A 11 13.04 -16.49 -8.20
C GLY A 11 13.05 -17.86 -8.87
N ASN A 12 13.22 -18.89 -8.10
CA ASN A 12 13.22 -20.26 -8.66
C ASN A 12 11.77 -20.60 -8.97
N ALA A 13 11.16 -19.78 -9.78
CA ALA A 13 9.74 -20.00 -10.16
C ALA A 13 9.48 -21.50 -10.38
N VAL A 14 10.52 -22.21 -10.69
CA VAL A 14 10.37 -23.69 -10.90
C VAL A 14 10.24 -24.38 -9.54
N ALA A 15 10.92 -23.89 -8.56
CA ALA A 15 10.84 -24.51 -7.21
C ALA A 15 9.50 -24.22 -6.56
N VAL A 16 8.98 -23.03 -6.67
CA VAL A 16 7.70 -22.74 -6.02
C VAL A 16 6.62 -23.54 -6.76
N ARG A 17 6.74 -23.65 -8.05
CA ARG A 17 5.74 -24.44 -8.82
C ARG A 17 5.87 -25.90 -8.41
N LEU A 18 7.08 -26.37 -8.29
CA LEU A 18 7.30 -27.79 -7.89
C LEU A 18 6.38 -28.16 -6.71
N TRP A 19 6.44 -27.45 -5.61
CA TRP A 19 5.55 -27.82 -4.47
C TRP A 19 4.11 -27.37 -4.75
N LEU A 20 3.93 -26.36 -5.57
CA LEU A 20 2.56 -25.89 -5.90
C LEU A 20 1.75 -27.06 -6.44
N ASP A 21 2.37 -27.90 -7.22
CA ASP A 21 1.65 -29.08 -7.79
C ASP A 21 1.86 -30.28 -6.87
N ASN A 22 1.62 -30.11 -5.60
CA ASN A 22 1.80 -31.23 -4.64
C ASN A 22 0.79 -32.33 -4.93
N THR A 23 1.24 -33.47 -5.37
CA THR A 23 0.30 -34.58 -5.65
C THR A 23 -0.26 -35.10 -4.33
N GLU A 24 0.19 -34.54 -3.23
CA GLU A 24 -0.30 -34.98 -1.89
C GLU A 24 -1.16 -33.87 -1.29
N ASN A 25 -1.09 -32.68 -1.85
CA ASN A 25 -1.91 -31.55 -1.32
C ASN A 25 -1.67 -31.39 0.18
N ASP A 26 -0.58 -30.76 0.54
CA ASP A 26 -0.27 -30.54 1.99
C ASP A 26 0.61 -29.32 2.11
N LEU A 27 1.62 -29.25 1.28
CA LEU A 27 2.55 -28.09 1.31
C LEU A 27 1.73 -26.79 1.29
N ASN A 28 0.46 -26.88 1.04
CA ASN A 28 -0.39 -25.66 1.03
C ASN A 28 -0.62 -25.18 2.47
N GLN A 29 0.32 -25.44 3.33
CA GLN A 29 0.17 -25.01 4.75
C GLN A 29 0.52 -23.53 4.87
N GLY A 30 -0.12 -22.83 5.77
CA GLY A 30 0.17 -21.38 5.94
C GLY A 30 1.19 -21.20 7.06
N ASP A 31 0.88 -20.39 8.04
CA ASP A 31 1.83 -20.18 9.19
C ASP A 31 1.02 -20.25 10.50
N ASP A 32 1.70 -20.15 11.61
CA ASP A 32 0.97 -20.21 12.92
C ASP A 32 0.22 -18.90 13.14
N HIS A 33 0.64 -17.85 12.49
CA HIS A 33 -0.05 -16.53 12.66
C HIS A 33 -1.23 -16.44 11.70
N GLY A 34 -1.41 -17.43 10.86
CA GLY A 34 -2.55 -17.41 9.90
C GLY A 34 -2.11 -16.87 8.54
N PHE A 35 -0.83 -16.86 8.25
CA PHE A 35 -0.39 -16.36 6.91
C PHE A 35 -0.61 -17.47 5.89
N SER A 36 -1.25 -17.15 4.79
CA SER A 36 -1.52 -18.18 3.74
C SER A 36 -0.48 -18.05 2.61
N PRO A 37 -0.27 -19.08 1.83
CA PRO A 37 0.67 -18.96 0.71
C PRO A 37 0.26 -17.76 -0.15
N LEU A 38 -1.03 -17.60 -0.35
CA LEU A 38 -1.54 -16.45 -1.17
C LEU A 38 -0.97 -15.14 -0.62
N HIS A 39 -0.94 -15.02 0.67
CA HIS A 39 -0.40 -13.78 1.28
C HIS A 39 1.05 -13.62 0.83
N TRP A 40 1.88 -14.53 1.23
CA TRP A 40 3.31 -14.45 0.84
C TRP A 40 3.39 -14.23 -0.66
N ALA A 41 2.67 -15.01 -1.40
CA ALA A 41 2.70 -14.89 -2.88
C ALA A 41 2.36 -13.46 -3.30
N CYS A 42 1.21 -12.98 -2.94
CA CYS A 42 0.81 -11.59 -3.32
C CYS A 42 1.96 -10.62 -3.02
N ARG A 43 2.78 -10.96 -2.07
CA ARG A 43 3.92 -10.06 -1.72
C ARG A 43 4.97 -10.09 -2.83
N GLU A 44 5.57 -11.22 -3.08
CA GLU A 44 6.61 -11.31 -4.15
C GLU A 44 6.06 -10.76 -5.47
N GLY A 45 4.93 -11.26 -5.93
CA GLY A 45 4.33 -10.75 -7.21
C GLY A 45 4.30 -11.85 -8.27
N ARG A 46 4.63 -13.06 -7.91
CA ARG A 46 4.62 -14.17 -8.91
C ARG A 46 3.16 -14.46 -9.31
N SER A 47 2.47 -13.45 -9.78
CA SER A 47 1.05 -13.58 -10.20
C SER A 47 0.79 -14.95 -10.84
N ALA A 48 1.71 -15.43 -11.63
CA ALA A 48 1.49 -16.76 -12.28
C ALA A 48 1.08 -17.78 -11.22
N VAL A 49 2.03 -18.39 -10.58
CA VAL A 49 1.71 -19.45 -9.58
C VAL A 49 0.50 -19.05 -8.70
N VAL A 50 0.41 -17.83 -8.24
CA VAL A 50 -0.76 -17.47 -7.37
C VAL A 50 -2.06 -17.53 -8.17
N GLU A 51 -2.03 -17.07 -9.38
CA GLU A 51 -3.24 -17.08 -10.26
C GLU A 51 -3.83 -18.48 -10.35
N MET A 52 -3.03 -19.42 -10.73
CA MET A 52 -3.52 -20.83 -10.85
C MET A 52 -4.00 -21.33 -9.50
N LEU A 53 -3.43 -20.84 -8.44
CA LEU A 53 -3.86 -21.27 -7.08
C LEU A 53 -5.34 -20.88 -6.88
N ILE A 54 -5.65 -19.63 -7.11
CA ILE A 54 -7.07 -19.16 -6.93
C ILE A 54 -8.03 -20.17 -7.56
N MET A 55 -7.57 -20.90 -8.53
CA MET A 55 -8.44 -21.88 -9.21
C MET A 55 -8.56 -23.13 -8.35
N ARG A 56 -7.55 -23.44 -7.61
CA ARG A 56 -7.62 -24.64 -6.72
C ARG A 56 -8.90 -24.55 -5.92
N GLY A 57 -9.30 -23.35 -5.56
CA GLY A 57 -10.57 -23.15 -4.80
C GLY A 57 -10.26 -22.37 -3.52
N ALA A 58 -9.06 -21.86 -3.38
CA ALA A 58 -8.74 -21.12 -2.12
C ALA A 58 -9.54 -19.81 -2.08
N ARG A 59 -10.06 -19.43 -0.93
CA ARG A 59 -10.84 -18.17 -0.85
C ARG A 59 -9.88 -16.98 -0.88
N ILE A 60 -10.11 -16.06 -1.76
CA ILE A 60 -9.22 -14.87 -1.84
C ILE A 60 -9.76 -13.74 -0.96
N ASN A 61 -10.89 -13.95 -0.33
CA ASN A 61 -11.47 -12.89 0.54
C ASN A 61 -10.90 -13.02 1.97
N VAL A 62 -10.08 -14.01 2.20
CA VAL A 62 -9.49 -14.18 3.56
C VAL A 62 -8.68 -12.95 3.95
N MET A 63 -8.22 -12.88 5.18
CA MET A 63 -7.41 -11.71 5.64
C MET A 63 -6.32 -12.22 6.58
N ASN A 64 -5.27 -11.46 6.73
CA ASN A 64 -4.16 -11.90 7.63
C ASN A 64 -4.46 -11.48 9.07
N ARG A 65 -3.84 -12.12 10.02
CA ARG A 65 -4.08 -11.75 11.44
C ARG A 65 -3.75 -10.27 11.65
N GLY A 66 -2.98 -9.69 10.75
CA GLY A 66 -2.60 -8.25 10.89
C GLY A 66 -3.46 -7.38 9.97
N ASP A 67 -4.73 -7.71 9.81
CA ASP A 67 -5.61 -6.87 8.96
C ASP A 67 -4.91 -6.54 7.64
N ASP A 68 -4.95 -7.45 6.71
CA ASP A 68 -4.30 -7.19 5.39
C ASP A 68 -4.91 -8.12 4.35
N THR A 69 -5.69 -7.61 3.43
CA THR A 69 -6.27 -8.48 2.39
C THR A 69 -5.28 -8.51 1.22
N PRO A 70 -5.30 -9.56 0.43
CA PRO A 70 -4.38 -9.65 -0.71
C PRO A 70 -4.47 -8.41 -1.61
N LEU A 71 -5.66 -7.86 -1.80
CA LEU A 71 -5.76 -6.67 -2.68
C LEU A 71 -4.79 -5.60 -2.20
N HIS A 72 -4.78 -5.33 -0.93
CA HIS A 72 -3.82 -4.32 -0.40
C HIS A 72 -2.42 -4.78 -0.81
N LEU A 73 -1.98 -5.87 -0.26
CA LEU A 73 -0.61 -6.39 -0.59
C LEU A 73 -0.39 -6.32 -2.10
N ALA A 74 -1.31 -6.84 -2.87
CA ALA A 74 -1.15 -6.80 -4.36
C ALA A 74 -0.94 -5.35 -4.81
N ALA A 75 -1.94 -4.53 -4.66
CA ALA A 75 -1.81 -3.11 -5.08
C ALA A 75 -0.58 -2.49 -4.41
N SER A 76 -0.19 -2.99 -3.26
CA SER A 76 0.99 -2.41 -2.57
C SER A 76 2.17 -2.40 -3.53
N HIS A 77 2.46 -3.51 -4.13
CA HIS A 77 3.60 -3.58 -5.09
C HIS A 77 3.43 -2.53 -6.19
N GLY A 78 2.35 -2.64 -6.95
CA GLY A 78 2.10 -1.66 -8.05
C GLY A 78 2.02 -2.40 -9.39
N HIS A 79 2.19 -3.69 -9.38
CA HIS A 79 2.12 -4.46 -10.66
C HIS A 79 0.69 -4.41 -11.20
N ARG A 80 0.41 -3.51 -12.09
CA ARG A 80 -0.97 -3.39 -12.65
C ARG A 80 -1.53 -4.79 -12.98
N ASP A 81 -0.74 -5.64 -13.56
CA ASP A 81 -1.25 -7.00 -13.94
C ASP A 81 -1.85 -7.72 -12.73
N ILE A 82 -1.09 -7.94 -11.69
CA ILE A 82 -1.65 -8.67 -10.52
C ILE A 82 -2.87 -7.92 -9.98
N VAL A 83 -2.94 -6.63 -10.18
CA VAL A 83 -4.11 -5.86 -9.69
C VAL A 83 -5.36 -6.26 -10.47
N GLN A 84 -5.38 -6.03 -11.75
CA GLN A 84 -6.59 -6.39 -12.56
C GLN A 84 -7.02 -7.81 -12.20
N LYS A 85 -6.09 -8.70 -11.99
CA LYS A 85 -6.44 -10.11 -11.66
C LYS A 85 -7.09 -10.18 -10.27
N LEU A 86 -6.46 -9.65 -9.27
CA LEU A 86 -7.06 -9.72 -7.90
C LEU A 86 -8.22 -8.72 -7.82
N LEU A 87 -8.26 -7.76 -8.70
CA LEU A 87 -9.34 -6.74 -8.67
C LEU A 87 -10.57 -7.30 -9.41
N GLN A 88 -10.37 -8.23 -10.30
CA GLN A 88 -11.52 -8.79 -11.08
C GLN A 88 -12.08 -10.03 -10.39
N TYR A 89 -11.23 -10.80 -9.79
CA TYR A 89 -11.70 -12.05 -9.10
C TYR A 89 -12.56 -11.70 -7.88
N LYS A 90 -12.35 -10.56 -7.27
CA LYS A 90 -13.16 -10.21 -6.05
C LYS A 90 -13.40 -8.71 -5.94
N ALA A 91 -12.68 -7.90 -6.67
CA ALA A 91 -12.88 -6.43 -6.59
C ALA A 91 -12.95 -5.98 -5.12
N ASP A 92 -11.94 -6.31 -4.34
CA ASP A 92 -11.94 -5.87 -2.91
C ASP A 92 -11.58 -4.38 -2.84
N ILE A 93 -11.91 -3.65 -3.87
CA ILE A 93 -11.66 -2.18 -3.84
C ILE A 93 -12.78 -1.55 -3.02
N ASN A 94 -13.98 -2.06 -3.18
CA ASN A 94 -15.13 -1.55 -2.39
C ASN A 94 -15.13 -2.28 -1.04
N ALA A 95 -14.00 -2.79 -0.64
CA ALA A 95 -13.92 -3.52 0.66
C ALA A 95 -12.55 -3.29 1.29
N VAL A 96 -12.48 -2.35 2.18
CA VAL A 96 -11.19 -2.04 2.87
C VAL A 96 -10.99 -3.08 3.98
N ASN A 97 -9.94 -2.96 4.77
CA ASN A 97 -9.74 -3.92 5.90
C ASN A 97 -10.29 -3.25 7.18
N GLU A 98 -9.47 -3.00 8.18
CA GLU A 98 -9.98 -2.36 9.44
C GLU A 98 -9.18 -1.08 9.74
N HIS A 99 -8.15 -0.81 8.99
CA HIS A 99 -7.34 0.42 9.22
C HIS A 99 -7.81 1.51 8.23
N GLY A 100 -8.61 1.14 7.28
CA GLY A 100 -9.11 2.14 6.28
C GLY A 100 -8.13 2.21 5.12
N ASN A 101 -7.12 1.39 5.12
CA ASN A 101 -6.12 1.42 4.01
C ASN A 101 -6.70 0.81 2.74
N VAL A 102 -7.27 1.64 1.90
CA VAL A 102 -7.83 1.14 0.60
C VAL A 102 -6.62 0.88 -0.33
N PRO A 103 -6.64 -0.17 -1.13
CA PRO A 103 -5.49 -0.42 -2.02
C PRO A 103 -5.12 0.86 -2.76
N LEU A 104 -6.09 1.66 -3.13
CA LEU A 104 -5.78 2.93 -3.86
C LEU A 104 -4.84 3.79 -3.01
N HIS A 105 -5.17 3.98 -1.77
CA HIS A 105 -4.29 4.80 -0.88
C HIS A 105 -2.85 4.30 -1.00
N TYR A 106 -2.68 3.02 -1.04
CA TYR A 106 -1.30 2.44 -1.14
C TYR A 106 -0.78 2.58 -2.59
N ALA A 107 -1.62 2.33 -3.55
CA ALA A 107 -1.18 2.44 -4.97
C ALA A 107 -0.54 3.82 -5.21
N CYS A 108 -1.10 4.85 -4.64
CA CYS A 108 -0.52 6.21 -4.85
C CYS A 108 0.61 6.45 -3.84
N PHE A 109 0.55 5.81 -2.72
CA PHE A 109 1.62 5.99 -1.70
C PHE A 109 2.96 5.64 -2.35
N TRP A 110 2.94 4.79 -3.35
CA TRP A 110 4.21 4.42 -4.03
C TRP A 110 4.56 5.53 -5.03
N GLY A 111 3.64 5.87 -5.91
CA GLY A 111 3.92 6.97 -6.89
C GLY A 111 3.48 6.56 -8.29
N GLN A 112 2.41 5.82 -8.42
CA GLN A 112 1.91 5.38 -9.77
C GLN A 112 0.46 5.83 -9.93
N ASP A 113 0.24 6.99 -10.49
CA ASP A 113 -1.15 7.51 -10.66
C ASP A 113 -1.93 6.65 -11.66
N GLN A 114 -1.28 6.14 -12.67
CA GLN A 114 -2.00 5.33 -13.68
C GLN A 114 -2.87 4.26 -12.98
N VAL A 115 -2.25 3.35 -12.27
CA VAL A 115 -3.02 2.29 -11.58
C VAL A 115 -4.05 2.94 -10.66
N ALA A 116 -3.69 4.03 -10.06
CA ALA A 116 -4.62 4.75 -9.16
C ALA A 116 -5.89 5.12 -9.91
N GLU A 117 -5.71 5.63 -11.09
CA GLU A 117 -6.89 6.02 -11.91
C GLU A 117 -7.72 4.78 -12.24
N ASP A 118 -7.09 3.76 -12.74
CA ASP A 118 -7.84 2.51 -13.09
C ASP A 118 -8.78 2.13 -11.95
N LEU A 119 -8.37 2.33 -10.72
CA LEU A 119 -9.25 1.97 -9.58
C LEU A 119 -10.46 2.92 -9.54
N VAL A 120 -10.24 4.21 -9.45
CA VAL A 120 -11.40 5.15 -9.42
C VAL A 120 -12.10 5.08 -10.78
N ALA A 121 -11.36 4.76 -11.79
CA ALA A 121 -11.96 4.67 -13.16
C ALA A 121 -13.21 3.80 -13.12
N ASN A 122 -13.39 3.04 -12.05
CA ASN A 122 -14.61 2.19 -11.95
C ASN A 122 -15.63 2.96 -11.11
N GLY A 123 -15.18 3.59 -10.08
CA GLY A 123 -16.12 4.37 -9.20
C GLY A 123 -15.55 4.44 -7.77
N ALA A 124 -14.42 3.85 -7.53
CA ALA A 124 -13.84 3.90 -6.15
C ALA A 124 -13.79 5.35 -5.68
N LEU A 125 -14.02 6.27 -6.58
CA LEU A 125 -13.99 7.72 -6.23
C LEU A 125 -12.63 8.10 -5.64
N VAL A 126 -12.01 9.10 -6.19
CA VAL A 126 -10.68 9.53 -5.67
C VAL A 126 -10.88 10.27 -4.34
N SER A 127 -12.04 10.86 -4.16
CA SER A 127 -12.33 11.60 -2.90
C SER A 127 -13.03 10.66 -1.93
N ILE A 128 -12.60 9.43 -1.86
CA ILE A 128 -13.25 8.47 -0.93
C ILE A 128 -13.24 9.02 0.49
N CYS A 129 -12.09 9.49 0.92
CA CYS A 129 -11.94 10.05 2.27
C CYS A 129 -11.68 8.88 3.22
N ASN A 130 -10.44 8.53 3.40
CA ASN A 130 -10.12 7.38 4.28
C ASN A 130 -10.64 7.66 5.69
N LYS A 131 -9.99 7.08 6.66
CA LYS A 131 -10.40 7.28 8.07
C LYS A 131 -9.91 8.65 8.55
N TYR A 132 -8.91 9.19 7.88
CA TYR A 132 -8.37 10.53 8.24
C TYR A 132 -8.43 11.44 7.02
N GLY A 133 -9.24 11.08 6.06
CA GLY A 133 -9.38 11.90 4.83
C GLY A 133 -8.06 11.91 4.09
N GLU A 134 -7.23 10.95 4.35
CA GLU A 134 -5.91 10.90 3.65
C GLU A 134 -6.11 10.30 2.26
N MET A 135 -6.16 11.14 1.25
CA MET A 135 -6.36 10.63 -0.16
C MET A 135 -5.10 10.95 -0.98
N PRO A 136 -4.97 10.32 -2.14
CA PRO A 136 -3.81 10.57 -3.01
C PRO A 136 -3.63 12.08 -3.24
N VAL A 137 -4.71 12.82 -3.29
CA VAL A 137 -4.59 14.29 -3.50
C VAL A 137 -3.50 14.88 -2.60
N ASP A 138 -3.40 14.40 -1.40
CA ASP A 138 -2.37 14.93 -0.46
C ASP A 138 -1.05 14.21 -0.72
N LYS A 139 -1.08 12.90 -0.75
CA LYS A 139 0.17 12.14 -1.02
C LYS A 139 0.66 12.51 -2.42
N ALA A 140 -0.18 13.12 -3.23
CA ALA A 140 0.24 13.51 -4.60
C ALA A 140 0.64 14.98 -4.60
N LYS A 141 0.13 15.73 -3.67
CA LYS A 141 0.50 17.17 -3.58
C LYS A 141 1.82 17.27 -2.81
N ALA A 142 2.31 16.19 -2.26
CA ALA A 142 3.59 16.23 -1.50
C ALA A 142 4.79 16.05 -2.46
N PRO A 143 4.84 14.95 -3.22
CA PRO A 143 5.96 14.71 -4.14
C PRO A 143 6.21 15.94 -5.03
N LEU A 144 5.20 16.35 -5.77
CA LEU A 144 5.31 17.56 -6.68
C LEU A 144 4.36 17.41 -7.87
N ARG A 145 3.44 16.48 -7.84
CA ARG A 145 2.53 16.33 -9.01
C ARG A 145 1.77 17.64 -9.23
N GLU A 146 0.78 17.89 -8.41
CA GLU A 146 -0.04 19.14 -8.54
C GLU A 146 -0.84 19.10 -9.85
N LEU A 147 -0.47 18.25 -10.76
CA LEU A 147 -1.21 18.16 -12.05
C LEU A 147 -2.54 17.46 -11.81
N LEU A 148 -2.49 16.25 -11.33
CA LEU A 148 -3.75 15.52 -11.06
C LEU A 148 -4.54 16.33 -10.03
N ARG A 149 -3.88 17.14 -9.26
CA ARG A 149 -4.60 17.95 -8.24
C ARG A 149 -5.58 18.86 -8.98
N GLU A 150 -5.10 19.56 -9.98
CA GLU A 150 -6.02 20.45 -10.75
C GLU A 150 -7.12 19.60 -11.37
N ARG A 151 -6.77 18.46 -11.91
CA ARG A 151 -7.81 17.57 -12.51
C ARG A 151 -8.78 17.16 -11.40
N ALA A 152 -8.25 16.90 -10.25
CA ALA A 152 -9.11 16.52 -9.10
C ALA A 152 -10.01 17.72 -8.77
N GLU A 153 -9.41 18.84 -8.52
CA GLU A 153 -10.19 20.06 -8.17
C GLU A 153 -11.32 20.25 -9.19
N LYS A 154 -11.04 19.99 -10.43
CA LYS A 154 -12.08 20.16 -11.48
C LYS A 154 -13.05 18.97 -11.47
N MET A 155 -12.79 18.01 -10.63
CA MET A 155 -13.70 16.83 -10.56
C MET A 155 -15.05 17.28 -10.03
N GLY A 156 -15.11 18.45 -9.45
CA GLY A 156 -16.39 18.98 -8.90
C GLY A 156 -16.30 19.03 -7.37
N GLN A 157 -15.11 18.87 -6.83
CA GLN A 157 -14.95 18.89 -5.35
C GLN A 157 -14.74 20.34 -4.89
N ASN A 158 -13.76 21.01 -5.44
CA ASN A 158 -13.49 22.42 -5.05
C ASN A 158 -14.26 23.35 -5.98
N LEU A 159 -14.26 23.05 -7.25
CA LEU A 159 -15.01 23.91 -8.22
C LEU A 159 -16.41 23.33 -8.39
N ASN A 160 -17.23 23.47 -7.38
CA ASN A 160 -18.63 22.93 -7.45
C ASN A 160 -19.63 24.07 -7.69
N ARG A 161 -20.22 24.12 -8.86
CA ARG A 161 -21.22 25.18 -9.13
C ARG A 161 -22.30 25.08 -8.04
N ILE A 162 -23.03 26.13 -7.78
CA ILE A 162 -24.08 26.06 -6.73
C ILE A 162 -25.08 24.94 -7.08
N PRO A 163 -25.13 23.86 -6.31
CA PRO A 163 -26.07 22.76 -6.62
C PRO A 163 -27.51 23.30 -6.61
N TYR A 164 -28.35 22.73 -7.45
CA TYR A 164 -29.77 23.20 -7.52
C TYR A 164 -30.57 22.62 -6.34
N LYS A 165 -29.91 22.14 -5.32
CA LYS A 165 -30.63 21.57 -4.13
C LYS A 165 -30.14 22.28 -2.85
N ASP A 166 -29.38 21.59 -2.04
CA ASP A 166 -28.87 22.21 -0.78
C ASP A 166 -30.05 22.75 0.05
N THR A 167 -30.26 24.04 0.04
CA THR A 167 -31.38 24.61 0.84
C THR A 167 -31.71 26.01 0.33
N PHE A 168 -31.41 26.29 -0.93
CA PHE A 168 -31.73 27.64 -1.49
C PHE A 168 -32.81 27.49 -2.55
N TRP A 169 -34.00 27.70 -2.13
CA TRP A 169 -35.16 27.57 -3.04
C TRP A 169 -36.34 28.33 -2.45
N LYS A 170 -36.33 28.49 -1.16
CA LYS A 170 -37.45 29.20 -0.47
C LYS A 170 -36.90 30.14 0.60
N GLY A 171 -35.68 30.59 0.43
CA GLY A 171 -35.08 31.50 1.44
C GLY A 171 -33.68 31.94 0.98
N MET B 1 21.77 34.90 -8.26
CA MET B 1 21.02 34.91 -6.98
C MET B 1 21.25 33.59 -6.25
N ALA B 2 22.04 33.59 -5.22
CA ALA B 2 22.30 32.34 -4.46
C ALA B 2 21.05 31.95 -3.68
N ASN B 3 20.93 32.38 -2.46
CA ASN B 3 19.73 32.04 -1.65
C ASN B 3 19.53 30.52 -1.65
N ALA B 4 18.53 30.03 -0.97
CA ALA B 4 18.29 28.57 -0.94
C ALA B 4 19.55 27.85 -0.44
N LEU B 5 19.95 28.12 0.77
CA LEU B 5 21.17 27.46 1.31
C LEU B 5 20.81 26.05 1.79
N ALA B 6 20.07 25.32 0.99
CA ALA B 6 19.68 23.94 1.40
C ALA B 6 20.86 22.99 1.19
N SER B 7 20.69 21.74 1.52
CA SER B 7 21.80 20.75 1.35
C SER B 7 21.22 19.34 1.39
N ALA B 8 21.61 18.54 2.34
CA ALA B 8 21.08 17.16 2.43
C ALA B 8 19.56 17.20 2.32
N THR B 9 18.97 16.17 1.77
CA THR B 9 17.49 16.15 1.54
C THR B 9 16.84 14.91 2.15
N CYS B 10 15.56 14.99 2.44
CA CYS B 10 14.87 13.83 3.03
C CYS B 10 15.02 12.67 2.13
N GLU B 11 15.18 11.55 2.71
CA GLU B 11 15.31 10.32 1.87
C GLU B 11 13.91 9.93 1.39
N ARG B 12 12.89 10.58 1.90
CA ARG B 12 11.50 10.21 1.49
C ARG B 12 10.73 11.43 0.97
N CYS B 13 10.79 12.56 1.61
CA CYS B 13 10.04 13.74 1.10
C CYS B 13 10.95 14.50 0.15
N LYS B 14 12.20 14.13 0.14
CA LYS B 14 13.18 14.78 -0.75
C LYS B 14 13.36 16.21 -0.34
N GLY B 15 12.88 16.57 0.79
CA GLY B 15 13.03 17.91 1.31
C GLY B 15 14.49 18.08 1.48
N GLY B 16 14.84 19.25 1.76
CA GLY B 16 16.22 19.71 1.90
C GLY B 16 16.39 20.36 3.25
N PHE B 17 17.01 19.68 4.16
CA PHE B 17 17.23 20.25 5.50
C PHE B 17 18.70 20.62 5.66
N ALA B 18 18.84 21.45 6.57
CA ALA B 18 20.13 22.06 7.07
C ALA B 18 20.19 21.32 8.34
N PRO B 19 20.99 20.33 8.46
CA PRO B 19 20.59 19.47 9.50
C PRO B 19 20.79 19.34 10.98
N ALA B 20 20.59 20.47 11.41
CA ALA B 20 20.53 20.83 12.79
C ALA B 20 19.15 21.44 12.82
N GLU B 21 18.42 21.21 11.72
CA GLU B 21 17.03 21.67 11.65
C GLU B 21 16.32 20.46 12.11
N LYS B 22 15.83 19.73 11.16
CA LYS B 22 15.27 18.45 11.47
C LYS B 22 15.49 17.45 10.36
N ILE B 23 16.52 16.74 10.54
CA ILE B 23 16.94 15.61 9.70
C ILE B 23 17.10 14.38 10.60
N VAL B 24 16.77 13.21 10.14
CA VAL B 24 16.94 11.99 11.00
C VAL B 24 17.63 10.92 10.17
N ASN B 25 18.74 10.46 10.65
CA ASN B 25 19.52 9.40 9.95
C ASN B 25 19.15 8.05 10.55
N SER B 26 18.73 7.13 9.74
CA SER B 26 18.37 5.80 10.21
C SER B 26 18.92 4.85 9.20
N ASN B 27 19.99 4.23 9.54
CA ASN B 27 20.67 3.22 8.67
C ASN B 27 21.76 3.88 7.83
N GLY B 28 21.59 5.12 7.49
CA GLY B 28 22.61 5.81 6.64
C GLY B 28 21.90 6.72 5.65
N GLU B 29 20.59 6.69 5.65
CA GLU B 29 19.81 7.57 4.74
C GLU B 29 19.18 8.61 5.65
N LEU B 30 18.85 9.76 5.15
CA LEU B 30 18.31 10.84 6.01
C LEU B 30 16.78 10.95 5.86
N TYR B 31 16.08 11.09 6.96
CA TYR B 31 14.60 11.21 6.90
C TYR B 31 14.12 12.27 7.90
N HIS B 32 13.19 13.08 7.51
CA HIS B 32 12.68 14.08 8.45
C HIS B 32 11.98 13.27 9.50
N GLU B 33 11.93 13.68 10.71
CA GLU B 33 11.06 12.90 11.64
C GLU B 33 9.64 12.95 10.99
N GLN B 34 9.54 13.67 9.88
CA GLN B 34 8.28 13.78 9.10
C GLN B 34 8.26 12.64 8.12
N CYS B 35 9.42 12.05 7.93
CA CYS B 35 9.58 10.98 6.99
C CYS B 35 9.55 9.72 7.82
N PHE B 36 9.51 9.97 9.10
CA PHE B 36 9.30 8.87 10.09
C PHE B 36 7.79 8.70 10.10
N VAL B 37 7.35 7.92 9.19
CA VAL B 37 5.89 7.70 9.00
C VAL B 37 5.58 6.22 8.70
N CYS B 38 4.49 5.75 9.28
CA CYS B 38 4.05 4.33 9.09
C CYS B 38 3.50 4.08 7.69
N ALA B 39 3.78 2.96 7.09
CA ALA B 39 3.24 2.67 5.72
C ALA B 39 1.69 2.66 5.74
N GLN B 40 1.10 2.30 6.85
CA GLN B 40 -0.39 2.29 7.00
C GLN B 40 -0.78 3.56 7.76
N CYS B 41 0.04 3.80 8.71
CA CYS B 41 -0.03 4.91 9.68
C CYS B 41 0.86 6.07 9.18
N PHE B 42 1.37 5.99 7.91
CA PHE B 42 2.40 6.95 7.23
C PHE B 42 2.01 8.33 7.45
N GLN B 43 1.39 8.36 8.45
CA GLN B 43 1.15 9.64 9.06
C GLN B 43 2.27 9.52 10.06
N GLN B 44 2.80 10.57 10.43
CA GLN B 44 3.97 10.49 11.33
C GLN B 44 3.57 9.71 12.58
N PHE B 45 4.47 8.91 13.05
CA PHE B 45 4.21 8.09 14.25
C PHE B 45 4.27 8.94 15.55
N PRO B 46 3.23 8.93 16.35
CA PRO B 46 3.20 9.69 17.62
C PRO B 46 4.28 9.24 18.61
N GLU B 47 4.93 10.20 19.18
CA GLU B 47 6.04 10.02 20.16
C GLU B 47 7.25 9.47 19.46
N GLY B 48 7.14 9.44 18.20
CA GLY B 48 8.31 9.15 17.36
C GLY B 48 8.80 7.69 17.40
N LEU B 49 8.10 6.72 17.96
CA LEU B 49 8.67 5.33 17.98
C LEU B 49 8.25 4.61 16.73
N PHE B 50 9.27 4.21 16.01
CA PHE B 50 9.04 3.57 14.73
C PHE B 50 9.91 2.28 14.50
N TYR B 51 9.52 1.35 13.59
CA TYR B 51 10.37 0.20 13.28
C TYR B 51 10.28 -0.09 11.76
N GLU B 52 11.37 -0.16 11.10
CA GLU B 52 11.37 -0.50 9.62
C GLU B 52 11.62 -2.01 9.35
N PHE B 53 10.83 -2.64 8.47
CA PHE B 53 11.12 -4.07 8.10
C PHE B 53 10.84 -4.29 6.60
N GLU B 54 11.76 -4.95 5.96
CA GLU B 54 11.67 -5.32 4.52
C GLU B 54 11.23 -4.21 3.55
N GLY B 55 11.73 -3.01 3.66
CA GLY B 55 11.37 -1.96 2.65
C GLY B 55 10.06 -1.26 2.99
N ARG B 56 9.36 -1.74 3.97
CA ARG B 56 8.07 -1.12 4.36
C ARG B 56 8.30 -0.51 5.70
N LYS B 57 7.61 0.54 6.03
CA LYS B 57 7.80 1.10 7.38
C LYS B 57 6.53 0.99 8.20
N TYR B 58 6.60 0.38 9.35
CA TYR B 58 5.44 0.29 10.28
C TYR B 58 5.95 0.54 11.68
N CYS B 59 5.16 1.04 12.56
CA CYS B 59 5.68 1.14 13.94
C CYS B 59 5.92 -0.31 14.34
N GLU B 60 6.65 -0.56 15.37
CA GLU B 60 6.92 -1.95 15.73
C GLU B 60 5.63 -2.67 15.90
N HIS B 61 4.67 -1.96 16.31
CA HIS B 61 3.38 -2.55 16.58
C HIS B 61 2.87 -3.33 15.38
N ASP B 62 2.86 -2.74 14.23
CA ASP B 62 2.31 -3.48 13.06
C ASP B 62 3.32 -4.48 12.59
N PHE B 63 4.54 -4.17 12.73
CA PHE B 63 5.53 -5.17 12.38
C PHE B 63 5.44 -6.24 13.42
N GLN B 64 5.25 -5.81 14.62
CA GLN B 64 5.13 -6.76 15.75
C GLN B 64 3.91 -7.56 15.50
N MET B 65 3.07 -7.10 14.65
CA MET B 65 1.94 -7.99 14.35
C MET B 65 2.56 -9.19 13.60
N LEU B 66 3.24 -8.91 12.52
CA LEU B 66 3.92 -9.98 11.72
C LEU B 66 5.22 -10.45 12.41
N PHE B 67 5.68 -9.70 13.36
CA PHE B 67 6.95 -10.00 14.08
C PHE B 67 6.62 -10.39 15.51
N ALA B 68 5.38 -10.22 15.87
CA ALA B 68 4.92 -10.60 17.25
C ALA B 68 3.46 -11.13 17.20
N PRO B 69 3.09 -12.01 18.11
CA PRO B 69 1.72 -12.55 18.13
C PRO B 69 0.71 -11.41 18.28
N CYS B 70 -0.49 -11.71 18.70
CA CYS B 70 -1.51 -10.65 18.88
C CYS B 70 -1.30 -9.95 20.22
ZN ZN C . 11.53 14.54 4.49
ZN ZN D . 2.11 1.64 12.34
N MET A 1 18.27 -21.34 4.70
CA MET A 1 17.77 -20.63 5.91
C MET A 1 16.33 -21.06 6.20
N ASP A 2 15.71 -21.74 5.27
CA ASP A 2 14.30 -22.18 5.49
C ASP A 2 13.88 -23.11 4.36
N ASP A 3 14.63 -24.16 4.14
CA ASP A 3 14.29 -25.15 3.06
C ASP A 3 13.82 -24.45 1.77
N ILE A 4 12.66 -24.81 1.29
CA ILE A 4 12.13 -24.21 0.02
C ILE A 4 11.58 -22.82 0.29
N PHE A 5 11.05 -22.60 1.46
CA PHE A 5 10.49 -21.26 1.77
C PHE A 5 11.51 -20.19 1.40
N THR A 6 12.76 -20.39 1.73
CA THR A 6 13.80 -19.37 1.39
C THR A 6 14.25 -19.57 -0.05
N GLN A 7 14.43 -20.79 -0.46
CA GLN A 7 14.86 -21.04 -1.87
C GLN A 7 13.66 -20.79 -2.78
N CYS A 8 12.55 -20.45 -2.20
CA CYS A 8 11.32 -20.17 -3.00
C CYS A 8 11.31 -18.70 -3.39
N ARG A 9 11.30 -17.82 -2.42
CA ARG A 9 11.30 -16.36 -2.75
C ARG A 9 12.61 -16.01 -3.46
N GLU A 10 13.44 -16.99 -3.66
CA GLU A 10 14.74 -16.72 -4.32
C GLU A 10 14.49 -16.44 -5.81
N GLY A 11 13.26 -16.47 -6.23
CA GLY A 11 12.95 -16.21 -7.66
C GLY A 11 12.84 -17.55 -8.38
N ASN A 12 12.90 -18.61 -7.63
CA ASN A 12 12.80 -19.96 -8.22
C ASN A 12 11.32 -20.27 -8.42
N ALA A 13 10.63 -19.40 -9.12
CA ALA A 13 9.18 -19.61 -9.40
C ALA A 13 8.94 -21.07 -9.74
N VAL A 14 9.97 -21.73 -10.20
CA VAL A 14 9.84 -23.16 -10.56
C VAL A 14 9.86 -24.02 -9.29
N ALA A 15 10.61 -23.62 -8.31
CA ALA A 15 10.68 -24.44 -7.07
C ALA A 15 9.39 -24.27 -6.29
N VAL A 16 8.82 -23.10 -6.36
CA VAL A 16 7.58 -22.87 -5.61
C VAL A 16 6.45 -23.71 -6.20
N ARG A 17 6.33 -23.78 -7.50
CA ARG A 17 5.24 -24.61 -8.08
C ARG A 17 5.53 -26.08 -7.73
N LEU A 18 6.78 -26.46 -7.76
CA LEU A 18 7.15 -27.87 -7.43
C LEU A 18 6.42 -28.31 -6.15
N TRP A 19 6.63 -27.65 -5.04
CA TRP A 19 5.92 -28.11 -3.81
C TRP A 19 4.42 -27.87 -3.97
N LEU A 20 4.04 -26.93 -4.79
CA LEU A 20 2.59 -26.65 -4.99
C LEU A 20 1.94 -27.79 -5.79
N ASP A 21 2.62 -28.34 -6.76
CA ASP A 21 2.02 -29.44 -7.57
C ASP A 21 2.09 -30.77 -6.79
N ASN A 22 1.68 -30.75 -5.56
CA ASN A 22 1.72 -32.00 -4.74
C ASN A 22 0.36 -32.70 -4.82
N THR A 23 0.35 -33.95 -5.20
CA THR A 23 -0.94 -34.69 -5.30
C THR A 23 -1.44 -35.01 -3.89
N GLU A 24 -0.63 -34.74 -2.90
CA GLU A 24 -1.05 -35.02 -1.50
C GLU A 24 -1.95 -33.89 -1.01
N ASN A 25 -1.77 -32.71 -1.55
CA ASN A 25 -2.62 -31.56 -1.13
C ASN A 25 -2.53 -31.36 0.38
N ASP A 26 -1.39 -30.92 0.86
CA ASP A 26 -1.23 -30.67 2.32
C ASP A 26 -0.22 -29.56 2.52
N LEU A 27 0.80 -29.55 1.71
CA LEU A 27 1.83 -28.48 1.82
C LEU A 27 1.13 -27.13 1.75
N ASN A 28 -0.14 -27.11 1.44
CA ASN A 28 -0.89 -25.83 1.37
C ASN A 28 -1.11 -25.32 2.80
N GLN A 29 -0.16 -25.56 3.66
CA GLN A 29 -0.27 -25.09 5.06
C GLN A 29 0.01 -23.60 5.11
N GLY A 30 -0.76 -22.86 5.87
CA GLY A 30 -0.53 -21.39 5.95
C GLY A 30 0.54 -21.11 7.01
N ASP A 31 0.27 -20.20 7.91
CA ASP A 31 1.24 -19.89 9.01
C ASP A 31 0.52 -19.87 10.35
N ASP A 32 1.22 -20.06 11.41
CA ASP A 32 0.55 -20.03 12.76
C ASP A 32 -0.22 -18.72 12.89
N HIS A 33 0.16 -17.72 12.14
CA HIS A 33 -0.54 -16.41 12.22
C HIS A 33 -1.73 -16.43 11.27
N GLY A 34 -1.87 -17.47 10.50
CA GLY A 34 -3.04 -17.57 9.56
C GLY A 34 -2.66 -17.03 8.18
N PHE A 35 -1.41 -17.07 7.81
CA PHE A 35 -1.03 -16.56 6.45
C PHE A 35 -1.09 -17.73 5.47
N SER A 36 -1.74 -17.54 4.36
CA SER A 36 -1.87 -18.64 3.35
C SER A 36 -0.65 -18.63 2.40
N PRO A 37 -0.40 -19.71 1.70
CA PRO A 37 0.70 -19.72 0.74
C PRO A 37 0.42 -18.60 -0.28
N LEU A 38 -0.82 -18.49 -0.69
CA LEU A 38 -1.22 -17.42 -1.65
C LEU A 38 -0.88 -16.05 -1.04
N HIS A 39 -1.09 -15.93 0.23
CA HIS A 39 -0.77 -14.65 0.94
C HIS A 39 0.68 -14.26 0.62
N TRP A 40 1.58 -15.15 0.90
CA TRP A 40 3.02 -14.87 0.64
C TRP A 40 3.24 -14.62 -0.85
N ALA A 41 2.69 -15.47 -1.67
CA ALA A 41 2.87 -15.31 -3.15
C ALA A 41 2.50 -13.89 -3.56
N CYS A 42 1.33 -13.43 -3.21
CA CYS A 42 0.92 -12.06 -3.60
C CYS A 42 2.00 -11.07 -3.19
N ARG A 43 2.51 -11.19 -1.99
CA ARG A 43 3.58 -10.26 -1.52
C ARG A 43 4.87 -10.53 -2.29
N GLU A 44 5.16 -11.78 -2.55
CA GLU A 44 6.40 -12.13 -3.30
C GLU A 44 6.40 -11.41 -4.66
N GLY A 45 5.44 -11.71 -5.51
CA GLY A 45 5.36 -11.04 -6.85
C GLY A 45 5.29 -12.10 -7.95
N ARG A 46 5.29 -13.36 -7.60
CA ARG A 46 5.23 -14.43 -8.64
C ARG A 46 3.80 -14.48 -9.22
N SER A 47 3.34 -13.38 -9.76
CA SER A 47 1.97 -13.29 -10.34
C SER A 47 1.56 -14.61 -11.03
N ALA A 48 2.42 -15.21 -11.78
CA ALA A 48 2.03 -16.48 -12.46
C ALA A 48 1.41 -17.44 -11.43
N VAL A 49 2.23 -18.17 -10.74
CA VAL A 49 1.72 -19.18 -9.76
C VAL A 49 0.48 -18.65 -9.00
N VAL A 50 0.46 -17.40 -8.58
CA VAL A 50 -0.74 -16.90 -7.82
C VAL A 50 -1.99 -16.99 -8.69
N GLU A 51 -1.88 -16.59 -9.92
CA GLU A 51 -3.02 -16.65 -10.86
C GLU A 51 -3.59 -18.06 -10.92
N MET A 52 -2.76 -19.00 -11.23
CA MET A 52 -3.21 -20.41 -11.34
C MET A 52 -3.74 -20.91 -9.99
N LEU A 53 -3.37 -20.27 -8.93
CA LEU A 53 -3.85 -20.71 -7.58
C LEU A 53 -5.29 -20.21 -7.36
N ILE A 54 -5.52 -18.93 -7.49
CA ILE A 54 -6.89 -18.37 -7.29
C ILE A 54 -7.92 -19.25 -8.00
N MET A 55 -7.53 -19.88 -9.08
CA MET A 55 -8.50 -20.74 -9.82
C MET A 55 -8.67 -22.06 -9.08
N ARG A 56 -7.64 -22.50 -8.40
CA ARG A 56 -7.75 -23.78 -7.64
C ARG A 56 -9.01 -23.70 -6.76
N GLY A 57 -9.39 -22.51 -6.40
CA GLY A 57 -10.61 -22.32 -5.56
C GLY A 57 -10.25 -21.52 -4.31
N ALA A 58 -9.03 -21.09 -4.19
CA ALA A 58 -8.64 -20.31 -2.97
C ALA A 58 -9.33 -18.95 -3.00
N ARG A 59 -9.90 -18.55 -1.89
CA ARG A 59 -10.58 -17.24 -1.83
C ARG A 59 -9.54 -16.14 -1.59
N ILE A 60 -9.29 -15.33 -2.58
CA ILE A 60 -8.28 -14.25 -2.41
C ILE A 60 -8.76 -13.25 -1.35
N ASN A 61 -9.90 -13.49 -0.76
CA ASN A 61 -10.41 -12.54 0.27
C ASN A 61 -9.72 -12.77 1.61
N VAL A 62 -8.86 -13.75 1.69
CA VAL A 62 -8.15 -14.00 2.98
C VAL A 62 -7.52 -12.71 3.50
N MET A 63 -7.21 -12.65 4.78
CA MET A 63 -6.59 -11.43 5.36
C MET A 63 -5.63 -11.85 6.49
N ASN A 64 -4.60 -11.09 6.71
CA ASN A 64 -3.61 -11.45 7.78
C ASN A 64 -4.10 -10.91 9.13
N ARG A 65 -3.62 -11.46 10.21
CA ARG A 65 -4.06 -10.97 11.55
C ARG A 65 -3.77 -9.47 11.64
N GLY A 66 -2.78 -9.01 10.92
CA GLY A 66 -2.43 -7.56 10.98
C GLY A 66 -3.25 -6.79 9.96
N ASP A 67 -4.46 -7.19 9.69
CA ASP A 67 -5.30 -6.44 8.72
C ASP A 67 -4.49 -6.20 7.45
N ASP A 68 -4.47 -7.14 6.57
CA ASP A 68 -3.70 -6.97 5.30
C ASP A 68 -4.30 -7.86 4.22
N THR A 69 -5.06 -7.29 3.33
CA THR A 69 -5.69 -8.09 2.24
C THR A 69 -4.72 -8.07 1.04
N PRO A 70 -4.86 -9.02 0.14
CA PRO A 70 -3.99 -9.06 -1.05
C PRO A 70 -4.03 -7.71 -1.77
N LEU A 71 -5.19 -7.09 -1.83
CA LEU A 71 -5.28 -5.76 -2.51
C LEU A 71 -4.16 -4.88 -2.01
N HIS A 72 -4.11 -4.66 -0.73
CA HIS A 72 -3.03 -3.82 -0.17
C HIS A 72 -1.68 -4.41 -0.60
N LEU A 73 -1.38 -5.61 -0.16
CA LEU A 73 -0.09 -6.25 -0.55
C LEU A 73 0.14 -6.07 -2.06
N ALA A 74 -0.78 -6.49 -2.87
CA ALA A 74 -0.61 -6.33 -4.34
C ALA A 74 -0.43 -4.84 -4.66
N ALA A 75 -1.36 -4.02 -4.27
CA ALA A 75 -1.25 -2.57 -4.53
C ALA A 75 0.07 -2.06 -3.96
N SER A 76 0.56 -2.68 -2.90
CA SER A 76 1.85 -2.21 -2.31
C SER A 76 2.90 -2.16 -3.41
N HIS A 77 3.06 -3.24 -4.13
CA HIS A 77 4.06 -3.23 -5.22
C HIS A 77 3.57 -2.36 -6.37
N GLY A 78 2.43 -2.69 -6.94
CA GLY A 78 1.86 -1.88 -8.07
C GLY A 78 1.71 -2.76 -9.32
N HIS A 79 1.42 -4.03 -9.15
CA HIS A 79 1.25 -4.91 -10.34
C HIS A 79 -0.19 -4.81 -10.84
N ARG A 80 -0.47 -3.86 -11.69
CA ARG A 80 -1.86 -3.69 -12.20
C ARG A 80 -2.47 -5.04 -12.58
N ASP A 81 -1.71 -5.93 -13.16
CA ASP A 81 -2.28 -7.24 -13.56
C ASP A 81 -3.05 -7.89 -12.40
N ILE A 82 -2.39 -8.12 -11.30
CA ILE A 82 -3.10 -8.75 -10.15
C ILE A 82 -4.40 -7.99 -9.88
N VAL A 83 -4.33 -6.70 -9.82
CA VAL A 83 -5.54 -5.88 -9.55
C VAL A 83 -6.66 -6.21 -10.54
N GLN A 84 -6.34 -6.20 -11.81
CA GLN A 84 -7.38 -6.48 -12.85
C GLN A 84 -8.11 -7.80 -12.58
N LYS A 85 -7.40 -8.90 -12.47
CA LYS A 85 -8.08 -10.20 -12.26
C LYS A 85 -8.88 -10.18 -10.97
N LEU A 86 -8.37 -9.60 -9.93
CA LEU A 86 -9.13 -9.57 -8.66
C LEU A 86 -10.20 -8.49 -8.72
N LEU A 87 -9.94 -7.42 -9.41
CA LEU A 87 -10.93 -6.34 -9.53
C LEU A 87 -12.07 -6.79 -10.44
N GLN A 88 -11.76 -7.60 -11.41
CA GLN A 88 -12.80 -8.08 -12.37
C GLN A 88 -13.42 -9.39 -11.87
N TYR A 89 -12.95 -9.91 -10.76
CA TYR A 89 -13.53 -11.19 -10.23
C TYR A 89 -14.56 -10.88 -9.14
N LYS A 90 -14.15 -10.24 -8.06
CA LYS A 90 -15.10 -9.94 -6.93
C LYS A 90 -15.13 -8.44 -6.64
N ALA A 91 -14.28 -7.68 -7.26
CA ALA A 91 -14.28 -6.21 -7.01
C ALA A 91 -14.15 -5.93 -5.52
N ASP A 92 -13.19 -6.53 -4.87
CA ASP A 92 -13.00 -6.29 -3.41
C ASP A 92 -12.32 -4.92 -3.21
N ILE A 93 -12.53 -4.04 -4.15
CA ILE A 93 -11.96 -2.67 -4.03
C ILE A 93 -12.79 -1.88 -3.03
N ASN A 94 -14.08 -2.03 -3.10
CA ASN A 94 -14.97 -1.30 -2.16
C ASN A 94 -14.80 -1.86 -0.75
N ALA A 95 -14.06 -2.93 -0.60
CA ALA A 95 -13.87 -3.53 0.76
C ALA A 95 -12.45 -3.21 1.26
N VAL A 96 -12.33 -2.20 2.06
CA VAL A 96 -11.00 -1.81 2.62
C VAL A 96 -10.66 -2.74 3.78
N ASN A 97 -9.60 -2.48 4.48
CA ASN A 97 -9.28 -3.32 5.66
C ASN A 97 -10.11 -2.77 6.83
N GLU A 98 -9.48 -2.35 7.88
CA GLU A 98 -10.22 -1.76 9.04
C GLU A 98 -9.67 -0.36 9.30
N HIS A 99 -8.73 0.06 8.48
CA HIS A 99 -8.13 1.43 8.63
C HIS A 99 -8.57 2.31 7.46
N GLY A 100 -9.35 1.78 6.55
CA GLY A 100 -9.79 2.60 5.39
C GLY A 100 -8.70 2.62 4.32
N ASN A 101 -7.96 1.56 4.20
CA ASN A 101 -6.86 1.50 3.19
C ASN A 101 -7.37 1.01 1.84
N VAL A 102 -7.54 1.90 0.90
CA VAL A 102 -8.02 1.51 -0.47
C VAL A 102 -6.76 1.24 -1.34
N PRO A 103 -6.83 0.32 -2.28
CA PRO A 103 -5.67 0.02 -3.13
C PRO A 103 -5.05 1.31 -3.72
N LEU A 104 -5.85 2.29 -4.03
CA LEU A 104 -5.28 3.56 -4.59
C LEU A 104 -4.32 4.15 -3.58
N HIS A 105 -4.76 4.31 -2.36
CA HIS A 105 -3.88 4.87 -1.31
C HIS A 105 -2.52 4.18 -1.33
N TYR A 106 -2.52 2.88 -1.29
CA TYR A 106 -1.23 2.13 -1.30
C TYR A 106 -0.53 2.31 -2.65
N ALA A 107 -1.21 2.07 -3.73
CA ALA A 107 -0.57 2.23 -5.06
C ALA A 107 0.09 3.60 -5.14
N CYS A 108 -0.62 4.64 -4.85
CA CYS A 108 -0.04 6.02 -4.91
C CYS A 108 1.01 6.19 -3.81
N PHE A 109 0.82 5.57 -2.68
CA PHE A 109 1.81 5.72 -1.58
C PHE A 109 3.19 5.36 -2.11
N TRP A 110 3.26 4.51 -3.11
CA TRP A 110 4.57 4.12 -3.69
C TRP A 110 4.86 5.02 -4.90
N GLY A 111 3.95 5.08 -5.82
CA GLY A 111 4.15 5.93 -7.05
C GLY A 111 3.55 5.20 -8.24
N GLN A 112 2.25 5.03 -8.23
CA GLN A 112 1.55 4.31 -9.33
C GLN A 112 0.64 5.29 -10.08
N ASP A 113 0.83 5.40 -11.36
CA ASP A 113 -0.01 6.31 -12.20
C ASP A 113 -1.06 5.49 -12.97
N GLN A 114 -0.64 4.66 -13.88
CA GLN A 114 -1.61 3.85 -14.66
C GLN A 114 -2.54 3.10 -13.70
N VAL A 115 -2.00 2.42 -12.73
CA VAL A 115 -2.86 1.67 -11.78
C VAL A 115 -3.92 2.60 -11.20
N ALA A 116 -3.50 3.77 -10.82
CA ALA A 116 -4.44 4.75 -10.21
C ALA A 116 -5.55 5.10 -11.18
N GLU A 117 -5.23 5.23 -12.42
CA GLU A 117 -6.26 5.57 -13.44
C GLU A 117 -7.34 4.49 -13.41
N ASP A 118 -6.96 3.28 -13.65
CA ASP A 118 -7.96 2.17 -13.68
C ASP A 118 -8.83 2.19 -12.41
N LEU A 119 -8.23 2.44 -11.28
CA LEU A 119 -9.02 2.45 -10.01
C LEU A 119 -10.03 3.60 -10.01
N VAL A 120 -9.57 4.82 -10.15
CA VAL A 120 -10.52 5.97 -10.16
C VAL A 120 -11.40 5.88 -11.40
N ALA A 121 -10.87 5.30 -12.46
CA ALA A 121 -11.67 5.18 -13.70
C ALA A 121 -12.67 4.04 -13.52
N ASN A 122 -12.61 3.35 -12.41
CA ASN A 122 -13.56 2.23 -12.15
C ASN A 122 -14.71 2.75 -11.31
N GLY A 123 -14.45 3.66 -10.41
CA GLY A 123 -15.54 4.21 -9.54
C GLY A 123 -14.96 4.51 -8.15
N ALA A 124 -13.70 4.22 -7.93
CA ALA A 124 -13.09 4.47 -6.59
C ALA A 124 -13.22 5.95 -6.22
N LEU A 125 -13.03 6.82 -7.17
CA LEU A 125 -13.14 8.29 -6.88
C LEU A 125 -11.85 8.77 -6.18
N VAL A 126 -11.37 9.93 -6.54
CA VAL A 126 -10.14 10.47 -5.94
C VAL A 126 -10.46 11.15 -4.60
N SER A 127 -11.69 11.52 -4.41
CA SER A 127 -12.08 12.20 -3.13
C SER A 127 -12.63 11.17 -2.13
N ILE A 128 -12.06 10.00 -2.09
CA ILE A 128 -12.56 8.99 -1.11
C ILE A 128 -12.37 9.53 0.31
N CYS A 129 -11.15 9.92 0.65
CA CYS A 129 -10.84 10.48 2.00
C CYS A 129 -10.44 9.32 2.92
N ASN A 130 -9.16 9.11 3.07
CA ASN A 130 -8.69 7.99 3.94
C ASN A 130 -9.08 8.26 5.39
N LYS A 131 -8.14 8.11 6.27
CA LYS A 131 -8.40 8.33 7.72
C LYS A 131 -8.19 9.81 8.06
N TYR A 132 -7.38 10.50 7.31
CA TYR A 132 -7.13 11.94 7.55
C TYR A 132 -7.22 12.67 6.22
N GLY A 133 -8.01 12.15 5.31
CA GLY A 133 -8.15 12.80 3.99
C GLY A 133 -6.93 12.46 3.14
N GLU A 134 -6.12 11.54 3.61
CA GLU A 134 -4.89 11.18 2.84
C GLU A 134 -5.28 10.76 1.42
N MET A 135 -5.38 11.71 0.51
CA MET A 135 -5.74 11.38 -0.90
C MET A 135 -4.48 11.54 -1.77
N PRO A 136 -4.41 10.86 -2.91
CA PRO A 136 -3.23 10.98 -3.79
C PRO A 136 -2.96 12.47 -4.10
N VAL A 137 -4.00 13.27 -4.17
CA VAL A 137 -3.80 14.72 -4.48
C VAL A 137 -2.74 15.32 -3.54
N ASP A 138 -2.70 14.86 -2.31
CA ASP A 138 -1.69 15.39 -1.35
C ASP A 138 -0.37 14.65 -1.59
N LYS A 139 -0.45 13.36 -1.71
CA LYS A 139 0.78 12.57 -1.97
C LYS A 139 1.32 12.98 -3.34
N ALA A 140 0.51 13.65 -4.11
CA ALA A 140 0.93 14.11 -5.46
C ALA A 140 1.46 15.54 -5.34
N LYS A 141 0.97 16.24 -4.36
CA LYS A 141 1.41 17.64 -4.14
C LYS A 141 2.67 17.64 -3.26
N ALA A 142 3.08 16.49 -2.75
CA ALA A 142 4.30 16.44 -1.90
C ALA A 142 5.56 16.41 -2.79
N PRO A 143 5.66 15.46 -3.71
CA PRO A 143 6.83 15.40 -4.59
C PRO A 143 6.99 16.77 -5.26
N LEU A 144 5.86 17.40 -5.55
CA LEU A 144 5.79 18.75 -6.21
C LEU A 144 5.34 18.57 -7.67
N ARG A 145 4.61 17.52 -7.97
CA ARG A 145 4.14 17.34 -9.36
C ARG A 145 3.16 18.45 -9.71
N GLU A 146 2.04 18.50 -9.03
CA GLU A 146 1.02 19.56 -9.29
C GLU A 146 0.40 19.35 -10.68
N LEU A 147 1.03 18.56 -11.49
CA LEU A 147 0.51 18.30 -12.86
C LEU A 147 -0.79 17.51 -12.78
N LEU A 148 -0.78 16.39 -12.14
CA LEU A 148 -2.02 15.60 -12.03
C LEU A 148 -2.93 16.29 -11.01
N ARG A 149 -2.38 17.18 -10.22
CA ARG A 149 -3.24 17.89 -9.23
C ARG A 149 -4.22 18.79 -9.96
N GLU A 150 -3.74 19.62 -10.85
CA GLU A 150 -4.66 20.53 -11.58
C GLU A 150 -5.58 19.70 -12.47
N ARG A 151 -5.07 18.64 -13.06
CA ARG A 151 -5.94 17.79 -13.92
C ARG A 151 -7.07 17.22 -13.06
N ALA A 152 -6.79 16.99 -11.81
CA ALA A 152 -7.84 16.46 -10.89
C ALA A 152 -8.67 17.62 -10.36
N GLU A 153 -8.02 18.65 -9.89
CA GLU A 153 -8.75 19.83 -9.34
C GLU A 153 -9.74 20.36 -10.36
N LYS A 154 -9.56 20.02 -11.60
CA LYS A 154 -10.48 20.52 -12.68
C LYS A 154 -11.44 19.40 -13.10
N MET A 155 -11.27 18.23 -12.57
CA MET A 155 -12.19 17.11 -12.96
C MET A 155 -13.62 17.47 -12.57
N GLY A 156 -13.78 18.48 -11.77
CA GLY A 156 -15.16 18.89 -11.33
C GLY A 156 -15.44 18.31 -9.94
N GLN A 157 -14.52 18.46 -9.03
CA GLN A 157 -14.74 17.92 -7.65
C GLN A 157 -14.17 18.90 -6.62
N ASN A 158 -13.07 19.52 -6.93
CA ASN A 158 -12.47 20.50 -5.97
C ASN A 158 -13.24 21.81 -6.07
N LEU A 159 -13.38 22.34 -7.25
CA LEU A 159 -14.12 23.62 -7.43
C LEU A 159 -15.56 23.29 -7.86
N ASN A 160 -16.36 22.82 -6.93
CA ASN A 160 -17.77 22.45 -7.25
C ASN A 160 -18.71 23.57 -6.80
N ARG A 161 -19.47 24.13 -7.71
CA ARG A 161 -20.42 25.21 -7.32
C ARG A 161 -21.23 24.70 -6.12
N ILE A 162 -21.81 25.56 -5.34
CA ILE A 162 -22.60 25.09 -4.17
C ILE A 162 -23.70 24.11 -4.65
N PRO A 163 -23.60 22.83 -4.32
CA PRO A 163 -24.63 21.87 -4.76
C PRO A 163 -25.97 22.22 -4.08
N TYR A 164 -26.89 22.78 -4.81
CA TYR A 164 -28.20 23.15 -4.20
C TYR A 164 -28.92 21.90 -3.69
N LYS A 165 -30.18 21.78 -3.94
CA LYS A 165 -30.98 20.60 -3.48
C LYS A 165 -30.57 20.21 -2.05
N ASP A 166 -29.96 21.11 -1.33
CA ASP A 166 -29.54 20.81 0.07
C ASP A 166 -30.54 21.44 1.04
N THR A 167 -30.47 22.74 1.23
CA THR A 167 -31.44 23.38 2.16
C THR A 167 -31.43 24.89 1.94
N PHE A 168 -30.79 25.33 0.91
CA PHE A 168 -30.78 26.80 0.63
C PHE A 168 -32.07 27.12 -0.08
N TRP A 169 -32.16 26.81 -1.33
CA TRP A 169 -33.43 27.03 -2.06
C TRP A 169 -34.06 28.38 -1.68
N LYS A 170 -34.88 28.36 -0.69
CA LYS A 170 -35.55 29.61 -0.23
C LYS A 170 -34.56 30.46 0.56
N GLY A 171 -33.31 30.47 0.15
CA GLY A 171 -32.30 31.28 0.88
C GLY A 171 -32.22 30.82 2.34
N MET B 1 18.79 35.20 -9.11
CA MET B 1 17.91 35.60 -7.98
C MET B 1 17.28 34.35 -7.35
N ALA B 2 17.18 34.32 -6.06
CA ALA B 2 16.58 33.14 -5.37
C ALA B 2 16.32 33.46 -3.91
N ASN B 3 16.24 32.46 -3.07
CA ASN B 3 15.99 32.71 -1.62
C ASN B 3 16.18 31.41 -0.84
N ALA B 4 17.15 31.38 0.04
CA ALA B 4 17.39 30.14 0.84
C ALA B 4 17.57 28.96 -0.11
N LEU B 5 18.78 28.57 -0.38
CA LEU B 5 19.02 27.42 -1.30
C LEU B 5 18.77 26.11 -0.54
N ALA B 6 18.54 26.20 0.74
CA ALA B 6 18.29 24.97 1.53
C ALA B 6 19.38 23.93 1.26
N SER B 7 19.30 22.79 1.88
CA SER B 7 20.32 21.73 1.65
C SER B 7 19.85 20.43 2.28
N ALA B 8 20.21 19.31 1.72
CA ALA B 8 19.76 18.01 2.31
C ALA B 8 18.23 17.94 2.23
N THR B 9 17.70 16.89 1.65
CA THR B 9 16.21 16.74 1.48
C THR B 9 15.71 15.44 2.08
N CYS B 10 14.45 15.40 2.42
CA CYS B 10 13.87 14.18 2.99
C CYS B 10 14.01 13.04 2.03
N GLU B 11 14.29 11.93 2.57
CA GLU B 11 14.42 10.72 1.70
C GLU B 11 13.01 10.31 1.25
N ARG B 12 12.00 10.91 1.81
CA ARG B 12 10.58 10.55 1.44
C ARG B 12 9.78 11.80 1.08
N CYS B 13 9.79 12.79 1.93
CA CYS B 13 9.03 14.03 1.61
C CYS B 13 9.80 14.77 0.54
N LYS B 14 11.03 14.37 0.34
CA LYS B 14 11.86 15.06 -0.65
C LYS B 14 11.97 16.50 -0.25
N GLY B 15 11.52 16.81 0.92
CA GLY B 15 11.61 18.15 1.44
C GLY B 15 13.05 18.39 1.63
N GLY B 16 13.32 19.57 1.93
CA GLY B 16 14.65 20.13 2.09
C GLY B 16 14.75 20.77 3.45
N PHE B 17 15.45 20.13 4.34
CA PHE B 17 15.62 20.65 5.70
C PHE B 17 17.04 21.18 5.89
N ALA B 18 17.08 21.94 6.89
CA ALA B 18 18.31 22.64 7.43
C ALA B 18 18.46 21.79 8.63
N PRO B 19 19.38 20.91 8.66
CA PRO B 19 19.10 19.92 9.63
C PRO B 19 19.33 19.71 11.09
N ALA B 20 19.02 20.77 11.61
CA ALA B 20 18.93 21.02 13.02
C ALA B 20 17.50 21.46 13.11
N GLU B 21 16.77 21.25 12.00
CA GLU B 21 15.34 21.57 12.00
C GLU B 21 14.78 20.26 12.38
N LYS B 22 14.37 19.53 11.41
CA LYS B 22 13.97 18.19 11.64
C LYS B 22 14.25 17.29 10.46
N ILE B 23 15.38 16.69 10.56
CA ILE B 23 15.89 15.68 9.64
C ILE B 23 16.20 14.39 10.43
N VAL B 24 16.00 13.22 9.88
CA VAL B 24 16.32 11.97 10.64
C VAL B 24 17.13 11.05 9.71
N ASN B 25 18.30 10.70 10.15
CA ASN B 25 19.20 9.82 9.36
C ASN B 25 19.04 8.39 9.87
N SER B 26 18.76 7.46 8.99
CA SER B 26 18.62 6.06 9.39
C SER B 26 19.31 5.26 8.32
N ASN B 27 20.47 4.82 8.63
CA ASN B 27 21.31 3.99 7.71
C ASN B 27 22.27 4.90 6.93
N GLY B 28 21.73 5.85 6.26
CA GLY B 28 22.56 6.77 5.46
C GLY B 28 21.66 7.65 4.59
N GLU B 29 20.36 7.55 4.78
CA GLU B 29 19.40 8.37 4.01
C GLU B 29 18.75 9.27 5.03
N LEU B 30 18.28 10.42 4.65
CA LEU B 30 17.70 11.38 5.59
C LEU B 30 16.17 11.33 5.52
N TYR B 31 15.52 11.36 6.65
CA TYR B 31 14.03 11.28 6.68
C TYR B 31 13.46 12.25 7.73
N HIS B 32 12.40 12.94 7.41
CA HIS B 32 11.83 13.83 8.42
C HIS B 32 11.31 12.89 9.48
N GLU B 33 11.27 13.26 10.71
CA GLU B 33 10.58 12.33 11.65
C GLU B 33 9.14 12.21 11.09
N GLN B 34 8.90 12.96 10.02
CA GLN B 34 7.61 12.97 9.29
C GLN B 34 7.66 11.88 8.24
N CYS B 35 8.84 11.40 8.01
CA CYS B 35 9.09 10.39 7.01
C CYS B 35 9.16 9.12 7.83
N PHE B 36 9.22 9.34 9.12
CA PHE B 36 9.14 8.20 10.08
C PHE B 36 7.66 7.97 10.26
N VAL B 37 7.15 7.15 9.39
CA VAL B 37 5.69 6.83 9.43
C VAL B 37 5.47 5.35 9.09
N CYS B 38 4.53 4.75 9.78
CA CYS B 38 4.17 3.31 9.60
C CYS B 38 3.53 3.07 8.25
N ALA B 39 3.87 2.02 7.56
CA ALA B 39 3.19 1.73 6.25
C ALA B 39 1.67 1.48 6.44
N GLN B 40 1.28 1.02 7.60
CA GLN B 40 -0.18 0.76 7.90
C GLN B 40 -0.70 1.94 8.73
N CYS B 41 0.17 2.27 9.60
CA CYS B 41 0.07 3.28 10.65
C CYS B 41 0.72 4.60 10.14
N PHE B 42 1.13 4.67 8.81
CA PHE B 42 1.97 5.81 8.14
C PHE B 42 1.48 7.09 8.52
N GLN B 43 1.00 6.99 9.61
CA GLN B 43 0.75 8.21 10.34
C GLN B 43 2.04 8.14 11.13
N GLN B 44 2.55 9.22 11.43
CA GLN B 44 3.87 9.24 12.08
C GLN B 44 3.86 8.53 13.42
N PHE B 45 4.95 7.86 13.68
CA PHE B 45 5.16 7.12 14.95
C PHE B 45 5.43 8.13 16.10
N PRO B 46 4.64 8.09 17.17
CA PRO B 46 4.83 9.02 18.30
C PRO B 46 6.13 8.73 19.07
N GLU B 47 6.85 9.78 19.35
CA GLU B 47 8.17 9.77 20.05
C GLU B 47 9.22 9.13 19.20
N GLY B 48 8.86 8.90 18.00
CA GLY B 48 9.84 8.46 16.99
C GLY B 48 10.35 6.99 17.12
N LEU B 49 9.76 6.15 17.92
CA LEU B 49 10.30 4.75 18.02
C LEU B 49 9.70 3.89 16.96
N PHE B 50 10.56 3.29 16.20
CA PHE B 50 10.08 2.51 15.04
C PHE B 50 10.75 1.11 14.96
N TYR B 51 10.14 0.15 14.27
CA TYR B 51 10.82 -1.14 14.04
C TYR B 51 10.53 -1.47 12.58
N GLU B 52 11.54 -1.67 11.82
CA GLU B 52 11.36 -1.97 10.36
C GLU B 52 11.40 -3.48 10.02
N PHE B 53 10.47 -3.93 9.21
CA PHE B 53 10.48 -5.34 8.75
C PHE B 53 10.08 -5.46 7.29
N GLU B 54 10.78 -6.32 6.61
CA GLU B 54 10.55 -6.62 5.16
C GLU B 54 10.39 -5.39 4.25
N GLY B 55 11.08 -4.32 4.53
CA GLY B 55 11.06 -3.12 3.63
C GLY B 55 9.97 -2.17 4.04
N ARG B 56 9.11 -2.61 4.89
CA ARG B 56 8.05 -1.71 5.39
C ARG B 56 8.32 -1.50 6.85
N LYS B 57 7.94 -0.37 7.37
CA LYS B 57 8.18 -0.09 8.81
C LYS B 57 6.87 0.04 9.55
N TYR B 58 6.81 -0.59 10.70
CA TYR B 58 5.55 -0.63 11.52
C TYR B 58 5.81 -0.22 12.98
N CYS B 59 4.81 0.33 13.67
CA CYS B 59 5.02 0.61 15.11
C CYS B 59 5.22 -0.79 15.67
N GLU B 60 5.68 -0.96 16.86
CA GLU B 60 5.89 -2.32 17.33
C GLU B 60 4.61 -3.08 17.21
N HIS B 61 3.57 -2.38 17.43
CA HIS B 61 2.25 -2.99 17.41
C HIS B 61 2.00 -3.68 16.09
N ASP B 62 2.16 -2.99 15.01
CA ASP B 62 1.90 -3.68 13.71
C ASP B 62 3.04 -4.58 13.38
N PHE B 63 4.20 -4.26 13.84
CA PHE B 63 5.31 -5.19 13.60
C PHE B 63 4.93 -6.40 14.41
N GLN B 64 4.46 -6.14 15.59
CA GLN B 64 4.02 -7.24 16.50
C GLN B 64 2.79 -7.91 15.93
N MET B 65 2.13 -7.33 15.00
CA MET B 65 1.00 -8.08 14.43
C MET B 65 1.61 -9.26 13.65
N LEU B 66 2.49 -8.95 12.76
CA LEU B 66 3.17 -10.00 11.93
C LEU B 66 4.23 -10.74 12.74
N PHE B 67 4.58 -10.19 13.87
CA PHE B 67 5.65 -10.79 14.73
C PHE B 67 5.01 -11.22 16.05
N ALA B 68 3.79 -10.83 16.24
CA ALA B 68 3.05 -11.20 17.50
C ALA B 68 1.53 -11.31 17.20
N PRO B 69 0.79 -11.95 18.09
CA PRO B 69 -0.66 -12.10 17.91
C PRO B 69 -1.32 -10.72 17.89
N CYS B 70 -1.22 -9.99 18.97
CA CYS B 70 -1.83 -8.64 19.02
C CYS B 70 -0.94 -7.64 18.27
ZN ZN C . 10.25 14.37 4.55
ZN ZN D . 1.71 1.45 13.02
N MET A 1 17.20 -19.92 4.15
CA MET A 1 17.05 -21.34 3.71
C MET A 1 15.81 -21.95 4.35
N ASP A 2 14.67 -21.35 4.15
CA ASP A 2 13.42 -21.90 4.75
C ASP A 2 12.87 -23.01 3.86
N ASP A 3 13.57 -24.11 3.75
CA ASP A 3 13.08 -25.22 2.91
C ASP A 3 12.75 -24.71 1.50
N ILE A 4 11.69 -25.20 0.92
CA ILE A 4 11.33 -24.74 -0.46
C ILE A 4 10.79 -23.32 -0.39
N PHE A 5 10.14 -22.97 0.69
CA PHE A 5 9.59 -21.58 0.83
C PHE A 5 10.67 -20.58 0.41
N THR A 6 11.88 -20.81 0.83
CA THR A 6 12.99 -19.89 0.44
C THR A 6 13.44 -20.21 -0.97
N GLN A 7 13.84 -21.42 -1.21
CA GLN A 7 14.29 -21.81 -2.58
C GLN A 7 13.12 -21.65 -3.55
N CYS A 8 11.98 -21.25 -3.05
CA CYS A 8 10.81 -21.07 -3.94
C CYS A 8 10.79 -19.64 -4.48
N ARG A 9 10.71 -18.67 -3.61
CA ARG A 9 10.69 -17.26 -4.09
C ARG A 9 12.06 -16.93 -4.69
N GLU A 10 12.97 -17.85 -4.61
CA GLU A 10 14.33 -17.61 -5.16
C GLU A 10 14.20 -17.43 -6.69
N GLY A 11 13.00 -17.50 -7.20
CA GLY A 11 12.79 -17.34 -8.66
C GLY A 11 12.81 -18.72 -9.29
N ASN A 12 12.88 -19.74 -8.48
CA ASN A 12 12.87 -21.12 -9.00
C ASN A 12 11.43 -21.45 -9.36
N ALA A 13 10.86 -20.67 -10.23
CA ALA A 13 9.45 -20.91 -10.68
C ALA A 13 9.23 -22.42 -10.84
N VAL A 14 10.27 -23.13 -11.09
CA VAL A 14 10.15 -24.60 -11.25
C VAL A 14 9.99 -25.27 -9.88
N ALA A 15 10.62 -24.75 -8.88
CA ALA A 15 10.52 -25.37 -7.54
C ALA A 15 9.18 -25.01 -6.95
N VAL A 16 8.72 -23.83 -7.18
CA VAL A 16 7.42 -23.44 -6.60
C VAL A 16 6.32 -24.37 -7.11
N ARG A 17 6.33 -24.69 -8.38
CA ARG A 17 5.28 -25.60 -8.90
C ARG A 17 5.51 -27.01 -8.32
N LEU A 18 6.74 -27.39 -8.14
CA LEU A 18 7.02 -28.75 -7.59
C LEU A 18 6.19 -28.96 -6.31
N TRP A 19 6.29 -28.09 -5.33
CA TRP A 19 5.48 -28.32 -4.09
C TRP A 19 4.01 -27.98 -4.35
N LEU A 20 3.74 -27.05 -5.23
CA LEU A 20 2.32 -26.70 -5.52
C LEU A 20 1.63 -27.93 -6.13
N ASP A 21 2.36 -28.72 -6.87
CA ASP A 21 1.75 -29.93 -7.49
C ASP A 21 1.98 -31.14 -6.56
N ASN A 22 2.06 -30.89 -5.29
CA ASN A 22 2.28 -32.01 -4.33
C ASN A 22 0.97 -32.76 -4.10
N THR A 23 0.88 -33.96 -4.60
CA THR A 23 -0.38 -34.75 -4.42
C THR A 23 -0.81 -34.72 -2.95
N GLU A 24 0.03 -34.24 -2.08
CA GLU A 24 -0.33 -34.18 -0.63
C GLU A 24 -1.03 -32.85 -0.33
N ASN A 25 -0.66 -31.81 -1.03
CA ASN A 25 -1.29 -30.48 -0.79
C ASN A 25 -1.38 -30.20 0.71
N ASP A 26 -0.24 -30.03 1.34
CA ASP A 26 -0.21 -29.72 2.80
C ASP A 26 0.79 -28.59 3.02
N LEU A 27 1.88 -28.66 2.32
CA LEU A 27 2.93 -27.60 2.44
C LEU A 27 2.28 -26.22 2.27
N ASN A 28 1.02 -26.17 1.93
CA ASN A 28 0.32 -24.86 1.79
C ASN A 28 0.11 -24.28 3.19
N GLN A 29 1.02 -24.55 4.09
CA GLN A 29 0.88 -24.04 5.48
C GLN A 29 1.34 -22.57 5.53
N GLY A 30 1.06 -21.89 6.61
CA GLY A 30 1.48 -20.46 6.72
C GLY A 30 1.69 -20.09 8.19
N ASP A 31 0.75 -19.40 8.79
CA ASP A 31 0.89 -19.00 10.23
C ASP A 31 -0.39 -19.33 11.01
N ASP A 32 -0.29 -19.34 12.31
CA ASP A 32 -1.47 -19.62 13.17
C ASP A 32 -2.31 -18.35 13.29
N HIS A 33 -1.84 -17.27 12.73
CA HIS A 33 -2.60 -15.99 12.79
C HIS A 33 -3.48 -15.92 11.55
N GLY A 34 -3.37 -16.88 10.67
CA GLY A 34 -4.23 -16.89 9.43
C GLY A 34 -3.43 -16.45 8.21
N PHE A 35 -2.14 -16.69 8.19
CA PHE A 35 -1.33 -16.29 7.00
C PHE A 35 -1.37 -17.45 6.01
N SER A 36 -1.61 -17.17 4.75
CA SER A 36 -1.70 -18.27 3.73
C SER A 36 -0.58 -18.07 2.68
N PRO A 37 -0.36 -19.06 1.84
CA PRO A 37 0.66 -18.92 0.78
C PRO A 37 0.25 -17.70 -0.05
N LEU A 38 -1.03 -17.49 -0.20
CA LEU A 38 -1.53 -16.33 -0.98
C LEU A 38 -0.90 -15.05 -0.44
N HIS A 39 -0.89 -14.92 0.85
CA HIS A 39 -0.29 -13.72 1.48
C HIS A 39 1.16 -13.62 1.01
N TRP A 40 1.94 -14.57 1.40
CA TRP A 40 3.37 -14.54 0.99
C TRP A 40 3.44 -14.38 -0.52
N ALA A 41 2.70 -15.19 -1.22
CA ALA A 41 2.72 -15.12 -2.72
C ALA A 41 2.33 -13.73 -3.21
N CYS A 42 1.18 -13.25 -2.83
CA CYS A 42 0.75 -11.90 -3.28
C CYS A 42 1.88 -10.90 -3.06
N ARG A 43 2.76 -11.18 -2.14
CA ARG A 43 3.89 -10.25 -1.87
C ARG A 43 4.99 -10.45 -2.91
N GLU A 44 5.48 -11.65 -3.05
CA GLU A 44 6.56 -11.90 -4.06
C GLU A 44 6.18 -11.28 -5.41
N GLY A 45 5.11 -11.72 -6.01
CA GLY A 45 4.66 -11.16 -7.33
C GLY A 45 4.48 -12.28 -8.35
N ARG A 46 4.73 -13.50 -7.98
CA ARG A 46 4.57 -14.63 -8.95
C ARG A 46 3.07 -14.75 -9.32
N SER A 47 2.57 -13.80 -10.07
CA SER A 47 1.13 -13.81 -10.48
C SER A 47 0.66 -15.24 -10.81
N ALA A 48 1.54 -16.07 -11.31
CA ALA A 48 1.12 -17.46 -11.64
C ALA A 48 0.68 -18.19 -10.37
N VAL A 49 1.61 -18.69 -9.61
CA VAL A 49 1.23 -19.46 -8.37
C VAL A 49 0.03 -18.78 -7.67
N VAL A 50 -0.05 -17.48 -7.73
CA VAL A 50 -1.19 -16.78 -7.07
C VAL A 50 -2.50 -17.08 -7.79
N GLU A 51 -2.59 -16.71 -9.03
CA GLU A 51 -3.86 -16.95 -9.80
C GLU A 51 -4.32 -18.40 -9.63
N MET A 52 -3.43 -19.33 -9.60
CA MET A 52 -3.84 -20.76 -9.44
C MET A 52 -4.41 -20.98 -8.03
N LEU A 53 -3.67 -20.57 -7.04
CA LEU A 53 -4.14 -20.74 -5.64
C LEU A 53 -5.54 -20.13 -5.49
N ILE A 54 -5.76 -18.97 -6.04
CA ILE A 54 -7.09 -18.31 -5.93
C ILE A 54 -8.20 -19.29 -6.35
N MET A 55 -7.91 -20.16 -7.28
CA MET A 55 -8.95 -21.13 -7.75
C MET A 55 -9.05 -22.30 -6.77
N ARG A 56 -8.03 -22.55 -6.01
CA ARG A 56 -8.11 -23.68 -5.04
C ARG A 56 -9.27 -23.42 -4.09
N GLY A 57 -9.56 -22.17 -3.84
CA GLY A 57 -10.69 -21.81 -2.93
C GLY A 57 -10.29 -20.64 -2.02
N ALA A 58 -9.09 -20.15 -2.17
CA ALA A 58 -8.65 -19.03 -1.29
C ALA A 58 -9.52 -17.80 -1.54
N ARG A 59 -10.12 -17.25 -0.51
CA ARG A 59 -10.98 -16.04 -0.70
C ARG A 59 -10.09 -14.80 -0.73
N ILE A 60 -10.50 -13.77 -1.43
CA ILE A 60 -9.69 -12.53 -1.50
C ILE A 60 -9.98 -11.66 -0.27
N ASN A 61 -11.01 -11.99 0.48
CA ASN A 61 -11.34 -11.16 1.68
C ASN A 61 -10.44 -11.53 2.85
N VAL A 62 -9.72 -12.61 2.75
CA VAL A 62 -8.84 -13.02 3.88
C VAL A 62 -8.01 -11.82 4.34
N MET A 63 -7.69 -11.75 5.61
CA MET A 63 -6.90 -10.60 6.13
C MET A 63 -5.94 -11.10 7.21
N ASN A 64 -4.74 -10.57 7.25
CA ASN A 64 -3.77 -11.00 8.29
C ASN A 64 -4.07 -10.23 9.57
N ARG A 65 -3.59 -10.69 10.70
CA ARG A 65 -3.89 -9.96 11.96
C ARG A 65 -3.36 -8.53 11.84
N GLY A 66 -2.48 -8.28 10.89
CA GLY A 66 -1.95 -6.90 10.73
C GLY A 66 -2.82 -6.12 9.74
N ASP A 67 -4.09 -6.44 9.68
CA ASP A 67 -5.02 -5.75 8.74
C ASP A 67 -4.35 -5.60 7.38
N ASP A 68 -4.39 -6.64 6.59
CA ASP A 68 -3.76 -6.59 5.25
C ASP A 68 -4.40 -7.65 4.35
N THR A 69 -5.19 -7.24 3.39
CA THR A 69 -5.82 -8.21 2.47
C THR A 69 -4.89 -8.35 1.25
N PRO A 70 -5.02 -9.42 0.51
CA PRO A 70 -4.17 -9.63 -0.68
C PRO A 70 -4.27 -8.40 -1.61
N LEU A 71 -5.45 -7.87 -1.79
CA LEU A 71 -5.59 -6.71 -2.71
C LEU A 71 -4.55 -5.65 -2.34
N HIS A 72 -4.50 -5.25 -1.10
CA HIS A 72 -3.49 -4.25 -0.70
C HIS A 72 -2.11 -4.78 -1.08
N LEU A 73 -1.69 -5.86 -0.47
CA LEU A 73 -0.36 -6.44 -0.79
C LEU A 73 -0.17 -6.53 -2.31
N ALA A 74 -1.10 -7.13 -3.00
CA ALA A 74 -0.97 -7.25 -4.48
C ALA A 74 -0.74 -5.87 -5.09
N ALA A 75 -1.63 -4.94 -4.85
CA ALA A 75 -1.47 -3.58 -5.42
C ALA A 75 -0.26 -2.90 -4.77
N SER A 76 0.09 -3.30 -3.59
CA SER A 76 1.26 -2.66 -2.91
C SER A 76 2.47 -2.71 -3.83
N HIS A 77 2.79 -3.84 -4.35
CA HIS A 77 3.96 -3.95 -5.26
C HIS A 77 3.81 -2.98 -6.43
N GLY A 78 2.78 -3.14 -7.21
CA GLY A 78 2.55 -2.21 -8.38
C GLY A 78 2.26 -3.04 -9.64
N HIS A 79 2.33 -4.34 -9.54
CA HIS A 79 2.05 -5.18 -10.75
C HIS A 79 0.58 -5.05 -11.13
N ARG A 80 0.26 -4.09 -11.95
CA ARG A 80 -1.16 -3.90 -12.36
C ARG A 80 -1.79 -5.24 -12.76
N ASP A 81 -1.03 -6.11 -13.36
CA ASP A 81 -1.60 -7.43 -13.79
C ASP A 81 -2.22 -8.15 -12.59
N ILE A 82 -1.47 -8.37 -11.55
CA ILE A 82 -2.03 -9.06 -10.36
C ILE A 82 -3.27 -8.31 -9.87
N VAL A 83 -3.27 -7.01 -9.99
CA VAL A 83 -4.43 -6.22 -9.52
C VAL A 83 -5.69 -6.60 -10.33
N GLN A 84 -5.67 -6.36 -11.61
CA GLN A 84 -6.89 -6.66 -12.43
C GLN A 84 -7.37 -8.11 -12.25
N LYS A 85 -6.49 -9.08 -12.15
CA LYS A 85 -6.98 -10.50 -12.02
C LYS A 85 -7.51 -10.81 -10.62
N LEU A 86 -6.96 -10.23 -9.58
CA LEU A 86 -7.47 -10.53 -8.21
C LEU A 86 -8.56 -9.49 -7.89
N LEU A 87 -8.57 -8.39 -8.60
CA LEU A 87 -9.59 -7.33 -8.38
C LEU A 87 -10.84 -7.61 -9.22
N GLN A 88 -10.72 -8.45 -10.21
CA GLN A 88 -11.91 -8.74 -11.09
C GLN A 88 -12.72 -9.89 -10.49
N TYR A 89 -12.40 -10.35 -9.31
CA TYR A 89 -13.17 -11.46 -8.70
C TYR A 89 -14.30 -10.89 -7.83
N LYS A 90 -13.95 -10.15 -6.79
CA LYS A 90 -15.00 -9.57 -5.88
C LYS A 90 -14.82 -8.06 -5.75
N ALA A 91 -13.93 -7.50 -6.50
CA ALA A 91 -13.71 -6.03 -6.43
C ALA A 91 -13.54 -5.59 -4.97
N ASP A 92 -12.63 -6.19 -4.26
CA ASP A 92 -12.40 -5.80 -2.84
C ASP A 92 -11.73 -4.41 -2.79
N ILE A 93 -11.86 -3.65 -3.84
CA ILE A 93 -11.30 -2.27 -3.86
C ILE A 93 -12.24 -1.34 -3.11
N ASN A 94 -13.52 -1.55 -3.27
CA ASN A 94 -14.50 -0.68 -2.57
C ASN A 94 -14.53 -1.03 -1.09
N ALA A 95 -13.80 -2.05 -0.70
CA ALA A 95 -13.76 -2.48 0.74
C ALA A 95 -12.36 -2.23 1.28
N VAL A 96 -12.18 -1.19 2.04
CA VAL A 96 -10.84 -0.89 2.60
C VAL A 96 -10.44 -1.99 3.58
N ASN A 97 -9.29 -1.88 4.20
CA ASN A 97 -8.87 -2.91 5.18
C ASN A 97 -9.71 -2.75 6.46
N GLU A 98 -9.68 -1.58 7.05
CA GLU A 98 -10.47 -1.31 8.28
C GLU A 98 -10.18 0.11 8.76
N HIS A 99 -9.03 0.64 8.43
CA HIS A 99 -8.68 2.03 8.86
C HIS A 99 -8.98 3.00 7.72
N GLY A 100 -9.28 2.48 6.55
CA GLY A 100 -9.57 3.36 5.38
C GLY A 100 -8.43 3.23 4.37
N ASN A 101 -7.73 2.14 4.42
CA ASN A 101 -6.58 1.95 3.49
C ASN A 101 -7.08 1.52 2.10
N VAL A 102 -7.52 2.47 1.32
CA VAL A 102 -7.98 2.14 -0.07
C VAL A 102 -6.74 1.77 -0.89
N PRO A 103 -6.81 0.77 -1.74
CA PRO A 103 -5.63 0.40 -2.55
C PRO A 103 -5.00 1.65 -3.17
N LEU A 104 -5.79 2.63 -3.51
CA LEU A 104 -5.21 3.87 -4.13
C LEU A 104 -4.31 4.56 -3.12
N HIS A 105 -4.79 4.77 -1.93
CA HIS A 105 -3.97 5.44 -0.90
C HIS A 105 -2.59 4.80 -0.87
N TYR A 106 -2.54 3.51 -0.91
CA TYR A 106 -1.23 2.79 -0.94
C TYR A 106 -0.58 2.95 -2.31
N ALA A 107 -1.34 2.74 -3.35
CA ALA A 107 -0.79 2.89 -4.72
C ALA A 107 -0.24 4.31 -4.89
N CYS A 108 -0.96 5.32 -4.43
CA CYS A 108 -0.44 6.70 -4.59
C CYS A 108 0.80 6.91 -3.71
N PHE A 109 0.89 6.21 -2.62
CA PHE A 109 2.09 6.37 -1.74
C PHE A 109 3.33 5.92 -2.53
N TRP A 110 3.15 5.02 -3.47
CA TRP A 110 4.32 4.57 -4.27
C TRP A 110 4.72 5.73 -5.17
N GLY A 111 3.82 6.20 -5.99
CA GLY A 111 4.12 7.34 -6.89
C GLY A 111 4.02 6.91 -8.36
N GLN A 112 2.96 6.19 -8.70
CA GLN A 112 2.77 5.73 -10.12
C GLN A 112 1.32 6.05 -10.53
N ASP A 113 1.13 7.08 -11.31
CA ASP A 113 -0.26 7.46 -11.73
C ASP A 113 -0.92 6.34 -12.53
N GLN A 114 -0.19 5.63 -13.35
CA GLN A 114 -0.81 4.56 -14.17
C GLN A 114 -1.71 3.66 -13.30
N VAL A 115 -1.15 2.98 -12.33
CA VAL A 115 -2.00 2.09 -11.49
C VAL A 115 -3.07 2.91 -10.79
N ALA A 116 -2.74 4.10 -10.39
CA ALA A 116 -3.73 4.97 -9.70
C ALA A 116 -4.89 5.28 -10.64
N GLU A 117 -4.62 5.34 -11.90
CA GLU A 117 -5.69 5.64 -12.89
C GLU A 117 -6.67 4.48 -12.98
N ASP A 118 -6.18 3.29 -13.24
CA ASP A 118 -7.11 2.13 -13.35
C ASP A 118 -7.94 2.00 -12.06
N LEU A 119 -7.36 2.25 -10.93
CA LEU A 119 -8.10 2.09 -9.64
C LEU A 119 -9.29 3.07 -9.56
N VAL A 120 -9.06 4.34 -9.67
CA VAL A 120 -10.20 5.30 -9.58
C VAL A 120 -11.13 4.99 -10.75
N ALA A 121 -10.54 4.68 -11.86
CA ALA A 121 -11.35 4.35 -13.07
C ALA A 121 -12.09 3.05 -12.81
N ASN A 122 -11.84 2.45 -11.67
CA ASN A 122 -12.53 1.17 -11.33
C ASN A 122 -13.77 1.49 -10.50
N GLY A 123 -13.87 2.69 -9.98
CA GLY A 123 -15.06 3.07 -9.16
C GLY A 123 -14.58 3.62 -7.81
N ALA A 124 -13.30 3.53 -7.54
CA ALA A 124 -12.78 4.02 -6.22
C ALA A 124 -12.95 5.53 -6.09
N LEU A 125 -12.58 6.26 -7.10
CA LEU A 125 -12.72 7.75 -7.02
C LEU A 125 -11.62 8.28 -6.08
N VAL A 126 -11.10 9.45 -6.37
CA VAL A 126 -10.03 10.02 -5.50
C VAL A 126 -10.65 10.96 -4.47
N SER A 127 -11.95 11.05 -4.42
CA SER A 127 -12.63 11.94 -3.43
C SER A 127 -13.25 11.09 -2.32
N ILE A 128 -12.73 9.91 -2.09
CA ILE A 128 -13.31 9.07 -1.01
C ILE A 128 -13.04 9.74 0.33
N CYS A 129 -11.79 10.00 0.65
CA CYS A 129 -11.42 10.65 1.94
C CYS A 129 -11.20 9.57 2.99
N ASN A 130 -9.95 9.29 3.28
CA ASN A 130 -9.66 8.25 4.30
C ASN A 130 -10.30 8.65 5.61
N LYS A 131 -9.69 8.24 6.66
CA LYS A 131 -10.16 8.60 8.02
C LYS A 131 -9.60 9.98 8.35
N TYR A 132 -8.61 10.42 7.59
CA TYR A 132 -7.99 11.76 7.81
C TYR A 132 -8.08 12.56 6.50
N GLY A 133 -8.89 12.12 5.59
CA GLY A 133 -9.06 12.84 4.30
C GLY A 133 -7.76 12.86 3.53
N GLU A 134 -6.96 11.85 3.69
CA GLU A 134 -5.67 11.81 2.96
C GLU A 134 -5.92 11.33 1.53
N MET A 135 -6.20 12.22 0.59
CA MET A 135 -6.44 11.78 -0.82
C MET A 135 -5.15 11.99 -1.63
N PRO A 136 -5.00 11.28 -2.73
CA PRO A 136 -3.80 11.44 -3.58
C PRO A 136 -3.64 12.93 -3.96
N VAL A 137 -4.73 13.62 -4.13
CA VAL A 137 -4.65 15.06 -4.51
C VAL A 137 -3.68 15.81 -3.60
N ASP A 138 -3.69 15.50 -2.33
CA ASP A 138 -2.78 16.21 -1.38
C ASP A 138 -1.40 15.56 -1.48
N LYS A 139 -1.33 14.27 -1.31
CA LYS A 139 -0.01 13.61 -1.40
C LYS A 139 0.53 13.79 -2.81
N ALA A 140 -0.29 14.31 -3.70
CA ALA A 140 0.16 14.53 -5.10
C ALA A 140 0.75 15.93 -5.22
N LYS A 141 0.16 16.87 -4.55
CA LYS A 141 0.65 18.27 -4.61
C LYS A 141 1.65 18.53 -3.48
N ALA A 142 1.97 17.54 -2.67
CA ALA A 142 2.94 17.77 -1.56
C ALA A 142 4.38 17.41 -2.02
N PRO A 143 4.59 16.24 -2.58
CA PRO A 143 5.93 15.83 -3.02
C PRO A 143 6.46 16.83 -4.06
N LEU A 144 5.63 17.20 -5.02
CA LEU A 144 6.02 18.18 -6.10
C LEU A 144 5.25 17.81 -7.38
N ARG A 145 4.48 16.74 -7.37
CA ARG A 145 3.71 16.39 -8.60
C ARG A 145 2.89 17.61 -9.03
N GLU A 146 1.78 17.85 -8.36
CA GLU A 146 0.92 19.02 -8.71
C GLU A 146 0.29 18.83 -10.10
N LEU A 147 0.89 18.02 -10.93
CA LEU A 147 0.31 17.79 -12.29
C LEU A 147 -0.81 16.78 -12.12
N LEU A 148 -0.57 15.82 -11.26
CA LEU A 148 -1.58 14.79 -10.96
C LEU A 148 -2.69 15.47 -10.15
N ARG A 149 -2.35 16.55 -9.49
CA ARG A 149 -3.36 17.29 -8.68
C ARG A 149 -4.40 17.89 -9.62
N GLU A 150 -3.98 18.65 -10.58
CA GLU A 150 -4.95 19.26 -11.53
C GLU A 150 -5.74 18.16 -12.23
N ARG A 151 -5.09 17.09 -12.58
CA ARG A 151 -5.80 15.97 -13.25
C ARG A 151 -6.98 15.52 -12.39
N ALA A 152 -6.82 15.52 -11.10
CA ALA A 152 -7.93 15.10 -10.21
C ALA A 152 -8.85 16.29 -9.95
N GLU A 153 -8.29 17.43 -9.62
CA GLU A 153 -9.14 18.62 -9.35
C GLU A 153 -9.83 19.07 -10.65
N LYS A 154 -9.38 18.55 -11.76
CA LYS A 154 -9.98 18.94 -13.08
C LYS A 154 -10.77 17.75 -13.64
N MET A 155 -10.89 16.69 -12.88
CA MET A 155 -11.63 15.50 -13.37
C MET A 155 -13.12 15.69 -13.07
N GLY A 156 -13.45 16.62 -12.23
CA GLY A 156 -14.89 16.89 -11.88
C GLY A 156 -15.14 16.52 -10.41
N GLN A 157 -14.67 17.32 -9.50
CA GLN A 157 -14.90 17.02 -8.06
C GLN A 157 -14.49 18.22 -7.21
N ASN A 158 -13.53 18.98 -7.66
CA ASN A 158 -13.07 20.17 -6.87
C ASN A 158 -13.79 21.41 -7.41
N LEU A 159 -13.82 21.59 -8.70
CA LEU A 159 -14.52 22.77 -9.28
C LEU A 159 -15.98 22.40 -9.55
N ASN A 160 -16.76 22.29 -8.50
CA ASN A 160 -18.20 21.92 -8.65
C ASN A 160 -19.06 23.18 -8.53
N ARG A 161 -19.81 23.49 -9.55
CA ARG A 161 -20.69 24.70 -9.50
C ARG A 161 -21.51 24.63 -8.21
N ILE A 162 -21.98 25.76 -7.72
CA ILE A 162 -22.77 25.75 -6.45
C ILE A 162 -24.00 24.85 -6.63
N PRO A 163 -24.06 23.69 -5.96
CA PRO A 163 -25.22 22.79 -6.11
C PRO A 163 -26.46 23.41 -5.46
N TYR A 164 -27.58 23.34 -6.10
CA TYR A 164 -28.82 23.92 -5.52
C TYR A 164 -29.13 23.20 -4.20
N LYS A 165 -30.39 23.09 -3.84
CA LYS A 165 -30.78 22.42 -2.56
C LYS A 165 -29.79 22.73 -1.45
N ASP A 166 -29.32 23.95 -1.38
CA ASP A 166 -28.34 24.33 -0.33
C ASP A 166 -29.08 24.92 0.87
N THR A 167 -29.97 25.85 0.66
CA THR A 167 -30.71 26.44 1.82
C THR A 167 -31.77 27.41 1.29
N PHE A 168 -32.13 27.28 0.03
CA PHE A 168 -33.18 28.19 -0.53
C PHE A 168 -34.06 27.38 -1.47
N TRP A 169 -35.13 26.91 -0.93
CA TRP A 169 -36.09 26.09 -1.69
C TRP A 169 -37.44 26.15 -0.99
N LYS A 170 -37.40 26.32 0.30
CA LYS A 170 -38.66 26.38 1.11
C LYS A 170 -39.08 27.85 1.28
N GLY A 171 -38.30 28.76 0.77
CA GLY A 171 -38.65 30.20 0.91
C GLY A 171 -38.75 30.56 2.40
N MET B 1 20.56 33.11 -9.67
CA MET B 1 20.61 33.07 -8.18
C MET B 1 19.86 31.83 -7.67
N ALA B 2 20.58 30.84 -7.21
CA ALA B 2 19.91 29.61 -6.70
C ALA B 2 19.12 29.95 -5.44
N ASN B 3 18.56 28.96 -4.78
CA ASN B 3 17.77 29.23 -3.56
C ASN B 3 17.69 27.95 -2.72
N ALA B 4 17.03 28.00 -1.59
CA ALA B 4 16.92 26.79 -0.74
C ALA B 4 18.32 26.26 -0.41
N LEU B 5 19.17 27.10 0.11
CA LEU B 5 20.55 26.64 0.45
C LEU B 5 20.52 25.91 1.79
N ALA B 6 19.40 25.31 2.13
CA ALA B 6 19.31 24.58 3.42
C ALA B 6 20.31 23.41 3.41
N SER B 7 20.02 22.36 4.13
CA SER B 7 20.96 21.20 4.15
C SER B 7 20.26 19.99 4.78
N ALA B 8 20.58 18.81 4.34
CA ALA B 8 19.91 17.60 4.91
C ALA B 8 18.41 17.67 4.63
N THR B 9 17.86 16.65 4.02
CA THR B 9 16.41 16.65 3.62
C THR B 9 15.67 15.45 4.21
N CYS B 10 14.38 15.58 4.34
CA CYS B 10 13.58 14.45 4.88
C CYS B 10 13.74 13.27 3.99
N GLU B 11 13.85 12.15 4.59
CA GLU B 11 13.98 10.92 3.76
C GLU B 11 12.62 10.60 3.14
N ARG B 12 11.60 11.36 3.50
CA ARG B 12 10.23 11.09 2.93
C ARG B 12 9.61 12.41 2.42
N CYS B 13 9.58 13.41 3.22
CA CYS B 13 9.01 14.71 2.75
C CYS B 13 10.00 15.30 1.78
N LYS B 14 11.19 14.79 1.80
CA LYS B 14 12.25 15.33 0.93
C LYS B 14 12.47 16.75 1.32
N GLY B 15 11.87 17.17 2.39
CA GLY B 15 12.03 18.49 2.91
C GLY B 15 13.47 18.63 3.22
N GLY B 16 13.79 19.78 3.53
CA GLY B 16 15.15 20.24 3.84
C GLY B 16 15.13 20.93 5.17
N PHE B 17 15.63 20.26 6.17
CA PHE B 17 15.67 20.84 7.52
C PHE B 17 17.08 21.24 7.90
N ALA B 18 17.05 22.09 8.83
CA ALA B 18 18.23 22.74 9.53
C ALA B 18 18.11 21.98 10.78
N PRO B 19 18.93 21.05 11.02
CA PRO B 19 18.42 20.16 11.98
C PRO B 19 18.37 20.01 13.46
N ALA B 20 18.09 21.13 13.88
CA ALA B 20 17.80 21.47 15.24
C ALA B 20 16.39 21.98 15.07
N GLU B 21 15.86 21.75 13.86
CA GLU B 21 14.47 22.13 13.61
C GLU B 21 13.80 20.87 13.96
N LYS B 22 13.49 20.10 12.98
CA LYS B 22 13.00 18.78 13.23
C LYS B 22 13.41 17.81 12.14
N ILE B 23 14.48 17.17 12.43
CA ILE B 23 15.03 16.07 11.63
C ILE B 23 15.18 14.85 12.56
N VAL B 24 14.89 13.67 12.11
CA VAL B 24 15.05 12.48 12.99
C VAL B 24 15.78 11.39 12.21
N ASN B 25 16.87 10.94 12.75
CA ASN B 25 17.70 9.89 12.10
C ASN B 25 17.33 8.53 12.69
N SER B 26 17.00 7.59 11.85
CA SER B 26 16.66 6.25 12.30
C SER B 26 17.32 5.32 11.32
N ASN B 27 18.39 4.74 11.74
CA ASN B 27 19.18 3.78 10.92
C ASN B 27 20.33 4.49 10.19
N GLY B 28 20.10 5.66 9.72
CA GLY B 28 21.17 6.39 8.98
C GLY B 28 20.52 7.27 7.93
N GLU B 29 19.21 7.27 7.88
CA GLU B 29 18.47 8.11 6.90
C GLU B 29 17.64 9.07 7.75
N LEU B 30 17.40 10.26 7.29
CA LEU B 30 16.70 11.27 8.12
C LEU B 30 15.21 11.38 7.77
N TYR B 31 14.39 11.50 8.78
CA TYR B 31 12.93 11.58 8.59
C TYR B 31 12.33 12.62 9.55
N HIS B 32 11.39 13.40 9.09
CA HIS B 32 10.76 14.36 9.99
C HIS B 32 10.03 13.50 10.97
N GLU B 33 9.86 13.89 12.19
CA GLU B 33 8.99 13.04 13.03
C GLU B 33 7.62 12.98 12.29
N GLN B 34 7.54 13.72 11.19
CA GLN B 34 6.32 13.74 10.33
C GLN B 34 6.45 12.62 9.33
N CYS B 35 7.66 12.14 9.21
CA CYS B 35 7.98 11.12 8.24
C CYS B 35 8.00 9.83 9.02
N PHE B 36 7.82 10.00 10.29
CA PHE B 36 7.66 8.82 11.21
C PHE B 36 6.19 8.48 11.07
N VAL B 37 5.92 7.79 10.01
CA VAL B 37 4.53 7.33 9.71
C VAL B 37 4.59 5.94 9.09
N CYS B 38 3.78 5.05 9.58
CA CYS B 38 3.71 3.67 9.03
C CYS B 38 3.05 3.69 7.66
N ALA B 39 3.47 2.91 6.70
CA ALA B 39 2.77 2.89 5.37
C ALA B 39 1.28 2.45 5.56
N GLN B 40 1.03 1.61 6.52
CA GLN B 40 -0.37 1.11 6.81
C GLN B 40 -0.95 1.89 7.98
N CYS B 41 -0.07 2.09 8.89
CA CYS B 41 -0.27 2.75 10.18
C CYS B 41 0.13 4.23 10.00
N PHE B 42 0.44 4.69 8.72
CA PHE B 42 1.06 6.08 8.32
C PHE B 42 0.41 7.13 9.04
N GLN B 43 0.02 6.68 10.06
CA GLN B 43 -0.42 7.58 11.09
C GLN B 43 0.88 7.58 11.84
N GLN B 44 1.16 8.61 12.45
CA GLN B 44 2.46 8.67 13.13
C GLN B 44 2.54 7.57 14.17
N PHE B 45 3.69 6.98 14.29
CA PHE B 45 3.87 5.89 15.31
C PHE B 45 4.08 6.50 16.74
N PRO B 46 3.27 6.13 17.70
CA PRO B 46 3.42 6.63 19.08
C PRO B 46 4.77 6.21 19.72
N GLU B 47 5.38 7.17 20.35
CA GLU B 47 6.72 7.13 21.03
C GLU B 47 7.81 6.95 20.01
N GLY B 48 7.40 7.04 18.81
CA GLY B 48 8.35 7.14 17.70
C GLY B 48 9.16 5.86 17.38
N LEU B 49 8.93 4.71 17.98
CA LEU B 49 9.79 3.52 17.58
C LEU B 49 9.10 2.82 16.43
N PHE B 50 9.78 2.78 15.35
CA PHE B 50 9.22 2.18 14.11
C PHE B 50 10.27 1.25 13.41
N TYR B 51 9.86 0.39 12.45
CA TYR B 51 10.82 -0.47 11.72
C TYR B 51 10.43 -0.50 10.20
N GLU B 52 11.37 -0.24 9.36
CA GLU B 52 11.13 -0.27 7.85
C GLU B 52 11.45 -1.64 7.21
N PHE B 53 10.62 -2.09 6.27
CA PHE B 53 10.92 -3.37 5.56
C PHE B 53 10.48 -3.35 4.08
N GLU B 54 11.32 -3.88 3.25
CA GLU B 54 11.06 -4.06 1.79
C GLU B 54 10.48 -2.86 1.03
N GLY B 55 10.96 -1.68 1.25
CA GLY B 55 10.44 -0.52 0.44
C GLY B 55 9.18 0.06 1.06
N ARG B 56 8.58 -0.65 1.95
CA ARG B 56 7.37 -0.12 2.63
C ARG B 56 7.80 0.07 4.05
N LYS B 57 7.23 1.00 4.73
CA LYS B 57 7.65 1.24 6.13
C LYS B 57 6.49 0.90 7.09
N TYR B 58 6.70 0.09 8.12
CA TYR B 58 5.59 -0.24 9.09
C TYR B 58 6.15 -0.12 10.50
N CYS B 59 5.38 0.22 11.48
CA CYS B 59 5.97 0.25 12.82
C CYS B 59 6.33 -1.19 13.11
N GLU B 60 7.18 -1.44 14.05
CA GLU B 60 7.62 -2.82 14.24
C GLU B 60 6.42 -3.68 14.42
N HIS B 61 5.46 -3.10 15.05
CA HIS B 61 4.26 -3.83 15.35
C HIS B 61 3.73 -4.44 14.07
N ASP B 62 3.46 -3.63 13.10
CA ASP B 62 2.92 -4.22 11.87
C ASP B 62 4.01 -4.91 11.11
N PHE B 63 5.17 -4.37 11.14
CA PHE B 63 6.22 -5.01 10.36
C PHE B 63 6.39 -6.40 10.87
N GLN B 64 6.38 -6.58 12.16
CA GLN B 64 6.60 -7.99 12.59
C GLN B 64 5.44 -8.78 12.13
N MET B 65 4.30 -8.25 12.17
CA MET B 65 3.14 -9.11 11.83
C MET B 65 3.32 -9.64 10.42
N LEU B 66 3.62 -8.83 9.47
CA LEU B 66 3.82 -9.41 8.12
C LEU B 66 5.04 -10.29 8.15
N PHE B 67 6.06 -9.79 8.75
CA PHE B 67 7.36 -10.52 8.76
C PHE B 67 7.44 -11.58 9.84
N ALA B 68 6.59 -11.63 10.81
CA ALA B 68 6.78 -12.65 11.87
C ALA B 68 5.43 -12.85 12.60
N PRO B 69 5.26 -13.98 13.26
CA PRO B 69 4.00 -14.25 13.99
C PRO B 69 3.73 -13.11 14.99
N CYS B 70 4.45 -13.08 16.08
CA CYS B 70 4.23 -12.00 17.09
C CYS B 70 5.46 -11.88 17.98
ZN ZN C . 9.71 15.01 5.90
ZN ZN D . 1.87 0.82 12.14
N MET A 1 9.45 -30.19 6.65
CA MET A 1 10.04 -29.90 5.32
C MET A 1 9.75 -28.44 4.94
N ASP A 2 10.26 -27.50 5.70
CA ASP A 2 10.01 -26.07 5.39
C ASP A 2 11.20 -25.50 4.60
N ASP A 3 12.14 -26.34 4.28
CA ASP A 3 13.34 -25.87 3.52
C ASP A 3 12.96 -25.41 2.12
N ILE A 4 12.07 -26.12 1.48
CA ILE A 4 11.68 -25.74 0.11
C ILE A 4 10.94 -24.40 0.12
N PHE A 5 10.05 -24.20 1.05
CA PHE A 5 9.30 -22.91 1.08
C PHE A 5 10.31 -21.76 1.20
N THR A 6 11.24 -21.84 2.10
CA THR A 6 12.23 -20.72 2.23
C THR A 6 13.21 -20.74 1.06
N GLN A 7 13.52 -21.90 0.57
CA GLN A 7 14.46 -21.98 -0.59
C GLN A 7 13.66 -21.75 -1.88
N CYS A 8 12.37 -21.70 -1.78
CA CYS A 8 11.52 -21.47 -2.99
C CYS A 8 11.45 -19.96 -3.28
N ARG A 9 11.34 -19.16 -2.26
CA ARG A 9 11.25 -17.68 -2.47
C ARG A 9 12.51 -17.22 -3.22
N GLU A 10 13.50 -18.05 -3.23
CA GLU A 10 14.77 -17.71 -3.91
C GLU A 10 14.50 -17.34 -5.37
N GLY A 11 13.26 -17.42 -5.77
CA GLY A 11 12.90 -17.09 -7.18
C GLY A 11 12.80 -18.38 -7.94
N ASN A 12 12.86 -19.47 -7.23
CA ASN A 12 12.75 -20.79 -7.87
C ASN A 12 11.28 -21.04 -8.13
N ALA A 13 10.69 -20.17 -8.90
CA ALA A 13 9.23 -20.31 -9.24
C ALA A 13 8.92 -21.77 -9.54
N VAL A 14 9.93 -22.51 -9.88
CA VAL A 14 9.74 -23.96 -10.17
C VAL A 14 9.66 -24.73 -8.85
N ALA A 15 10.43 -24.33 -7.88
CA ALA A 15 10.43 -25.04 -6.58
C ALA A 15 9.14 -24.75 -5.83
N VAL A 16 8.58 -23.57 -5.97
CA VAL A 16 7.33 -23.31 -5.22
C VAL A 16 6.23 -24.15 -5.86
N ARG A 17 6.16 -24.19 -7.17
CA ARG A 17 5.13 -25.03 -7.83
C ARG A 17 5.35 -26.49 -7.43
N LEU A 18 6.59 -26.91 -7.40
CA LEU A 18 6.91 -28.32 -7.01
C LEU A 18 6.09 -28.70 -5.77
N TRP A 19 6.29 -28.07 -4.64
CA TRP A 19 5.51 -28.49 -3.45
C TRP A 19 4.03 -28.20 -3.68
N LEU A 20 3.72 -27.26 -4.53
CA LEU A 20 2.29 -26.93 -4.80
C LEU A 20 1.62 -28.07 -5.59
N ASP A 21 2.36 -28.79 -6.40
CA ASP A 21 1.74 -29.90 -7.17
C ASP A 21 1.68 -31.15 -6.29
N ASN A 22 1.19 -31.02 -5.09
CA ASN A 22 1.10 -32.19 -4.18
C ASN A 22 -0.13 -33.01 -4.53
N THR A 23 0.02 -34.30 -4.66
CA THR A 23 -1.15 -35.16 -4.99
C THR A 23 -2.02 -35.34 -3.75
N GLU A 24 -1.58 -34.81 -2.63
CA GLU A 24 -2.36 -34.94 -1.36
C GLU A 24 -3.00 -33.59 -1.01
N ASN A 25 -2.42 -32.52 -1.50
CA ASN A 25 -2.96 -31.16 -1.23
C ASN A 25 -3.03 -30.91 0.28
N ASP A 26 -1.93 -30.56 0.88
CA ASP A 26 -1.90 -30.27 2.34
C ASP A 26 -0.84 -29.22 2.63
N LEU A 27 0.26 -29.32 1.95
CA LEU A 27 1.35 -28.33 2.15
C LEU A 27 0.79 -26.93 1.93
N ASN A 28 -0.43 -26.83 1.48
CA ASN A 28 -1.06 -25.51 1.27
C ASN A 28 -1.47 -24.96 2.64
N GLN A 29 -0.67 -25.22 3.63
CA GLN A 29 -0.98 -24.73 5.00
C GLN A 29 -0.56 -23.28 5.15
N GLY A 30 -1.00 -22.66 6.20
CA GLY A 30 -0.65 -21.25 6.45
C GLY A 30 -0.21 -21.11 7.90
N ASP A 31 0.18 -19.95 8.27
CA ASP A 31 0.65 -19.72 9.66
C ASP A 31 -0.52 -19.80 10.64
N ASP A 32 -0.27 -19.64 11.91
CA ASP A 32 -1.36 -19.70 12.91
C ASP A 32 -2.16 -18.40 12.86
N HIS A 33 -1.64 -17.44 12.14
CA HIS A 33 -2.35 -16.14 11.99
C HIS A 33 -3.12 -16.17 10.65
N GLY A 34 -2.83 -17.10 9.80
CA GLY A 34 -3.56 -17.22 8.49
C GLY A 34 -2.71 -16.71 7.31
N PHE A 35 -1.42 -16.94 7.31
CA PHE A 35 -0.58 -16.50 6.14
C PHE A 35 -0.70 -17.57 5.06
N SER A 36 -1.04 -17.17 3.85
CA SER A 36 -1.22 -18.16 2.75
C SER A 36 -0.07 -18.04 1.72
N PRO A 37 0.05 -19.02 0.85
CA PRO A 37 1.09 -18.98 -0.19
C PRO A 37 0.90 -17.68 -1.01
N LEU A 38 -0.33 -17.37 -1.34
CA LEU A 38 -0.58 -16.12 -2.14
C LEU A 38 -0.03 -14.91 -1.40
N HIS A 39 -0.20 -14.88 -0.11
CA HIS A 39 0.32 -13.72 0.68
C HIS A 39 1.80 -13.55 0.31
N TRP A 40 2.59 -14.53 0.59
CA TRP A 40 4.03 -14.44 0.28
C TRP A 40 4.23 -14.21 -1.22
N ALA A 41 3.58 -14.99 -2.02
CA ALA A 41 3.72 -14.85 -3.49
C ALA A 41 3.31 -13.45 -3.94
N CYS A 42 2.16 -13.00 -3.55
CA CYS A 42 1.71 -11.63 -3.96
C CYS A 42 2.84 -10.64 -3.70
N ARG A 43 3.57 -10.81 -2.63
CA ARG A 43 4.68 -9.87 -2.33
C ARG A 43 5.78 -10.03 -3.38
N GLU A 44 6.30 -11.22 -3.54
CA GLU A 44 7.38 -11.45 -4.55
C GLU A 44 6.94 -10.89 -5.91
N GLY A 45 5.88 -11.42 -6.47
CA GLY A 45 5.38 -10.92 -7.80
C GLY A 45 5.38 -12.06 -8.83
N ARG A 46 5.67 -13.26 -8.41
CA ARG A 46 5.68 -14.41 -9.36
C ARG A 46 4.25 -14.67 -9.85
N SER A 47 3.71 -13.73 -10.59
CA SER A 47 2.32 -13.85 -11.12
C SER A 47 2.00 -15.29 -11.54
N ALA A 48 2.86 -15.91 -12.31
CA ALA A 48 2.61 -17.33 -12.74
C ALA A 48 2.02 -18.13 -11.58
N VAL A 49 2.86 -18.64 -10.72
CA VAL A 49 2.37 -19.47 -9.58
C VAL A 49 1.05 -18.91 -9.01
N VAL A 50 0.98 -17.61 -8.81
CA VAL A 50 -0.28 -17.00 -8.26
C VAL A 50 -1.48 -17.30 -9.16
N GLU A 51 -1.35 -17.02 -10.42
CA GLU A 51 -2.46 -17.24 -11.38
C GLU A 51 -3.01 -18.67 -11.31
N MET A 52 -2.15 -19.62 -11.39
CA MET A 52 -2.62 -21.05 -11.36
C MET A 52 -3.22 -21.37 -9.99
N LEU A 53 -2.84 -20.62 -8.98
CA LEU A 53 -3.40 -20.87 -7.62
C LEU A 53 -4.77 -20.20 -7.50
N ILE A 54 -4.92 -19.03 -8.04
CA ILE A 54 -6.23 -18.32 -7.96
C ILE A 54 -7.38 -19.28 -8.30
N MET A 55 -7.31 -19.96 -9.42
CA MET A 55 -8.42 -20.88 -9.81
C MET A 55 -8.30 -22.21 -9.08
N ARG A 56 -7.15 -22.55 -8.59
CA ARG A 56 -6.99 -23.84 -7.86
C ARG A 56 -8.05 -23.94 -6.78
N GLY A 57 -8.57 -22.82 -6.36
CA GLY A 57 -9.61 -22.79 -5.28
C GLY A 57 -9.02 -22.00 -4.11
N ALA A 58 -8.27 -21.00 -4.44
CA ALA A 58 -7.59 -20.16 -3.43
C ALA A 58 -8.56 -19.51 -2.45
N ARG A 59 -7.99 -19.03 -1.38
CA ARG A 59 -8.77 -18.29 -0.36
C ARG A 59 -8.50 -16.81 -0.64
N ILE A 60 -9.45 -16.10 -1.15
CA ILE A 60 -9.21 -14.66 -1.51
C ILE A 60 -9.57 -13.76 -0.32
N ASN A 61 -9.96 -14.34 0.79
CA ASN A 61 -10.32 -13.50 1.98
C ASN A 61 -9.16 -13.44 2.98
N VAL A 62 -8.09 -14.15 2.72
CA VAL A 62 -6.94 -14.11 3.66
C VAL A 62 -6.53 -12.66 3.91
N MET A 63 -6.22 -12.33 5.14
CA MET A 63 -5.81 -10.93 5.48
C MET A 63 -4.60 -11.00 6.42
N ASN A 64 -3.71 -10.06 6.30
CA ASN A 64 -2.50 -10.07 7.17
C ASN A 64 -2.90 -9.72 8.60
N ARG A 65 -2.16 -10.19 9.56
CA ARG A 65 -2.50 -9.88 10.97
C ARG A 65 -2.48 -8.35 11.14
N GLY A 66 -2.07 -7.65 10.10
CA GLY A 66 -2.01 -6.17 10.15
C GLY A 66 -2.90 -5.56 9.05
N ASP A 67 -4.10 -6.07 8.90
CA ASP A 67 -5.04 -5.53 7.87
C ASP A 67 -4.29 -5.33 6.55
N ASP A 68 -4.23 -6.35 5.76
CA ASP A 68 -3.57 -6.24 4.44
C ASP A 68 -4.04 -7.39 3.53
N THR A 69 -5.07 -7.14 2.76
CA THR A 69 -5.59 -8.18 1.83
C THR A 69 -4.71 -8.15 0.58
N PRO A 70 -4.69 -9.24 -0.17
CA PRO A 70 -3.86 -9.32 -1.39
C PRO A 70 -4.04 -8.05 -2.25
N LEU A 71 -5.24 -7.59 -2.42
CA LEU A 71 -5.45 -6.38 -3.27
C LEU A 71 -4.50 -5.29 -2.83
N HIS A 72 -4.53 -4.95 -1.58
CA HIS A 72 -3.61 -3.90 -1.09
C HIS A 72 -2.17 -4.27 -1.49
N LEU A 73 -1.64 -5.33 -0.92
CA LEU A 73 -0.24 -5.72 -1.27
C LEU A 73 -0.08 -5.74 -2.80
N ALA A 74 -0.96 -6.41 -3.49
CA ALA A 74 -0.86 -6.47 -4.98
C ALA A 74 -0.83 -5.05 -5.55
N ALA A 75 -1.80 -4.25 -5.22
CA ALA A 75 -1.84 -2.86 -5.74
C ALA A 75 -0.70 -2.04 -5.14
N SER A 76 -0.22 -2.42 -3.99
CA SER A 76 0.90 -1.66 -3.36
C SER A 76 2.09 -1.64 -4.30
N HIS A 77 2.44 -2.76 -4.85
CA HIS A 77 3.59 -2.80 -5.79
C HIS A 77 3.25 -2.06 -7.07
N GLY A 78 2.23 -2.49 -7.77
CA GLY A 78 1.83 -1.81 -9.04
C GLY A 78 1.59 -2.85 -10.14
N HIS A 79 1.78 -4.11 -9.84
CA HIS A 79 1.56 -5.15 -10.88
C HIS A 79 0.05 -5.28 -11.16
N ARG A 80 -0.46 -4.48 -12.05
CA ARG A 80 -1.91 -4.53 -12.36
C ARG A 80 -2.34 -5.95 -12.74
N ASP A 81 -1.46 -6.72 -13.30
CA ASP A 81 -1.83 -8.10 -13.73
C ASP A 81 -2.38 -8.90 -12.54
N ILE A 82 -1.60 -9.11 -11.53
CA ILE A 82 -2.10 -9.90 -10.36
C ILE A 82 -3.33 -9.22 -9.77
N VAL A 83 -3.39 -7.93 -9.85
CA VAL A 83 -4.57 -7.21 -9.29
C VAL A 83 -5.83 -7.63 -10.05
N GLN A 84 -5.89 -7.33 -11.32
CA GLN A 84 -7.09 -7.69 -12.12
C GLN A 84 -7.47 -9.15 -11.87
N LYS A 85 -6.50 -10.01 -11.77
CA LYS A 85 -6.80 -11.46 -11.55
C LYS A 85 -7.67 -11.67 -10.31
N LEU A 86 -7.23 -11.26 -9.15
CA LEU A 86 -8.04 -11.49 -7.92
C LEU A 86 -8.96 -10.28 -7.66
N LEU A 87 -8.68 -9.16 -8.26
CA LEU A 87 -9.54 -7.97 -8.04
C LEU A 87 -10.88 -8.17 -8.74
N GLN A 88 -10.95 -9.08 -9.67
CA GLN A 88 -12.24 -9.33 -10.40
C GLN A 88 -12.96 -10.52 -9.78
N TYR A 89 -12.29 -11.26 -8.95
CA TYR A 89 -12.93 -12.46 -8.33
C TYR A 89 -13.87 -12.05 -7.19
N LYS A 90 -13.60 -10.95 -6.52
CA LYS A 90 -14.49 -10.52 -5.39
C LYS A 90 -14.78 -9.02 -5.48
N ALA A 91 -14.10 -8.32 -6.35
CA ALA A 91 -14.35 -6.85 -6.50
C ALA A 91 -14.53 -6.18 -5.13
N ASP A 92 -13.58 -6.31 -4.24
CA ASP A 92 -13.71 -5.64 -2.91
C ASP A 92 -13.11 -4.23 -3.05
N ILE A 93 -12.74 -3.88 -4.25
CA ILE A 93 -12.19 -2.51 -4.48
C ILE A 93 -13.17 -1.50 -3.89
N ASN A 94 -14.44 -1.72 -4.08
CA ASN A 94 -15.45 -0.79 -3.49
C ASN A 94 -15.65 -1.16 -2.01
N ALA A 95 -14.97 -2.20 -1.58
CA ALA A 95 -15.07 -2.64 -0.15
C ALA A 95 -13.66 -2.67 0.44
N VAL A 96 -13.35 -1.73 1.27
CA VAL A 96 -11.99 -1.67 1.88
C VAL A 96 -11.86 -2.81 2.90
N ASN A 97 -10.76 -2.87 3.62
CA ASN A 97 -10.64 -3.91 4.70
C ASN A 97 -11.05 -3.23 6.01
N GLU A 98 -10.22 -3.21 7.03
CA GLU A 98 -10.61 -2.56 8.33
C GLU A 98 -9.70 -1.36 8.61
N HIS A 99 -8.69 -1.14 7.79
CA HIS A 99 -7.79 0.03 8.02
C HIS A 99 -8.25 1.18 7.12
N GLY A 100 -9.22 0.93 6.29
CA GLY A 100 -9.71 2.00 5.38
C GLY A 100 -8.72 2.15 4.21
N ASN A 101 -7.65 1.42 4.26
CA ASN A 101 -6.63 1.51 3.17
C ASN A 101 -7.20 0.94 1.85
N VAL A 102 -7.87 1.75 1.09
CA VAL A 102 -8.41 1.29 -0.23
C VAL A 102 -7.19 0.96 -1.12
N PRO A 103 -7.26 -0.07 -1.93
CA PRO A 103 -6.11 -0.41 -2.80
C PRO A 103 -5.59 0.87 -3.48
N LEU A 104 -6.47 1.73 -3.93
CA LEU A 104 -6.00 2.98 -4.61
C LEU A 104 -5.15 3.82 -3.64
N HIS A 105 -5.60 4.01 -2.43
CA HIS A 105 -4.79 4.80 -1.44
C HIS A 105 -3.37 4.27 -1.45
N TYR A 106 -3.22 2.99 -1.57
CA TYR A 106 -1.86 2.37 -1.59
C TYR A 106 -1.19 2.67 -2.94
N ALA A 107 -1.84 2.35 -4.03
CA ALA A 107 -1.25 2.62 -5.36
C ALA A 107 -0.80 4.08 -5.46
N CYS A 108 -1.52 4.98 -4.85
CA CYS A 108 -1.14 6.42 -4.91
C CYS A 108 -0.06 6.70 -3.86
N PHE A 109 -0.16 6.11 -2.71
CA PHE A 109 0.86 6.35 -1.65
C PHE A 109 2.23 5.93 -2.19
N TRP A 110 2.24 5.14 -3.24
CA TRP A 110 3.54 4.69 -3.84
C TRP A 110 3.90 5.64 -4.99
N GLY A 111 3.01 5.75 -5.96
CA GLY A 111 3.27 6.65 -7.13
C GLY A 111 3.06 5.86 -8.42
N GLN A 112 1.84 5.44 -8.68
CA GLN A 112 1.54 4.68 -9.93
C GLN A 112 0.25 5.23 -10.56
N ASP A 113 0.35 6.31 -11.28
CA ASP A 113 -0.87 6.92 -11.89
C ASP A 113 -1.57 5.95 -12.84
N GLN A 114 -0.86 5.33 -13.73
CA GLN A 114 -1.50 4.40 -14.71
C GLN A 114 -2.47 3.43 -13.98
N VAL A 115 -1.95 2.60 -13.11
CA VAL A 115 -2.85 1.62 -12.42
C VAL A 115 -3.93 2.35 -11.63
N ALA A 116 -3.64 3.50 -11.11
CA ALA A 116 -4.66 4.23 -10.32
C ALA A 116 -5.82 4.63 -11.24
N GLU A 117 -5.52 4.83 -12.49
CA GLU A 117 -6.58 5.21 -13.46
C GLU A 117 -7.46 3.99 -13.73
N ASP A 118 -6.87 2.87 -14.05
CA ASP A 118 -7.67 1.65 -14.34
C ASP A 118 -8.58 1.32 -13.14
N LEU A 119 -8.13 1.59 -11.95
CA LEU A 119 -8.98 1.29 -10.76
C LEU A 119 -10.21 2.19 -10.73
N VAL A 120 -10.01 3.49 -10.69
CA VAL A 120 -11.17 4.41 -10.68
C VAL A 120 -11.95 4.26 -11.98
N ALA A 121 -11.34 3.67 -12.97
CA ALA A 121 -12.05 3.49 -14.27
C ALA A 121 -13.02 2.33 -14.13
N ASN A 122 -13.02 1.68 -13.00
CA ASN A 122 -13.96 0.55 -12.79
C ASN A 122 -15.26 1.10 -12.22
N GLY A 123 -15.20 2.20 -11.50
CA GLY A 123 -16.44 2.80 -10.92
C GLY A 123 -16.16 3.16 -9.45
N ALA A 124 -14.94 2.95 -8.99
CA ALA A 124 -14.63 3.25 -7.56
C ALA A 124 -14.60 4.75 -7.29
N LEU A 125 -14.45 5.56 -8.29
CA LEU A 125 -14.40 7.03 -8.05
C LEU A 125 -13.09 7.35 -7.31
N VAL A 126 -12.38 8.37 -7.73
CA VAL A 126 -11.09 8.72 -7.04
C VAL A 126 -11.37 9.64 -5.85
N SER A 127 -12.52 10.23 -5.80
CA SER A 127 -12.85 11.16 -4.68
C SER A 127 -13.57 10.39 -3.57
N ILE A 128 -13.24 9.14 -3.36
CA ILE A 128 -13.92 8.37 -2.29
C ILE A 128 -13.72 9.08 -0.95
N CYS A 129 -12.48 9.33 -0.58
CA CYS A 129 -12.15 10.02 0.70
C CYS A 129 -11.93 8.95 1.77
N ASN A 130 -10.74 8.81 2.25
CA ASN A 130 -10.47 7.77 3.27
C ASN A 130 -11.16 8.13 4.57
N LYS A 131 -11.19 7.21 5.46
CA LYS A 131 -11.83 7.44 6.79
C LYS A 131 -11.25 8.73 7.38
N TYR A 132 -10.12 9.16 6.88
CA TYR A 132 -9.48 10.42 7.38
C TYR A 132 -9.39 11.38 6.20
N GLY A 133 -10.19 11.15 5.19
CA GLY A 133 -10.15 12.04 4.00
C GLY A 133 -8.81 11.90 3.34
N GLU A 134 -8.10 10.87 3.68
CA GLU A 134 -6.76 10.65 3.08
C GLU A 134 -6.93 10.15 1.64
N MET A 135 -7.02 11.05 0.68
CA MET A 135 -7.19 10.63 -0.75
C MET A 135 -5.95 11.10 -1.55
N PRO A 136 -5.75 10.56 -2.72
CA PRO A 136 -4.59 10.93 -3.56
C PRO A 136 -4.45 12.46 -3.70
N VAL A 137 -5.54 13.18 -3.71
CA VAL A 137 -5.47 14.68 -3.86
C VAL A 137 -4.45 15.28 -2.87
N ASP A 138 -4.52 14.89 -1.63
CA ASP A 138 -3.59 15.46 -0.62
C ASP A 138 -2.24 14.78 -0.79
N LYS A 139 -2.27 13.49 -0.85
CA LYS A 139 -1.00 12.74 -1.02
C LYS A 139 -0.41 13.10 -2.37
N ALA A 140 -1.16 13.80 -3.19
CA ALA A 140 -0.65 14.19 -4.53
C ALA A 140 0.08 15.51 -4.43
N LYS A 141 -0.45 16.41 -3.67
CA LYS A 141 0.19 17.75 -3.51
C LYS A 141 1.16 17.75 -2.33
N ALA A 142 1.34 16.63 -1.65
CA ALA A 142 2.28 16.62 -0.49
C ALA A 142 3.70 16.25 -0.96
N PRO A 143 3.85 15.19 -1.75
CA PRO A 143 5.18 14.78 -2.23
C PRO A 143 5.78 15.89 -3.10
N LEU A 144 4.98 16.46 -3.97
CA LEU A 144 5.42 17.58 -4.89
C LEU A 144 4.72 17.39 -6.24
N ARG A 145 3.88 16.38 -6.38
CA ARG A 145 3.19 16.19 -7.67
C ARG A 145 2.42 17.46 -8.03
N GLU A 146 1.28 17.67 -7.41
CA GLU A 146 0.47 18.88 -7.70
C GLU A 146 0.05 18.92 -9.19
N LEU A 147 0.55 18.01 -9.98
CA LEU A 147 0.19 17.99 -11.42
C LEU A 147 -1.22 17.43 -11.56
N LEU A 148 -1.49 16.29 -10.99
CA LEU A 148 -2.86 15.74 -11.10
C LEU A 148 -3.77 16.57 -10.20
N ARG A 149 -3.20 17.32 -9.29
CA ARG A 149 -4.02 18.18 -8.41
C ARG A 149 -4.75 19.18 -9.28
N GLU A 150 -4.04 19.88 -10.13
CA GLU A 150 -4.71 20.86 -11.01
C GLU A 150 -5.64 20.10 -11.95
N ARG A 151 -5.21 18.98 -12.48
CA ARG A 151 -6.09 18.21 -13.39
C ARG A 151 -7.29 17.70 -12.59
N ALA A 152 -7.09 17.47 -11.32
CA ALA A 152 -8.20 16.97 -10.46
C ALA A 152 -9.08 18.15 -10.06
N GLU A 153 -8.50 19.21 -9.56
CA GLU A 153 -9.32 20.38 -9.13
C GLU A 153 -10.07 20.96 -10.34
N LYS A 154 -9.63 20.65 -11.52
CA LYS A 154 -10.31 21.19 -12.74
C LYS A 154 -11.40 20.21 -13.18
N MET A 155 -11.48 19.09 -12.53
CA MET A 155 -12.50 18.08 -12.90
C MET A 155 -13.85 18.49 -12.29
N GLY A 156 -13.81 19.16 -11.18
CA GLY A 156 -15.06 19.61 -10.50
C GLY A 156 -15.01 19.27 -9.00
N GLN A 157 -13.89 18.82 -8.51
CA GLN A 157 -13.78 18.48 -7.07
C GLN A 157 -13.59 19.75 -6.25
N ASN A 158 -12.87 20.71 -6.78
CA ASN A 158 -12.65 21.99 -6.04
C ASN A 158 -13.67 23.02 -6.51
N LEU A 159 -13.85 23.14 -7.80
CA LEU A 159 -14.84 24.11 -8.33
C LEU A 159 -16.23 23.46 -8.26
N ASN A 160 -16.76 23.32 -7.07
CA ASN A 160 -18.10 22.69 -6.90
C ASN A 160 -19.15 23.77 -6.66
N ARG A 161 -20.08 23.91 -7.56
CA ARG A 161 -21.14 24.93 -7.37
C ARG A 161 -21.75 24.75 -5.99
N ILE A 162 -22.35 25.75 -5.42
CA ILE A 162 -22.93 25.61 -4.05
C ILE A 162 -23.98 24.47 -4.06
N PRO A 163 -23.70 23.34 -3.40
CA PRO A 163 -24.67 22.23 -3.37
C PRO A 163 -25.94 22.68 -2.63
N TYR A 164 -27.09 22.18 -3.00
CA TYR A 164 -28.36 22.56 -2.34
C TYR A 164 -28.96 21.33 -1.66
N LYS A 165 -29.83 21.54 -0.71
CA LYS A 165 -30.48 20.41 0.02
C LYS A 165 -31.37 20.98 1.11
N ASP A 166 -32.34 21.78 0.75
CA ASP A 166 -33.25 22.37 1.78
C ASP A 166 -32.43 23.22 2.75
N THR A 167 -32.52 24.54 2.61
CA THR A 167 -31.76 25.50 3.45
C THR A 167 -30.62 26.01 2.59
N PHE A 168 -30.87 26.06 1.32
CA PHE A 168 -29.85 26.52 0.35
C PHE A 168 -30.52 27.34 -0.74
N TRP A 169 -31.62 27.95 -0.42
CA TRP A 169 -32.34 28.78 -1.41
C TRP A 169 -32.61 27.97 -2.67
N LYS A 170 -32.29 26.70 -2.64
CA LYS A 170 -32.50 25.84 -3.84
C LYS A 170 -32.10 26.58 -5.11
N GLY A 171 -30.90 27.11 -5.15
CA GLY A 171 -30.45 27.84 -6.37
C GLY A 171 -31.19 29.17 -6.46
N MET B 1 26.55 30.72 -10.03
CA MET B 1 26.20 29.40 -9.43
C MET B 1 24.70 29.36 -9.13
N ALA B 2 23.89 29.84 -10.03
CA ALA B 2 22.42 29.82 -9.79
C ALA B 2 22.12 30.45 -8.42
N ASN B 3 21.84 29.63 -7.44
CA ASN B 3 21.54 30.17 -6.09
C ASN B 3 21.51 29.02 -5.07
N ALA B 4 20.73 28.01 -5.34
CA ALA B 4 20.66 26.86 -4.39
C ALA B 4 20.29 27.37 -3.00
N LEU B 5 19.08 27.81 -2.81
CA LEU B 5 18.66 28.32 -1.47
C LEU B 5 18.39 27.13 -0.54
N ALA B 6 19.22 26.13 -0.59
CA ALA B 6 19.01 24.95 0.29
C ALA B 6 20.24 24.04 0.24
N SER B 7 20.15 22.88 0.82
CA SER B 7 21.31 21.94 0.80
C SER B 7 20.83 20.53 1.10
N ALA B 8 21.24 19.97 2.21
CA ALA B 8 20.81 18.60 2.56
C ALA B 8 19.29 18.47 2.38
N THR B 9 18.84 17.32 1.94
CA THR B 9 17.39 17.10 1.66
C THR B 9 16.84 15.92 2.45
N CYS B 10 15.55 15.90 2.66
CA CYS B 10 14.96 14.78 3.40
C CYS B 10 15.25 13.49 2.74
N GLU B 11 15.54 12.53 3.52
CA GLU B 11 15.82 11.20 2.94
C GLU B 11 14.49 10.62 2.43
N ARG B 12 13.40 11.32 2.64
CA ARG B 12 12.07 10.79 2.17
C ARG B 12 11.24 11.91 1.55
N CYS B 13 11.11 13.02 2.21
CA CYS B 13 10.32 14.14 1.61
C CYS B 13 11.15 14.76 0.51
N LYS B 14 12.40 14.42 0.47
CA LYS B 14 13.30 14.99 -0.54
C LYS B 14 13.31 16.48 -0.37
N GLY B 15 12.76 16.94 0.71
CA GLY B 15 12.76 18.35 1.03
C GLY B 15 14.18 18.68 1.26
N GLY B 16 14.42 19.90 1.40
CA GLY B 16 15.76 20.48 1.53
C GLY B 16 15.84 21.39 2.72
N PHE B 17 16.52 20.95 3.72
CA PHE B 17 16.72 21.77 4.94
C PHE B 17 18.20 22.22 4.92
N ALA B 18 18.41 23.32 5.48
CA ALA B 18 19.77 23.96 5.66
C ALA B 18 19.77 23.86 7.10
N PRO B 19 20.39 22.91 7.65
CA PRO B 19 19.97 22.71 8.94
C PRO B 19 20.33 22.97 10.36
N ALA B 20 19.52 22.30 10.99
CA ALA B 20 19.26 22.36 12.40
C ALA B 20 17.88 23.02 12.38
N GLU B 21 17.27 23.09 11.17
CA GLU B 21 15.93 23.68 11.08
C GLU B 21 15.06 22.58 11.58
N LYS B 22 14.64 21.75 10.67
CA LYS B 22 13.96 20.54 11.10
C LYS B 22 14.38 19.49 10.09
N ILE B 23 15.38 18.88 10.52
CA ILE B 23 16.10 17.78 9.88
C ILE B 23 16.38 16.73 10.98
N VAL B 24 16.22 15.47 10.70
CA VAL B 24 16.55 14.43 11.73
C VAL B 24 17.56 13.49 11.09
N ASN B 25 18.66 13.30 11.75
CA ASN B 25 19.74 12.43 11.22
C ASN B 25 19.55 11.03 11.81
N SER B 26 19.64 10.03 10.99
CA SER B 26 19.47 8.66 11.45
C SER B 26 20.55 7.84 10.75
N ASN B 27 21.55 7.54 11.48
CA ASN B 27 22.71 6.74 11.02
C ASN B 27 23.58 7.54 10.05
N GLY B 28 22.99 8.23 9.13
CA GLY B 28 23.82 9.02 8.17
C GLY B 28 22.93 9.63 7.10
N GLU B 29 21.65 9.37 7.14
CA GLU B 29 20.72 9.94 6.14
C GLU B 29 19.85 10.89 6.92
N LEU B 30 19.35 11.93 6.31
CA LEU B 30 18.54 12.93 7.05
C LEU B 30 17.05 12.68 6.80
N TYR B 31 16.26 12.86 7.81
CA TYR B 31 14.80 12.60 7.71
C TYR B 31 14.03 13.69 8.46
N HIS B 32 13.06 14.28 7.87
CA HIS B 32 12.30 15.29 8.62
C HIS B 32 11.60 14.51 9.69
N GLU B 33 11.33 15.04 10.81
CA GLU B 33 10.48 14.23 11.71
C GLU B 33 9.16 13.96 10.90
N GLN B 34 9.10 14.52 9.68
CA GLN B 34 7.95 14.28 8.76
C GLN B 34 8.27 13.04 7.96
N CYS B 35 9.48 12.60 8.09
CA CYS B 35 9.99 11.45 7.37
C CYS B 35 9.92 10.34 8.42
N PHE B 36 9.70 10.77 9.63
CA PHE B 36 9.48 9.81 10.78
C PHE B 36 7.99 9.49 10.71
N VAL B 37 7.66 8.63 9.80
CA VAL B 37 6.23 8.23 9.56
C VAL B 37 6.10 6.73 9.24
N CYS B 38 5.11 6.08 9.84
CA CYS B 38 4.85 4.64 9.57
C CYS B 38 4.25 4.46 8.19
N ALA B 39 4.57 3.40 7.52
CA ALA B 39 3.98 3.14 6.15
C ALA B 39 2.45 3.00 6.22
N GLN B 40 1.95 2.48 7.28
CA GLN B 40 0.48 2.28 7.48
C GLN B 40 -0.01 3.43 8.35
N CYS B 41 0.83 3.67 9.28
CA CYS B 41 0.70 4.63 10.38
C CYS B 41 1.42 5.93 10.00
N PHE B 42 1.89 6.11 8.73
CA PHE B 42 2.79 7.29 8.22
C PHE B 42 2.26 8.53 8.72
N GLN B 43 1.76 8.27 9.75
CA GLN B 43 1.37 9.32 10.64
C GLN B 43 2.59 9.25 11.51
N GLN B 44 2.88 10.29 12.07
CA GLN B 44 4.12 10.40 12.86
C GLN B 44 4.18 9.32 13.94
N PHE B 45 5.38 8.88 14.19
CA PHE B 45 5.62 7.83 15.25
C PHE B 45 5.38 8.47 16.66
N PRO B 46 4.46 7.92 17.45
CA PRO B 46 4.17 8.45 18.80
C PRO B 46 5.25 8.07 19.84
N GLU B 47 5.68 9.08 20.58
CA GLU B 47 6.73 9.01 21.66
C GLU B 47 8.04 8.65 21.05
N GLY B 48 8.01 8.66 19.78
CA GLY B 48 9.22 8.48 18.99
C GLY B 48 9.78 7.04 19.05
N LEU B 49 9.10 6.11 19.68
CA LEU B 49 9.62 4.70 19.70
C LEU B 49 8.96 4.01 18.54
N PHE B 50 9.76 3.51 17.66
CA PHE B 50 9.22 2.89 16.44
C PHE B 50 9.95 1.54 16.11
N TYR B 51 9.36 0.67 15.29
CA TYR B 51 9.97 -0.63 14.93
C TYR B 51 9.76 -0.92 13.43
N GLU B 52 10.84 -1.22 12.78
CA GLU B 52 10.90 -1.51 11.31
C GLU B 52 10.69 -2.98 10.97
N PHE B 53 9.95 -3.24 9.92
CA PHE B 53 9.65 -4.61 9.48
C PHE B 53 9.77 -4.81 7.94
N GLU B 54 10.78 -5.52 7.55
CA GLU B 54 10.99 -5.92 6.11
C GLU B 54 10.73 -4.85 5.04
N GLY B 55 11.47 -3.79 5.03
CA GLY B 55 11.30 -2.77 3.93
C GLY B 55 10.19 -1.77 4.24
N ARG B 56 9.34 -2.10 5.15
CA ARG B 56 8.25 -1.16 5.51
C ARG B 56 8.58 -0.72 6.90
N LYS B 57 8.19 0.46 7.28
CA LYS B 57 8.50 0.92 8.66
C LYS B 57 7.19 1.07 9.48
N TYR B 58 7.15 0.51 10.68
CA TYR B 58 5.90 0.58 11.51
C TYR B 58 6.17 1.02 12.98
N CYS B 59 5.23 1.69 13.59
CA CYS B 59 5.37 2.05 15.02
C CYS B 59 5.32 0.71 15.73
N GLU B 60 5.60 0.62 16.99
CA GLU B 60 5.59 -0.70 17.61
C GLU B 60 4.27 -1.34 17.38
N HIS B 61 3.28 -0.57 17.45
CA HIS B 61 1.93 -1.11 17.34
C HIS B 61 1.77 -1.91 16.06
N ASP B 62 2.07 -1.32 14.97
CA ASP B 62 1.91 -2.05 13.69
C ASP B 62 3.02 -3.06 13.53
N PHE B 63 4.09 -2.74 14.10
CA PHE B 63 5.21 -3.68 14.10
C PHE B 63 4.77 -4.84 14.96
N GLN B 64 4.19 -4.47 16.07
CA GLN B 64 3.69 -5.45 17.05
C GLN B 64 2.58 -6.25 16.43
N MET B 65 2.03 -5.79 15.35
CA MET B 65 1.05 -6.68 14.68
C MET B 65 1.87 -7.84 14.10
N LEU B 66 2.89 -7.48 13.36
CA LEU B 66 3.80 -8.49 12.72
C LEU B 66 4.75 -9.06 13.76
N PHE B 67 4.85 -8.43 14.89
CA PHE B 67 5.76 -8.89 15.99
C PHE B 67 4.89 -9.47 17.12
N ALA B 68 3.61 -9.24 17.03
CA ALA B 68 2.68 -9.76 18.09
C ALA B 68 3.04 -11.21 18.45
N PRO B 69 3.08 -12.11 17.48
CA PRO B 69 3.43 -13.52 17.78
C PRO B 69 4.83 -13.59 18.40
N CYS B 70 5.43 -14.75 18.39
CA CYS B 70 6.80 -14.89 18.99
C CYS B 70 6.79 -14.33 20.41
ZN ZN C . 11.28 15.09 4.53
ZN ZN D . 2.76 3.01 12.91
N MET A 1 15.02 -20.67 8.26
CA MET A 1 15.15 -22.02 7.65
C MET A 1 13.91 -22.32 6.80
N ASP A 2 12.81 -22.63 7.43
CA ASP A 2 11.57 -22.94 6.67
C ASP A 2 11.88 -23.87 5.49
N ASP A 3 13.00 -24.55 5.54
CA ASP A 3 13.39 -25.49 4.44
C ASP A 3 13.04 -24.92 3.05
N ILE A 4 12.26 -25.65 2.29
CA ILE A 4 11.91 -25.20 0.91
C ILE A 4 11.14 -23.89 0.96
N PHE A 5 10.18 -23.77 1.84
CA PHE A 5 9.39 -22.50 1.94
C PHE A 5 10.34 -21.31 1.83
N THR A 6 11.49 -21.39 2.47
CA THR A 6 12.47 -20.27 2.39
C THR A 6 13.07 -20.24 0.98
N GLN A 7 13.75 -21.28 0.62
CA GLN A 7 14.39 -21.34 -0.73
C GLN A 7 13.31 -21.31 -1.81
N CYS A 8 12.06 -21.33 -1.42
CA CYS A 8 10.96 -21.31 -2.43
C CYS A 8 10.71 -19.86 -2.86
N ARG A 9 10.59 -18.95 -1.92
CA ARG A 9 10.34 -17.53 -2.31
C ARG A 9 11.58 -16.94 -2.97
N GLU A 10 12.67 -17.67 -2.94
CA GLU A 10 13.92 -17.19 -3.55
C GLU A 10 13.72 -16.98 -5.05
N GLY A 11 12.50 -17.10 -5.52
CA GLY A 11 12.22 -16.92 -6.96
C GLY A 11 12.41 -18.25 -7.65
N ASN A 12 12.49 -19.28 -6.87
CA ASN A 12 12.64 -20.64 -7.44
C ASN A 12 11.24 -21.11 -7.76
N ALA A 13 10.58 -20.39 -8.61
CA ALA A 13 9.19 -20.74 -9.02
C ALA A 13 9.06 -22.26 -9.15
N VAL A 14 10.14 -22.91 -9.45
CA VAL A 14 10.11 -24.39 -9.59
C VAL A 14 9.97 -25.03 -8.20
N ALA A 15 10.58 -24.43 -7.22
CA ALA A 15 10.51 -25.00 -5.85
C ALA A 15 9.13 -24.77 -5.24
N VAL A 16 8.54 -23.61 -5.42
CA VAL A 16 7.22 -23.41 -4.80
C VAL A 16 6.23 -24.37 -5.47
N ARG A 17 6.38 -24.62 -6.75
CA ARG A 17 5.46 -25.58 -7.41
C ARG A 17 5.66 -26.94 -6.71
N LEU A 18 6.89 -27.25 -6.40
CA LEU A 18 7.22 -28.53 -5.73
C LEU A 18 6.21 -28.82 -4.61
N TRP A 19 6.19 -28.01 -3.58
CA TRP A 19 5.22 -28.29 -2.47
C TRP A 19 3.79 -28.08 -2.96
N LEU A 20 3.62 -27.29 -3.98
CA LEU A 20 2.25 -27.05 -4.51
C LEU A 20 1.66 -28.38 -5.00
N ASP A 21 2.44 -29.13 -5.74
CA ASP A 21 1.94 -30.41 -6.30
C ASP A 21 1.70 -31.44 -5.18
N ASN A 22 2.04 -31.12 -3.96
CA ASN A 22 1.83 -32.09 -2.84
C ASN A 22 0.48 -32.78 -2.97
N THR A 23 0.47 -33.99 -3.46
CA THR A 23 -0.82 -34.73 -3.60
C THR A 23 -1.47 -34.88 -2.23
N GLU A 24 -0.81 -34.41 -1.20
CA GLU A 24 -1.40 -34.50 0.17
C GLU A 24 -2.37 -33.35 0.37
N ASN A 25 -2.10 -32.23 -0.23
CA ASN A 25 -3.02 -31.06 -0.09
C ASN A 25 -3.36 -30.83 1.39
N ASP A 26 -2.37 -30.50 2.17
CA ASP A 26 -2.61 -30.24 3.63
C ASP A 26 -1.57 -29.27 4.14
N LEU A 27 -0.36 -29.46 3.72
CA LEU A 27 0.72 -28.51 4.12
C LEU A 27 0.65 -27.36 3.14
N ASN A 28 -0.17 -27.53 2.14
CA ASN A 28 -0.32 -26.49 1.11
C ASN A 28 -0.46 -25.11 1.75
N GLN A 29 -0.93 -25.00 2.97
CA GLN A 29 -1.06 -23.63 3.56
C GLN A 29 0.29 -22.91 3.56
N GLY A 30 0.39 -21.85 4.32
CA GLY A 30 1.66 -21.08 4.37
C GLY A 30 2.08 -20.86 5.83
N ASP A 31 2.09 -19.62 6.25
CA ASP A 31 2.53 -19.32 7.63
C ASP A 31 1.41 -19.53 8.64
N ASP A 32 1.73 -20.12 9.75
CA ASP A 32 0.73 -20.34 10.81
C ASP A 32 0.28 -18.98 11.31
N HIS A 33 0.96 -17.96 10.85
CA HIS A 33 0.61 -16.58 11.25
C HIS A 33 -0.50 -16.09 10.33
N GLY A 34 -0.76 -16.84 9.28
CA GLY A 34 -1.87 -16.46 8.35
C GLY A 34 -1.34 -15.95 7.01
N PHE A 35 -0.05 -16.02 6.77
CA PHE A 35 0.46 -15.55 5.45
C PHE A 35 0.38 -16.74 4.50
N SER A 36 -0.57 -16.72 3.60
CA SER A 36 -0.76 -17.85 2.66
C SER A 36 0.30 -17.80 1.55
N PRO A 37 0.40 -18.84 0.75
CA PRO A 37 1.39 -18.84 -0.34
C PRO A 37 1.07 -17.65 -1.25
N LEU A 38 -0.17 -17.44 -1.55
CA LEU A 38 -0.57 -16.31 -2.44
C LEU A 38 -0.06 -15.00 -1.85
N HIS A 39 -0.07 -14.89 -0.56
CA HIS A 39 0.41 -13.64 0.08
C HIS A 39 1.87 -13.44 -0.33
N TRP A 40 2.71 -14.31 0.11
CA TRP A 40 4.14 -14.19 -0.25
C TRP A 40 4.26 -14.03 -1.76
N ALA A 41 3.58 -14.86 -2.48
CA ALA A 41 3.67 -14.82 -3.98
C ALA A 41 3.19 -13.47 -4.51
N CYS A 42 1.98 -13.09 -4.22
CA CYS A 42 1.45 -11.81 -4.74
C CYS A 42 2.49 -10.69 -4.53
N ARG A 43 3.33 -10.82 -3.54
CA ARG A 43 4.37 -9.77 -3.30
C ARG A 43 5.49 -9.91 -4.34
N GLU A 44 6.13 -11.05 -4.41
CA GLU A 44 7.23 -11.23 -5.40
C GLU A 44 6.78 -10.78 -6.79
N GLY A 45 5.77 -11.43 -7.34
CA GLY A 45 5.26 -11.05 -8.70
C GLY A 45 5.19 -12.29 -9.59
N ARG A 46 5.32 -13.46 -9.03
CA ARG A 46 5.25 -14.70 -9.87
C ARG A 46 3.82 -14.85 -10.41
N SER A 47 3.29 -13.81 -10.99
CA SER A 47 1.90 -13.83 -11.54
C SER A 47 1.50 -15.21 -12.08
N ALA A 48 2.41 -15.91 -12.71
CA ALA A 48 2.04 -17.25 -13.24
C ALA A 48 1.60 -18.15 -12.09
N VAL A 49 2.53 -18.79 -11.43
CA VAL A 49 2.17 -19.73 -10.31
C VAL A 49 0.98 -19.16 -9.51
N VAL A 50 0.91 -17.86 -9.40
CA VAL A 50 -0.21 -17.22 -8.64
C VAL A 50 -1.54 -17.52 -9.32
N GLU A 51 -1.70 -17.08 -10.53
CA GLU A 51 -2.98 -17.31 -11.26
C GLU A 51 -3.40 -18.78 -11.16
N MET A 52 -2.49 -19.67 -11.33
CA MET A 52 -2.83 -21.13 -11.27
C MET A 52 -3.53 -21.44 -9.96
N LEU A 53 -2.94 -21.06 -8.85
CA LEU A 53 -3.56 -21.36 -7.53
C LEU A 53 -4.80 -20.48 -7.34
N ILE A 54 -4.71 -19.22 -7.65
CA ILE A 54 -5.89 -18.32 -7.47
C ILE A 54 -7.15 -18.96 -8.07
N MET A 55 -7.07 -19.45 -9.27
CA MET A 55 -8.27 -20.07 -9.91
C MET A 55 -8.40 -21.53 -9.49
N ARG A 56 -7.35 -22.11 -8.96
CA ARG A 56 -7.44 -23.53 -8.54
C ARG A 56 -8.61 -23.69 -7.59
N GLY A 57 -8.83 -22.71 -6.75
CA GLY A 57 -9.98 -22.78 -5.80
C GLY A 57 -9.63 -22.09 -4.50
N ALA A 58 -8.84 -21.05 -4.55
CA ALA A 58 -8.47 -20.29 -3.31
C ALA A 58 -9.29 -18.99 -3.27
N ARG A 59 -9.75 -18.58 -2.12
CA ARG A 59 -10.54 -17.33 -2.05
C ARG A 59 -9.60 -16.12 -2.10
N ILE A 60 -9.82 -15.21 -3.01
CA ILE A 60 -8.94 -14.02 -3.13
C ILE A 60 -9.47 -12.87 -2.27
N ASN A 61 -10.58 -13.08 -1.59
CA ASN A 61 -11.15 -11.98 -0.73
C ASN A 61 -10.78 -12.21 0.73
N VAL A 62 -9.95 -13.17 1.01
CA VAL A 62 -9.56 -13.46 2.42
C VAL A 62 -8.68 -12.34 2.98
N MET A 63 -8.36 -12.43 4.25
CA MET A 63 -7.50 -11.39 4.90
C MET A 63 -6.49 -12.10 5.81
N ASN A 64 -5.24 -11.76 5.73
CA ASN A 64 -4.24 -12.45 6.60
C ASN A 64 -4.49 -12.07 8.07
N ARG A 65 -3.78 -12.67 8.97
CA ARG A 65 -3.96 -12.33 10.41
C ARG A 65 -3.59 -10.86 10.62
N GLY A 66 -2.71 -10.34 9.81
CA GLY A 66 -2.30 -8.91 9.96
C GLY A 66 -3.14 -8.04 9.04
N ASP A 67 -4.39 -8.38 8.83
CA ASP A 67 -5.28 -7.57 7.96
C ASP A 67 -4.53 -7.17 6.69
N ASP A 68 -4.55 -8.02 5.71
CA ASP A 68 -3.86 -7.71 4.43
C ASP A 68 -4.46 -8.55 3.32
N THR A 69 -5.20 -7.95 2.43
CA THR A 69 -5.79 -8.73 1.31
C THR A 69 -4.77 -8.74 0.17
N PRO A 70 -4.74 -9.78 -0.62
CA PRO A 70 -3.78 -9.84 -1.74
C PRO A 70 -3.92 -8.60 -2.62
N LEU A 71 -5.11 -8.07 -2.75
CA LEU A 71 -5.27 -6.87 -3.61
C LEU A 71 -4.30 -5.80 -3.14
N HIS A 72 -4.28 -5.55 -1.87
CA HIS A 72 -3.33 -4.55 -1.33
C HIS A 72 -1.93 -4.98 -1.78
N LEU A 73 -1.47 -6.09 -1.26
CA LEU A 73 -0.11 -6.59 -1.62
C LEU A 73 0.08 -6.52 -3.15
N ALA A 74 -0.83 -7.07 -3.90
CA ALA A 74 -0.69 -7.02 -5.39
C ALA A 74 -0.54 -5.58 -5.84
N ALA A 75 -1.47 -4.73 -5.49
CA ALA A 75 -1.37 -3.30 -5.90
C ALA A 75 -0.15 -2.66 -5.25
N SER A 76 0.26 -3.14 -4.11
CA SER A 76 1.44 -2.54 -3.43
C SER A 76 2.61 -2.48 -4.40
N HIS A 77 2.91 -3.57 -5.03
CA HIS A 77 4.05 -3.59 -6.00
C HIS A 77 3.79 -2.56 -7.11
N GLY A 78 2.74 -2.73 -7.86
CA GLY A 78 2.42 -1.77 -8.97
C GLY A 78 2.09 -2.53 -10.25
N HIS A 79 2.30 -3.82 -10.27
CA HIS A 79 1.99 -4.61 -11.51
C HIS A 79 0.48 -4.61 -11.73
N ARG A 80 -0.01 -3.69 -12.51
CA ARG A 80 -1.48 -3.60 -12.78
C ARG A 80 -2.02 -4.93 -13.31
N ASP A 81 -1.27 -5.62 -14.13
CA ASP A 81 -1.79 -6.89 -14.71
C ASP A 81 -2.32 -7.83 -13.61
N ILE A 82 -1.50 -8.23 -12.68
CA ILE A 82 -2.02 -9.15 -11.64
C ILE A 82 -3.19 -8.49 -10.92
N VAL A 83 -3.11 -7.21 -10.69
CA VAL A 83 -4.23 -6.50 -9.99
C VAL A 83 -5.54 -6.64 -10.77
N GLN A 84 -5.55 -6.25 -12.02
CA GLN A 84 -6.80 -6.30 -12.82
C GLN A 84 -7.43 -7.71 -12.81
N LYS A 85 -6.67 -8.74 -13.05
CA LYS A 85 -7.27 -10.10 -13.07
C LYS A 85 -7.73 -10.50 -11.67
N LEU A 86 -7.12 -9.95 -10.66
CA LEU A 86 -7.50 -10.30 -9.26
C LEU A 86 -8.75 -9.50 -8.82
N LEU A 87 -8.82 -8.25 -9.17
CA LEU A 87 -9.99 -7.42 -8.76
C LEU A 87 -11.21 -7.77 -9.63
N GLN A 88 -11.02 -8.47 -10.71
CA GLN A 88 -12.17 -8.84 -11.59
C GLN A 88 -12.92 -10.02 -10.99
N TYR A 89 -12.53 -10.45 -9.83
CA TYR A 89 -13.23 -11.62 -9.19
C TYR A 89 -14.27 -11.12 -8.18
N LYS A 90 -13.92 -10.18 -7.35
CA LYS A 90 -14.89 -9.68 -6.32
C LYS A 90 -14.65 -8.21 -6.00
N ALA A 91 -13.81 -7.58 -6.75
CA ALA A 91 -13.54 -6.13 -6.53
C ALA A 91 -13.36 -5.85 -5.03
N ASP A 92 -12.40 -6.48 -4.40
CA ASP A 92 -12.16 -6.19 -2.95
C ASP A 92 -11.43 -4.85 -2.83
N ILE A 93 -11.65 -3.97 -3.77
CA ILE A 93 -11.04 -2.62 -3.71
C ILE A 93 -11.79 -1.81 -2.66
N ASN A 94 -13.07 -2.05 -2.54
CA ASN A 94 -13.87 -1.30 -1.54
C ASN A 94 -13.64 -1.92 -0.16
N ALA A 95 -12.99 -3.05 -0.10
CA ALA A 95 -12.73 -3.70 1.23
C ALA A 95 -11.30 -3.36 1.65
N VAL A 96 -11.16 -2.37 2.47
CA VAL A 96 -9.82 -1.95 2.95
C VAL A 96 -9.36 -2.87 4.09
N ASN A 97 -8.24 -2.58 4.68
CA ASN A 97 -7.78 -3.40 5.84
C ASN A 97 -8.45 -2.81 7.09
N GLU A 98 -7.70 -2.44 8.11
CA GLU A 98 -8.31 -1.86 9.35
C GLU A 98 -7.67 -0.50 9.64
N HIS A 99 -6.68 -0.13 8.85
CA HIS A 99 -5.99 1.19 9.06
C HIS A 99 -6.42 2.15 7.95
N GLY A 100 -7.15 1.67 6.98
CA GLY A 100 -7.57 2.55 5.85
C GLY A 100 -6.55 2.42 4.71
N ASN A 101 -6.10 1.22 4.44
CA ASN A 101 -5.09 1.02 3.36
C ASN A 101 -5.75 0.59 2.05
N VAL A 102 -6.32 1.52 1.33
CA VAL A 102 -6.99 1.17 0.04
C VAL A 102 -5.85 1.02 -1.00
N PRO A 103 -5.95 0.07 -1.92
CA PRO A 103 -4.89 -0.09 -2.92
C PRO A 103 -4.48 1.27 -3.50
N LEU A 104 -5.41 2.18 -3.63
CA LEU A 104 -5.06 3.52 -4.19
C LEU A 104 -4.02 4.21 -3.29
N HIS A 105 -4.27 4.30 -2.01
CA HIS A 105 -3.28 4.95 -1.11
C HIS A 105 -1.91 4.37 -1.39
N TYR A 106 -1.84 3.10 -1.63
CA TYR A 106 -0.52 2.45 -1.93
C TYR A 106 -0.10 2.80 -3.36
N ALA A 107 -0.95 2.54 -4.31
CA ALA A 107 -0.59 2.86 -5.73
C ALA A 107 -0.16 4.31 -5.83
N CYS A 108 -0.74 5.18 -5.05
CA CYS A 108 -0.36 6.62 -5.10
C CYS A 108 0.85 6.87 -4.21
N PHE A 109 0.94 6.20 -3.10
CA PHE A 109 2.10 6.40 -2.20
C PHE A 109 3.38 6.15 -2.99
N TRP A 110 3.29 5.40 -4.05
CA TRP A 110 4.50 5.12 -4.88
C TRP A 110 4.68 6.29 -5.86
N GLY A 111 3.67 6.62 -6.60
CA GLY A 111 3.77 7.77 -7.56
C GLY A 111 3.45 7.32 -8.99
N GLN A 112 2.35 6.62 -9.19
CA GLN A 112 1.97 6.16 -10.57
C GLN A 112 0.51 6.53 -10.82
N ASP A 113 0.29 7.64 -11.48
CA ASP A 113 -1.10 8.11 -11.73
C ASP A 113 -1.91 7.07 -12.54
N GLN A 114 -1.31 6.45 -13.51
CA GLN A 114 -2.08 5.46 -14.33
C GLN A 114 -2.86 4.49 -13.43
N VAL A 115 -2.17 3.73 -12.62
CA VAL A 115 -2.86 2.75 -11.72
C VAL A 115 -3.93 3.47 -10.89
N ALA A 116 -3.62 4.64 -10.43
CA ALA A 116 -4.59 5.39 -9.59
C ALA A 116 -5.87 5.64 -10.37
N GLU A 117 -5.75 5.95 -11.63
CA GLU A 117 -6.95 6.20 -12.47
C GLU A 117 -7.79 4.94 -12.53
N ASP A 118 -7.18 3.85 -12.88
CA ASP A 118 -7.92 2.56 -12.99
C ASP A 118 -8.75 2.28 -11.74
N LEU A 119 -8.24 2.61 -10.58
CA LEU A 119 -9.03 2.34 -9.33
C LEU A 119 -10.25 3.28 -9.26
N VAL A 120 -10.05 4.57 -9.29
CA VAL A 120 -11.21 5.50 -9.23
C VAL A 120 -12.10 5.27 -10.44
N ALA A 121 -11.64 4.49 -11.38
CA ALA A 121 -12.43 4.22 -12.61
C ALA A 121 -13.74 3.52 -12.25
N ASN A 122 -13.87 3.00 -11.05
CA ASN A 122 -15.14 2.33 -10.65
C ASN A 122 -15.93 3.29 -9.76
N GLY A 123 -15.24 3.93 -8.86
CA GLY A 123 -15.90 4.90 -7.93
C GLY A 123 -15.21 4.86 -6.55
N ALA A 124 -14.09 4.18 -6.45
CA ALA A 124 -13.38 4.12 -5.14
C ALA A 124 -13.29 5.51 -4.54
N LEU A 125 -13.52 6.51 -5.34
CA LEU A 125 -13.45 7.91 -4.84
C LEU A 125 -12.02 8.20 -4.37
N VAL A 126 -11.39 9.18 -4.95
CA VAL A 126 -10.00 9.52 -4.52
C VAL A 126 -10.09 10.38 -3.26
N SER A 127 -11.24 10.92 -2.98
CA SER A 127 -11.41 11.78 -1.77
C SER A 127 -11.94 10.95 -0.60
N ILE A 128 -11.54 9.71 -0.50
CA ILE A 128 -12.05 8.87 0.63
C ILE A 128 -11.75 9.58 1.97
N CYS A 129 -10.48 9.83 2.23
CA CYS A 129 -10.08 10.51 3.50
C CYS A 129 -9.99 9.45 4.59
N ASN A 130 -8.86 8.81 4.71
CA ASN A 130 -8.75 7.71 5.71
C ASN A 130 -8.90 8.22 7.15
N LYS A 131 -8.30 7.51 8.05
CA LYS A 131 -8.40 7.84 9.51
C LYS A 131 -7.79 9.20 9.82
N TYR A 132 -6.93 9.70 8.98
CA TYR A 132 -6.32 11.05 9.21
C TYR A 132 -6.43 11.84 7.92
N GLY A 133 -7.20 11.32 7.02
CA GLY A 133 -7.40 12.00 5.71
C GLY A 133 -6.25 11.66 4.78
N GLU A 134 -5.43 10.71 5.14
CA GLU A 134 -4.30 10.38 4.23
C GLU A 134 -4.83 10.05 2.85
N MET A 135 -4.96 11.03 1.97
CA MET A 135 -5.51 10.76 0.61
C MET A 135 -4.36 10.87 -0.42
N PRO A 136 -4.58 10.37 -1.62
CA PRO A 136 -3.57 10.47 -2.68
C PRO A 136 -3.26 11.96 -2.91
N VAL A 137 -4.27 12.78 -2.86
CA VAL A 137 -4.06 14.24 -3.07
C VAL A 137 -2.93 14.73 -2.15
N ASP A 138 -2.84 14.19 -0.98
CA ASP A 138 -1.77 14.62 -0.03
C ASP A 138 -0.49 13.89 -0.43
N LYS A 139 -0.58 12.61 -0.64
CA LYS A 139 0.63 11.84 -1.06
C LYS A 139 1.08 12.38 -2.42
N ALA A 140 0.20 13.08 -3.10
CA ALA A 140 0.55 13.64 -4.44
C ALA A 140 1.05 15.07 -4.27
N LYS A 141 0.69 15.68 -3.17
CA LYS A 141 1.13 17.08 -2.91
C LYS A 141 2.47 17.06 -2.17
N ALA A 142 2.94 15.93 -1.72
CA ALA A 142 4.25 15.91 -1.01
C ALA A 142 5.40 16.12 -2.01
N PRO A 143 5.48 15.29 -3.05
CA PRO A 143 6.55 15.46 -4.04
C PRO A 143 6.42 16.85 -4.67
N LEU A 144 5.18 17.31 -4.79
CA LEU A 144 4.86 18.64 -5.38
C LEU A 144 4.39 18.44 -6.82
N ARG A 145 3.75 17.35 -7.10
CA ARG A 145 3.26 17.10 -8.48
C ARG A 145 2.13 18.09 -8.77
N GLU A 146 1.13 18.08 -7.92
CA GLU A 146 -0.03 19.00 -8.07
C GLU A 146 -0.57 19.01 -9.52
N LEU A 147 0.01 18.24 -10.41
CA LEU A 147 -0.49 18.23 -11.81
C LEU A 147 -1.74 17.36 -11.86
N LEU A 148 -1.68 16.20 -11.27
CA LEU A 148 -2.88 15.33 -11.27
C LEU A 148 -3.88 15.93 -10.29
N ARG A 149 -3.46 16.83 -9.45
CA ARG A 149 -4.44 17.43 -8.49
C ARG A 149 -5.38 18.33 -9.29
N GLU A 150 -4.85 19.13 -10.17
CA GLU A 150 -5.74 20.00 -10.99
C GLU A 150 -6.68 19.09 -11.77
N ARG A 151 -6.13 18.10 -12.40
CA ARG A 151 -6.97 17.16 -13.20
C ARG A 151 -7.94 16.42 -12.27
N ALA A 152 -7.56 16.20 -11.05
CA ALA A 152 -8.47 15.50 -10.10
C ALA A 152 -9.49 16.49 -9.54
N GLU A 153 -9.02 17.63 -9.10
CA GLU A 153 -9.96 18.63 -8.52
C GLU A 153 -10.82 19.23 -9.63
N LYS A 154 -10.42 19.04 -10.86
CA LYS A 154 -11.20 19.60 -12.01
C LYS A 154 -12.38 18.67 -12.28
N MET A 155 -12.38 17.54 -11.66
CA MET A 155 -13.49 16.56 -11.86
C MET A 155 -14.76 17.16 -11.27
N GLY A 156 -14.62 18.03 -10.32
CA GLY A 156 -15.81 18.68 -9.67
C GLY A 156 -15.62 18.69 -8.16
N GLN A 157 -14.53 18.18 -7.68
CA GLN A 157 -14.29 18.17 -6.21
C GLN A 157 -14.02 19.59 -5.73
N ASN A 158 -13.55 20.45 -6.61
CA ASN A 158 -13.27 21.87 -6.21
C ASN A 158 -14.05 22.81 -7.14
N LEU A 159 -14.17 22.45 -8.39
CA LEU A 159 -14.93 23.31 -9.33
C LEU A 159 -16.41 22.92 -9.27
N ASN A 160 -17.07 23.26 -8.21
CA ASN A 160 -18.51 22.90 -8.05
C ASN A 160 -19.37 24.13 -8.32
N ARG A 161 -20.11 24.14 -9.41
CA ARG A 161 -20.99 25.30 -9.71
C ARG A 161 -21.84 25.58 -8.46
N ILE A 162 -22.34 26.76 -8.30
CA ILE A 162 -23.16 27.06 -7.08
C ILE A 162 -24.36 26.06 -7.04
N PRO A 163 -24.39 25.14 -6.08
CA PRO A 163 -25.50 24.18 -6.00
C PRO A 163 -26.80 24.91 -5.65
N TYR A 164 -27.91 24.44 -6.14
CA TYR A 164 -29.21 25.11 -5.82
C TYR A 164 -29.73 24.56 -4.50
N LYS A 165 -31.01 24.64 -4.25
CA LYS A 165 -31.58 24.13 -2.96
C LYS A 165 -30.70 24.58 -1.79
N ASP A 166 -29.96 25.64 -1.99
CA ASP A 166 -29.07 26.15 -0.92
C ASP A 166 -29.88 26.34 0.37
N THR A 167 -30.68 27.38 0.46
CA THR A 167 -31.47 27.58 1.70
C THR A 167 -32.66 28.49 1.44
N PHE A 168 -33.24 28.39 0.28
CA PHE A 168 -34.42 29.23 -0.03
C PHE A 168 -35.33 28.44 -0.92
N TRP A 169 -34.89 28.30 -2.12
CA TRP A 169 -35.60 27.47 -3.14
C TRP A 169 -36.98 26.97 -2.67
N LYS A 170 -36.97 26.03 -1.78
CA LYS A 170 -38.24 25.46 -1.25
C LYS A 170 -38.20 25.44 0.28
N GLY A 171 -37.07 25.79 0.84
CA GLY A 171 -36.95 25.79 2.33
C GLY A 171 -35.53 26.19 2.73
N MET B 1 13.11 32.66 -9.03
CA MET B 1 14.60 32.66 -9.04
C MET B 1 15.11 31.45 -8.23
N ALA B 2 15.99 30.68 -8.80
CA ALA B 2 16.52 29.50 -8.07
C ALA B 2 17.16 29.95 -6.76
N ASN B 3 16.93 29.23 -5.69
CA ASN B 3 17.52 29.63 -4.38
C ASN B 3 17.31 28.51 -3.36
N ALA B 4 18.33 28.14 -2.64
CA ALA B 4 18.17 27.05 -1.63
C ALA B 4 19.35 27.10 -0.66
N LEU B 5 19.13 27.58 0.54
CA LEU B 5 20.23 27.65 1.55
C LEU B 5 20.20 26.39 2.43
N ALA B 6 20.18 25.23 1.83
CA ALA B 6 20.13 23.97 2.64
C ALA B 6 20.96 22.88 1.95
N SER B 7 20.79 21.66 2.35
CA SER B 7 21.58 20.55 1.72
C SER B 7 20.78 19.24 1.81
N ALA B 8 21.20 18.34 2.66
CA ALA B 8 20.48 17.05 2.80
C ALA B 8 18.99 17.33 2.90
N THR B 9 18.18 16.43 2.38
CA THR B 9 16.69 16.65 2.36
C THR B 9 15.94 15.43 2.89
N CYS B 10 14.74 15.63 3.38
CA CYS B 10 13.96 14.49 3.90
C CYS B 10 13.93 13.38 2.90
N GLU B 11 14.10 12.21 3.38
CA GLU B 11 14.04 11.05 2.46
C GLU B 11 12.59 10.78 2.09
N ARG B 12 11.67 11.61 2.55
CA ARG B 12 10.22 11.37 2.22
C ARG B 12 9.49 12.69 1.89
N CYS B 13 9.74 13.75 2.62
CA CYS B 13 9.05 15.04 2.31
C CYS B 13 9.96 15.88 1.43
N LYS B 14 11.18 15.43 1.30
CA LYS B 14 12.17 16.14 0.46
C LYS B 14 12.57 17.46 1.07
N GLY B 15 12.16 17.73 2.28
CA GLY B 15 12.53 18.96 2.95
C GLY B 15 14.02 18.96 2.99
N GLY B 16 14.53 20.03 3.37
CA GLY B 16 15.98 20.30 3.39
C GLY B 16 16.45 20.75 4.76
N PHE B 17 17.08 19.86 5.44
CA PHE B 17 17.68 20.15 6.76
C PHE B 17 19.23 20.12 6.57
N ALA B 18 19.79 21.13 7.04
CA ALA B 18 21.30 21.37 7.07
C ALA B 18 21.39 21.28 8.51
N PRO B 19 21.76 20.20 9.04
CA PRO B 19 21.43 20.13 10.37
C PRO B 19 21.99 20.23 11.75
N ALA B 20 21.08 19.80 12.44
CA ALA B 20 20.95 19.82 13.87
C ALA B 20 19.62 20.57 13.98
N GLU B 21 18.90 20.67 12.83
CA GLU B 21 17.59 21.35 12.88
C GLU B 21 16.68 20.25 13.26
N LYS B 22 16.05 19.64 12.30
CA LYS B 22 15.28 18.44 12.63
C LYS B 22 15.38 17.53 11.43
N ILE B 23 16.30 16.72 11.59
CA ILE B 23 16.70 15.64 10.69
C ILE B 23 16.90 14.36 11.52
N VAL B 24 16.50 13.24 11.03
CA VAL B 24 16.71 11.98 11.79
C VAL B 24 17.24 10.93 10.81
N ASN B 25 18.35 10.36 11.15
CA ASN B 25 18.99 9.32 10.28
C ASN B 25 18.64 7.93 10.83
N SER B 26 17.98 7.13 10.04
CA SER B 26 17.64 5.77 10.47
C SER B 26 17.86 4.86 9.28
N ASN B 27 18.96 4.18 9.30
CA ASN B 27 19.35 3.20 8.24
C ASN B 27 20.48 3.77 7.39
N GLY B 28 20.49 5.06 7.19
CA GLY B 28 21.56 5.68 6.35
C GLY B 28 20.93 6.80 5.52
N GLU B 29 19.63 6.93 5.59
CA GLU B 29 18.92 8.00 4.84
C GLU B 29 18.32 8.92 5.90
N LEU B 30 18.07 10.15 5.58
CA LEU B 30 17.57 11.12 6.57
C LEU B 30 16.05 11.29 6.45
N TYR B 31 15.38 11.34 7.57
CA TYR B 31 13.90 11.50 7.58
C TYR B 31 13.51 12.44 8.71
N HIS B 32 12.60 13.33 8.44
CA HIS B 32 12.14 14.22 9.49
C HIS B 32 11.43 13.33 10.46
N GLU B 33 11.42 13.61 11.72
CA GLU B 33 10.57 12.76 12.58
C GLU B 33 9.14 12.90 11.98
N GLN B 34 9.01 13.75 10.97
CA GLN B 34 7.72 13.95 10.24
C GLN B 34 7.65 12.92 9.15
N CYS B 35 8.79 12.38 8.84
CA CYS B 35 8.93 11.43 7.76
C CYS B 35 8.99 10.07 8.43
N PHE B 36 8.96 10.14 9.73
CA PHE B 36 8.86 8.90 10.54
C PHE B 36 7.38 8.61 10.54
N VAL B 37 6.98 7.94 9.52
CA VAL B 37 5.54 7.57 9.35
C VAL B 37 5.40 6.16 8.78
N CYS B 38 4.42 5.46 9.29
CA CYS B 38 4.13 4.06 8.88
C CYS B 38 3.53 3.98 7.49
N ALA B 39 3.88 3.01 6.70
CA ALA B 39 3.24 2.85 5.34
C ALA B 39 1.70 2.65 5.48
N GLN B 40 1.27 2.04 6.54
CA GLN B 40 -0.20 1.79 6.80
C GLN B 40 -0.71 2.84 7.78
N CYS B 41 0.15 3.05 8.69
CA CYS B 41 0.02 3.92 9.85
C CYS B 41 0.68 5.28 9.48
N PHE B 42 1.10 5.48 8.18
CA PHE B 42 1.94 6.67 7.64
C PHE B 42 1.44 7.92 8.13
N GLN B 43 0.89 7.74 9.20
CA GLN B 43 0.63 8.91 10.00
C GLN B 43 1.84 8.75 10.88
N GLN B 44 2.36 9.78 11.31
CA GLN B 44 3.60 9.67 12.10
C GLN B 44 3.35 8.86 13.36
N PHE B 45 4.32 8.08 13.71
CA PHE B 45 4.25 7.23 14.93
C PHE B 45 4.52 8.09 16.21
N PRO B 46 3.61 8.11 17.17
CA PRO B 46 3.81 8.87 18.43
C PRO B 46 5.04 8.40 19.25
N GLU B 47 5.76 9.37 19.71
CA GLU B 47 7.01 9.23 20.51
C GLU B 47 8.12 8.67 19.66
N GLY B 48 7.80 8.56 18.44
CA GLY B 48 8.80 8.27 17.40
C GLY B 48 9.42 6.84 17.39
N LEU B 49 9.00 5.86 18.17
CA LEU B 49 9.69 4.51 18.05
C LEU B 49 8.94 3.71 17.00
N PHE B 50 9.65 3.37 15.99
CA PHE B 50 9.05 2.63 14.85
C PHE B 50 10.00 1.48 14.35
N TYR B 51 9.51 0.48 13.60
CA TYR B 51 10.41 -0.58 13.03
C TYR B 51 10.00 -0.88 11.57
N GLU B 52 10.92 -0.82 10.68
CA GLU B 52 10.65 -1.12 9.22
C GLU B 52 10.95 -2.58 8.83
N PHE B 53 10.08 -3.18 8.02
CA PHE B 53 10.33 -4.57 7.53
C PHE B 53 9.88 -4.78 6.06
N GLU B 54 10.73 -5.46 5.35
CA GLU B 54 10.50 -5.88 3.94
C GLU B 54 9.96 -4.83 2.94
N GLY B 55 10.62 -3.72 2.79
CA GLY B 55 10.17 -2.75 1.74
C GLY B 55 9.08 -1.84 2.26
N ARG B 56 8.44 -2.24 3.30
CA ARG B 56 7.35 -1.42 3.88
C ARG B 56 7.87 -0.94 5.20
N LYS B 57 7.41 0.17 5.65
CA LYS B 57 7.89 0.69 6.95
C LYS B 57 6.70 0.66 7.93
N TYR B 58 6.88 0.10 9.13
CA TYR B 58 5.74 -0.01 10.11
C TYR B 58 6.13 0.45 11.52
N CYS B 59 5.20 0.96 12.26
CA CYS B 59 5.49 1.29 13.67
C CYS B 59 5.64 -0.08 14.31
N GLU B 60 6.14 -0.18 15.48
CA GLU B 60 6.31 -1.52 16.06
C GLU B 60 4.98 -2.22 16.04
N HIS B 61 3.98 -1.48 16.27
CA HIS B 61 2.66 -2.06 16.35
C HIS B 61 2.34 -2.82 15.08
N ASP B 62 2.47 -2.22 13.96
CA ASP B 62 2.12 -3.00 12.72
C ASP B 62 3.20 -3.99 12.42
N PHE B 63 4.37 -3.66 12.81
CA PHE B 63 5.45 -4.61 12.60
C PHE B 63 5.16 -5.78 13.51
N GLN B 64 4.84 -5.47 14.73
CA GLN B 64 4.55 -6.53 15.74
C GLN B 64 3.28 -7.23 15.38
N MET B 65 2.50 -6.70 14.52
CA MET B 65 1.34 -7.48 14.10
C MET B 65 1.91 -8.70 13.35
N LEU B 66 2.70 -8.41 12.34
CA LEU B 66 3.35 -9.51 11.54
C LEU B 66 4.57 -10.07 12.28
N PHE B 67 5.02 -9.39 13.30
CA PHE B 67 6.22 -9.86 14.08
C PHE B 67 5.74 -10.29 15.47
N ALA B 68 4.51 -10.01 15.75
CA ALA B 68 3.90 -10.43 17.05
C ALA B 68 2.39 -10.61 16.90
N PRO B 69 1.99 -11.57 16.09
CA PRO B 69 0.55 -11.83 15.86
C PRO B 69 -0.09 -12.34 17.16
N CYS B 70 0.68 -13.00 17.99
CA CYS B 70 0.11 -13.52 19.27
C CYS B 70 -0.21 -12.34 20.20
ZN ZN C . 10.77 15.34 5.60
ZN ZN D . 1.64 2.02 12.16
N MET A 1 16.05 -22.06 5.59
CA MET A 1 15.43 -22.01 6.94
C MET A 1 13.96 -22.38 6.85
N ASP A 2 13.51 -22.78 5.68
CA ASP A 2 12.08 -23.16 5.52
C ASP A 2 11.93 -24.12 4.34
N ASP A 3 12.68 -25.19 4.35
CA ASP A 3 12.60 -26.20 3.24
C ASP A 3 12.43 -25.52 1.88
N ILE A 4 11.41 -25.91 1.16
CA ILE A 4 11.16 -25.32 -0.17
C ILE A 4 10.92 -23.82 -0.04
N PHE A 5 9.89 -23.47 0.68
CA PHE A 5 9.52 -22.04 0.88
C PHE A 5 10.78 -21.15 0.87
N THR A 6 11.84 -21.60 1.51
CA THR A 6 13.11 -20.81 1.55
C THR A 6 13.84 -20.88 0.20
N GLN A 7 14.23 -22.03 -0.20
CA GLN A 7 14.96 -22.15 -1.50
C GLN A 7 14.01 -21.86 -2.67
N CYS A 8 12.75 -21.59 -2.40
CA CYS A 8 11.78 -21.33 -3.51
C CYS A 8 11.73 -19.83 -3.87
N ARG A 9 11.62 -18.95 -2.90
CA ARG A 9 11.54 -17.51 -3.30
C ARG A 9 12.88 -17.08 -3.92
N GLU A 10 13.78 -18.01 -4.04
CA GLU A 10 15.12 -17.68 -4.64
C GLU A 10 14.93 -17.22 -6.08
N GLY A 11 13.71 -17.21 -6.53
CA GLY A 11 13.42 -16.76 -7.92
C GLY A 11 13.41 -17.97 -8.84
N ASN A 12 13.62 -19.13 -8.28
CA ASN A 12 13.58 -20.36 -9.10
C ASN A 12 12.12 -20.67 -9.34
N ALA A 13 11.45 -19.78 -9.99
CA ALA A 13 9.99 -19.97 -10.30
C ALA A 13 9.71 -21.42 -10.71
N VAL A 14 10.73 -22.15 -11.05
CA VAL A 14 10.50 -23.56 -11.42
C VAL A 14 10.27 -24.36 -10.13
N ALA A 15 10.78 -23.87 -9.03
CA ALA A 15 10.62 -24.58 -7.74
C ALA A 15 9.23 -24.29 -7.21
N VAL A 16 8.77 -23.09 -7.29
CA VAL A 16 7.44 -22.81 -6.76
C VAL A 16 6.43 -23.70 -7.51
N ARG A 17 6.63 -23.89 -8.79
CA ARG A 17 5.69 -24.77 -9.55
C ARG A 17 5.86 -26.21 -9.07
N LEU A 18 7.09 -26.60 -8.84
CA LEU A 18 7.37 -27.99 -8.37
C LEU A 18 6.45 -28.36 -7.20
N TRP A 19 6.46 -27.57 -6.14
CA TRP A 19 5.60 -27.92 -4.96
C TRP A 19 4.16 -27.38 -5.14
N LEU A 20 4.00 -26.26 -5.77
CA LEU A 20 2.62 -25.71 -5.93
C LEU A 20 1.74 -26.71 -6.70
N ASP A 21 2.33 -27.50 -7.56
CA ASP A 21 1.53 -28.50 -8.34
C ASP A 21 1.65 -29.88 -7.67
N ASN A 22 2.25 -29.93 -6.51
CA ASN A 22 2.42 -31.22 -5.81
C ASN A 22 1.11 -32.01 -5.81
N THR A 23 1.16 -33.26 -6.17
CA THR A 23 -0.07 -34.08 -6.20
C THR A 23 -0.44 -34.50 -4.77
N GLU A 24 0.30 -34.01 -3.79
CA GLU A 24 -0.01 -34.37 -2.36
C GLU A 24 -0.74 -33.21 -1.70
N ASN A 25 -0.42 -32.00 -2.08
CA ASN A 25 -1.10 -30.82 -1.49
C ASN A 25 -1.00 -30.84 0.04
N ASP A 26 0.19 -30.62 0.54
CA ASP A 26 0.41 -30.58 2.02
C ASP A 26 1.29 -29.39 2.31
N LEU A 27 2.37 -29.30 1.59
CA LEU A 27 3.31 -28.15 1.76
C LEU A 27 2.52 -26.85 1.69
N ASN A 28 1.26 -26.93 1.33
CA ASN A 28 0.43 -25.71 1.26
C ASN A 28 0.11 -25.25 2.69
N GLN A 29 1.04 -25.47 3.59
CA GLN A 29 0.83 -25.03 5.00
C GLN A 29 1.00 -23.52 5.05
N GLY A 30 0.78 -22.94 6.19
CA GLY A 30 0.91 -21.46 6.33
C GLY A 30 1.76 -21.13 7.55
N ASP A 31 1.24 -20.33 8.45
CA ASP A 31 2.01 -19.97 9.70
C ASP A 31 1.09 -20.12 10.92
N ASP A 32 1.60 -19.85 12.09
CA ASP A 32 0.77 -19.97 13.32
C ASP A 32 -0.20 -18.78 13.39
N HIS A 33 0.09 -17.72 12.69
CA HIS A 33 -0.81 -16.53 12.72
C HIS A 33 -1.92 -16.72 11.68
N GLY A 34 -1.90 -17.82 10.98
CA GLY A 34 -2.95 -18.08 9.95
C GLY A 34 -2.57 -17.43 8.63
N PHE A 35 -1.28 -17.29 8.38
CA PHE A 35 -0.85 -16.66 7.09
C PHE A 35 -0.78 -17.77 6.06
N SER A 36 -1.41 -17.61 4.92
CA SER A 36 -1.41 -18.70 3.89
C SER A 36 -0.25 -18.49 2.89
N PRO A 37 0.00 -19.48 2.06
CA PRO A 37 1.06 -19.34 1.05
C PRO A 37 0.68 -18.17 0.13
N LEU A 38 -0.58 -18.08 -0.21
CA LEU A 38 -1.05 -16.96 -1.09
C LEU A 38 -0.62 -15.64 -0.48
N HIS A 39 -0.67 -15.55 0.81
CA HIS A 39 -0.26 -14.29 1.49
C HIS A 39 1.21 -14.04 1.19
N TRP A 40 2.05 -14.94 1.58
CA TRP A 40 3.50 -14.77 1.31
C TRP A 40 3.70 -14.46 -0.17
N ALA A 41 3.06 -15.22 -1.00
CA ALA A 41 3.20 -15.01 -2.48
C ALA A 41 2.98 -13.54 -2.83
N CYS A 42 1.83 -13.01 -2.54
CA CYS A 42 1.56 -11.59 -2.87
C CYS A 42 2.72 -10.71 -2.38
N ARG A 43 3.20 -10.94 -1.19
CA ARG A 43 4.34 -10.13 -0.68
C ARG A 43 5.56 -10.34 -1.57
N GLU A 44 5.92 -11.56 -1.83
CA GLU A 44 7.10 -11.84 -2.69
C GLU A 44 6.97 -11.07 -4.02
N GLY A 45 5.96 -11.35 -4.80
CA GLY A 45 5.77 -10.63 -6.10
C GLY A 45 5.65 -11.63 -7.27
N ARG A 46 5.74 -12.90 -6.99
CA ARG A 46 5.65 -13.92 -8.08
C ARG A 46 4.20 -13.98 -8.59
N SER A 47 3.87 -13.16 -9.54
CA SER A 47 2.47 -13.11 -10.08
C SER A 47 1.95 -14.51 -10.42
N ALA A 48 2.67 -15.26 -11.21
CA ALA A 48 2.19 -16.63 -11.57
C ALA A 48 1.75 -17.35 -10.29
N VAL A 49 2.68 -17.62 -9.42
CA VAL A 49 2.37 -18.34 -8.15
C VAL A 49 1.00 -17.88 -7.60
N VAL A 50 0.78 -16.60 -7.48
CA VAL A 50 -0.52 -16.09 -6.95
C VAL A 50 -1.68 -16.67 -7.77
N GLU A 51 -1.70 -16.40 -9.03
CA GLU A 51 -2.79 -16.90 -9.91
C GLU A 51 -2.88 -18.42 -9.83
N MET A 52 -1.79 -19.08 -10.02
CA MET A 52 -1.78 -20.56 -10.00
C MET A 52 -2.35 -21.09 -8.69
N LEU A 53 -2.13 -20.39 -7.61
CA LEU A 53 -2.67 -20.86 -6.31
C LEU A 53 -4.14 -20.46 -6.18
N ILE A 54 -4.48 -19.27 -6.59
CA ILE A 54 -5.91 -18.81 -6.50
C ILE A 54 -6.83 -19.93 -6.98
N MET A 55 -6.50 -20.54 -8.08
CA MET A 55 -7.37 -21.62 -8.63
C MET A 55 -7.06 -22.95 -7.95
N ARG A 56 -5.88 -23.12 -7.43
CA ARG A 56 -5.54 -24.42 -6.78
C ARG A 56 -6.61 -24.76 -5.75
N GLY A 57 -7.06 -23.78 -5.03
CA GLY A 57 -8.12 -24.03 -4.02
C GLY A 57 -7.94 -23.09 -2.84
N ALA A 58 -7.45 -21.91 -3.09
CA ALA A 58 -7.27 -20.91 -1.98
C ALA A 58 -8.34 -19.84 -2.12
N ARG A 59 -9.00 -19.51 -1.05
CA ARG A 59 -10.06 -18.47 -1.13
C ARG A 59 -9.42 -17.09 -1.15
N ILE A 60 -10.05 -16.14 -1.78
CA ILE A 60 -9.48 -14.76 -1.86
C ILE A 60 -9.86 -13.98 -0.60
N ASN A 61 -10.61 -14.57 0.29
CA ASN A 61 -11.01 -13.83 1.53
C ASN A 61 -9.87 -13.89 2.56
N VAL A 62 -8.87 -14.68 2.30
CA VAL A 62 -7.74 -14.80 3.26
C VAL A 62 -7.24 -13.40 3.66
N MET A 63 -6.93 -13.23 4.92
CA MET A 63 -6.43 -11.91 5.40
C MET A 63 -5.45 -12.15 6.55
N ASN A 64 -4.56 -11.24 6.79
CA ASN A 64 -3.57 -11.45 7.89
C ASN A 64 -4.19 -11.02 9.21
N ARG A 65 -3.63 -11.44 10.31
CA ARG A 65 -4.18 -11.05 11.63
C ARG A 65 -4.25 -9.52 11.69
N GLY A 66 -3.36 -8.86 10.98
CA GLY A 66 -3.35 -7.36 11.00
C GLY A 66 -4.24 -6.81 9.89
N ASP A 67 -5.36 -7.43 9.63
CA ASP A 67 -6.27 -6.92 8.57
C ASP A 67 -5.48 -6.56 7.32
N ASP A 68 -5.34 -7.50 6.45
CA ASP A 68 -4.60 -7.25 5.18
C ASP A 68 -5.07 -8.23 4.12
N THR A 69 -5.85 -7.78 3.17
CA THR A 69 -6.34 -8.69 2.11
C THR A 69 -5.31 -8.69 0.97
N PRO A 70 -5.28 -9.73 0.18
CA PRO A 70 -4.32 -9.82 -0.93
C PRO A 70 -4.35 -8.54 -1.78
N LEU A 71 -5.50 -7.98 -2.04
CA LEU A 71 -5.53 -6.75 -2.88
C LEU A 71 -4.57 -5.73 -2.29
N HIS A 72 -4.75 -5.42 -1.04
CA HIS A 72 -3.83 -4.46 -0.39
C HIS A 72 -2.39 -4.90 -0.67
N LEU A 73 -1.99 -6.00 -0.11
CA LEU A 73 -0.59 -6.48 -0.33
C LEU A 73 -0.26 -6.54 -1.83
N ALA A 74 -1.09 -7.19 -2.60
CA ALA A 74 -0.82 -7.28 -4.06
C ALA A 74 -0.64 -5.87 -4.62
N ALA A 75 -1.61 -5.02 -4.46
CA ALA A 75 -1.49 -3.65 -4.98
C ALA A 75 -0.35 -2.92 -4.26
N SER A 76 -0.12 -3.23 -3.00
CA SER A 76 0.97 -2.55 -2.24
C SER A 76 2.22 -2.47 -3.10
N HIS A 77 2.63 -3.55 -3.67
CA HIS A 77 3.84 -3.53 -4.53
C HIS A 77 3.62 -2.55 -5.69
N GLY A 78 2.63 -2.81 -6.50
CA GLY A 78 2.33 -1.90 -7.67
C GLY A 78 2.24 -2.72 -8.96
N HIS A 79 2.05 -4.02 -8.84
CA HIS A 79 1.95 -4.86 -10.07
C HIS A 79 0.54 -4.75 -10.65
N ARG A 80 0.30 -3.78 -11.48
CA ARG A 80 -1.05 -3.59 -12.08
C ARG A 80 -1.65 -4.94 -12.51
N ASP A 81 -0.86 -5.80 -13.09
CA ASP A 81 -1.40 -7.11 -13.55
C ASP A 81 -2.10 -7.83 -12.39
N ILE A 82 -1.40 -8.06 -11.31
CA ILE A 82 -2.05 -8.76 -10.17
C ILE A 82 -3.29 -7.97 -9.72
N VAL A 83 -3.19 -6.68 -9.72
CA VAL A 83 -4.33 -5.83 -9.28
C VAL A 83 -5.56 -6.03 -10.18
N GLN A 84 -5.37 -6.41 -11.42
CA GLN A 84 -6.55 -6.60 -12.33
C GLN A 84 -7.19 -7.97 -12.11
N LYS A 85 -6.41 -9.02 -12.05
CA LYS A 85 -7.02 -10.37 -11.86
C LYS A 85 -7.66 -10.43 -10.47
N LEU A 86 -7.28 -9.56 -9.56
CA LEU A 86 -7.92 -9.59 -8.21
C LEU A 86 -9.17 -8.70 -8.26
N LEU A 87 -9.12 -7.65 -9.03
CA LEU A 87 -10.30 -6.75 -9.14
C LEU A 87 -11.48 -7.53 -9.75
N GLN A 88 -11.20 -8.58 -10.48
CA GLN A 88 -12.31 -9.37 -11.11
C GLN A 88 -12.66 -10.58 -10.26
N TYR A 89 -11.75 -11.01 -9.43
CA TYR A 89 -12.02 -12.23 -8.59
C TYR A 89 -12.74 -11.84 -7.28
N LYS A 90 -12.28 -10.82 -6.60
CA LYS A 90 -12.91 -10.43 -5.30
C LYS A 90 -13.40 -8.98 -5.35
N ALA A 91 -12.83 -8.16 -6.20
CA ALA A 91 -13.28 -6.74 -6.29
C ALA A 91 -13.47 -6.14 -4.88
N ASP A 92 -12.46 -6.19 -4.06
CA ASP A 92 -12.58 -5.61 -2.68
C ASP A 92 -12.10 -4.16 -2.74
N ILE A 93 -12.25 -3.55 -3.88
CA ILE A 93 -11.86 -2.12 -4.05
C ILE A 93 -12.85 -1.29 -3.26
N ASN A 94 -14.10 -1.63 -3.35
CA ASN A 94 -15.14 -0.88 -2.58
C ASN A 94 -15.12 -1.37 -1.14
N ALA A 95 -14.33 -2.39 -0.85
CA ALA A 95 -14.25 -2.94 0.53
C ALA A 95 -12.82 -2.76 1.05
N VAL A 96 -12.64 -1.82 1.92
CA VAL A 96 -11.29 -1.56 2.50
C VAL A 96 -11.06 -2.55 3.65
N ASN A 97 -10.04 -2.36 4.44
CA ASN A 97 -9.82 -3.25 5.62
C ASN A 97 -10.39 -2.53 6.86
N GLU A 98 -9.60 -2.21 7.86
CA GLU A 98 -10.14 -1.51 9.08
C GLU A 98 -9.35 -0.22 9.35
N HIS A 99 -8.39 0.08 8.53
CA HIS A 99 -7.58 1.33 8.73
C HIS A 99 -8.00 2.34 7.65
N GLY A 100 -8.74 1.88 6.67
CA GLY A 100 -9.16 2.79 5.57
C GLY A 100 -8.08 2.76 4.49
N ASN A 101 -7.41 1.66 4.36
CA ASN A 101 -6.32 1.55 3.35
C ASN A 101 -6.91 1.18 1.98
N VAL A 102 -7.30 2.17 1.22
CA VAL A 102 -7.86 1.89 -0.15
C VAL A 102 -6.66 1.75 -1.12
N PRO A 103 -6.79 0.93 -2.14
CA PRO A 103 -5.71 0.73 -3.10
C PRO A 103 -5.12 2.07 -3.57
N LEU A 104 -5.95 3.06 -3.79
CA LEU A 104 -5.43 4.37 -4.28
C LEU A 104 -4.67 5.12 -3.18
N HIS A 105 -5.01 4.92 -1.93
CA HIS A 105 -4.31 5.63 -0.84
C HIS A 105 -2.83 5.29 -0.89
N TYR A 106 -2.51 4.03 -0.96
CA TYR A 106 -1.05 3.66 -1.01
C TYR A 106 -0.48 4.04 -2.38
N ALA A 107 -1.25 3.82 -3.42
CA ALA A 107 -0.77 4.14 -4.79
C ALA A 107 -0.21 5.55 -4.86
N CYS A 108 -0.89 6.50 -4.29
CA CYS A 108 -0.40 7.90 -4.34
C CYS A 108 0.69 8.12 -3.28
N PHE A 109 0.62 7.40 -2.19
CA PHE A 109 1.66 7.55 -1.13
C PHE A 109 3.04 7.26 -1.71
N TRP A 110 3.12 6.44 -2.73
CA TRP A 110 4.44 6.10 -3.35
C TRP A 110 4.62 6.93 -4.63
N GLY A 111 3.75 6.75 -5.59
CA GLY A 111 3.87 7.53 -6.87
C GLY A 111 3.49 6.62 -8.03
N GLN A 112 2.25 6.21 -8.07
CA GLN A 112 1.77 5.33 -9.17
C GLN A 112 0.71 6.10 -9.96
N ASP A 113 0.87 6.13 -11.25
CA ASP A 113 -0.09 6.88 -12.13
C ASP A 113 -1.01 5.91 -12.88
N GLN A 114 -0.47 5.09 -13.73
CA GLN A 114 -1.29 4.14 -14.51
C GLN A 114 -2.23 3.37 -13.56
N VAL A 115 -1.69 2.78 -12.53
CA VAL A 115 -2.57 2.01 -11.60
C VAL A 115 -3.61 2.92 -10.97
N ALA A 116 -3.20 4.08 -10.55
CA ALA A 116 -4.14 5.02 -9.89
C ALA A 116 -5.27 5.38 -10.86
N GLU A 117 -5.00 5.31 -12.13
CA GLU A 117 -6.06 5.64 -13.12
C GLU A 117 -7.10 4.52 -13.17
N ASP A 118 -6.67 3.33 -13.47
CA ASP A 118 -7.64 2.19 -13.56
C ASP A 118 -8.41 2.04 -12.24
N LEU A 119 -7.85 2.46 -11.14
CA LEU A 119 -8.58 2.31 -9.85
C LEU A 119 -9.68 3.36 -9.75
N VAL A 120 -9.33 4.62 -9.84
CA VAL A 120 -10.37 5.69 -9.75
C VAL A 120 -11.24 5.64 -11.01
N ALA A 121 -10.77 5.00 -12.04
CA ALA A 121 -11.59 4.89 -13.27
C ALA A 121 -12.48 3.65 -13.15
N ASN A 122 -12.36 2.96 -12.05
CA ASN A 122 -13.20 1.75 -11.84
C ASN A 122 -14.48 2.17 -11.14
N GLY A 123 -14.42 3.19 -10.30
CA GLY A 123 -15.64 3.64 -9.59
C GLY A 123 -15.29 4.00 -8.14
N ALA A 124 -14.03 3.88 -7.77
CA ALA A 124 -13.64 4.18 -6.37
C ALA A 124 -13.58 5.69 -6.12
N LEU A 125 -13.70 6.48 -7.16
CA LEU A 125 -13.64 7.98 -7.07
C LEU A 125 -12.46 8.45 -6.21
N VAL A 126 -11.96 9.61 -6.52
CA VAL A 126 -10.80 10.18 -5.77
C VAL A 126 -11.32 11.08 -4.63
N SER A 127 -12.61 11.30 -4.58
CA SER A 127 -13.18 12.15 -3.50
C SER A 127 -13.62 11.24 -2.35
N ILE A 128 -12.89 10.19 -2.10
CA ILE A 128 -13.26 9.27 -0.99
C ILE A 128 -13.13 9.99 0.35
N CYS A 129 -11.96 10.52 0.64
CA CYS A 129 -11.71 11.24 1.94
C CYS A 129 -11.32 10.19 2.97
N ASN A 130 -10.06 9.87 3.04
CA ASN A 130 -9.61 8.84 4.01
C ASN A 130 -10.19 9.12 5.38
N LYS A 131 -9.92 8.25 6.31
CA LYS A 131 -10.41 8.44 7.70
C LYS A 131 -9.96 9.81 8.20
N TYR A 132 -8.99 10.39 7.55
CA TYR A 132 -8.48 11.74 7.95
C TYR A 132 -8.45 12.63 6.71
N GLY A 133 -9.14 12.24 5.67
CA GLY A 133 -9.19 13.06 4.43
C GLY A 133 -7.89 12.90 3.65
N GLU A 134 -7.09 11.94 4.01
CA GLU A 134 -5.81 11.75 3.28
C GLU A 134 -6.14 11.36 1.84
N MET A 135 -6.26 12.31 0.94
CA MET A 135 -6.59 12.01 -0.49
C MET A 135 -5.39 12.42 -1.36
N PRO A 136 -5.25 11.83 -2.53
CA PRO A 136 -4.12 12.21 -3.41
C PRO A 136 -4.12 13.73 -3.64
N VAL A 137 -5.27 14.34 -3.66
CA VAL A 137 -5.35 15.81 -3.88
C VAL A 137 -4.36 16.54 -2.95
N ASP A 138 -4.26 16.11 -1.73
CA ASP A 138 -3.33 16.78 -0.77
C ASP A 138 -1.93 16.19 -0.94
N LYS A 139 -1.83 14.89 -0.93
CA LYS A 139 -0.49 14.26 -1.10
C LYS A 139 0.05 14.66 -2.48
N ALA A 140 -0.81 15.14 -3.34
CA ALA A 140 -0.36 15.53 -4.70
C ALA A 140 -0.03 17.02 -4.72
N LYS A 141 -0.69 17.77 -3.89
CA LYS A 141 -0.45 19.24 -3.82
C LYS A 141 0.64 19.54 -2.79
N ALA A 142 1.18 18.55 -2.11
CA ALA A 142 2.24 18.81 -1.09
C ALA A 142 3.65 18.66 -1.70
N PRO A 143 3.90 17.57 -2.38
CA PRO A 143 5.24 17.34 -2.98
C PRO A 143 5.53 18.42 -4.03
N LEU A 144 4.64 18.57 -4.99
CA LEU A 144 4.76 19.60 -6.09
C LEU A 144 4.05 19.11 -7.35
N ARG A 145 3.48 17.92 -7.34
CA ARG A 145 2.81 17.44 -8.57
C ARG A 145 1.76 18.47 -9.02
N GLU A 146 0.62 18.48 -8.37
CA GLU A 146 -0.47 19.44 -8.74
C GLU A 146 -1.05 19.06 -10.11
N LEU A 147 -0.36 18.24 -10.87
CA LEU A 147 -0.88 17.84 -12.22
C LEU A 147 -2.02 16.84 -12.04
N LEU A 148 -1.80 15.79 -11.31
CA LEU A 148 -2.90 14.82 -11.11
C LEU A 148 -3.96 15.48 -10.24
N ARG A 149 -3.63 16.59 -9.64
CA ARG A 149 -4.63 17.31 -8.78
C ARG A 149 -5.68 17.93 -9.71
N GLU A 150 -5.25 18.59 -10.73
CA GLU A 150 -6.23 19.18 -11.70
C GLU A 150 -7.09 18.04 -12.23
N ARG A 151 -6.46 16.97 -12.63
CA ARG A 151 -7.25 15.80 -13.15
C ARG A 151 -8.31 15.44 -12.12
N ALA A 152 -7.93 15.44 -10.87
CA ALA A 152 -8.91 15.12 -9.79
C ALA A 152 -9.88 16.30 -9.70
N GLU A 153 -9.36 17.48 -9.52
CA GLU A 153 -10.25 18.67 -9.42
C GLU A 153 -11.17 18.72 -10.64
N LYS A 154 -10.87 17.92 -11.63
CA LYS A 154 -11.71 17.89 -12.87
C LYS A 154 -12.57 16.63 -12.87
N MET A 155 -12.44 15.83 -11.86
CA MET A 155 -13.26 14.58 -11.79
C MET A 155 -14.73 14.97 -11.80
N GLY A 156 -15.00 16.23 -11.56
CA GLY A 156 -16.41 16.72 -11.56
C GLY A 156 -16.90 16.81 -10.11
N GLN A 157 -16.08 16.45 -9.17
CA GLN A 157 -16.48 16.50 -7.74
C GLN A 157 -16.00 17.81 -7.11
N ASN A 158 -15.40 18.67 -7.90
CA ASN A 158 -14.90 19.97 -7.37
C ASN A 158 -15.63 21.13 -8.07
N LEU A 159 -15.71 21.10 -9.36
CA LEU A 159 -16.41 22.19 -10.08
C LEU A 159 -17.90 22.08 -9.76
N ASN A 160 -18.28 22.43 -8.57
CA ASN A 160 -19.71 22.35 -8.16
C ASN A 160 -20.32 23.75 -8.18
N ARG A 161 -21.57 23.87 -8.54
CA ARG A 161 -22.20 25.22 -8.57
C ARG A 161 -21.92 25.91 -7.24
N ILE A 162 -21.93 27.22 -7.22
CA ILE A 162 -21.65 27.95 -5.94
C ILE A 162 -22.65 27.46 -4.85
N PRO A 163 -22.19 26.70 -3.86
CA PRO A 163 -23.11 26.20 -2.81
C PRO A 163 -23.49 27.32 -1.85
N TYR A 164 -24.77 27.55 -1.67
CA TYR A 164 -25.21 28.63 -0.72
C TYR A 164 -26.72 28.54 -0.50
N LYS A 165 -27.33 27.42 -0.82
CA LYS A 165 -28.81 27.28 -0.63
C LYS A 165 -29.12 25.86 -0.13
N ASP A 166 -28.13 25.02 -0.04
CA ASP A 166 -28.35 23.61 0.43
C ASP A 166 -29.48 22.97 -0.38
N THR A 167 -30.72 23.21 -0.03
CA THR A 167 -31.84 22.60 -0.80
C THR A 167 -33.07 23.49 -0.70
N PHE A 168 -32.88 24.77 -0.78
CA PHE A 168 -34.03 25.71 -0.74
C PHE A 168 -34.52 25.89 -2.16
N TRP A 169 -33.91 26.75 -2.93
CA TRP A 169 -34.35 26.89 -4.34
C TRP A 169 -35.86 26.98 -4.42
N LYS A 170 -36.50 25.85 -4.51
CA LYS A 170 -38.00 25.81 -4.60
C LYS A 170 -38.53 24.72 -3.66
N GLY A 171 -38.06 24.70 -2.45
CA GLY A 171 -38.54 23.67 -1.48
C GLY A 171 -38.16 22.28 -1.98
N MET B 1 17.61 35.66 -6.23
CA MET B 1 16.85 35.22 -5.03
C MET B 1 17.75 34.34 -4.15
N ALA B 2 17.34 34.10 -2.94
CA ALA B 2 18.17 33.24 -2.04
C ALA B 2 17.39 32.93 -0.77
N ASN B 3 16.12 32.64 -0.88
CA ASN B 3 15.30 32.34 0.32
C ASN B 3 15.68 30.96 0.86
N ALA B 4 16.60 30.90 1.78
CA ALA B 4 17.01 29.59 2.35
C ALA B 4 17.43 28.66 1.22
N LEU B 5 18.72 28.53 1.00
CA LEU B 5 19.21 27.63 -0.08
C LEU B 5 19.02 26.18 0.35
N ALA B 6 18.57 25.96 1.56
CA ALA B 6 18.36 24.57 2.03
C ALA B 6 19.61 23.73 1.75
N SER B 7 19.55 22.45 2.00
CA SER B 7 20.75 21.60 1.75
C SER B 7 20.31 20.13 1.72
N ALA B 8 20.75 19.35 2.67
CA ALA B 8 20.36 17.91 2.69
C ALA B 8 18.85 17.81 2.55
N THR B 9 18.39 16.72 1.98
CA THR B 9 16.92 16.54 1.71
C THR B 9 16.41 15.24 2.34
N CYS B 10 15.13 15.18 2.59
CA CYS B 10 14.56 13.97 3.19
C CYS B 10 14.81 12.81 2.30
N GLU B 11 15.07 11.71 2.89
CA GLU B 11 15.30 10.50 2.06
C GLU B 11 13.94 10.01 1.56
N ARG B 12 12.88 10.60 2.06
CA ARG B 12 11.50 10.17 1.65
C ARG B 12 10.69 11.38 1.18
N CYS B 13 10.62 12.40 1.97
CA CYS B 13 9.84 13.60 1.54
C CYS B 13 10.66 14.32 0.49
N LYS B 14 11.90 13.96 0.36
CA LYS B 14 12.77 14.63 -0.61
C LYS B 14 12.81 16.08 -0.26
N GLY B 15 12.27 16.41 0.87
CA GLY B 15 12.28 17.76 1.37
C GLY B 15 13.70 18.08 1.60
N GLY B 16 13.90 19.28 1.89
CA GLY B 16 15.21 19.90 2.10
C GLY B 16 15.23 20.58 3.43
N PHE B 17 15.92 20.00 4.35
CA PHE B 17 16.03 20.59 5.70
C PHE B 17 17.42 21.17 5.88
N ALA B 18 17.47 21.91 6.89
CA ALA B 18 18.67 22.66 7.42
C ALA B 18 18.94 21.75 8.56
N PRO B 19 19.92 20.95 8.44
CA PRO B 19 19.80 19.82 9.29
C PRO B 19 20.23 19.38 10.65
N ALA B 20 19.83 20.27 11.39
CA ALA B 20 19.93 20.26 12.83
C ALA B 20 18.58 20.82 13.21
N GLU B 21 17.66 20.87 12.22
CA GLU B 21 16.31 21.38 12.54
C GLU B 21 15.50 20.16 12.74
N LYS B 22 15.02 19.60 11.67
CA LYS B 22 14.35 18.30 11.84
C LYS B 22 14.60 17.46 10.61
N ILE B 23 15.62 16.79 10.78
CA ILE B 23 16.16 15.75 9.90
C ILE B 23 16.53 14.56 10.80
N VAL B 24 16.38 13.35 10.34
CA VAL B 24 16.76 12.17 11.16
C VAL B 24 17.61 11.23 10.29
N ASN B 25 18.74 10.86 10.79
CA ASN B 25 19.67 9.96 10.05
C ASN B 25 19.39 8.53 10.50
N SER B 26 19.28 7.63 9.55
CA SER B 26 19.03 6.23 9.87
C SER B 26 19.92 5.42 8.96
N ASN B 27 20.97 4.94 9.52
CA ASN B 27 21.98 4.12 8.84
C ASN B 27 22.94 4.99 8.03
N GLY B 28 22.41 5.87 7.24
CA GLY B 28 23.30 6.75 6.43
C GLY B 28 22.45 7.64 5.52
N GLU B 29 21.15 7.56 5.62
CA GLU B 29 20.26 8.40 4.77
C GLU B 29 19.49 9.29 5.73
N LEU B 30 19.03 10.42 5.29
CA LEU B 30 18.33 11.36 6.18
C LEU B 30 16.81 11.27 6.00
N TYR B 31 16.09 11.30 7.08
CA TYR B 31 14.63 11.18 7.03
C TYR B 31 13.97 12.16 8.02
N HIS B 32 12.94 12.83 7.62
CA HIS B 32 12.28 13.75 8.55
C HIS B 32 11.72 12.85 9.61
N GLU B 33 11.58 13.25 10.82
CA GLU B 33 10.85 12.33 11.74
C GLU B 33 9.46 12.17 11.08
N GLN B 34 9.27 12.89 9.99
CA GLN B 34 8.03 12.87 9.17
C GLN B 34 8.17 11.75 8.17
N CYS B 35 9.38 11.28 8.04
CA CYS B 35 9.71 10.24 7.09
C CYS B 35 9.74 8.98 7.93
N PHE B 36 9.70 9.21 9.22
CA PHE B 36 9.56 8.08 10.20
C PHE B 36 8.07 7.84 10.25
N VAL B 37 7.67 7.06 9.31
CA VAL B 37 6.23 6.72 9.17
C VAL B 37 6.05 5.25 8.77
N CYS B 38 5.00 4.64 9.26
CA CYS B 38 4.69 3.23 8.96
C CYS B 38 4.25 3.07 7.51
N ALA B 39 4.51 1.96 6.90
CA ALA B 39 4.02 1.73 5.50
C ALA B 39 2.46 1.78 5.43
N GLN B 40 1.80 1.24 6.43
CA GLN B 40 0.26 1.24 6.50
C GLN B 40 -0.17 2.35 7.44
N CYS B 41 0.62 2.43 8.45
CA CYS B 41 0.48 3.31 9.61
C CYS B 41 1.26 4.60 9.28
N PHE B 42 1.77 4.75 8.00
CA PHE B 42 2.71 5.90 7.45
C PHE B 42 2.21 7.17 7.89
N GLN B 43 1.69 6.95 8.91
CA GLN B 43 1.29 8.02 9.75
C GLN B 43 2.47 7.95 10.68
N GLN B 44 2.78 9.00 11.21
CA GLN B 44 3.98 9.06 12.05
C GLN B 44 3.92 8.02 13.16
N PHE B 45 5.07 7.53 13.47
CA PHE B 45 5.25 6.48 14.50
C PHE B 45 4.98 7.02 15.96
N PRO B 46 4.05 6.39 16.69
CA PRO B 46 3.68 6.82 18.07
C PRO B 46 4.72 6.44 19.15
N GLU B 47 5.02 7.40 19.99
CA GLU B 47 6.00 7.28 21.10
C GLU B 47 7.36 7.10 20.48
N GLY B 48 7.36 7.26 19.22
CA GLY B 48 8.59 7.27 18.45
C GLY B 48 9.27 5.89 18.36
N LEU B 49 8.69 4.83 18.90
CA LEU B 49 9.37 3.49 18.79
C LEU B 49 8.80 2.77 17.59
N PHE B 50 9.65 2.46 16.69
CA PHE B 50 9.22 1.78 15.45
C PHE B 50 10.20 0.63 15.08
N TYR B 51 9.84 -0.34 14.22
CA TYR B 51 10.81 -1.38 13.81
C TYR B 51 10.63 -1.66 12.30
N GLU B 52 11.69 -1.63 11.57
CA GLU B 52 11.63 -1.95 10.09
C GLU B 52 12.00 -3.44 9.81
N PHE B 53 11.24 -4.16 8.98
CA PHE B 53 11.66 -5.55 8.62
C PHE B 53 11.39 -5.85 7.12
N GLU B 54 12.32 -6.49 6.52
CA GLU B 54 12.26 -6.91 5.08
C GLU B 54 11.81 -5.84 4.07
N GLY B 55 12.28 -4.63 4.18
CA GLY B 55 11.94 -3.60 3.14
C GLY B 55 10.64 -2.85 3.46
N ARG B 56 9.89 -3.33 4.40
CA ARG B 56 8.61 -2.62 4.75
C ARG B 56 8.83 -2.05 6.12
N LYS B 57 8.22 -0.95 6.40
CA LYS B 57 8.40 -0.33 7.73
C LYS B 57 7.09 -0.31 8.51
N TYR B 58 7.09 -0.82 9.72
CA TYR B 58 5.86 -0.77 10.58
C TYR B 58 6.23 -0.38 12.00
N CYS B 59 5.33 0.22 12.71
CA CYS B 59 5.64 0.48 14.13
C CYS B 59 5.75 -0.94 14.68
N GLU B 60 6.29 -1.14 15.82
CA GLU B 60 6.45 -2.51 16.30
C GLU B 60 5.12 -3.19 16.29
N HIS B 61 4.14 -2.44 16.62
CA HIS B 61 2.82 -3.00 16.75
C HIS B 61 2.44 -3.75 15.49
N ASP B 62 2.54 -3.14 14.38
CA ASP B 62 2.14 -3.88 13.15
C ASP B 62 3.16 -4.92 12.77
N PHE B 63 4.40 -4.68 13.00
CA PHE B 63 5.35 -5.76 12.71
C PHE B 63 5.10 -6.81 13.76
N GLN B 64 4.75 -6.36 14.93
CA GLN B 64 4.48 -7.30 16.05
C GLN B 64 3.28 -8.12 15.72
N MET B 65 2.49 -7.71 14.81
CA MET B 65 1.41 -8.63 14.40
C MET B 65 2.14 -9.77 13.66
N LEU B 66 2.95 -9.41 12.71
CA LEU B 66 3.73 -10.41 11.91
C LEU B 66 4.91 -10.97 12.72
N PHE B 67 5.25 -10.32 13.78
CA PHE B 67 6.41 -10.74 14.65
C PHE B 67 5.83 -11.25 15.97
N ALA B 68 4.54 -11.02 16.13
CA ALA B 68 3.77 -11.45 17.35
C ALA B 68 4.47 -12.63 18.07
N PRO B 69 5.37 -12.32 18.99
CA PRO B 69 6.11 -13.38 19.71
C PRO B 69 5.14 -14.22 20.55
N CYS B 70 4.01 -13.66 20.92
CA CYS B 70 3.04 -14.42 21.73
C CYS B 70 2.67 -15.72 21.01
ZN ZN C . 10.85 14.11 4.53
ZN ZN D . 1.84 1.24 12.09
N MET A 1 16.50 -23.64 3.72
CA MET A 1 15.97 -23.35 5.09
C MET A 1 14.49 -23.74 5.16
N ASP A 2 13.63 -22.91 4.64
CA ASP A 2 12.17 -23.24 4.69
C ASP A 2 11.81 -24.17 3.53
N ASP A 3 12.48 -25.29 3.44
CA ASP A 3 12.18 -26.28 2.36
C ASP A 3 12.10 -25.58 0.99
N ILE A 4 11.07 -25.88 0.24
CA ILE A 4 10.93 -25.27 -1.11
C ILE A 4 10.53 -23.80 -0.98
N PHE A 5 9.74 -23.51 0.02
CA PHE A 5 9.29 -22.12 0.24
C PHE A 5 10.48 -21.16 0.07
N THR A 6 11.60 -21.44 0.70
CA THR A 6 12.77 -20.52 0.56
C THR A 6 13.52 -20.81 -0.74
N GLN A 7 13.68 -22.06 -1.06
CA GLN A 7 14.40 -22.40 -2.31
C GLN A 7 13.50 -22.10 -3.52
N CYS A 8 12.30 -21.62 -3.29
CA CYS A 8 11.39 -21.31 -4.43
C CYS A 8 11.46 -19.80 -4.70
N ARG A 9 11.40 -19.02 -3.67
CA ARG A 9 11.45 -17.57 -3.84
C ARG A 9 12.74 -17.20 -4.56
N GLU A 10 13.67 -18.11 -4.55
CA GLU A 10 14.96 -17.85 -5.22
C GLU A 10 14.70 -17.73 -6.72
N GLY A 11 13.46 -17.79 -7.12
CA GLY A 11 13.11 -17.70 -8.56
C GLY A 11 13.13 -19.10 -9.14
N ASN A 12 13.40 -20.07 -8.31
CA ASN A 12 13.41 -21.46 -8.78
C ASN A 12 11.96 -21.84 -9.04
N ALA A 13 11.32 -21.07 -9.87
CA ALA A 13 9.88 -21.33 -10.22
C ALA A 13 9.69 -22.84 -10.41
N VAL A 14 10.75 -23.54 -10.68
CA VAL A 14 10.64 -25.01 -10.87
C VAL A 14 10.42 -25.66 -9.51
N ALA A 15 11.00 -25.12 -8.48
CA ALA A 15 10.85 -25.72 -7.12
C ALA A 15 9.40 -25.54 -6.64
N VAL A 16 8.84 -24.38 -6.85
CA VAL A 16 7.44 -24.18 -6.42
C VAL A 16 6.55 -24.96 -7.38
N ARG A 17 7.03 -25.32 -8.53
CA ARG A 17 6.18 -26.08 -9.48
C ARG A 17 5.94 -27.51 -8.93
N LEU A 18 6.96 -28.23 -8.52
CA LEU A 18 6.70 -29.62 -8.02
C LEU A 18 5.85 -29.60 -6.74
N TRP A 19 6.04 -28.66 -5.84
CA TRP A 19 5.22 -28.70 -4.58
C TRP A 19 3.82 -28.13 -4.86
N LEU A 20 3.75 -27.12 -5.67
CA LEU A 20 2.43 -26.53 -6.01
C LEU A 20 1.52 -27.64 -6.55
N ASP A 21 2.06 -28.48 -7.39
CA ASP A 21 1.25 -29.61 -7.97
C ASP A 21 1.35 -30.83 -7.06
N ASN A 22 1.10 -30.64 -5.79
CA ASN A 22 1.18 -31.77 -4.84
C ASN A 22 0.17 -32.84 -5.22
N THR A 23 0.63 -33.98 -5.65
CA THR A 23 -0.32 -35.06 -6.04
C THR A 23 -1.20 -35.41 -4.84
N GLU A 24 -0.85 -34.91 -3.68
CA GLU A 24 -1.66 -35.18 -2.45
C GLU A 24 -2.37 -33.89 -2.02
N ASN A 25 -2.01 -32.79 -2.63
CA ASN A 25 -2.64 -31.49 -2.28
C ASN A 25 -2.49 -31.20 -0.78
N ASP A 26 -1.29 -30.87 -0.37
CA ASP A 26 -1.03 -30.54 1.06
C ASP A 26 -0.14 -29.31 1.12
N LEU A 27 -0.21 -28.49 0.11
CA LEU A 27 0.62 -27.26 0.10
C LEU A 27 -0.01 -26.26 1.06
N ASN A 28 -1.05 -26.66 1.73
CA ASN A 28 -1.72 -25.75 2.70
C ASN A 28 -0.69 -25.29 3.73
N GLN A 29 0.39 -26.02 3.85
CA GLN A 29 1.44 -25.64 4.84
C GLN A 29 1.69 -24.13 4.77
N GLY A 30 1.26 -23.41 5.76
CA GLY A 30 1.45 -21.91 5.78
C GLY A 30 2.22 -21.51 7.03
N ASP A 31 1.57 -20.80 7.93
CA ASP A 31 2.25 -20.37 9.20
C ASP A 31 1.34 -20.63 10.40
N ASP A 32 1.87 -20.55 11.58
CA ASP A 32 1.03 -20.79 12.80
C ASP A 32 0.20 -19.54 13.06
N HIS A 33 0.53 -18.46 12.40
CA HIS A 33 -0.24 -17.19 12.59
C HIS A 33 -1.39 -17.16 11.60
N GLY A 34 -1.49 -18.15 10.76
CA GLY A 34 -2.62 -18.21 9.79
C GLY A 34 -2.21 -17.62 8.44
N PHE A 35 -0.93 -17.49 8.16
CA PHE A 35 -0.54 -16.95 6.83
C PHE A 35 -0.63 -18.10 5.82
N SER A 36 -1.35 -17.90 4.74
CA SER A 36 -1.51 -18.99 3.73
C SER A 36 -0.45 -18.83 2.62
N PRO A 37 -0.29 -19.85 1.80
CA PRO A 37 0.67 -19.77 0.68
C PRO A 37 0.28 -18.59 -0.23
N LEU A 38 -0.99 -18.43 -0.47
CA LEU A 38 -1.46 -17.32 -1.34
C LEU A 38 -0.99 -15.99 -0.75
N HIS A 39 -1.05 -15.87 0.54
CA HIS A 39 -0.60 -14.61 1.19
C HIS A 39 0.85 -14.34 0.81
N TRP A 40 1.72 -15.22 1.19
CA TRP A 40 3.16 -15.03 0.87
C TRP A 40 3.31 -14.84 -0.63
N ALA A 41 2.65 -15.66 -1.39
CA ALA A 41 2.75 -15.57 -2.87
C ALA A 41 2.38 -14.16 -3.33
N CYS A 42 1.22 -13.68 -2.97
CA CYS A 42 0.80 -12.33 -3.39
C CYS A 42 1.75 -11.29 -2.80
N ARG A 43 2.33 -11.58 -1.66
CA ARG A 43 3.26 -10.60 -1.04
C ARG A 43 4.63 -10.70 -1.71
N GLU A 44 5.06 -11.89 -2.01
CA GLU A 44 6.39 -12.06 -2.68
C GLU A 44 6.40 -11.28 -4.00
N GLY A 45 5.46 -11.57 -4.87
CA GLY A 45 5.39 -10.86 -6.19
C GLY A 45 5.36 -11.89 -7.32
N ARG A 46 5.53 -13.14 -6.99
CA ARG A 46 5.49 -14.18 -8.05
C ARG A 46 4.04 -14.41 -8.49
N SER A 47 3.45 -13.40 -9.06
CA SER A 47 2.03 -13.50 -9.50
C SER A 47 1.91 -14.61 -10.54
N ALA A 48 3.02 -15.06 -11.06
CA ALA A 48 2.98 -16.12 -12.10
C ALA A 48 2.30 -17.39 -11.57
N VAL A 49 2.51 -17.76 -10.33
CA VAL A 49 1.81 -18.96 -9.81
C VAL A 49 0.56 -18.50 -9.10
N VAL A 50 0.60 -17.34 -8.47
CA VAL A 50 -0.62 -16.86 -7.79
C VAL A 50 -1.73 -16.86 -8.83
N GLU A 51 -1.35 -16.74 -10.07
CA GLU A 51 -2.35 -16.79 -11.15
C GLU A 51 -2.81 -18.22 -11.28
N MET A 52 -1.91 -19.06 -11.70
CA MET A 52 -2.28 -20.51 -11.86
C MET A 52 -2.82 -21.07 -10.53
N LEU A 53 -2.69 -20.35 -9.45
CA LEU A 53 -3.22 -20.88 -8.14
C LEU A 53 -4.63 -20.32 -7.89
N ILE A 54 -4.79 -19.03 -7.82
CA ILE A 54 -6.13 -18.45 -7.56
C ILE A 54 -7.18 -19.14 -8.43
N MET A 55 -6.78 -19.72 -9.53
CA MET A 55 -7.76 -20.40 -10.43
C MET A 55 -7.86 -21.88 -10.06
N ARG A 56 -6.94 -22.37 -9.25
CA ARG A 56 -7.00 -23.82 -8.86
C ARG A 56 -8.15 -24.05 -7.89
N GLY A 57 -8.35 -23.15 -6.95
CA GLY A 57 -9.47 -23.33 -5.98
C GLY A 57 -9.20 -22.59 -4.67
N ALA A 58 -8.38 -21.59 -4.69
CA ALA A 58 -8.10 -20.80 -3.44
C ALA A 58 -8.91 -19.52 -3.49
N ARG A 59 -9.46 -19.09 -2.39
CA ARG A 59 -10.26 -17.85 -2.40
C ARG A 59 -9.36 -16.65 -2.08
N ILE A 60 -9.54 -15.56 -2.78
CA ILE A 60 -8.69 -14.36 -2.54
C ILE A 60 -9.37 -13.45 -1.49
N ASN A 61 -10.52 -13.83 -1.00
CA ASN A 61 -11.21 -12.96 -0.01
C ASN A 61 -10.59 -13.14 1.38
N VAL A 62 -9.80 -14.15 1.56
CA VAL A 62 -9.18 -14.40 2.89
C VAL A 62 -8.39 -13.17 3.35
N MET A 63 -8.05 -13.13 4.61
CA MET A 63 -7.26 -11.98 5.15
C MET A 63 -6.25 -12.53 6.17
N ASN A 64 -5.17 -11.85 6.39
CA ASN A 64 -4.17 -12.36 7.36
C ASN A 64 -4.65 -12.10 8.79
N ARG A 65 -4.06 -12.74 9.76
CA ARG A 65 -4.48 -12.50 11.16
C ARG A 65 -4.31 -11.02 11.47
N GLY A 66 -3.46 -10.34 10.72
CA GLY A 66 -3.24 -8.89 10.95
C GLY A 66 -3.98 -8.06 9.89
N ASP A 67 -5.20 -8.43 9.59
CA ASP A 67 -6.01 -7.65 8.60
C ASP A 67 -5.16 -7.26 7.39
N ASP A 68 -5.12 -8.12 6.42
CA ASP A 68 -4.34 -7.81 5.18
C ASP A 68 -4.92 -8.63 4.02
N THR A 69 -5.63 -8.00 3.13
CA THR A 69 -6.22 -8.75 1.98
C THR A 69 -5.17 -8.77 0.85
N PRO A 70 -5.26 -9.73 -0.04
CA PRO A 70 -4.30 -9.83 -1.15
C PRO A 70 -4.25 -8.51 -1.94
N LEU A 71 -5.37 -7.83 -2.08
CA LEU A 71 -5.34 -6.53 -2.83
C LEU A 71 -4.24 -5.67 -2.22
N HIS A 72 -4.29 -5.44 -0.95
CA HIS A 72 -3.23 -4.64 -0.31
C HIS A 72 -1.88 -5.24 -0.70
N LEU A 73 -1.59 -6.39 -0.19
CA LEU A 73 -0.27 -7.04 -0.51
C LEU A 73 0.02 -6.95 -2.01
N ALA A 74 -0.88 -7.38 -2.84
CA ALA A 74 -0.66 -7.32 -4.31
C ALA A 74 -0.49 -5.86 -4.74
N ALA A 75 -1.49 -5.06 -4.53
CA ALA A 75 -1.39 -3.63 -4.94
C ALA A 75 -0.20 -2.96 -4.23
N SER A 76 0.16 -3.41 -3.08
CA SER A 76 1.30 -2.80 -2.36
C SER A 76 2.52 -2.81 -3.26
N HIS A 77 2.84 -3.95 -3.81
CA HIS A 77 4.02 -4.04 -4.70
C HIS A 77 3.90 -3.01 -5.83
N GLY A 78 2.86 -3.10 -6.63
CA GLY A 78 2.68 -2.12 -7.75
C GLY A 78 2.44 -2.88 -9.07
N HIS A 79 2.44 -4.19 -9.01
CA HIS A 79 2.22 -4.97 -10.25
C HIS A 79 0.75 -4.87 -10.68
N ARG A 80 0.45 -3.95 -11.55
CA ARG A 80 -0.96 -3.75 -11.99
C ARG A 80 -1.60 -5.07 -12.46
N ASP A 81 -0.89 -5.87 -13.20
CA ASP A 81 -1.49 -7.13 -13.72
C ASP A 81 -2.18 -7.92 -12.60
N ILE A 82 -1.47 -8.30 -11.59
CA ILE A 82 -2.12 -9.10 -10.49
C ILE A 82 -3.28 -8.29 -9.89
N VAL A 83 -3.11 -6.99 -9.79
CA VAL A 83 -4.18 -6.14 -9.22
C VAL A 83 -5.44 -6.23 -10.10
N GLN A 84 -5.26 -6.33 -11.39
CA GLN A 84 -6.45 -6.42 -12.30
C GLN A 84 -7.18 -7.74 -12.09
N LYS A 85 -6.48 -8.85 -12.11
CA LYS A 85 -7.16 -10.16 -11.93
C LYS A 85 -7.96 -10.16 -10.62
N LEU A 86 -7.47 -9.52 -9.61
CA LEU A 86 -8.20 -9.52 -8.31
C LEU A 86 -9.32 -8.47 -8.33
N LEU A 87 -9.24 -7.51 -9.20
CA LEU A 87 -10.28 -6.46 -9.28
C LEU A 87 -11.51 -7.02 -10.03
N GLN A 88 -11.28 -7.88 -10.97
CA GLN A 88 -12.41 -8.44 -11.78
C GLN A 88 -12.95 -9.72 -11.14
N TYR A 89 -12.43 -10.09 -9.99
CA TYR A 89 -12.92 -11.35 -9.32
C TYR A 89 -13.95 -10.97 -8.23
N LYS A 90 -13.62 -10.07 -7.36
CA LYS A 90 -14.59 -9.69 -6.27
C LYS A 90 -14.41 -8.22 -5.87
N ALA A 91 -13.48 -7.54 -6.47
CA ALA A 91 -13.27 -6.10 -6.14
C ALA A 91 -13.25 -5.88 -4.62
N ASP A 92 -12.41 -6.58 -3.91
CA ASP A 92 -12.31 -6.39 -2.43
C ASP A 92 -11.66 -5.03 -2.15
N ILE A 93 -11.88 -4.07 -2.99
CA ILE A 93 -11.34 -2.70 -2.77
C ILE A 93 -12.26 -2.00 -1.76
N ASN A 94 -13.50 -2.40 -1.72
CA ASN A 94 -14.46 -1.77 -0.79
C ASN A 94 -14.27 -2.28 0.63
N ALA A 95 -13.44 -3.29 0.82
CA ALA A 95 -13.21 -3.83 2.20
C ALA A 95 -11.78 -3.48 2.60
N VAL A 96 -11.62 -2.43 3.35
CA VAL A 96 -10.27 -1.99 3.77
C VAL A 96 -9.68 -2.93 4.83
N ASN A 97 -8.51 -2.61 5.31
CA ASN A 97 -7.87 -3.45 6.39
C ASN A 97 -8.36 -2.93 7.74
N GLU A 98 -7.49 -2.91 8.73
CA GLU A 98 -7.86 -2.43 10.07
C GLU A 98 -7.47 -0.95 10.21
N HIS A 99 -6.53 -0.50 9.40
CA HIS A 99 -6.10 0.93 9.47
C HIS A 99 -6.80 1.71 8.36
N GLY A 100 -7.66 1.06 7.64
CA GLY A 100 -8.40 1.78 6.55
C GLY A 100 -7.51 1.95 5.32
N ASN A 101 -6.32 1.42 5.33
CA ASN A 101 -5.42 1.59 4.16
C ASN A 101 -6.06 0.98 2.90
N VAL A 102 -6.57 1.82 2.04
CA VAL A 102 -7.20 1.36 0.76
C VAL A 102 -6.05 1.18 -0.27
N PRO A 103 -6.19 0.24 -1.19
CA PRO A 103 -5.14 0.03 -2.20
C PRO A 103 -4.68 1.37 -2.82
N LEU A 104 -5.57 2.31 -3.01
CA LEU A 104 -5.15 3.61 -3.62
C LEU A 104 -4.19 4.33 -2.67
N HIS A 105 -4.55 4.45 -1.41
CA HIS A 105 -3.64 5.14 -0.44
C HIS A 105 -2.22 4.61 -0.61
N TYR A 106 -2.10 3.33 -0.75
CA TYR A 106 -0.74 2.71 -0.91
C TYR A 106 -0.26 2.91 -2.36
N ALA A 107 -1.10 2.62 -3.31
CA ALA A 107 -0.68 2.79 -4.74
C ALA A 107 -0.18 4.21 -4.98
N CYS A 108 -0.76 5.18 -4.30
CA CYS A 108 -0.30 6.59 -4.51
C CYS A 108 0.91 6.87 -3.62
N PHE A 109 0.97 6.24 -2.48
CA PHE A 109 2.14 6.46 -1.58
C PHE A 109 3.42 6.11 -2.33
N TRP A 110 3.33 5.23 -3.30
CA TRP A 110 4.54 4.85 -4.07
C TRP A 110 4.83 5.94 -5.10
N GLY A 111 3.83 6.29 -5.89
CA GLY A 111 4.02 7.36 -6.92
C GLY A 111 3.79 6.79 -8.33
N GLN A 112 2.71 6.07 -8.52
CA GLN A 112 2.41 5.49 -9.86
C GLN A 112 0.96 5.82 -10.22
N ASP A 113 0.75 6.87 -10.98
CA ASP A 113 -0.62 7.33 -11.33
C ASP A 113 -1.44 6.29 -12.12
N GLN A 114 -0.88 5.65 -13.12
CA GLN A 114 -1.69 4.68 -13.94
C GLN A 114 -2.39 3.62 -13.08
N VAL A 115 -1.86 3.27 -11.94
CA VAL A 115 -2.55 2.25 -11.10
C VAL A 115 -3.56 2.92 -10.17
N ALA A 116 -3.49 4.21 -10.02
CA ALA A 116 -4.47 4.90 -9.14
C ALA A 116 -5.73 5.00 -9.93
N GLU A 117 -5.56 5.20 -11.19
CA GLU A 117 -6.72 5.25 -12.09
C GLU A 117 -7.39 3.89 -12.00
N ASP A 118 -6.61 2.86 -12.18
CA ASP A 118 -7.18 1.50 -12.13
C ASP A 118 -8.15 1.34 -10.94
N LEU A 119 -7.74 1.70 -9.77
CA LEU A 119 -8.63 1.53 -8.58
C LEU A 119 -9.83 2.47 -8.62
N VAL A 120 -9.63 3.75 -8.80
CA VAL A 120 -10.80 4.68 -8.82
C VAL A 120 -11.52 4.58 -10.16
N ALA A 121 -10.85 4.09 -11.17
CA ALA A 121 -11.51 3.96 -12.49
C ALA A 121 -12.66 2.97 -12.35
N ASN A 122 -12.70 2.26 -11.24
CA ASN A 122 -13.79 1.29 -11.01
C ASN A 122 -14.92 2.01 -10.27
N GLY A 123 -14.55 2.85 -9.34
CA GLY A 123 -15.56 3.62 -8.55
C GLY A 123 -15.06 3.79 -7.11
N ALA A 124 -13.88 3.31 -6.80
CA ALA A 124 -13.35 3.45 -5.41
C ALA A 124 -13.39 4.93 -5.01
N LEU A 125 -13.61 5.80 -5.95
CA LEU A 125 -13.65 7.25 -5.63
C LEU A 125 -12.27 7.68 -5.10
N VAL A 126 -11.69 8.68 -5.69
CA VAL A 126 -10.35 9.15 -5.23
C VAL A 126 -10.54 10.12 -4.06
N SER A 127 -11.77 10.46 -3.76
CA SER A 127 -12.05 11.40 -2.64
C SER A 127 -12.63 10.62 -1.47
N ILE A 128 -12.19 9.40 -1.30
CA ILE A 128 -12.70 8.58 -0.17
C ILE A 128 -12.36 9.25 1.16
N CYS A 129 -11.10 9.59 1.36
CA CYS A 129 -10.66 10.24 2.64
C CYS A 129 -10.32 9.14 3.62
N ASN A 130 -9.08 9.02 4.01
CA ASN A 130 -8.73 7.93 4.95
C ASN A 130 -9.33 8.22 6.31
N LYS A 131 -9.30 7.27 7.17
CA LYS A 131 -9.87 7.46 8.54
C LYS A 131 -9.10 8.59 9.21
N TYR A 132 -7.92 8.87 8.74
CA TYR A 132 -7.09 9.97 9.30
C TYR A 132 -7.12 11.12 8.30
N GLY A 133 -7.83 10.95 7.22
CA GLY A 133 -7.91 12.00 6.18
C GLY A 133 -6.69 11.93 5.29
N GLU A 134 -5.93 10.88 5.42
CA GLU A 134 -4.73 10.75 4.55
C GLU A 134 -5.22 10.48 3.12
N MET A 135 -5.36 11.50 2.31
CA MET A 135 -5.87 11.31 0.93
C MET A 135 -4.69 11.48 -0.06
N PRO A 136 -4.66 10.73 -1.14
CA PRO A 136 -3.56 10.88 -2.12
C PRO A 136 -3.38 12.37 -2.48
N VAL A 137 -4.45 13.12 -2.50
CA VAL A 137 -4.37 14.58 -2.85
C VAL A 137 -3.31 15.28 -1.99
N ASP A 138 -3.22 14.93 -0.73
CA ASP A 138 -2.21 15.55 0.15
C ASP A 138 -0.86 14.94 -0.17
N LYS A 139 -0.78 13.63 -0.13
CA LYS A 139 0.51 12.98 -0.46
C LYS A 139 0.91 13.43 -1.86
N ALA A 140 -0.03 14.01 -2.57
CA ALA A 140 0.26 14.51 -3.93
C ALA A 140 0.60 15.99 -3.82
N LYS A 141 -0.21 16.72 -3.13
CA LYS A 141 0.07 18.16 -2.95
C LYS A 141 1.51 18.32 -2.44
N ALA A 142 2.16 17.25 -2.05
CA ALA A 142 3.57 17.39 -1.53
C ALA A 142 4.56 17.46 -2.72
N PRO A 143 4.70 16.38 -3.48
CA PRO A 143 5.63 16.39 -4.63
C PRO A 143 5.52 17.72 -5.39
N LEU A 144 4.33 18.08 -5.82
CA LEU A 144 4.06 19.39 -6.55
C LEU A 144 3.19 19.15 -7.80
N ARG A 145 2.33 18.16 -7.81
CA ARG A 145 1.50 17.97 -9.03
C ARG A 145 0.67 19.24 -9.34
N GLU A 146 -0.31 19.53 -8.54
CA GLU A 146 -1.19 20.72 -8.79
C GLU A 146 -1.93 20.53 -10.14
N LEU A 147 -1.39 19.74 -11.02
CA LEU A 147 -2.05 19.52 -12.35
C LEU A 147 -3.19 18.50 -12.19
N LEU A 148 -2.88 17.29 -11.81
CA LEU A 148 -3.97 16.29 -11.65
C LEU A 148 -4.95 16.83 -10.62
N ARG A 149 -4.53 17.82 -9.88
CA ARG A 149 -5.42 18.43 -8.85
C ARG A 149 -6.50 19.26 -9.55
N GLU A 150 -6.12 20.13 -10.44
CA GLU A 150 -7.15 20.96 -11.13
C GLU A 150 -7.91 20.05 -12.10
N ARG A 151 -7.28 18.99 -12.53
CA ARG A 151 -7.95 18.05 -13.45
C ARG A 151 -9.08 17.33 -12.72
N ALA A 152 -8.94 17.14 -11.43
CA ALA A 152 -10.03 16.47 -10.67
C ALA A 152 -11.07 17.53 -10.30
N GLU A 153 -10.63 18.73 -10.05
CA GLU A 153 -11.59 19.81 -9.68
C GLU A 153 -12.64 19.98 -10.78
N LYS A 154 -12.24 19.83 -12.01
CA LYS A 154 -13.22 19.99 -13.14
C LYS A 154 -13.77 18.63 -13.52
N MET A 155 -13.40 17.60 -12.79
CA MET A 155 -13.92 16.23 -13.11
C MET A 155 -15.27 16.04 -12.43
N GLY A 156 -15.58 16.89 -11.49
CA GLY A 156 -16.88 16.79 -10.75
C GLY A 156 -16.59 16.56 -9.27
N GLN A 157 -16.17 17.58 -8.57
CA GLN A 157 -15.85 17.41 -7.12
C GLN A 157 -15.69 18.78 -6.46
N ASN A 158 -15.22 19.76 -7.20
CA ASN A 158 -15.03 21.13 -6.62
C ASN A 158 -15.89 22.13 -7.41
N LEU A 159 -16.02 21.91 -8.69
CA LEU A 159 -16.86 22.84 -9.51
C LEU A 159 -18.27 22.27 -9.59
N ASN A 160 -19.01 22.36 -8.51
CA ASN A 160 -20.40 21.83 -8.49
C ASN A 160 -21.39 22.99 -8.64
N ARG A 161 -22.07 23.07 -9.75
CA ARG A 161 -23.05 24.17 -9.94
C ARG A 161 -23.99 24.18 -8.73
N ILE A 162 -24.61 25.30 -8.44
CA ILE A 162 -25.52 25.35 -7.25
C ILE A 162 -26.64 24.30 -7.43
N PRO A 163 -26.66 23.25 -6.63
CA PRO A 163 -27.71 22.21 -6.77
C PRO A 163 -29.08 22.83 -6.41
N TYR A 164 -30.11 22.40 -7.09
CA TYR A 164 -31.45 22.94 -6.81
C TYR A 164 -31.95 22.36 -5.48
N LYS A 165 -32.69 23.14 -4.77
CA LYS A 165 -33.22 22.68 -3.45
C LYS A 165 -32.04 22.38 -2.52
N ASP A 166 -30.87 22.89 -2.85
CA ASP A 166 -29.68 22.62 -2.00
C ASP A 166 -30.02 22.84 -0.53
N THR A 167 -30.35 24.05 -0.16
CA THR A 167 -30.69 24.32 1.27
C THR A 167 -31.32 25.71 1.36
N PHE A 168 -31.88 26.18 0.29
CA PHE A 168 -32.51 27.53 0.31
C PHE A 168 -33.53 27.63 -0.80
N TRP A 169 -34.70 27.23 -0.49
CA TRP A 169 -35.80 27.24 -1.48
C TRP A 169 -37.13 27.13 -0.75
N LYS A 170 -37.11 26.51 0.39
CA LYS A 170 -38.36 26.34 1.20
C LYS A 170 -38.28 27.21 2.45
N GLY A 171 -37.17 27.85 2.67
CA GLY A 171 -37.03 28.72 3.87
C GLY A 171 -35.57 29.16 4.02
N MET B 1 24.19 33.59 -9.34
CA MET B 1 23.11 34.07 -8.42
C MET B 1 22.85 33.03 -7.35
N ALA B 2 23.04 33.38 -6.11
CA ALA B 2 22.81 32.40 -5.00
C ALA B 2 21.34 31.97 -5.01
N ASN B 3 21.06 30.76 -4.63
CA ASN B 3 19.65 30.28 -4.61
C ASN B 3 19.58 28.93 -3.91
N ALA B 4 18.64 28.75 -3.03
CA ALA B 4 18.52 27.45 -2.32
C ALA B 4 19.87 27.08 -1.68
N LEU B 5 20.20 27.72 -0.59
CA LEU B 5 21.49 27.41 0.09
C LEU B 5 21.30 26.18 1.00
N ALA B 6 20.39 25.31 0.64
CA ALA B 6 20.16 24.10 1.48
C ALA B 6 21.26 23.08 1.23
N SER B 7 21.07 21.85 1.65
CA SER B 7 22.12 20.81 1.44
C SER B 7 21.48 19.43 1.49
N ALA B 8 21.87 18.62 2.45
CA ALA B 8 21.28 17.26 2.56
C ALA B 8 19.77 17.33 2.45
N THR B 9 19.15 16.32 1.91
CA THR B 9 17.67 16.32 1.69
C THR B 9 17.02 15.11 2.35
N CYS B 10 15.76 15.24 2.65
CA CYS B 10 15.03 14.10 3.25
C CYS B 10 15.09 12.92 2.35
N GLU B 11 15.27 11.81 2.94
CA GLU B 11 15.32 10.58 2.09
C GLU B 11 13.91 10.29 1.55
N ARG B 12 12.92 11.01 2.05
CA ARG B 12 11.51 10.78 1.57
C ARG B 12 10.85 12.10 1.17
N CYS B 13 10.88 13.08 2.01
CA CYS B 13 10.26 14.38 1.63
C CYS B 13 11.15 15.01 0.59
N LYS B 14 12.33 14.47 0.45
CA LYS B 14 13.29 15.04 -0.51
C LYS B 14 13.51 16.47 -0.15
N GLY B 15 13.06 16.86 1.00
CA GLY B 15 13.25 18.19 1.49
C GLY B 15 14.71 18.34 1.65
N GLY B 16 15.06 19.49 1.95
CA GLY B 16 16.45 19.95 2.10
C GLY B 16 16.60 20.61 3.45
N PHE B 17 17.24 19.92 4.35
CA PHE B 17 17.47 20.47 5.70
C PHE B 17 18.93 20.86 5.84
N ALA B 18 19.09 21.58 6.86
CA ALA B 18 20.40 22.16 7.35
C ALA B 18 20.57 21.21 8.47
N PRO B 19 21.44 20.29 8.33
CA PRO B 19 21.19 19.19 9.17
C PRO B 19 21.58 18.68 10.52
N ALA B 20 21.32 19.61 11.28
CA ALA B 20 21.44 19.58 12.71
C ALA B 20 20.18 20.31 13.11
N GLU B 21 19.27 20.50 12.15
CA GLU B 21 17.99 21.17 12.50
C GLU B 21 17.05 20.05 12.74
N LYS B 22 16.47 19.55 11.70
CA LYS B 22 15.67 18.34 11.89
C LYS B 22 15.77 17.47 10.65
N ILE B 23 16.72 16.69 10.79
CA ILE B 23 17.09 15.59 9.89
C ILE B 23 17.35 14.37 10.78
N VAL B 24 17.00 13.19 10.33
CA VAL B 24 17.26 11.97 11.15
C VAL B 24 17.91 10.91 10.26
N ASN B 25 19.06 10.45 10.68
CA ASN B 25 19.81 9.41 9.91
C ASN B 25 19.46 8.04 10.48
N SER B 26 19.03 7.14 9.65
CA SER B 26 18.70 5.79 10.07
C SER B 26 19.24 4.87 9.02
N ASN B 27 20.33 4.26 9.32
CA ASN B 27 21.02 3.30 8.40
C ASN B 27 22.12 3.99 7.60
N GLY B 28 21.86 5.18 7.14
CA GLY B 28 22.88 5.90 6.34
C GLY B 28 22.15 6.86 5.39
N GLU B 29 20.84 6.90 5.48
CA GLU B 29 20.04 7.81 4.63
C GLU B 29 19.38 8.79 5.59
N LEU B 30 19.06 9.97 5.17
CA LEU B 30 18.49 10.98 6.09
C LEU B 30 16.98 11.07 5.94
N TYR B 31 16.30 11.19 7.05
CA TYR B 31 14.82 11.25 7.06
C TYR B 31 14.35 12.31 8.06
N HIS B 32 13.39 13.10 7.71
CA HIS B 32 12.87 14.08 8.67
C HIS B 32 12.23 13.25 9.73
N GLU B 33 12.18 13.65 10.95
CA GLU B 33 11.37 12.82 11.88
C GLU B 33 9.94 12.82 11.26
N GLN B 34 9.81 13.55 10.17
CA GLN B 34 8.54 13.64 9.39
C GLN B 34 8.53 12.51 8.40
N CYS B 35 9.67 11.94 8.21
CA CYS B 35 9.86 10.86 7.26
C CYS B 35 9.84 9.61 8.10
N PHE B 36 9.83 9.85 9.38
CA PHE B 36 9.65 8.74 10.37
C PHE B 36 8.16 8.56 10.44
N VAL B 37 7.68 7.79 9.51
CA VAL B 37 6.22 7.52 9.41
C VAL B 37 5.96 6.06 9.01
N CYS B 38 4.95 5.50 9.61
CA CYS B 38 4.54 4.08 9.38
C CYS B 38 3.92 3.88 8.00
N ALA B 39 4.21 2.80 7.32
CA ALA B 39 3.52 2.52 6.01
C ALA B 39 1.98 2.39 6.21
N GLN B 40 1.56 1.97 7.36
CA GLN B 40 0.08 1.81 7.66
C GLN B 40 -0.37 3.03 8.46
N CYS B 41 0.50 3.33 9.34
CA CYS B 41 0.40 4.38 10.37
C CYS B 41 1.14 5.65 9.83
N PHE B 42 1.61 5.66 8.52
CA PHE B 42 2.56 6.72 7.84
C PHE B 42 2.14 8.04 8.17
N GLN B 43 1.63 7.97 9.23
CA GLN B 43 1.40 9.19 9.95
C GLN B 43 2.63 9.07 10.81
N GLN B 44 3.19 10.13 11.13
CA GLN B 44 4.43 10.07 11.91
C GLN B 44 4.16 9.42 13.25
N PHE B 45 5.10 8.63 13.69
CA PHE B 45 4.99 7.95 15.02
C PHE B 45 5.30 8.95 16.17
N PRO B 46 4.40 9.13 17.12
CA PRO B 46 4.63 10.04 18.28
C PRO B 46 5.82 9.58 19.16
N GLU B 47 6.61 10.54 19.52
CA GLU B 47 7.86 10.40 20.34
C GLU B 47 8.92 9.69 19.54
N GLY B 48 8.63 9.51 18.31
CA GLY B 48 9.65 9.06 17.34
C GLY B 48 10.17 7.62 17.49
N LEU B 49 9.66 6.77 18.36
CA LEU B 49 10.24 5.38 18.41
C LEU B 49 9.43 4.50 17.48
N PHE B 50 10.07 4.00 16.49
CA PHE B 50 9.38 3.16 15.49
C PHE B 50 10.24 1.91 15.09
N TYR B 51 9.67 0.84 14.51
CA TYR B 51 10.49 -0.32 14.05
C TYR B 51 10.00 -0.81 12.66
N GLU B 52 10.91 -0.91 11.74
CA GLU B 52 10.59 -1.39 10.33
C GLU B 52 10.81 -2.91 10.11
N PHE B 53 9.91 -3.56 9.38
CA PHE B 53 10.08 -5.00 9.06
C PHE B 53 9.65 -5.35 7.62
N GLU B 54 10.48 -6.15 7.01
CA GLU B 54 10.28 -6.71 5.63
C GLU B 54 9.83 -5.75 4.51
N GLY B 55 10.55 -4.68 4.29
CA GLY B 55 10.18 -3.78 3.12
C GLY B 55 9.12 -2.77 3.53
N ARG B 56 8.48 -3.01 4.62
CA ARG B 56 7.43 -2.06 5.10
C ARG B 56 8.00 -1.44 6.33
N LYS B 57 7.60 -0.24 6.62
CA LYS B 57 8.12 0.42 7.84
C LYS B 57 6.94 0.56 8.82
N TYR B 58 7.12 0.16 10.07
CA TYR B 58 5.99 0.21 11.07
C TYR B 58 6.40 0.84 12.41
N CYS B 59 5.49 1.48 13.07
CA CYS B 59 5.79 1.94 14.44
C CYS B 59 5.88 0.63 15.20
N GLU B 60 6.38 0.61 16.39
CA GLU B 60 6.48 -0.67 17.08
C GLU B 60 5.14 -1.31 17.13
N HIS B 61 4.18 -0.50 17.33
CA HIS B 61 2.83 -1.00 17.48
C HIS B 61 2.47 -1.85 16.27
N ASP B 62 2.62 -1.34 15.09
CA ASP B 62 2.22 -2.20 13.93
C ASP B 62 3.23 -3.29 13.71
N PHE B 63 4.44 -3.04 14.06
CA PHE B 63 5.43 -4.10 13.93
C PHE B 63 5.00 -5.14 14.95
N GLN B 64 4.66 -4.66 16.10
CA GLN B 64 4.20 -5.56 17.20
C GLN B 64 2.88 -6.20 16.85
N MET B 65 2.18 -5.69 15.91
CA MET B 65 0.93 -6.39 15.55
C MET B 65 1.35 -7.72 14.90
N LEU B 66 2.19 -7.63 13.92
CA LEU B 66 2.68 -8.84 13.18
C LEU B 66 3.74 -9.56 13.99
N PHE B 67 4.23 -8.92 15.00
CA PHE B 67 5.30 -9.51 15.87
C PHE B 67 4.74 -9.71 17.28
N ALA B 68 3.58 -9.18 17.50
CA ALA B 68 2.90 -9.30 18.84
C ALA B 68 1.38 -9.50 18.66
N PRO B 69 0.97 -10.69 18.26
CA PRO B 69 -0.46 -10.99 18.06
C PRO B 69 -1.21 -10.82 19.39
N CYS B 70 -2.32 -10.12 19.38
CA CYS B 70 -3.10 -9.93 20.63
C CYS B 70 -4.57 -9.68 20.29
ZN ZN C . 11.31 14.68 4.71
ZN ZN D . 1.95 2.75 12.90
N MET A 1 18.19 -18.78 5.49
CA MET A 1 17.88 -20.11 4.91
C MET A 1 16.72 -20.73 5.69
N ASP A 2 15.84 -21.44 5.02
CA ASP A 2 14.69 -22.07 5.73
C ASP A 2 14.22 -23.32 4.99
N ASP A 3 15.11 -24.28 4.82
CA ASP A 3 14.74 -25.55 4.14
C ASP A 3 14.10 -25.28 2.76
N ILE A 4 13.09 -26.05 2.43
CA ILE A 4 12.42 -25.89 1.11
C ILE A 4 11.61 -24.59 1.10
N PHE A 5 11.18 -24.15 2.26
CA PHE A 5 10.40 -22.89 2.33
C PHE A 5 11.20 -21.78 1.63
N THR A 6 12.48 -21.73 1.90
CA THR A 6 13.32 -20.67 1.28
C THR A 6 13.63 -21.03 -0.17
N GLN A 7 14.03 -22.23 -0.42
CA GLN A 7 14.34 -22.63 -1.83
C GLN A 7 13.08 -22.47 -2.68
N CYS A 8 11.97 -22.16 -2.06
CA CYS A 8 10.69 -21.99 -2.82
C CYS A 8 10.54 -20.51 -3.22
N ARG A 9 10.49 -19.62 -2.26
CA ARG A 9 10.34 -18.16 -2.62
C ARG A 9 11.63 -17.69 -3.29
N GLU A 10 12.59 -18.56 -3.35
CA GLU A 10 13.90 -18.20 -3.98
C GLU A 10 13.68 -17.93 -5.47
N GLY A 11 12.47 -18.05 -5.94
CA GLY A 11 12.18 -17.82 -7.38
C GLY A 11 12.11 -19.17 -8.07
N ASN A 12 12.11 -20.20 -7.29
CA ASN A 12 12.03 -21.58 -7.87
C ASN A 12 10.57 -21.88 -8.14
N ALA A 13 9.95 -21.07 -8.94
CA ALA A 13 8.50 -21.29 -9.30
C ALA A 13 8.26 -22.79 -9.52
N VAL A 14 9.32 -23.49 -9.82
CA VAL A 14 9.22 -24.97 -10.07
C VAL A 14 9.17 -25.71 -8.73
N ALA A 15 9.85 -25.22 -7.73
CA ALA A 15 9.84 -25.92 -6.42
C ALA A 15 8.47 -25.75 -5.81
N VAL A 16 7.90 -24.61 -6.00
CA VAL A 16 6.56 -24.37 -5.44
C VAL A 16 5.61 -25.38 -6.09
N ARG A 17 5.67 -25.48 -7.40
CA ARG A 17 4.80 -26.45 -8.11
C ARG A 17 5.07 -27.85 -7.58
N LEU A 18 6.33 -28.19 -7.41
CA LEU A 18 6.72 -29.55 -6.93
C LEU A 18 5.83 -29.98 -5.75
N TRP A 19 5.86 -29.32 -4.62
CA TRP A 19 5.01 -29.82 -3.48
C TRP A 19 3.54 -29.50 -3.74
N LEU A 20 3.26 -28.54 -4.57
CA LEU A 20 1.83 -28.21 -4.86
C LEU A 20 1.18 -29.37 -5.62
N ASP A 21 1.96 -30.15 -6.33
CA ASP A 21 1.38 -31.29 -7.10
C ASP A 21 1.28 -32.53 -6.22
N ASN A 22 0.97 -32.37 -4.96
CA ASN A 22 0.86 -33.55 -4.05
C ASN A 22 -0.59 -34.02 -3.97
N THR A 23 -0.83 -35.27 -4.27
CA THR A 23 -2.23 -35.79 -4.21
C THR A 23 -2.90 -35.38 -2.90
N GLU A 24 -2.13 -34.88 -1.97
CA GLU A 24 -2.73 -34.45 -0.66
C GLU A 24 -3.11 -32.97 -0.75
N ASN A 25 -2.41 -32.23 -1.56
CA ASN A 25 -2.71 -30.78 -1.72
C ASN A 25 -2.99 -30.13 -0.37
N ASP A 26 -1.99 -30.05 0.47
CA ASP A 26 -2.14 -29.39 1.81
C ASP A 26 -1.22 -28.18 1.80
N LEU A 27 -0.57 -27.96 0.69
CA LEU A 27 0.36 -26.82 0.55
C LEU A 27 -0.31 -25.53 1.02
N ASN A 28 -1.59 -25.58 1.31
CA ASN A 28 -2.29 -24.36 1.77
C ASN A 28 -1.83 -24.02 3.19
N GLN A 29 -0.92 -24.79 3.73
CA GLN A 29 -0.43 -24.50 5.11
C GLN A 29 -0.02 -23.03 5.20
N GLY A 30 -0.33 -22.39 6.29
CA GLY A 30 0.03 -20.95 6.48
C GLY A 30 0.91 -20.79 7.73
N ASP A 31 0.52 -19.93 8.64
CA ASP A 31 1.32 -19.74 9.90
C ASP A 31 0.34 -19.70 11.09
N ASP A 32 0.85 -19.58 12.28
CA ASP A 32 -0.05 -19.52 13.48
C ASP A 32 -0.79 -18.19 13.53
N HIS A 33 -0.27 -17.17 12.89
CA HIS A 33 -0.96 -15.84 12.91
C HIS A 33 -1.92 -15.74 11.73
N GLY A 34 -1.91 -16.71 10.85
CA GLY A 34 -2.85 -16.69 9.69
C GLY A 34 -2.17 -16.26 8.38
N PHE A 35 -0.86 -16.31 8.28
CA PHE A 35 -0.23 -15.93 6.98
C PHE A 35 -0.30 -17.14 6.06
N SER A 36 -0.76 -16.96 4.84
CA SER A 36 -0.89 -18.12 3.89
C SER A 36 0.13 -17.97 2.73
N PRO A 37 0.24 -18.99 1.89
CA PRO A 37 1.16 -18.92 0.75
C PRO A 37 0.68 -17.80 -0.18
N LEU A 38 -0.60 -17.74 -0.42
CA LEU A 38 -1.16 -16.68 -1.30
C LEU A 38 -0.68 -15.32 -0.80
N HIS A 39 -0.68 -15.14 0.49
CA HIS A 39 -0.21 -13.86 1.06
C HIS A 39 1.20 -13.59 0.57
N TRP A 40 2.12 -14.39 1.00
CA TRP A 40 3.54 -14.20 0.56
C TRP A 40 3.59 -14.04 -0.95
N ALA A 41 2.95 -14.90 -1.66
CA ALA A 41 2.97 -14.82 -3.15
C ALA A 41 2.41 -13.49 -3.63
N CYS A 42 1.27 -13.09 -3.15
CA CYS A 42 0.66 -11.82 -3.60
C CYS A 42 1.71 -10.69 -3.57
N ARG A 43 2.43 -10.55 -2.49
CA ARG A 43 3.46 -9.46 -2.42
C ARG A 43 4.79 -9.91 -3.05
N GLU A 44 5.01 -11.20 -3.13
CA GLU A 44 6.28 -11.70 -3.74
C GLU A 44 6.47 -11.04 -5.12
N GLY A 45 5.57 -11.30 -6.04
CA GLY A 45 5.68 -10.69 -7.41
C GLY A 45 5.60 -11.78 -8.49
N ARG A 46 5.49 -13.03 -8.10
CA ARG A 46 5.41 -14.12 -9.13
C ARG A 46 3.94 -14.38 -9.47
N SER A 47 3.31 -13.42 -10.09
CA SER A 47 1.87 -13.58 -10.47
C SER A 47 1.61 -14.97 -11.04
N ALA A 48 2.60 -15.56 -11.65
CA ALA A 48 2.39 -16.93 -12.21
C ALA A 48 1.84 -17.84 -11.11
N VAL A 49 2.70 -18.39 -10.31
CA VAL A 49 2.24 -19.34 -9.25
C VAL A 49 0.95 -18.83 -8.56
N VAL A 50 0.85 -17.55 -8.26
CA VAL A 50 -0.40 -17.07 -7.58
C VAL A 50 -1.60 -17.15 -8.54
N GLU A 51 -1.39 -16.80 -9.77
CA GLU A 51 -2.49 -16.86 -10.78
C GLU A 51 -3.14 -18.24 -10.77
N MET A 52 -2.34 -19.25 -10.88
CA MET A 52 -2.87 -20.64 -10.90
C MET A 52 -3.41 -21.00 -9.52
N LEU A 53 -2.92 -20.37 -8.51
CA LEU A 53 -3.40 -20.66 -7.12
C LEU A 53 -4.81 -20.06 -6.95
N ILE A 54 -5.06 -18.92 -7.51
CA ILE A 54 -6.41 -18.30 -7.39
C ILE A 54 -7.49 -19.33 -7.76
N MET A 55 -7.22 -20.16 -8.73
CA MET A 55 -8.22 -21.19 -9.16
C MET A 55 -8.00 -22.50 -8.40
N ARG A 56 -6.81 -22.73 -7.92
CA ARG A 56 -6.55 -24.01 -7.19
C ARG A 56 -7.53 -24.13 -6.02
N GLY A 57 -7.82 -23.03 -5.37
CA GLY A 57 -8.77 -23.08 -4.23
C GLY A 57 -8.46 -21.95 -3.25
N ALA A 58 -8.04 -20.84 -3.77
CA ALA A 58 -7.69 -19.68 -2.90
C ALA A 58 -8.86 -19.32 -1.97
N ARG A 59 -8.55 -18.60 -0.92
CA ARG A 59 -9.60 -18.13 0.02
C ARG A 59 -9.96 -16.70 -0.40
N ILE A 60 -11.11 -16.51 -0.96
CA ILE A 60 -11.49 -15.15 -1.40
C ILE A 60 -11.63 -14.26 -0.16
N ASN A 61 -11.52 -14.84 1.01
CA ASN A 61 -11.64 -14.04 2.27
C ASN A 61 -10.42 -14.27 3.15
N VAL A 62 -9.25 -14.08 2.60
CA VAL A 62 -7.99 -14.26 3.39
C VAL A 62 -7.40 -12.89 3.70
N MET A 63 -7.05 -12.64 4.92
CA MET A 63 -6.47 -11.32 5.30
C MET A 63 -5.40 -11.52 6.37
N ASN A 64 -4.49 -10.61 6.48
CA ASN A 64 -3.40 -10.75 7.50
C ASN A 64 -3.96 -10.30 8.85
N ARG A 65 -3.42 -10.79 9.93
CA ARG A 65 -3.93 -10.39 11.26
C ARG A 65 -4.05 -8.86 11.32
N GLY A 66 -3.25 -8.17 10.54
CA GLY A 66 -3.32 -6.67 10.53
C GLY A 66 -4.22 -6.20 9.39
N ASP A 67 -5.36 -6.84 9.20
CA ASP A 67 -6.29 -6.42 8.12
C ASP A 67 -5.50 -6.16 6.84
N ASP A 68 -5.39 -7.15 6.03
CA ASP A 68 -4.64 -6.98 4.75
C ASP A 68 -5.14 -7.99 3.73
N THR A 69 -6.09 -7.61 2.91
CA THR A 69 -6.61 -8.53 1.88
C THR A 69 -5.61 -8.51 0.71
N PRO A 70 -5.58 -9.56 -0.08
CA PRO A 70 -4.66 -9.61 -1.21
C PRO A 70 -4.78 -8.35 -2.07
N LEU A 71 -5.98 -7.85 -2.27
CA LEU A 71 -6.13 -6.63 -3.13
C LEU A 71 -5.17 -5.57 -2.62
N HIS A 72 -5.21 -5.27 -1.35
CA HIS A 72 -4.27 -4.27 -0.80
C HIS A 72 -2.85 -4.67 -1.20
N LEU A 73 -2.37 -5.75 -0.66
CA LEU A 73 -0.98 -6.21 -0.98
C LEU A 73 -0.78 -6.19 -2.50
N ALA A 74 -1.66 -6.82 -3.23
CA ALA A 74 -1.50 -6.86 -4.71
C ALA A 74 -1.46 -5.43 -5.25
N ALA A 75 -2.41 -4.63 -4.90
CA ALA A 75 -2.43 -3.22 -5.39
C ALA A 75 -1.28 -2.44 -4.76
N SER A 76 -0.81 -2.85 -3.62
CA SER A 76 0.31 -2.12 -2.97
C SER A 76 1.49 -2.05 -3.94
N HIS A 77 1.86 -3.16 -4.50
CA HIS A 77 3.00 -3.17 -5.45
C HIS A 77 2.65 -2.29 -6.66
N GLY A 78 1.51 -2.52 -7.26
CA GLY A 78 1.10 -1.70 -8.45
C GLY A 78 1.30 -2.50 -9.74
N HIS A 79 0.98 -3.78 -9.70
CA HIS A 79 1.15 -4.62 -10.93
C HIS A 79 -0.18 -4.66 -11.69
N ARG A 80 -0.30 -3.84 -12.71
CA ARG A 80 -1.57 -3.79 -13.51
C ARG A 80 -2.13 -5.22 -13.70
N ASP A 81 -1.29 -6.15 -14.01
CA ASP A 81 -1.76 -7.55 -14.24
C ASP A 81 -2.41 -8.11 -12.97
N ILE A 82 -1.70 -8.19 -11.89
CA ILE A 82 -2.31 -8.73 -10.64
C ILE A 82 -3.57 -7.94 -10.31
N VAL A 83 -3.52 -6.65 -10.43
CA VAL A 83 -4.72 -5.83 -10.12
C VAL A 83 -5.91 -6.40 -10.88
N GLN A 84 -5.90 -6.29 -12.17
CA GLN A 84 -7.04 -6.80 -12.99
C GLN A 84 -7.44 -8.22 -12.54
N LYS A 85 -6.48 -9.05 -12.24
CA LYS A 85 -6.81 -10.45 -11.85
C LYS A 85 -7.43 -10.50 -10.45
N LEU A 86 -6.95 -9.71 -9.53
CA LEU A 86 -7.54 -9.73 -8.15
C LEU A 86 -8.66 -8.69 -8.06
N LEU A 87 -8.66 -7.74 -8.96
CA LEU A 87 -9.71 -6.68 -8.94
C LEU A 87 -10.97 -7.19 -9.63
N GLN A 88 -10.85 -8.23 -10.41
CA GLN A 88 -12.04 -8.79 -11.13
C GLN A 88 -12.61 -9.96 -10.35
N TYR A 89 -11.86 -10.49 -9.42
CA TYR A 89 -12.34 -11.67 -8.64
C TYR A 89 -12.99 -11.22 -7.33
N LYS A 90 -12.48 -10.17 -6.73
CA LYS A 90 -13.06 -9.69 -5.43
C LYS A 90 -13.75 -8.33 -5.63
N ALA A 91 -13.20 -7.50 -6.46
CA ALA A 91 -13.82 -6.16 -6.68
C ALA A 91 -14.07 -5.51 -5.31
N ASP A 92 -13.14 -5.65 -4.40
CA ASP A 92 -13.29 -5.04 -3.04
C ASP A 92 -12.66 -3.65 -3.04
N ILE A 93 -12.70 -3.01 -4.18
CA ILE A 93 -12.16 -1.65 -4.30
C ILE A 93 -13.08 -0.71 -3.52
N ASN A 94 -14.37 -0.97 -3.60
CA ASN A 94 -15.33 -0.10 -2.86
C ASN A 94 -15.43 -0.60 -1.42
N ALA A 95 -14.82 -1.73 -1.13
CA ALA A 95 -14.84 -2.29 0.25
C ALA A 95 -13.42 -2.16 0.82
N VAL A 96 -13.21 -1.14 1.61
CA VAL A 96 -11.87 -0.91 2.19
C VAL A 96 -11.57 -1.95 3.27
N ASN A 97 -10.47 -1.81 3.95
CA ASN A 97 -10.14 -2.73 5.07
C ASN A 97 -10.83 -2.18 6.32
N GLU A 98 -10.16 -2.12 7.46
CA GLU A 98 -10.78 -1.56 8.70
C GLU A 98 -10.07 -0.27 9.09
N HIS A 99 -8.95 0.01 8.46
CA HIS A 99 -8.19 1.26 8.78
C HIS A 99 -8.50 2.32 7.73
N GLY A 100 -9.15 1.94 6.66
CA GLY A 100 -9.48 2.94 5.59
C GLY A 100 -8.44 2.85 4.48
N ASN A 101 -7.60 1.84 4.51
CA ASN A 101 -6.55 1.72 3.46
C ASN A 101 -7.15 1.19 2.15
N VAL A 102 -7.58 2.08 1.30
CA VAL A 102 -8.15 1.67 -0.02
C VAL A 102 -6.95 1.45 -0.96
N PRO A 103 -7.05 0.54 -1.90
CA PRO A 103 -5.94 0.28 -2.83
C PRO A 103 -5.37 1.61 -3.37
N LEU A 104 -6.21 2.54 -3.73
CA LEU A 104 -5.70 3.84 -4.28
C LEU A 104 -4.82 4.54 -3.25
N HIS A 105 -5.25 4.61 -2.02
CA HIS A 105 -4.43 5.27 -0.97
C HIS A 105 -3.02 4.70 -1.00
N TYR A 106 -2.91 3.42 -1.21
CA TYR A 106 -1.58 2.77 -1.26
C TYR A 106 -0.93 3.03 -2.62
N ALA A 107 -1.69 2.92 -3.68
CA ALA A 107 -1.12 3.17 -5.03
C ALA A 107 -0.54 4.58 -5.10
N CYS A 108 -1.13 5.51 -4.40
CA CYS A 108 -0.62 6.91 -4.43
C CYS A 108 0.55 7.02 -3.45
N PHE A 109 0.53 6.25 -2.39
CA PHE A 109 1.65 6.31 -1.43
C PHE A 109 2.95 5.99 -2.16
N TRP A 110 2.87 5.18 -3.19
CA TRP A 110 4.10 4.84 -3.97
C TRP A 110 4.39 6.01 -4.91
N GLY A 111 3.45 6.33 -5.78
CA GLY A 111 3.65 7.47 -6.72
C GLY A 111 3.49 6.98 -8.17
N GLN A 112 2.49 6.16 -8.43
CA GLN A 112 2.27 5.65 -9.83
C GLN A 112 0.85 6.03 -10.26
N ASP A 113 0.71 7.13 -10.93
CA ASP A 113 -0.65 7.58 -11.37
C ASP A 113 -1.30 6.54 -12.30
N GLN A 114 -0.53 5.87 -13.11
CA GLN A 114 -1.13 4.87 -14.05
C GLN A 114 -2.06 3.92 -13.28
N VAL A 115 -1.53 3.18 -12.34
CA VAL A 115 -2.38 2.22 -11.58
C VAL A 115 -3.57 2.94 -10.95
N ALA A 116 -3.40 4.15 -10.54
CA ALA A 116 -4.51 4.91 -9.92
C ALA A 116 -5.62 5.14 -10.93
N GLU A 117 -5.26 5.37 -12.14
CA GLU A 117 -6.28 5.60 -13.20
C GLU A 117 -7.11 4.33 -13.36
N ASP A 118 -6.45 3.21 -13.54
CA ASP A 118 -7.18 1.92 -13.72
C ASP A 118 -8.17 1.70 -12.57
N LEU A 119 -7.83 2.08 -11.38
CA LEU A 119 -8.77 1.86 -10.24
C LEU A 119 -9.99 2.78 -10.39
N VAL A 120 -9.78 4.06 -10.45
CA VAL A 120 -10.92 5.00 -10.59
C VAL A 120 -11.52 4.87 -11.99
N ALA A 121 -10.86 4.14 -12.86
CA ALA A 121 -11.39 3.98 -14.24
C ALA A 121 -12.66 3.14 -14.20
N ASN A 122 -12.95 2.53 -13.08
CA ASN A 122 -14.19 1.71 -12.98
C ASN A 122 -15.26 2.57 -12.31
N GLY A 123 -14.87 3.28 -11.28
CA GLY A 123 -15.83 4.16 -10.56
C GLY A 123 -15.48 4.20 -9.06
N ALA A 124 -14.41 3.54 -8.66
CA ALA A 124 -14.03 3.54 -7.23
C ALA A 124 -14.04 4.97 -6.70
N LEU A 125 -14.08 5.93 -7.59
CA LEU A 125 -14.09 7.35 -7.16
C LEU A 125 -12.77 7.68 -6.47
N VAL A 126 -12.05 8.66 -6.97
CA VAL A 126 -10.75 9.02 -6.35
C VAL A 126 -10.99 10.00 -5.20
N SER A 127 -12.14 10.61 -5.17
CA SER A 127 -12.45 11.58 -4.08
C SER A 127 -13.16 10.86 -2.93
N ILE A 128 -12.78 9.64 -2.65
CA ILE A 128 -13.44 8.89 -1.55
C ILE A 128 -13.29 9.67 -0.23
N CYS A 129 -12.09 10.12 0.08
CA CYS A 129 -11.84 10.88 1.34
C CYS A 129 -11.51 9.88 2.44
N ASN A 130 -10.25 9.63 2.67
CA ASN A 130 -9.88 8.63 3.71
C ASN A 130 -10.49 9.03 5.05
N LYS A 131 -10.37 8.18 6.01
CA LYS A 131 -10.91 8.46 7.36
C LYS A 131 -10.39 9.81 7.85
N TYR A 132 -9.33 10.30 7.26
CA TYR A 132 -8.75 11.62 7.65
C TYR A 132 -8.60 12.48 6.40
N GLY A 133 -9.28 12.11 5.34
CA GLY A 133 -9.19 12.90 4.08
C GLY A 133 -7.87 12.59 3.39
N GLU A 134 -7.18 11.59 3.85
CA GLU A 134 -5.89 11.24 3.21
C GLU A 134 -6.16 10.83 1.77
N MET A 135 -6.20 11.78 0.86
CA MET A 135 -6.48 11.47 -0.57
C MET A 135 -5.21 11.77 -1.39
N PRO A 136 -5.05 11.16 -2.56
CA PRO A 136 -3.86 11.43 -3.38
C PRO A 136 -3.71 12.95 -3.58
N VAL A 137 -4.81 13.65 -3.66
CA VAL A 137 -4.72 15.14 -3.88
C VAL A 137 -3.72 15.76 -2.91
N ASP A 138 -3.72 15.31 -1.67
CA ASP A 138 -2.77 15.87 -0.67
C ASP A 138 -1.43 15.14 -0.79
N LYS A 139 -1.47 13.85 -0.81
CA LYS A 139 -0.20 13.09 -0.94
C LYS A 139 0.43 13.45 -2.29
N ALA A 140 -0.34 14.01 -3.18
CA ALA A 140 0.20 14.41 -4.52
C ALA A 140 0.63 15.86 -4.49
N LYS A 141 0.02 16.62 -3.62
CA LYS A 141 0.37 18.06 -3.51
C LYS A 141 1.57 18.23 -2.58
N ALA A 142 2.03 17.18 -1.95
CA ALA A 142 3.21 17.31 -1.03
C ALA A 142 4.54 17.04 -1.78
N PRO A 143 4.66 15.92 -2.48
CA PRO A 143 5.91 15.60 -3.20
C PRO A 143 6.25 16.71 -4.20
N LEU A 144 5.33 17.00 -5.09
CA LEU A 144 5.53 18.08 -6.13
C LEU A 144 4.70 17.75 -7.37
N ARG A 145 3.90 16.71 -7.33
CA ARG A 145 3.08 16.35 -8.51
C ARG A 145 2.10 17.48 -8.82
N GLU A 146 1.20 17.74 -7.92
CA GLU A 146 0.16 18.80 -8.14
C GLU A 146 -0.51 18.62 -9.51
N LEU A 147 -0.13 17.59 -10.23
CA LEU A 147 -0.76 17.34 -11.55
C LEU A 147 -2.08 16.65 -11.26
N LEU A 148 -2.06 15.79 -10.28
CA LEU A 148 -3.28 15.08 -9.87
C LEU A 148 -4.20 16.11 -9.23
N ARG A 149 -3.63 17.16 -8.70
CA ARG A 149 -4.48 18.21 -8.05
C ARG A 149 -5.36 18.85 -9.11
N GLU A 150 -4.76 19.36 -10.14
CA GLU A 150 -5.54 20.01 -11.23
C GLU A 150 -6.61 19.02 -11.71
N ARG A 151 -6.20 17.81 -11.98
CA ARG A 151 -7.17 16.80 -12.47
C ARG A 151 -8.18 16.52 -11.37
N ALA A 152 -7.70 16.38 -10.18
CA ALA A 152 -8.61 16.10 -9.04
C ALA A 152 -9.68 17.20 -8.97
N GLU A 153 -9.28 18.44 -8.86
CA GLU A 153 -10.29 19.53 -8.75
C GLU A 153 -11.08 19.67 -10.04
N LYS A 154 -10.50 19.30 -11.13
CA LYS A 154 -11.22 19.41 -12.44
C LYS A 154 -12.12 18.19 -12.64
N MET A 155 -12.00 17.22 -11.78
CA MET A 155 -12.85 16.01 -11.91
C MET A 155 -14.30 16.42 -11.67
N GLY A 156 -14.50 17.58 -11.12
CA GLY A 156 -15.89 18.07 -10.85
C GLY A 156 -16.27 17.69 -9.41
N GLN A 157 -15.34 17.81 -8.49
CA GLN A 157 -15.63 17.45 -7.07
C GLN A 157 -15.19 18.59 -6.16
N ASN A 158 -14.32 19.45 -6.63
CA ASN A 158 -13.85 20.60 -5.79
C ASN A 158 -14.37 21.90 -6.37
N LEU A 159 -14.32 22.04 -7.67
CA LEU A 159 -14.83 23.28 -8.32
C LEU A 159 -16.32 23.12 -8.58
N ASN A 160 -17.12 23.19 -7.55
CA ASN A 160 -18.60 23.03 -7.71
C ASN A 160 -19.27 24.40 -7.66
N ARG A 161 -19.77 24.87 -8.78
CA ARG A 161 -20.45 26.19 -8.77
C ARG A 161 -21.54 26.17 -7.71
N ILE A 162 -21.95 27.31 -7.22
CA ILE A 162 -23.01 27.33 -6.17
C ILE A 162 -24.28 26.64 -6.73
N PRO A 163 -24.64 25.47 -6.21
CA PRO A 163 -25.84 24.77 -6.72
C PRO A 163 -27.09 25.64 -6.51
N TYR A 164 -28.01 25.62 -7.44
CA TYR A 164 -29.25 26.44 -7.30
C TYR A 164 -30.32 25.61 -6.60
N LYS A 165 -29.92 24.65 -5.79
CA LYS A 165 -30.91 23.79 -5.07
C LYS A 165 -30.49 23.68 -3.60
N ASP A 166 -29.58 22.79 -3.27
CA ASP A 166 -29.13 22.66 -1.85
C ASP A 166 -30.34 22.68 -0.92
N THR A 167 -30.66 23.84 -0.39
CA THR A 167 -31.82 23.96 0.53
C THR A 167 -32.26 25.42 0.60
N PHE A 168 -31.76 26.25 -0.28
CA PHE A 168 -32.16 27.69 -0.28
C PHE A 168 -33.18 27.90 -1.37
N TRP A 169 -34.40 27.84 -0.98
CA TRP A 169 -35.53 28.01 -1.92
C TRP A 169 -36.76 28.46 -1.14
N LYS A 170 -36.75 28.23 0.14
CA LYS A 170 -37.90 28.65 0.99
C LYS A 170 -38.11 30.16 0.86
N GLY A 171 -37.26 30.83 0.13
CA GLY A 171 -37.41 32.30 -0.04
C GLY A 171 -36.38 32.81 -1.04
N MET B 1 19.80 33.65 -12.79
CA MET B 1 20.26 33.14 -11.48
C MET B 1 19.07 32.62 -10.68
N ALA B 2 19.28 32.23 -9.45
CA ALA B 2 18.15 31.72 -8.62
C ALA B 2 18.64 31.51 -7.18
N ASN B 3 19.61 30.67 -6.99
CA ASN B 3 20.13 30.42 -5.62
C ASN B 3 18.98 29.93 -4.72
N ALA B 4 19.30 29.32 -3.62
CA ALA B 4 18.24 28.81 -2.71
C ALA B 4 18.88 28.24 -1.44
N LEU B 5 18.34 28.58 -0.30
CA LEU B 5 18.91 28.06 0.98
C LEU B 5 18.43 26.62 1.20
N ALA B 6 17.94 25.99 0.18
CA ALA B 6 17.44 24.59 0.34
C ALA B 6 18.63 23.62 0.32
N SER B 7 18.65 22.68 1.22
CA SER B 7 19.78 21.70 1.26
C SER B 7 19.36 20.50 2.09
N ALA B 8 19.83 19.32 1.75
CA ALA B 8 19.44 18.11 2.54
C ALA B 8 17.92 17.92 2.45
N THR B 9 17.48 16.76 2.06
CA THR B 9 16.01 16.49 1.87
C THR B 9 15.58 15.23 2.64
N CYS B 10 14.30 15.11 2.98
CA CYS B 10 13.88 13.90 3.70
C CYS B 10 14.20 12.72 2.87
N GLU B 11 14.57 11.71 3.53
CA GLU B 11 14.87 10.44 2.81
C GLU B 11 13.53 9.81 2.43
N ARG B 12 12.44 10.44 2.81
CA ARG B 12 11.09 9.85 2.50
C ARG B 12 10.15 10.86 1.85
N CYS B 13 10.03 12.06 2.37
CA CYS B 13 9.09 13.03 1.73
C CYS B 13 9.88 13.87 0.72
N LYS B 14 11.18 13.67 0.68
CA LYS B 14 12.03 14.38 -0.31
C LYS B 14 11.99 15.88 -0.11
N GLY B 15 11.40 16.33 0.94
CA GLY B 15 11.37 17.72 1.29
C GLY B 15 12.79 18.06 1.55
N GLY B 16 13.01 19.29 1.70
CA GLY B 16 14.33 19.88 1.88
C GLY B 16 14.34 20.68 3.16
N PHE B 17 15.04 20.19 4.13
CA PHE B 17 15.14 20.90 5.43
C PHE B 17 16.52 21.51 5.57
N ALA B 18 16.49 22.43 6.41
CA ALA B 18 17.67 23.28 6.87
C ALA B 18 17.81 22.66 8.21
N PRO B 19 18.77 21.86 8.41
CA PRO B 19 18.50 21.02 9.52
C PRO B 19 18.67 21.06 11.00
N ALA B 20 18.29 22.18 11.32
CA ALA B 20 18.13 22.66 12.66
C ALA B 20 16.67 23.03 12.62
N GLU B 21 16.00 22.62 11.53
CA GLU B 21 14.56 22.86 11.42
C GLU B 21 14.05 21.61 12.00
N LYS B 22 13.71 20.70 11.15
CA LYS B 22 13.36 19.40 11.59
C LYS B 22 13.75 18.33 10.58
N ILE B 23 14.89 17.82 10.84
CA ILE B 23 15.49 16.69 10.12
C ILE B 23 15.81 15.60 11.15
N VAL B 24 15.76 14.36 10.78
CA VAL B 24 16.13 13.28 11.76
C VAL B 24 17.04 12.30 11.03
N ASN B 25 18.15 12.00 11.63
CA ASN B 25 19.13 11.05 11.03
C ASN B 25 19.00 9.71 11.74
N SER B 26 18.73 8.66 11.01
CA SER B 26 18.59 7.33 11.60
C SER B 26 19.28 6.36 10.68
N ASN B 27 20.45 5.97 11.06
CA ASN B 27 21.29 5.01 10.31
C ASN B 27 22.25 5.72 9.35
N GLY B 28 21.90 6.87 8.87
CA GLY B 28 22.81 7.59 7.93
C GLY B 28 21.98 8.33 6.89
N GLU B 29 20.68 8.16 6.92
CA GLU B 29 19.79 8.85 5.94
C GLU B 29 18.99 9.86 6.76
N LEU B 30 18.51 10.90 6.16
CA LEU B 30 17.78 11.95 6.89
C LEU B 30 16.26 11.78 6.68
N TYR B 31 15.50 11.91 7.73
CA TYR B 31 14.02 11.76 7.61
C TYR B 31 13.30 12.81 8.46
N HIS B 32 12.29 13.44 7.94
CA HIS B 32 11.59 14.44 8.76
C HIS B 32 10.97 13.63 9.86
N GLU B 33 10.80 14.12 11.03
CA GLU B 33 10.04 13.30 11.99
C GLU B 33 8.67 13.06 11.31
N GLN B 34 8.51 13.69 10.14
CA GLN B 34 7.30 13.56 9.30
C GLN B 34 7.48 12.36 8.40
N CYS B 35 8.71 11.91 8.34
CA CYS B 35 9.07 10.80 7.49
C CYS B 35 9.14 9.62 8.44
N PHE B 36 9.06 9.96 9.70
CA PHE B 36 8.97 8.91 10.75
C PHE B 36 7.50 8.56 10.80
N VAL B 37 7.18 7.68 9.94
CA VAL B 37 5.78 7.16 9.82
C VAL B 37 5.84 5.67 9.50
N CYS B 38 5.07 4.89 10.22
CA CYS B 38 5.00 3.43 9.95
C CYS B 38 4.31 3.22 8.63
N ALA B 39 4.72 2.30 7.83
CA ALA B 39 4.02 2.07 6.54
C ALA B 39 2.54 1.67 6.78
N GLN B 40 2.26 0.97 7.85
CA GLN B 40 0.84 0.55 8.21
C GLN B 40 0.30 1.52 9.26
N CYS B 41 1.20 1.84 10.11
CA CYS B 41 1.05 2.70 11.31
C CYS B 41 1.45 4.14 10.87
N PHE B 42 1.72 4.39 9.54
CA PHE B 42 2.31 5.70 8.91
C PHE B 42 1.67 6.86 9.46
N GLN B 43 1.35 6.57 10.57
CA GLN B 43 0.93 7.57 11.46
C GLN B 43 2.26 7.69 12.15
N GLN B 44 2.52 8.79 12.64
CA GLN B 44 3.84 9.00 13.23
C GLN B 44 4.10 7.93 14.29
N PHE B 45 5.33 7.57 14.40
CA PHE B 45 5.72 6.49 15.35
C PHE B 45 5.56 6.94 16.85
N PRO B 46 4.70 6.23 17.60
CA PRO B 46 4.39 6.54 19.04
C PRO B 46 5.45 6.06 20.06
N GLU B 47 5.78 6.93 20.98
CA GLU B 47 6.78 6.66 22.06
C GLU B 47 8.12 6.54 21.42
N GLY B 48 8.14 6.87 20.19
CA GLY B 48 9.39 6.97 19.47
C GLY B 48 10.03 5.60 19.17
N LEU B 49 9.37 4.50 19.44
CA LEU B 49 10.01 3.16 19.19
C LEU B 49 9.65 2.68 17.83
N PHE B 50 10.69 2.42 17.07
CA PHE B 50 10.49 1.96 15.71
C PHE B 50 11.39 0.74 15.40
N TYR B 51 11.01 -0.09 14.45
CA TYR B 51 11.84 -1.18 13.99
C TYR B 51 11.65 -1.20 12.47
N GLU B 52 12.70 -1.16 11.74
CA GLU B 52 12.60 -1.18 10.26
C GLU B 52 12.71 -2.61 9.72
N PHE B 53 11.85 -3.01 8.80
CA PHE B 53 11.97 -4.37 8.21
C PHE B 53 11.65 -4.39 6.71
N GLU B 54 12.45 -5.11 5.99
CA GLU B 54 12.26 -5.32 4.53
C GLU B 54 11.92 -4.04 3.75
N GLY B 55 12.51 -2.93 4.08
CA GLY B 55 12.25 -1.68 3.28
C GLY B 55 11.00 -0.95 3.78
N ARG B 56 10.25 -1.55 4.66
CA ARG B 56 9.05 -0.86 5.21
C ARG B 56 9.34 -0.63 6.68
N LYS B 57 8.78 0.37 7.26
CA LYS B 57 9.02 0.65 8.69
C LYS B 57 7.72 0.44 9.48
N TYR B 58 7.77 -0.29 10.57
CA TYR B 58 6.54 -0.56 11.38
C TYR B 58 6.89 -0.34 12.87
N CYS B 59 5.94 0.02 13.72
CA CYS B 59 6.34 0.14 15.15
C CYS B 59 6.77 -1.27 15.52
N GLU B 60 7.46 -1.46 16.59
CA GLU B 60 7.90 -2.82 16.90
C GLU B 60 6.68 -3.69 16.94
N HIS B 61 5.69 -3.11 17.49
CA HIS B 61 4.43 -3.80 17.68
C HIS B 61 3.98 -4.35 16.35
N ASP B 62 3.84 -3.53 15.38
CA ASP B 62 3.39 -4.06 14.10
C ASP B 62 4.50 -4.79 13.42
N PHE B 63 5.70 -4.35 13.59
CA PHE B 63 6.77 -5.06 12.89
C PHE B 63 6.76 -6.47 13.37
N GLN B 64 6.57 -6.66 14.63
CA GLN B 64 6.61 -8.07 15.06
C GLN B 64 5.48 -8.80 14.43
N MET B 65 4.36 -8.19 14.40
CA MET B 65 3.18 -8.93 13.91
C MET B 65 3.43 -9.41 12.51
N LEU B 66 3.94 -8.60 11.64
CA LEU B 66 4.18 -9.13 10.28
C LEU B 66 5.32 -10.11 10.41
N PHE B 67 6.30 -9.75 11.16
CA PHE B 67 7.48 -10.62 11.26
C PHE B 67 7.24 -11.86 12.09
N ALA B 68 6.23 -11.96 12.92
CA ALA B 68 6.10 -13.21 13.73
C ALA B 68 6.31 -14.47 12.85
N PRO B 69 7.40 -15.21 13.04
CA PRO B 69 7.63 -16.42 12.23
C PRO B 69 6.53 -17.45 12.52
N CYS B 70 6.43 -17.90 13.74
CA CYS B 70 5.38 -18.91 14.09
C CYS B 70 5.32 -19.08 15.61
ZN ZN C . 10.21 14.46 4.73
ZN ZN D . 3.21 1.16 13.55
N MET A 1 18.15 -20.68 5.99
CA MET A 1 17.52 -21.97 5.57
C MET A 1 16.17 -21.68 4.90
N ASP A 2 15.13 -21.54 5.68
CA ASP A 2 13.79 -21.25 5.09
C ASP A 2 13.48 -22.28 3.99
N ASP A 3 14.30 -23.28 3.84
CA ASP A 3 14.06 -24.33 2.81
C ASP A 3 13.53 -23.71 1.50
N ILE A 4 12.56 -24.35 0.91
CA ILE A 4 11.99 -23.85 -0.37
C ILE A 4 11.29 -22.51 -0.13
N PHE A 5 10.56 -22.38 0.94
CA PHE A 5 9.85 -21.08 1.22
C PHE A 5 10.70 -19.90 0.72
N THR A 6 11.98 -19.97 0.95
CA THR A 6 12.89 -18.88 0.46
C THR A 6 13.27 -19.14 -1.00
N GLN A 7 13.91 -20.24 -1.25
CA GLN A 7 14.32 -20.57 -2.64
C GLN A 7 13.07 -20.69 -3.54
N CYS A 8 11.88 -20.56 -3.00
CA CYS A 8 10.65 -20.68 -3.83
C CYS A 8 10.19 -19.27 -4.24
N ARG A 9 10.03 -18.37 -3.31
CA ARG A 9 9.59 -16.99 -3.68
C ARG A 9 10.74 -16.32 -4.42
N GLU A 10 11.87 -16.95 -4.41
CA GLU A 10 13.08 -16.38 -5.09
C GLU A 10 12.79 -16.21 -6.57
N GLY A 11 11.61 -16.53 -7.00
CA GLY A 11 11.26 -16.39 -8.45
C GLY A 11 11.42 -17.75 -9.11
N ASN A 12 11.72 -18.74 -8.32
CA ASN A 12 11.88 -20.10 -8.88
C ASN A 12 10.47 -20.63 -9.09
N ALA A 13 9.72 -19.96 -9.91
CA ALA A 13 8.32 -20.38 -10.21
C ALA A 13 8.28 -21.90 -10.37
N VAL A 14 9.38 -22.46 -10.73
CA VAL A 14 9.45 -23.94 -10.89
C VAL A 14 9.48 -24.60 -9.52
N ALA A 15 10.19 -24.01 -8.61
CA ALA A 15 10.31 -24.61 -7.25
C ALA A 15 8.99 -24.46 -6.49
N VAL A 16 8.29 -23.37 -6.61
CA VAL A 16 7.03 -23.26 -5.85
C VAL A 16 6.01 -24.24 -6.45
N ARG A 17 6.00 -24.38 -7.75
CA ARG A 17 5.05 -25.35 -8.36
C ARG A 17 5.42 -26.75 -7.88
N LEU A 18 6.69 -27.04 -7.82
CA LEU A 18 7.16 -28.38 -7.37
C LEU A 18 6.47 -28.77 -6.05
N TRP A 19 6.67 -28.05 -4.98
CA TRP A 19 6.01 -28.48 -3.70
C TRP A 19 4.52 -28.13 -3.71
N LEU A 20 4.14 -27.08 -4.39
CA LEU A 20 2.70 -26.70 -4.43
C LEU A 20 1.90 -27.68 -5.29
N ASP A 21 2.54 -28.37 -6.20
CA ASP A 21 1.79 -29.34 -7.06
C ASP A 21 1.62 -30.68 -6.33
N ASN A 22 1.18 -30.64 -5.10
CA ASN A 22 1.00 -31.89 -4.34
C ASN A 22 -0.28 -32.60 -4.80
N THR A 23 -0.19 -33.87 -5.10
CA THR A 23 -1.40 -34.62 -5.53
C THR A 23 -2.28 -34.87 -4.32
N GLU A 24 -1.78 -34.55 -3.14
CA GLU A 24 -2.56 -34.75 -1.89
C GLU A 24 -3.04 -33.38 -1.38
N ASN A 25 -2.35 -32.35 -1.77
CA ASN A 25 -2.75 -30.97 -1.35
C ASN A 25 -2.76 -30.85 0.18
N ASP A 26 -1.60 -30.67 0.76
CA ASP A 26 -1.52 -30.51 2.25
C ASP A 26 -0.46 -29.47 2.56
N LEU A 27 0.61 -29.50 1.83
CA LEU A 27 1.69 -28.51 2.05
C LEU A 27 1.11 -27.10 1.94
N ASN A 28 -0.15 -27.01 1.58
CA ASN A 28 -0.79 -25.69 1.48
C ASN A 28 -1.03 -25.17 2.90
N GLN A 29 -0.12 -25.48 3.79
CA GLN A 29 -0.25 -24.98 5.19
C GLN A 29 0.22 -23.53 5.26
N GLY A 30 -0.53 -22.68 5.90
CA GLY A 30 -0.13 -21.25 5.99
C GLY A 30 0.89 -21.07 7.11
N ASP A 31 0.62 -20.17 8.03
CA ASP A 31 1.55 -19.95 9.19
C ASP A 31 0.72 -19.88 10.47
N ASP A 32 1.37 -19.85 11.60
CA ASP A 32 0.61 -19.78 12.88
C ASP A 32 0.09 -18.35 13.06
N HIS A 33 0.61 -17.43 12.29
CA HIS A 33 0.15 -16.00 12.40
C HIS A 33 -1.02 -15.77 11.44
N GLY A 34 -1.27 -16.71 10.56
CA GLY A 34 -2.42 -16.58 9.59
C GLY A 34 -1.92 -16.21 8.20
N PHE A 35 -0.69 -16.55 7.87
CA PHE A 35 -0.18 -16.24 6.49
C PHE A 35 -0.37 -17.46 5.59
N SER A 36 -1.00 -17.28 4.46
CA SER A 36 -1.21 -18.44 3.54
C SER A 36 -0.10 -18.45 2.46
N PRO A 37 -0.01 -19.51 1.70
CA PRO A 37 1.01 -19.58 0.63
C PRO A 37 0.71 -18.48 -0.39
N LEU A 38 -0.52 -18.42 -0.84
CA LEU A 38 -0.92 -17.38 -1.83
C LEU A 38 -0.63 -16.00 -1.22
N HIS A 39 -0.75 -15.89 0.06
CA HIS A 39 -0.48 -14.59 0.73
C HIS A 39 0.94 -14.14 0.40
N TRP A 40 1.88 -14.98 0.67
CA TRP A 40 3.31 -14.63 0.39
C TRP A 40 3.48 -14.41 -1.12
N ALA A 41 2.96 -15.29 -1.89
CA ALA A 41 3.09 -15.16 -3.38
C ALA A 41 2.52 -13.82 -3.82
N CYS A 42 1.33 -13.49 -3.38
CA CYS A 42 0.71 -12.20 -3.78
C CYS A 42 1.67 -11.05 -3.45
N ARG A 43 2.36 -11.13 -2.35
CA ARG A 43 3.31 -10.04 -1.97
C ARG A 43 4.49 -10.02 -2.94
N GLU A 44 5.00 -11.17 -3.31
CA GLU A 44 6.15 -11.22 -4.23
C GLU A 44 5.81 -10.47 -5.54
N GLY A 45 4.81 -10.91 -6.26
CA GLY A 45 4.42 -10.22 -7.53
C GLY A 45 4.39 -11.23 -8.69
N ARG A 46 4.81 -12.44 -8.45
CA ARG A 46 4.81 -13.46 -9.54
C ARG A 46 3.36 -13.81 -9.92
N SER A 47 2.62 -12.81 -10.33
CA SER A 47 1.19 -12.97 -10.73
C SER A 47 0.96 -14.33 -11.41
N ALA A 48 1.91 -14.83 -12.14
CA ALA A 48 1.70 -16.14 -12.83
C ALA A 48 1.33 -17.22 -11.81
N VAL A 49 2.31 -17.86 -11.21
CA VAL A 49 2.00 -18.96 -10.25
C VAL A 49 0.83 -18.55 -9.33
N VAL A 50 0.66 -17.27 -9.11
CA VAL A 50 -0.47 -16.83 -8.22
C VAL A 50 -1.81 -17.10 -8.91
N GLU A 51 -1.97 -16.61 -10.10
CA GLU A 51 -3.25 -16.82 -10.84
C GLU A 51 -3.61 -18.31 -10.86
N MET A 52 -2.64 -19.13 -11.05
CA MET A 52 -2.91 -20.60 -11.09
C MET A 52 -3.52 -21.05 -9.76
N LEU A 53 -2.92 -20.64 -8.67
CA LEU A 53 -3.45 -21.03 -7.34
C LEU A 53 -4.87 -20.44 -7.14
N ILE A 54 -5.04 -19.18 -7.44
CA ILE A 54 -6.38 -18.55 -7.25
C ILE A 54 -7.47 -19.44 -7.85
N MET A 55 -7.26 -19.94 -9.04
CA MET A 55 -8.30 -20.79 -9.69
C MET A 55 -8.27 -22.21 -9.11
N ARG A 56 -7.15 -22.63 -8.60
CA ARG A 56 -7.06 -24.01 -8.04
C ARG A 56 -8.21 -24.22 -7.08
N GLY A 57 -8.54 -23.20 -6.31
CA GLY A 57 -9.66 -23.31 -5.34
C GLY A 57 -9.28 -22.60 -4.05
N ALA A 58 -8.52 -21.56 -4.15
CA ALA A 58 -8.13 -20.78 -2.92
C ALA A 58 -8.95 -19.49 -2.89
N ARG A 59 -9.46 -19.09 -1.75
CA ARG A 59 -10.26 -17.84 -1.69
C ARG A 59 -9.33 -16.63 -1.81
N ILE A 60 -9.70 -15.65 -2.60
CA ILE A 60 -8.84 -14.44 -2.76
C ILE A 60 -9.26 -13.40 -1.73
N ASN A 61 -10.31 -13.66 -0.99
CA ASN A 61 -10.78 -12.67 0.03
C ASN A 61 -10.04 -12.91 1.36
N VAL A 62 -9.15 -13.87 1.39
CA VAL A 62 -8.41 -14.14 2.66
C VAL A 62 -7.81 -12.84 3.20
N MET A 63 -7.55 -12.78 4.48
CA MET A 63 -6.97 -11.53 5.07
C MET A 63 -5.93 -11.93 6.13
N ASN A 64 -4.84 -11.21 6.20
CA ASN A 64 -3.80 -11.56 7.21
C ASN A 64 -4.25 -11.08 8.59
N ARG A 65 -3.62 -11.55 9.62
CA ARG A 65 -3.99 -11.12 10.99
C ARG A 65 -3.91 -9.59 11.09
N GLY A 66 -3.20 -8.96 10.19
CA GLY A 66 -3.05 -7.47 10.24
C GLY A 66 -3.96 -6.79 9.19
N ASP A 67 -5.15 -7.31 8.98
CA ASP A 67 -6.07 -6.66 8.00
C ASP A 67 -5.30 -6.37 6.71
N ASP A 68 -5.22 -7.34 5.84
CA ASP A 68 -4.52 -7.13 4.55
C ASP A 68 -4.96 -8.16 3.53
N THR A 69 -5.80 -7.77 2.60
CA THR A 69 -6.24 -8.72 1.55
C THR A 69 -5.18 -8.70 0.45
N PRO A 70 -5.08 -9.75 -0.33
CA PRO A 70 -4.07 -9.80 -1.40
C PRO A 70 -4.23 -8.57 -2.30
N LEU A 71 -5.43 -8.11 -2.54
CA LEU A 71 -5.60 -6.93 -3.43
C LEU A 71 -4.72 -5.80 -2.90
N HIS A 72 -4.81 -5.49 -1.64
CA HIS A 72 -3.95 -4.42 -1.10
C HIS A 72 -2.50 -4.80 -1.39
N LEU A 73 -2.04 -5.87 -0.81
CA LEU A 73 -0.63 -6.32 -1.05
C LEU A 73 -0.32 -6.26 -2.54
N ALA A 74 -1.14 -6.88 -3.35
CA ALA A 74 -0.90 -6.87 -4.82
C ALA A 74 -0.81 -5.43 -5.31
N ALA A 75 -1.82 -4.64 -5.08
CA ALA A 75 -1.79 -3.22 -5.54
C ALA A 75 -0.68 -2.46 -4.80
N SER A 76 -0.32 -2.92 -3.63
CA SER A 76 0.76 -2.22 -2.87
C SER A 76 2.01 -2.13 -3.72
N HIS A 77 2.40 -3.23 -4.30
CA HIS A 77 3.63 -3.22 -5.15
C HIS A 77 3.36 -2.40 -6.41
N GLY A 78 2.38 -2.79 -7.20
CA GLY A 78 2.05 -2.02 -8.44
C GLY A 78 1.89 -2.99 -9.62
N HIS A 79 1.79 -4.26 -9.36
CA HIS A 79 1.62 -5.23 -10.49
C HIS A 79 0.19 -5.15 -11.01
N ARG A 80 -0.07 -4.22 -11.88
CA ARG A 80 -1.45 -4.03 -12.42
C ARG A 80 -2.06 -5.37 -12.88
N ASP A 81 -1.29 -6.21 -13.50
CA ASP A 81 -1.85 -7.50 -14.01
C ASP A 81 -2.65 -8.22 -12.92
N ILE A 82 -2.05 -8.55 -11.82
CA ILE A 82 -2.80 -9.27 -10.75
C ILE A 82 -3.99 -8.41 -10.31
N VAL A 83 -3.78 -7.14 -10.17
CA VAL A 83 -4.89 -6.24 -9.75
C VAL A 83 -6.06 -6.34 -10.74
N GLN A 84 -5.78 -6.23 -12.00
CA GLN A 84 -6.86 -6.28 -13.03
C GLN A 84 -7.71 -7.55 -12.91
N LYS A 85 -7.09 -8.71 -12.90
CA LYS A 85 -7.91 -9.95 -12.81
C LYS A 85 -8.64 -9.99 -11.47
N LEU A 86 -8.19 -9.23 -10.50
CA LEU A 86 -8.90 -9.21 -9.19
C LEU A 86 -10.09 -8.24 -9.29
N LEU A 87 -9.98 -7.25 -10.16
CA LEU A 87 -11.09 -6.27 -10.33
C LEU A 87 -12.27 -6.98 -11.01
N GLN A 88 -12.01 -8.00 -11.78
CA GLN A 88 -13.11 -8.72 -12.48
C GLN A 88 -13.63 -9.87 -11.63
N TYR A 89 -12.81 -10.38 -10.76
CA TYR A 89 -13.23 -11.53 -9.91
C TYR A 89 -14.24 -11.08 -8.84
N LYS A 90 -13.81 -10.28 -7.88
CA LYS A 90 -14.75 -9.83 -6.79
C LYS A 90 -14.75 -8.31 -6.63
N ALA A 91 -14.00 -7.60 -7.43
CA ALA A 91 -13.99 -6.12 -7.29
C ALA A 91 -13.82 -5.72 -5.82
N ASP A 92 -12.80 -6.23 -5.18
CA ASP A 92 -12.58 -5.88 -3.74
C ASP A 92 -12.00 -4.46 -3.66
N ILE A 93 -12.17 -3.70 -4.70
CA ILE A 93 -11.69 -2.29 -4.71
C ILE A 93 -12.64 -1.46 -3.84
N ASN A 94 -13.91 -1.65 -4.03
CA ASN A 94 -14.90 -0.88 -3.23
C ASN A 94 -14.99 -1.50 -1.83
N ALA A 95 -14.28 -2.58 -1.60
CA ALA A 95 -14.30 -3.25 -0.26
C ALA A 95 -12.94 -3.06 0.40
N VAL A 96 -12.84 -2.14 1.30
CA VAL A 96 -11.55 -1.90 2.00
C VAL A 96 -11.25 -3.05 2.96
N ASN A 97 -10.16 -2.97 3.67
CA ASN A 97 -9.85 -4.03 4.67
C ASN A 97 -10.70 -3.75 5.91
N GLU A 98 -10.09 -3.71 7.07
CA GLU A 98 -10.84 -3.41 8.32
C GLU A 98 -10.46 -2.01 8.82
N HIS A 99 -9.38 -1.47 8.31
CA HIS A 99 -8.93 -0.11 8.74
C HIS A 99 -9.20 0.91 7.62
N GLY A 100 -9.91 0.52 6.59
CA GLY A 100 -10.22 1.48 5.48
C GLY A 100 -9.05 1.53 4.48
N ASN A 101 -8.27 0.50 4.41
CA ASN A 101 -7.11 0.49 3.47
C ASN A 101 -7.59 0.32 2.02
N VAL A 102 -7.88 1.40 1.35
CA VAL A 102 -8.31 1.32 -0.07
C VAL A 102 -7.04 1.04 -0.91
N PRO A 103 -7.11 0.18 -1.91
CA PRO A 103 -5.92 -0.10 -2.73
C PRO A 103 -5.26 1.21 -3.20
N LEU A 104 -6.04 2.23 -3.45
CA LEU A 104 -5.46 3.52 -3.91
C LEU A 104 -4.58 4.08 -2.79
N HIS A 105 -5.10 4.15 -1.59
CA HIS A 105 -4.30 4.69 -0.46
C HIS A 105 -2.91 4.09 -0.49
N TYR A 106 -2.82 2.80 -0.55
CA TYR A 106 -1.48 2.14 -0.60
C TYR A 106 -0.82 2.46 -1.95
N ALA A 107 -1.54 2.29 -3.02
CA ALA A 107 -0.96 2.59 -4.36
C ALA A 107 -0.42 4.02 -4.39
N CYS A 108 -1.20 4.99 -3.95
CA CYS A 108 -0.70 6.39 -3.98
C CYS A 108 0.44 6.55 -2.96
N PHE A 109 0.40 5.83 -1.88
CA PHE A 109 1.48 5.95 -0.86
C PHE A 109 2.82 5.49 -1.47
N TRP A 110 2.76 4.69 -2.51
CA TRP A 110 4.03 4.22 -3.15
C TRP A 110 4.37 5.15 -4.31
N GLY A 111 3.50 5.28 -5.26
CA GLY A 111 3.78 6.18 -6.43
C GLY A 111 3.22 5.56 -7.70
N GLN A 112 2.36 4.59 -7.57
CA GLN A 112 1.78 3.96 -8.76
C GLN A 112 0.87 4.97 -9.47
N ASP A 113 1.09 5.14 -10.73
CA ASP A 113 0.29 6.12 -11.53
C ASP A 113 -0.77 5.39 -12.37
N GLN A 114 -0.34 4.59 -13.31
CA GLN A 114 -1.31 3.87 -14.20
C GLN A 114 -2.37 3.17 -13.34
N VAL A 115 -1.98 2.46 -12.32
CA VAL A 115 -3.00 1.74 -11.50
C VAL A 115 -3.91 2.74 -10.81
N ALA A 116 -3.36 3.82 -10.32
CA ALA A 116 -4.17 4.85 -9.62
C ALA A 116 -5.30 5.30 -10.52
N GLU A 117 -5.01 5.52 -11.75
CA GLU A 117 -6.05 5.98 -12.72
C GLU A 117 -7.11 4.91 -12.86
N ASP A 118 -6.71 3.72 -13.23
CA ASP A 118 -7.70 2.62 -13.41
C ASP A 118 -8.53 2.43 -12.13
N LEU A 119 -7.91 2.45 -10.99
CA LEU A 119 -8.66 2.24 -9.72
C LEU A 119 -9.82 3.25 -9.60
N VAL A 120 -9.54 4.52 -9.58
CA VAL A 120 -10.67 5.51 -9.45
C VAL A 120 -11.52 5.44 -10.70
N ALA A 121 -10.88 5.31 -11.83
CA ALA A 121 -11.64 5.23 -13.10
C ALA A 121 -12.44 3.93 -13.13
N ASN A 122 -12.23 3.09 -12.14
CA ASN A 122 -12.96 1.78 -12.09
C ASN A 122 -14.11 1.88 -11.08
N GLY A 123 -14.17 2.94 -10.29
CA GLY A 123 -15.29 3.08 -9.30
C GLY A 123 -14.76 3.51 -7.93
N ALA A 124 -13.48 3.42 -7.70
CA ALA A 124 -12.95 3.80 -6.35
C ALA A 124 -13.19 5.29 -6.09
N LEU A 125 -13.19 6.09 -7.12
CA LEU A 125 -13.40 7.55 -6.89
C LEU A 125 -12.24 8.12 -6.08
N VAL A 126 -11.87 9.35 -6.33
CA VAL A 126 -10.74 9.97 -5.57
C VAL A 126 -11.27 10.73 -4.37
N SER A 127 -12.57 10.91 -4.28
CA SER A 127 -13.15 11.67 -3.14
C SER A 127 -13.71 10.69 -2.10
N ILE A 128 -13.08 9.55 -1.94
CA ILE A 128 -13.58 8.56 -0.94
C ILE A 128 -13.44 9.15 0.47
N CYS A 129 -12.24 9.56 0.84
CA CYS A 129 -11.99 10.13 2.20
C CYS A 129 -11.68 9.00 3.16
N ASN A 130 -10.43 8.64 3.27
CA ASN A 130 -10.07 7.51 4.17
C ASN A 130 -10.68 7.74 5.55
N LYS A 131 -10.55 6.78 6.40
CA LYS A 131 -11.10 6.89 7.77
C LYS A 131 -10.59 8.19 8.41
N TYR A 132 -9.54 8.74 7.87
CA TYR A 132 -8.98 10.02 8.40
C TYR A 132 -8.81 10.99 7.23
N GLY A 133 -9.52 10.76 6.16
CA GLY A 133 -9.44 11.65 4.99
C GLY A 133 -8.12 11.47 4.28
N GLU A 134 -7.40 10.43 4.60
CA GLU A 134 -6.11 10.22 3.92
C GLU A 134 -6.38 9.95 2.43
N MET A 135 -6.49 10.99 1.63
CA MET A 135 -6.78 10.79 0.18
C MET A 135 -5.51 11.11 -0.62
N PRO A 136 -5.36 10.54 -1.80
CA PRO A 136 -4.18 10.83 -2.62
C PRO A 136 -4.01 12.35 -2.79
N VAL A 137 -5.10 13.07 -2.84
CA VAL A 137 -5.01 14.55 -3.01
C VAL A 137 -4.06 15.16 -1.97
N ASP A 138 -4.13 14.70 -0.75
CA ASP A 138 -3.23 15.25 0.30
C ASP A 138 -1.86 14.60 0.14
N LYS A 139 -1.83 13.30 0.09
CA LYS A 139 -0.53 12.61 -0.08
C LYS A 139 0.07 13.05 -1.43
N ALA A 140 -0.73 13.72 -2.22
CA ALA A 140 -0.23 14.20 -3.55
C ALA A 140 0.38 15.58 -3.38
N LYS A 141 -0.18 16.36 -2.52
CA LYS A 141 0.35 17.73 -2.28
C LYS A 141 1.46 17.68 -1.23
N ALA A 142 1.74 16.55 -0.65
CA ALA A 142 2.84 16.51 0.35
C ALA A 142 4.19 16.67 -0.37
N PRO A 143 4.47 15.86 -1.36
CA PRO A 143 5.74 16.01 -2.11
C PRO A 143 5.80 17.43 -2.68
N LEU A 144 4.63 18.01 -2.92
CA LEU A 144 4.49 19.38 -3.49
C LEU A 144 4.05 19.28 -4.95
N ARG A 145 3.35 18.22 -5.28
CA ARG A 145 2.89 18.05 -6.68
C ARG A 145 1.90 19.18 -7.01
N GLU A 146 0.76 19.17 -6.36
CA GLU A 146 -0.25 20.24 -6.58
C GLU A 146 -0.71 20.31 -8.04
N LEU A 147 0.07 19.84 -8.97
CA LEU A 147 -0.37 19.90 -10.41
C LEU A 147 -1.28 18.70 -10.64
N LEU A 148 -1.03 17.65 -9.92
CA LEU A 148 -1.87 16.44 -10.01
C LEU A 148 -3.16 16.77 -9.26
N ARG A 149 -3.08 17.68 -8.33
CA ARG A 149 -4.29 18.07 -7.57
C ARG A 149 -5.26 18.81 -8.49
N GLU A 150 -4.76 19.72 -9.28
CA GLU A 150 -5.67 20.46 -10.21
C GLU A 150 -6.19 19.48 -11.26
N ARG A 151 -5.34 18.60 -11.72
CA ARG A 151 -5.76 17.61 -12.75
C ARG A 151 -7.02 16.86 -12.29
N ALA A 152 -7.10 16.51 -11.03
CA ALA A 152 -8.32 15.78 -10.55
C ALA A 152 -9.37 16.78 -10.09
N GLU A 153 -8.96 17.90 -9.54
CA GLU A 153 -9.95 18.90 -9.06
C GLU A 153 -10.46 19.73 -10.24
N LYS A 154 -9.93 19.52 -11.42
CA LYS A 154 -10.39 20.30 -12.62
C LYS A 154 -11.02 19.34 -13.65
N MET A 155 -11.15 18.09 -13.29
CA MET A 155 -11.76 17.10 -14.24
C MET A 155 -13.29 17.19 -14.17
N GLY A 156 -13.79 17.84 -13.15
CA GLY A 156 -15.27 17.97 -12.98
C GLY A 156 -15.70 17.25 -11.70
N GLN A 157 -15.39 17.81 -10.56
CA GLN A 157 -15.76 17.15 -9.28
C GLN A 157 -15.57 18.11 -8.10
N ASN A 158 -14.66 19.04 -8.22
CA ASN A 158 -14.41 20.01 -7.11
C ASN A 158 -15.00 21.37 -7.48
N LEU A 159 -14.83 21.80 -8.70
CA LEU A 159 -15.40 23.12 -9.11
C LEU A 159 -16.85 22.89 -9.54
N ASN A 160 -17.71 22.65 -8.59
CA ASN A 160 -19.15 22.42 -8.90
C ASN A 160 -19.96 23.68 -8.56
N ARG A 161 -20.48 24.34 -9.56
CA ARG A 161 -21.28 25.57 -9.29
C ARG A 161 -22.32 25.23 -8.22
N ILE A 162 -22.80 26.20 -7.50
CA ILE A 162 -23.82 25.92 -6.44
C ILE A 162 -25.04 25.22 -7.07
N PRO A 163 -25.28 23.94 -6.78
CA PRO A 163 -26.44 23.24 -7.36
C PRO A 163 -27.73 23.91 -6.88
N TYR A 164 -28.64 24.19 -7.77
CA TYR A 164 -29.91 24.85 -7.36
C TYR A 164 -30.81 23.85 -6.64
N LYS A 165 -30.26 22.80 -6.09
CA LYS A 165 -31.09 21.79 -5.36
C LYS A 165 -30.22 21.06 -4.33
N ASP A 166 -30.68 20.98 -3.11
CA ASP A 166 -29.88 20.28 -2.06
C ASP A 166 -30.55 20.48 -0.70
N THR A 167 -30.54 21.69 -0.19
CA THR A 167 -31.18 21.94 1.13
C THR A 167 -31.34 23.45 1.33
N PHE A 168 -31.23 24.21 0.27
CA PHE A 168 -31.39 25.70 0.39
C PHE A 168 -32.44 26.16 -0.61
N TRP A 169 -33.63 26.28 -0.12
CA TRP A 169 -34.77 26.70 -0.96
C TRP A 169 -35.85 27.28 -0.05
N LYS A 170 -35.88 26.82 1.15
CA LYS A 170 -36.90 27.32 2.12
C LYS A 170 -36.48 28.70 2.64
N GLY A 171 -35.34 29.19 2.20
CA GLY A 171 -34.89 30.53 2.67
C GLY A 171 -35.90 31.59 2.26
N MET B 1 19.82 35.36 -10.93
CA MET B 1 19.04 35.52 -9.68
C MET B 1 18.85 34.14 -9.03
N ALA B 2 18.92 34.07 -7.73
CA ALA B 2 18.75 32.77 -7.05
C ALA B 2 18.63 33.00 -5.53
N ASN B 3 18.80 31.96 -4.75
CA ASN B 3 18.70 32.13 -3.27
C ASN B 3 19.16 30.84 -2.58
N ALA B 4 20.44 30.66 -2.44
CA ALA B 4 20.96 29.43 -1.78
C ALA B 4 20.42 29.35 -0.35
N LEU B 5 19.98 28.20 0.08
CA LEU B 5 19.44 28.07 1.46
C LEU B 5 19.23 26.59 1.78
N ALA B 6 18.87 25.83 0.80
CA ALA B 6 18.64 24.37 1.01
C ALA B 6 19.96 23.61 0.83
N SER B 7 19.98 22.34 1.17
CA SER B 7 21.22 21.55 1.03
C SER B 7 20.88 20.06 1.07
N ALA B 8 21.41 19.33 2.01
CA ALA B 8 21.10 17.88 2.10
C ALA B 8 19.59 17.70 2.07
N THR B 9 19.14 16.56 1.60
CA THR B 9 17.66 16.30 1.46
C THR B 9 17.27 14.99 2.14
N CYS B 10 16.01 14.84 2.54
CA CYS B 10 15.62 13.56 3.19
C CYS B 10 15.89 12.45 2.25
N GLU B 11 16.28 11.38 2.81
CA GLU B 11 16.52 10.18 1.99
C GLU B 11 15.16 9.59 1.64
N ARG B 12 14.09 10.17 2.16
CA ARG B 12 12.72 9.62 1.90
C ARG B 12 11.79 10.67 1.31
N CYS B 13 11.71 11.85 1.87
CA CYS B 13 10.76 12.86 1.31
C CYS B 13 11.52 13.78 0.35
N LYS B 14 12.81 13.57 0.23
CA LYS B 14 13.62 14.38 -0.73
C LYS B 14 13.55 15.86 -0.43
N GLY B 15 13.07 16.22 0.71
CA GLY B 15 13.01 17.58 1.15
C GLY B 15 14.44 17.93 1.40
N GLY B 16 14.67 19.13 1.65
CA GLY B 16 16.00 19.70 1.85
C GLY B 16 16.09 20.37 3.19
N PHE B 17 16.86 19.81 4.06
CA PHE B 17 17.03 20.39 5.40
C PHE B 17 18.41 21.02 5.52
N ALA B 18 18.48 21.76 6.52
CA ALA B 18 19.68 22.56 6.99
C ALA B 18 20.03 21.69 8.13
N PRO B 19 21.03 20.91 8.02
CA PRO B 19 20.97 19.84 8.94
C PRO B 19 21.44 19.53 10.32
N ALA B 20 21.06 20.50 10.98
CA ALA B 20 21.18 20.64 12.41
C ALA B 20 19.81 21.18 12.75
N GLU B 21 18.88 21.11 11.78
CA GLU B 21 17.51 21.58 12.07
C GLU B 21 16.79 20.32 12.41
N LYS B 22 16.29 19.66 11.41
CA LYS B 22 15.73 18.34 11.70
C LYS B 22 15.93 17.43 10.51
N ILE B 23 17.00 16.82 10.64
CA ILE B 23 17.53 15.77 9.76
C ILE B 23 17.92 14.58 10.65
N VAL B 24 17.80 13.37 10.17
CA VAL B 24 18.20 12.20 11.00
C VAL B 24 19.07 11.29 10.13
N ASN B 25 20.22 10.95 10.63
CA ASN B 25 21.17 10.07 9.89
C ASN B 25 20.98 8.64 10.40
N SER B 26 20.81 7.71 9.51
CA SER B 26 20.64 6.31 9.90
C SER B 26 21.46 5.49 8.95
N ASN B 27 22.57 5.06 9.42
CA ASN B 27 23.53 4.23 8.66
C ASN B 27 24.41 5.08 7.74
N GLY B 28 23.93 6.21 7.29
CA GLY B 28 24.78 7.06 6.40
C GLY B 28 23.86 7.84 5.45
N GLU B 29 22.58 7.62 5.54
CA GLU B 29 21.62 8.33 4.67
C GLU B 29 20.84 9.24 5.59
N LEU B 30 20.33 10.34 5.11
CA LEU B 30 19.64 11.31 5.99
C LEU B 30 18.12 11.20 5.84
N TYR B 31 17.41 11.29 6.94
CA TYR B 31 15.92 11.21 6.91
C TYR B 31 15.31 12.23 7.87
N HIS B 32 14.30 12.94 7.46
CA HIS B 32 13.70 13.91 8.37
C HIS B 32 13.10 13.07 9.46
N GLU B 33 13.05 13.51 10.67
CA GLU B 33 12.29 12.69 11.63
C GLU B 33 10.86 12.61 11.02
N GLN B 34 10.70 13.32 9.90
CA GLN B 34 9.43 13.35 9.13
C GLN B 34 9.46 12.21 8.16
N CYS B 35 10.63 11.64 8.01
CA CYS B 35 10.84 10.54 7.10
C CYS B 35 10.81 9.33 8.01
N PHE B 36 10.88 9.63 9.29
CA PHE B 36 10.70 8.56 10.32
C PHE B 36 9.21 8.45 10.51
N VAL B 37 8.62 7.68 9.66
CA VAL B 37 7.13 7.50 9.72
C VAL B 37 6.75 6.06 9.42
N CYS B 38 5.74 5.59 10.12
CA CYS B 38 5.25 4.19 10.00
C CYS B 38 4.60 4.01 8.66
N ALA B 39 4.84 2.93 7.98
CA ALA B 39 4.18 2.71 6.66
C ALA B 39 2.65 2.71 6.79
N GLN B 40 2.15 2.27 7.91
CA GLN B 40 0.68 2.20 8.17
C GLN B 40 0.28 3.42 9.01
N CYS B 41 1.15 3.64 9.92
CA CYS B 41 1.14 4.66 10.97
C CYS B 41 1.94 5.87 10.44
N PHE B 42 2.35 5.87 9.13
CA PHE B 42 3.32 6.86 8.42
C PHE B 42 2.98 8.22 8.76
N GLN B 43 2.51 8.23 9.87
CA GLN B 43 2.41 9.50 10.52
C GLN B 43 3.68 9.31 11.32
N GLN B 44 4.31 10.32 11.58
CA GLN B 44 5.62 10.22 12.24
C GLN B 44 5.53 9.55 13.61
N PHE B 45 6.54 8.79 13.89
CA PHE B 45 6.64 8.05 15.18
C PHE B 45 6.96 9.03 16.34
N PRO B 46 6.14 9.07 17.37
CA PRO B 46 6.37 9.98 18.51
C PRO B 46 7.61 9.55 19.31
N GLU B 47 8.42 10.52 19.63
CA GLU B 47 9.70 10.33 20.38
C GLU B 47 10.69 9.62 19.51
N GLY B 48 10.35 9.47 18.28
CA GLY B 48 11.31 8.99 17.29
C GLY B 48 11.73 7.51 17.42
N LEU B 49 11.07 6.69 18.22
CA LEU B 49 11.53 5.26 18.34
C LEU B 49 10.88 4.44 17.29
N PHE B 50 11.72 3.81 16.51
CA PHE B 50 11.20 3.03 15.39
C PHE B 50 11.84 1.61 15.31
N TYR B 51 11.18 0.63 14.70
CA TYR B 51 11.86 -0.66 14.46
C TYR B 51 11.38 -1.12 13.05
N GLU B 52 12.25 -1.42 12.17
CA GLU B 52 11.84 -1.88 10.80
C GLU B 52 11.79 -3.42 10.58
N PHE B 53 10.73 -3.89 9.92
CA PHE B 53 10.68 -5.34 9.52
C PHE B 53 10.22 -5.46 8.06
N GLU B 54 10.90 -6.29 7.36
CA GLU B 54 10.63 -6.62 5.94
C GLU B 54 10.40 -5.42 5.01
N GLY B 55 11.27 -4.45 5.02
CA GLY B 55 11.14 -3.30 4.06
C GLY B 55 10.22 -2.21 4.58
N ARG B 56 9.42 -2.52 5.54
CA ARG B 56 8.47 -1.51 6.07
C ARG B 56 8.89 -1.15 7.48
N LYS B 57 8.61 0.05 7.88
CA LYS B 57 8.96 0.46 9.28
C LYS B 57 7.66 0.69 10.05
N TYR B 58 7.58 0.14 11.23
CA TYR B 58 6.32 0.26 12.05
C TYR B 58 6.59 0.64 13.53
N CYS B 59 5.61 1.27 14.18
CA CYS B 59 5.73 1.48 15.64
C CYS B 59 5.56 0.05 16.17
N GLU B 60 5.86 -0.26 17.39
CA GLU B 60 5.69 -1.65 17.84
C GLU B 60 4.25 -2.07 17.66
N HIS B 61 3.39 -1.14 17.76
CA HIS B 61 1.96 -1.48 17.67
C HIS B 61 1.69 -2.20 16.36
N ASP B 62 2.15 -1.67 15.29
CA ASP B 62 1.83 -2.33 13.99
C ASP B 62 2.63 -3.58 13.86
N PHE B 63 3.69 -3.62 14.56
CA PHE B 63 4.52 -4.81 14.56
C PHE B 63 3.74 -5.91 15.17
N GLN B 64 3.29 -5.63 16.34
CA GLN B 64 2.56 -6.67 17.10
C GLN B 64 1.30 -6.99 16.37
N MET B 65 0.90 -6.18 15.49
CA MET B 65 -0.29 -6.59 14.70
C MET B 65 0.15 -7.78 13.83
N LEU B 66 1.14 -7.59 13.00
CA LEU B 66 1.65 -8.70 12.12
C LEU B 66 2.53 -9.66 12.92
N PHE B 67 2.93 -9.27 14.10
CA PHE B 67 3.82 -10.12 14.95
C PHE B 67 3.02 -10.60 16.17
N ALA B 68 1.84 -10.07 16.31
CA ALA B 68 0.94 -10.50 17.44
C ALA B 68 -0.55 -10.28 17.07
N PRO B 69 -1.45 -10.87 17.82
CA PRO B 69 -2.89 -10.72 17.56
C PRO B 69 -3.29 -9.24 17.70
N CYS B 70 -2.44 -8.45 18.30
CA CYS B 70 -2.75 -7.01 18.47
C CYS B 70 -1.46 -6.22 18.67
ZN ZN C . 11.94 14.15 4.45
ZN ZN D . 2.50 2.67 13.38
N MET A 1 10.36 -21.78 5.96
CA MET A 1 11.43 -21.03 5.23
C MET A 1 12.70 -21.88 5.19
N ASP A 2 12.63 -23.04 4.59
CA ASP A 2 13.83 -23.91 4.52
C ASP A 2 13.55 -25.11 3.61
N ASP A 3 14.55 -25.87 3.28
CA ASP A 3 14.35 -27.04 2.39
C ASP A 3 13.63 -26.62 1.10
N ILE A 4 12.52 -27.26 0.81
CA ILE A 4 11.78 -26.91 -0.45
C ILE A 4 11.19 -25.50 -0.31
N PHE A 5 10.56 -25.20 0.79
CA PHE A 5 9.96 -23.85 0.97
C PHE A 5 10.98 -22.78 0.54
N THR A 6 12.16 -22.89 1.03
CA THR A 6 13.21 -21.90 0.67
C THR A 6 13.70 -22.18 -0.74
N GLN A 7 14.11 -23.37 -1.01
CA GLN A 7 14.60 -23.72 -2.37
C GLN A 7 13.46 -23.55 -3.37
N CYS A 8 12.28 -23.19 -2.91
CA CYS A 8 11.14 -22.98 -3.83
C CYS A 8 11.10 -21.51 -4.24
N ARG A 9 11.26 -20.64 -3.27
CA ARG A 9 11.25 -19.17 -3.55
C ARG A 9 12.57 -18.75 -4.21
N GLU A 10 13.56 -19.60 -4.14
CA GLU A 10 14.88 -19.28 -4.73
C GLU A 10 14.72 -18.97 -6.22
N GLY A 11 13.51 -18.99 -6.71
CA GLY A 11 13.28 -18.71 -8.14
C GLY A 11 13.21 -20.03 -8.89
N ASN A 12 13.15 -21.09 -8.15
CA ASN A 12 13.05 -22.43 -8.76
C ASN A 12 11.59 -22.66 -9.13
N ALA A 13 11.07 -21.79 -9.95
CA ALA A 13 9.64 -21.92 -10.40
C ALA A 13 9.32 -23.40 -10.66
N VAL A 14 10.32 -24.17 -10.93
CA VAL A 14 10.11 -25.62 -11.18
C VAL A 14 9.88 -26.34 -9.84
N ALA A 15 10.52 -25.87 -8.80
CA ALA A 15 10.35 -26.53 -7.49
C ALA A 15 9.03 -26.10 -6.89
N VAL A 16 8.65 -24.88 -7.07
CA VAL A 16 7.38 -24.45 -6.47
C VAL A 16 6.24 -25.32 -7.04
N ARG A 17 6.26 -25.59 -8.31
CA ARG A 17 5.17 -26.45 -8.87
C ARG A 17 5.35 -27.87 -8.33
N LEU A 18 6.57 -28.28 -8.13
CA LEU A 18 6.84 -29.65 -7.60
C LEU A 18 5.94 -29.92 -6.39
N TRP A 19 6.03 -29.11 -5.36
CA TRP A 19 5.17 -29.37 -4.17
C TRP A 19 3.72 -28.97 -4.46
N LEU A 20 3.50 -27.99 -5.28
CA LEU A 20 2.11 -27.57 -5.60
C LEU A 20 1.42 -28.67 -6.41
N ASP A 21 2.16 -29.35 -7.24
CA ASP A 21 1.55 -30.44 -8.06
C ASP A 21 1.38 -31.70 -7.20
N ASN A 22 0.95 -31.52 -5.98
CA ASN A 22 0.74 -32.70 -5.08
C ASN A 22 -0.71 -33.15 -5.15
N THR A 23 -0.93 -34.42 -5.35
CA THR A 23 -2.34 -34.93 -5.42
C THR A 23 -2.90 -35.06 -4.01
N GLU A 24 -2.09 -34.80 -3.01
CA GLU A 24 -2.58 -34.91 -1.60
C GLU A 24 -3.35 -33.64 -1.24
N ASN A 25 -2.96 -32.52 -1.80
CA ASN A 25 -3.68 -31.24 -1.52
C ASN A 25 -3.68 -30.98 -0.01
N ASP A 26 -2.53 -30.72 0.56
CA ASP A 26 -2.44 -30.44 2.02
C ASP A 26 -1.31 -29.45 2.25
N LEU A 27 -0.25 -29.62 1.53
CA LEU A 27 0.92 -28.70 1.68
C LEU A 27 0.44 -27.25 1.54
N ASN A 28 -0.79 -27.07 1.16
CA ASN A 28 -1.35 -25.70 1.03
C ASN A 28 -1.59 -25.15 2.45
N GLN A 29 -0.74 -25.52 3.37
CA GLN A 29 -0.88 -25.05 4.78
C GLN A 29 -0.23 -23.67 4.94
N GLY A 30 -0.88 -22.78 5.62
CA GLY A 30 -0.30 -21.43 5.84
C GLY A 30 0.81 -21.55 6.88
N ASP A 31 0.81 -20.71 7.89
CA ASP A 31 1.84 -20.80 8.97
C ASP A 31 1.13 -20.69 10.33
N ASP A 32 1.87 -20.73 11.40
CA ASP A 32 1.24 -20.63 12.75
C ASP A 32 0.55 -19.26 12.90
N HIS A 33 1.10 -18.23 12.31
CA HIS A 33 0.48 -16.88 12.42
C HIS A 33 -0.67 -16.75 11.43
N GLY A 34 -0.92 -17.76 10.65
CA GLY A 34 -2.05 -17.69 9.67
C GLY A 34 -1.57 -17.16 8.32
N PHE A 35 -0.29 -17.07 8.12
CA PHE A 35 0.20 -16.57 6.80
C PHE A 35 -0.20 -17.59 5.73
N SER A 36 -0.83 -17.14 4.68
CA SER A 36 -1.27 -18.08 3.59
C SER A 36 -0.27 -17.99 2.43
N PRO A 37 -0.18 -19.01 1.59
CA PRO A 37 0.73 -18.94 0.44
C PRO A 37 0.41 -17.67 -0.38
N LEU A 38 -0.85 -17.43 -0.62
CA LEU A 38 -1.25 -16.22 -1.40
C LEU A 38 -0.63 -14.98 -0.79
N HIS A 39 -0.65 -14.89 0.50
CA HIS A 39 -0.05 -13.71 1.17
C HIS A 39 1.41 -13.58 0.74
N TRP A 40 2.21 -14.53 1.13
CA TRP A 40 3.64 -14.49 0.75
C TRP A 40 3.74 -14.25 -0.75
N ALA A 41 3.00 -15.00 -1.49
CA ALA A 41 3.04 -14.87 -2.97
C ALA A 41 2.68 -13.43 -3.38
N CYS A 42 1.57 -12.93 -2.94
CA CYS A 42 1.19 -11.53 -3.32
C CYS A 42 2.39 -10.60 -3.14
N ARG A 43 3.25 -10.92 -2.21
CA ARG A 43 4.46 -10.06 -1.97
C ARG A 43 5.55 -10.44 -2.97
N GLU A 44 5.90 -11.70 -3.05
CA GLU A 44 6.97 -12.13 -4.00
C GLU A 44 6.64 -11.62 -5.41
N GLY A 45 5.53 -12.06 -5.98
CA GLY A 45 5.13 -11.59 -7.35
C GLY A 45 5.07 -12.78 -8.33
N ARG A 46 5.35 -13.96 -7.89
CA ARG A 46 5.30 -15.13 -8.82
C ARG A 46 3.86 -15.34 -9.29
N SER A 47 3.44 -14.56 -10.26
CA SER A 47 2.04 -14.66 -10.79
C SER A 47 1.62 -16.12 -10.98
N ALA A 48 2.44 -16.94 -11.58
CA ALA A 48 2.03 -18.36 -11.81
C ALA A 48 1.41 -18.95 -10.53
N VAL A 49 2.23 -19.26 -9.57
CA VAL A 49 1.71 -19.88 -8.32
C VAL A 49 0.46 -19.15 -7.78
N VAL A 50 0.50 -17.85 -7.61
CA VAL A 50 -0.70 -17.14 -7.06
C VAL A 50 -1.87 -17.19 -8.05
N GLU A 51 -1.57 -17.41 -9.29
CA GLU A 51 -2.64 -17.48 -10.32
C GLU A 51 -3.35 -18.83 -10.25
N MET A 52 -2.61 -19.87 -10.34
CA MET A 52 -3.21 -21.23 -10.31
C MET A 52 -3.83 -21.52 -8.94
N LEU A 53 -3.45 -20.77 -7.93
CA LEU A 53 -4.03 -21.03 -6.57
C LEU A 53 -5.40 -20.35 -6.45
N ILE A 54 -5.49 -19.09 -6.78
CA ILE A 54 -6.79 -18.37 -6.68
C ILE A 54 -7.91 -19.24 -7.28
N MET A 55 -7.58 -20.11 -8.20
CA MET A 55 -8.62 -20.97 -8.84
C MET A 55 -8.73 -22.30 -8.08
N ARG A 56 -7.72 -22.67 -7.34
CA ARG A 56 -7.79 -23.96 -6.61
C ARG A 56 -9.00 -23.94 -5.67
N GLY A 57 -9.24 -22.83 -5.03
CA GLY A 57 -10.41 -22.75 -4.11
C GLY A 57 -10.06 -21.85 -2.93
N ALA A 58 -9.34 -20.80 -3.17
CA ALA A 58 -8.97 -19.85 -2.08
C ALA A 58 -9.87 -18.62 -2.17
N ARG A 59 -10.39 -18.12 -1.08
CA ARG A 59 -11.28 -16.92 -1.16
C ARG A 59 -10.42 -15.66 -1.20
N ILE A 60 -10.94 -14.62 -1.80
CA ILE A 60 -10.18 -13.34 -1.90
C ILE A 60 -10.43 -12.47 -0.67
N ASN A 61 -11.41 -12.81 0.12
CA ASN A 61 -11.73 -11.98 1.32
C ASN A 61 -10.77 -12.34 2.47
N VAL A 62 -9.97 -13.35 2.30
CA VAL A 62 -9.04 -13.77 3.39
C VAL A 62 -8.33 -12.55 3.97
N MET A 63 -8.19 -12.50 5.27
CA MET A 63 -7.50 -11.35 5.94
C MET A 63 -6.31 -11.89 6.73
N ASN A 64 -5.17 -11.27 6.56
CA ASN A 64 -3.95 -11.74 7.29
C ASN A 64 -4.13 -11.49 8.80
N ARG A 65 -3.42 -12.21 9.62
CA ARG A 65 -3.55 -12.03 11.09
C ARG A 65 -3.35 -10.55 11.44
N GLY A 66 -3.01 -9.72 10.48
CA GLY A 66 -2.81 -8.26 10.75
C GLY A 66 -3.61 -7.43 9.75
N ASP A 67 -4.88 -7.74 9.55
CA ASP A 67 -5.72 -6.95 8.62
C ASP A 67 -4.93 -6.62 7.36
N ASP A 68 -4.96 -7.51 6.42
CA ASP A 68 -4.22 -7.26 5.14
C ASP A 68 -4.81 -8.11 4.03
N THR A 69 -5.49 -7.51 3.10
CA THR A 69 -6.07 -8.30 1.98
C THR A 69 -5.03 -8.30 0.84
N PRO A 70 -5.12 -9.25 -0.05
CA PRO A 70 -4.18 -9.33 -1.16
C PRO A 70 -4.12 -7.98 -1.91
N LEU A 71 -5.24 -7.33 -2.11
CA LEU A 71 -5.21 -6.03 -2.84
C LEU A 71 -4.17 -5.12 -2.21
N HIS A 72 -4.28 -4.86 -0.93
CA HIS A 72 -3.27 -3.99 -0.28
C HIS A 72 -1.88 -4.53 -0.63
N LEU A 73 -1.56 -5.70 -0.15
CA LEU A 73 -0.22 -6.30 -0.44
C LEU A 73 0.06 -6.21 -1.95
N ALA A 74 -0.90 -6.56 -2.75
CA ALA A 74 -0.70 -6.52 -4.23
C ALA A 74 -0.23 -5.13 -4.65
N ALA A 75 -0.93 -4.10 -4.25
CA ALA A 75 -0.49 -2.72 -4.64
C ALA A 75 0.83 -2.40 -3.92
N SER A 76 1.00 -2.93 -2.75
CA SER A 76 2.26 -2.69 -1.98
C SER A 76 3.38 -3.55 -2.57
N HIS A 77 3.09 -4.32 -3.59
CA HIS A 77 4.16 -5.15 -4.22
C HIS A 77 4.85 -4.33 -5.32
N GLY A 78 4.10 -3.88 -6.31
CA GLY A 78 4.70 -3.06 -7.40
C GLY A 78 4.31 -3.65 -8.77
N HIS A 79 4.11 -4.93 -8.85
CA HIS A 79 3.74 -5.55 -10.16
C HIS A 79 2.26 -5.29 -10.45
N ARG A 80 1.96 -4.21 -11.11
CA ARG A 80 0.54 -3.89 -11.42
C ARG A 80 -0.15 -5.12 -12.02
N ASP A 81 0.59 -5.97 -12.70
CA ASP A 81 -0.04 -7.17 -13.31
C ASP A 81 -0.76 -8.01 -12.26
N ILE A 82 -0.07 -8.45 -11.24
CA ILE A 82 -0.76 -9.28 -10.21
C ILE A 82 -2.03 -8.56 -9.75
N VAL A 83 -2.03 -7.26 -9.76
CA VAL A 83 -3.23 -6.52 -9.31
C VAL A 83 -4.40 -6.73 -10.28
N GLN A 84 -4.22 -6.42 -11.53
CA GLN A 84 -5.33 -6.56 -12.51
C GLN A 84 -5.98 -7.96 -12.46
N LYS A 85 -5.21 -9.02 -12.32
CA LYS A 85 -5.85 -10.37 -12.32
C LYS A 85 -6.57 -10.62 -11.00
N LEU A 86 -6.05 -10.12 -9.90
CA LEU A 86 -6.72 -10.34 -8.58
C LEU A 86 -7.74 -9.23 -8.35
N LEU A 87 -7.56 -8.10 -8.98
CA LEU A 87 -8.51 -6.97 -8.81
C LEU A 87 -9.67 -7.13 -9.80
N GLN A 88 -9.47 -7.88 -10.85
CA GLN A 88 -10.55 -8.05 -11.88
C GLN A 88 -11.43 -9.25 -11.52
N TYR A 89 -11.23 -9.86 -10.39
CA TYR A 89 -12.07 -11.03 -10.01
C TYR A 89 -13.33 -10.57 -9.25
N LYS A 90 -13.23 -9.54 -8.46
CA LYS A 90 -14.42 -9.06 -7.69
C LYS A 90 -14.33 -7.57 -7.38
N ALA A 91 -13.34 -6.91 -7.88
CA ALA A 91 -13.20 -5.46 -7.61
C ALA A 91 -13.26 -5.18 -6.11
N ASP A 92 -12.48 -5.86 -5.33
CA ASP A 92 -12.47 -5.63 -3.86
C ASP A 92 -11.80 -4.28 -3.57
N ILE A 93 -11.87 -3.37 -4.51
CA ILE A 93 -11.31 -2.00 -4.28
C ILE A 93 -12.28 -1.26 -3.38
N ASN A 94 -13.55 -1.52 -3.57
CA ASN A 94 -14.59 -0.85 -2.73
C ASN A 94 -14.77 -1.67 -1.47
N ALA A 95 -13.73 -2.33 -1.02
CA ALA A 95 -13.82 -3.15 0.22
C ALA A 95 -12.49 -3.04 0.97
N VAL A 96 -12.41 -2.15 1.91
CA VAL A 96 -11.16 -1.96 2.68
C VAL A 96 -11.00 -3.10 3.67
N ASN A 97 -9.97 -3.06 4.47
CA ASN A 97 -9.77 -4.14 5.48
C ASN A 97 -10.48 -3.79 6.79
N GLU A 98 -10.28 -2.62 7.34
CA GLU A 98 -10.97 -2.26 8.61
C GLU A 98 -10.53 -0.85 9.03
N HIS A 99 -9.38 -0.41 8.60
CA HIS A 99 -8.88 0.95 8.96
C HIS A 99 -9.16 1.92 7.82
N GLY A 100 -9.84 1.48 6.80
CA GLY A 100 -10.14 2.39 5.65
C GLY A 100 -8.98 2.37 4.66
N ASN A 101 -8.10 1.42 4.78
CA ASN A 101 -6.94 1.35 3.84
C ASN A 101 -7.42 0.97 2.44
N VAL A 102 -7.58 1.93 1.57
CA VAL A 102 -8.02 1.64 0.18
C VAL A 102 -6.74 1.42 -0.67
N PRO A 103 -6.80 0.53 -1.65
CA PRO A 103 -5.62 0.27 -2.50
C PRO A 103 -5.01 1.59 -2.99
N LEU A 104 -5.82 2.56 -3.31
CA LEU A 104 -5.25 3.85 -3.81
C LEU A 104 -4.37 4.49 -2.74
N HIS A 105 -4.83 4.55 -1.52
CA HIS A 105 -4.00 5.14 -0.44
C HIS A 105 -2.60 4.53 -0.50
N TYR A 106 -2.54 3.24 -0.67
CA TYR A 106 -1.22 2.55 -0.74
C TYR A 106 -0.61 2.71 -2.14
N ALA A 107 -1.42 2.61 -3.16
CA ALA A 107 -0.89 2.75 -4.55
C ALA A 107 -0.18 4.11 -4.67
N CYS A 108 -0.68 5.12 -4.02
CA CYS A 108 -0.02 6.46 -4.10
C CYS A 108 1.12 6.53 -3.11
N PHE A 109 1.03 5.79 -2.03
CA PHE A 109 2.14 5.81 -1.04
C PHE A 109 3.44 5.46 -1.78
N TRP A 110 3.34 4.64 -2.80
CA TRP A 110 4.56 4.28 -3.58
C TRP A 110 4.91 5.47 -4.48
N GLY A 111 3.98 5.88 -5.31
CA GLY A 111 4.22 7.05 -6.21
C GLY A 111 4.10 6.62 -7.67
N GLN A 112 3.03 5.95 -8.02
CA GLN A 112 2.83 5.51 -9.45
C GLN A 112 1.43 5.92 -9.89
N ASP A 113 1.31 7.00 -10.63
CA ASP A 113 -0.03 7.48 -11.06
C ASP A 113 -0.73 6.43 -11.92
N GLN A 114 0.01 5.72 -12.73
CA GLN A 114 -0.61 4.69 -13.59
C GLN A 114 -1.55 3.78 -12.78
N VAL A 115 -1.03 3.09 -11.81
CA VAL A 115 -1.90 2.17 -11.00
C VAL A 115 -3.06 2.95 -10.39
N ALA A 116 -2.81 4.16 -9.97
CA ALA A 116 -3.88 4.97 -9.36
C ALA A 116 -4.98 5.26 -10.38
N GLU A 117 -4.60 5.41 -11.60
CA GLU A 117 -5.59 5.69 -12.67
C GLU A 117 -6.55 4.49 -12.76
N ASP A 118 -6.01 3.33 -12.96
CA ASP A 118 -6.86 2.11 -13.08
C ASP A 118 -7.81 1.99 -11.88
N LEU A 119 -7.38 2.36 -10.72
CA LEU A 119 -8.27 2.25 -9.52
C LEU A 119 -9.40 3.29 -9.62
N VAL A 120 -9.08 4.54 -9.72
CA VAL A 120 -10.14 5.59 -9.81
C VAL A 120 -10.84 5.47 -11.16
N ALA A 121 -10.32 4.66 -12.04
CA ALA A 121 -10.95 4.50 -13.38
C ALA A 121 -12.25 3.71 -13.26
N ASN A 122 -12.53 3.14 -12.11
CA ASN A 122 -13.81 2.38 -11.94
C ASN A 122 -14.81 3.30 -11.26
N GLY A 123 -14.35 4.00 -10.25
CA GLY A 123 -15.26 4.93 -9.50
C GLY A 123 -14.77 5.05 -8.05
N ALA A 124 -13.66 4.43 -7.70
CA ALA A 124 -13.14 4.53 -6.32
C ALA A 124 -13.12 6.01 -5.90
N LEU A 125 -13.03 6.88 -6.85
CA LEU A 125 -12.99 8.34 -6.54
C LEU A 125 -11.68 8.65 -5.79
N VAL A 126 -10.95 9.62 -6.25
CA VAL A 126 -9.67 9.97 -5.59
C VAL A 126 -9.96 10.81 -4.34
N SER A 127 -11.15 11.30 -4.23
CA SER A 127 -11.52 12.15 -3.05
C SER A 127 -12.29 11.30 -2.02
N ILE A 128 -11.93 10.05 -1.88
CA ILE A 128 -12.63 9.18 -0.88
C ILE A 128 -12.63 9.87 0.50
N CYS A 129 -11.48 10.26 0.99
CA CYS A 129 -11.36 10.92 2.33
C CYS A 129 -11.10 9.83 3.38
N ASN A 130 -9.85 9.48 3.57
CA ASN A 130 -9.53 8.43 4.56
C ASN A 130 -10.22 8.75 5.88
N LYS A 131 -10.06 7.90 6.85
CA LYS A 131 -10.71 8.16 8.17
C LYS A 131 -10.23 9.52 8.70
N TYR A 132 -9.14 10.02 8.17
CA TYR A 132 -8.60 11.34 8.61
C TYR A 132 -8.38 12.22 7.38
N GLY A 133 -9.03 11.87 6.30
CA GLY A 133 -8.90 12.67 5.06
C GLY A 133 -7.54 12.40 4.42
N GLU A 134 -6.84 11.43 4.90
CA GLU A 134 -5.52 11.14 4.29
C GLU A 134 -5.72 10.65 2.86
N MET A 135 -5.84 11.54 1.91
CA MET A 135 -6.05 11.14 0.49
C MET A 135 -4.77 11.45 -0.30
N PRO A 136 -4.53 10.74 -1.39
CA PRO A 136 -3.34 11.03 -2.21
C PRO A 136 -3.27 12.53 -2.54
N VAL A 137 -4.41 13.16 -2.71
CA VAL A 137 -4.40 14.62 -3.03
C VAL A 137 -3.43 15.37 -2.12
N ASP A 138 -3.42 15.05 -0.86
CA ASP A 138 -2.52 15.74 0.10
C ASP A 138 -1.14 15.09 0.05
N LYS A 139 -1.09 13.80 0.21
CA LYS A 139 0.23 13.12 0.17
C LYS A 139 0.87 13.39 -1.19
N ALA A 140 0.09 13.83 -2.15
CA ALA A 140 0.64 14.14 -3.50
C ALA A 140 0.89 15.63 -3.58
N LYS A 141 0.05 16.41 -2.98
CA LYS A 141 0.27 17.88 -2.97
C LYS A 141 1.56 18.19 -2.21
N ALA A 142 2.12 17.20 -1.55
CA ALA A 142 3.39 17.42 -0.79
C ALA A 142 4.59 17.48 -1.76
N PRO A 143 4.89 16.39 -2.45
CA PRO A 143 6.00 16.37 -3.41
C PRO A 143 6.06 17.66 -4.22
N LEU A 144 4.95 18.02 -4.85
CA LEU A 144 4.84 19.30 -5.68
C LEU A 144 4.01 19.03 -6.94
N ARG A 145 3.16 18.03 -6.95
CA ARG A 145 2.37 17.77 -8.19
C ARG A 145 1.52 19.00 -8.54
N GLU A 146 0.45 19.22 -7.81
CA GLU A 146 -0.49 20.38 -8.06
C GLU A 146 -1.00 20.40 -9.52
N LEU A 147 -0.22 19.93 -10.46
CA LEU A 147 -0.68 19.91 -11.87
C LEU A 147 -1.65 18.74 -12.04
N LEU A 148 -1.25 17.58 -11.59
CA LEU A 148 -2.17 16.42 -11.70
C LEU A 148 -3.36 16.68 -10.77
N ARG A 149 -3.20 17.58 -9.84
CA ARG A 149 -4.32 17.91 -8.92
C ARG A 149 -5.44 18.57 -9.71
N GLU A 150 -5.12 19.56 -10.49
CA GLU A 150 -6.17 20.25 -11.29
C GLU A 150 -6.59 19.33 -12.44
N ARG A 151 -5.68 18.56 -12.96
CA ARG A 151 -6.04 17.64 -14.08
C ARG A 151 -7.15 16.70 -13.63
N ALA A 152 -7.20 16.36 -12.38
CA ALA A 152 -8.29 15.46 -11.89
C ALA A 152 -9.45 16.34 -11.43
N GLU A 153 -9.16 17.49 -10.88
CA GLU A 153 -10.25 18.38 -10.40
C GLU A 153 -10.89 19.09 -11.59
N LYS A 154 -10.31 18.99 -12.76
CA LYS A 154 -10.92 19.66 -13.96
C LYS A 154 -11.77 18.63 -14.71
N MET A 155 -11.72 17.41 -14.29
CA MET A 155 -12.53 16.35 -14.96
C MET A 155 -14.01 16.51 -14.59
N GLY A 156 -14.27 17.15 -13.48
CA GLY A 156 -15.68 17.34 -13.04
C GLY A 156 -15.72 17.46 -11.52
N GLN A 157 -15.15 18.50 -10.97
CA GLN A 157 -15.16 18.66 -9.49
C GLN A 157 -14.83 20.11 -9.13
N ASN A 158 -13.70 20.59 -9.60
CA ASN A 158 -13.32 22.01 -9.29
C ASN A 158 -14.48 22.92 -9.67
N LEU A 159 -14.85 22.95 -10.92
CA LEU A 159 -15.97 23.82 -11.36
C LEU A 159 -17.27 23.02 -11.20
N ASN A 160 -17.72 22.86 -9.97
CA ASN A 160 -18.98 22.10 -9.72
C ASN A 160 -20.13 23.06 -9.48
N ARG A 161 -21.07 23.14 -10.38
CA ARG A 161 -22.22 24.06 -10.18
C ARG A 161 -22.87 23.71 -8.84
N ILE A 162 -23.60 24.61 -8.24
CA ILE A 162 -24.23 24.30 -6.93
C ILE A 162 -25.17 23.08 -7.08
N PRO A 163 -24.85 21.95 -6.49
CA PRO A 163 -25.72 20.75 -6.62
C PRO A 163 -27.07 21.03 -5.96
N TYR A 164 -28.14 20.45 -6.49
CA TYR A 164 -29.50 20.67 -5.91
C TYR A 164 -30.07 19.31 -5.51
N LYS A 165 -30.55 19.20 -4.31
CA LYS A 165 -31.13 17.90 -3.84
C LYS A 165 -32.02 18.14 -2.61
N ASP A 166 -32.75 19.22 -2.59
CA ASP A 166 -33.63 19.50 -1.42
C ASP A 166 -34.51 20.71 -1.72
N THR A 167 -34.33 21.79 -1.00
CA THR A 167 -35.17 23.00 -1.25
C THR A 167 -34.72 24.13 -0.34
N PHE A 168 -33.48 24.54 -0.45
CA PHE A 168 -33.02 25.66 0.41
C PHE A 168 -33.90 26.85 0.09
N TRP A 169 -33.50 27.71 -0.80
CA TRP A 169 -34.37 28.83 -1.18
C TRP A 169 -34.93 29.52 0.07
N LYS A 170 -36.02 29.03 0.56
CA LYS A 170 -36.65 29.62 1.78
C LYS A 170 -36.45 28.67 2.95
N GLY A 171 -37.47 27.95 3.33
CA GLY A 171 -37.34 27.01 4.48
C GLY A 171 -37.02 27.79 5.75
N MET B 1 16.15 34.20 -7.35
CA MET B 1 17.33 34.07 -6.45
C MET B 1 16.91 33.42 -5.13
N ALA B 2 15.63 33.40 -4.86
CA ALA B 2 15.15 32.78 -3.59
C ALA B 2 15.27 31.26 -3.69
N ASN B 3 15.73 30.76 -4.81
CA ASN B 3 15.87 29.28 -4.96
C ASN B 3 17.06 28.81 -4.12
N ALA B 4 16.81 28.44 -2.89
CA ALA B 4 17.92 27.96 -2.03
C ALA B 4 18.28 26.52 -2.40
N LEU B 5 19.49 26.29 -2.82
CA LEU B 5 19.89 24.91 -3.21
C LEU B 5 20.09 24.07 -1.94
N ALA B 6 20.05 24.70 -0.80
CA ALA B 6 20.23 23.95 0.48
C ALA B 6 21.42 22.99 0.35
N SER B 7 21.31 21.82 0.93
CA SER B 7 22.43 20.84 0.86
C SER B 7 21.87 19.43 1.10
N ALA B 8 22.26 18.81 2.18
CA ALA B 8 21.75 17.44 2.47
C ALA B 8 20.23 17.41 2.27
N THR B 9 19.73 16.32 1.78
CA THR B 9 18.27 16.19 1.47
C THR B 9 17.66 15.04 2.25
N CYS B 10 16.38 15.10 2.51
CA CYS B 10 15.73 14.00 3.25
C CYS B 10 15.98 12.72 2.53
N GLU B 11 16.20 11.71 3.27
CA GLU B 11 16.42 10.39 2.60
C GLU B 11 15.06 9.80 2.22
N ARG B 12 13.99 10.54 2.41
CA ARG B 12 12.63 10.00 2.05
C ARG B 12 11.82 11.05 1.29
N CYS B 13 11.87 12.29 1.69
CA CYS B 13 11.09 13.34 0.95
C CYS B 13 12.07 14.06 0.02
N LYS B 14 13.33 13.79 0.20
CA LYS B 14 14.37 14.43 -0.65
C LYS B 14 14.43 15.91 -0.35
N GLY B 15 13.88 16.35 0.74
CA GLY B 15 13.90 17.77 1.08
C GLY B 15 15.25 18.12 1.68
N GLY B 16 15.69 19.14 1.15
CA GLY B 16 16.96 19.80 1.38
C GLY B 16 16.91 20.63 2.61
N PHE B 17 17.50 20.12 3.62
CA PHE B 17 17.57 20.84 4.89
C PHE B 17 19.00 21.31 5.14
N ALA B 18 19.02 22.26 5.92
CA ALA B 18 20.25 22.99 6.44
C ALA B 18 20.19 22.43 7.81
N PRO B 19 21.01 21.52 8.14
CA PRO B 19 20.53 20.79 9.26
C PRO B 19 20.57 20.89 10.74
N ALA B 20 20.28 22.06 10.97
CA ALA B 20 20.06 22.62 12.27
C ALA B 20 18.64 23.11 12.07
N GLU B 21 18.04 22.68 10.94
CA GLU B 21 16.64 23.03 10.68
C GLU B 21 15.98 21.83 11.24
N LYS B 22 15.64 20.93 10.38
CA LYS B 22 15.15 19.67 10.83
C LYS B 22 15.53 18.54 9.90
N ILE B 23 16.61 17.95 10.27
CA ILE B 23 17.15 16.74 9.64
C ILE B 23 17.30 15.68 10.75
N VAL B 24 17.08 14.44 10.46
CA VAL B 24 17.25 13.40 11.51
C VAL B 24 18.06 12.26 10.89
N ASN B 25 19.11 11.88 11.55
CA ASN B 25 19.99 10.80 11.05
C ASN B 25 19.69 9.53 11.82
N SER B 26 19.43 8.45 11.13
CA SER B 26 19.14 7.18 11.79
C SER B 26 19.89 6.14 10.99
N ASN B 27 20.98 5.72 11.51
CA ASN B 27 21.84 4.69 10.86
C ASN B 27 22.89 5.35 9.97
N GLY B 28 22.53 6.40 9.30
CA GLY B 28 23.50 7.09 8.41
C GLY B 28 22.73 7.75 7.27
N GLU B 29 21.44 7.55 7.23
CA GLU B 29 20.60 8.17 6.18
C GLU B 29 19.95 9.35 6.87
N LEU B 30 19.54 10.36 6.14
CA LEU B 30 18.94 11.57 6.77
C LEU B 30 17.42 11.57 6.56
N TYR B 31 16.66 11.86 7.58
CA TYR B 31 15.18 11.88 7.43
C TYR B 31 14.59 13.05 8.21
N HIS B 32 13.70 13.79 7.63
CA HIS B 32 13.09 14.88 8.39
C HIS B 32 12.32 14.19 9.46
N GLU B 33 12.15 14.72 10.62
CA GLU B 33 11.23 14.02 11.55
C GLU B 33 9.89 13.94 10.79
N GLN B 34 9.86 14.52 9.57
CA GLN B 34 8.65 14.45 8.69
C GLN B 34 8.76 13.19 7.88
N CYS B 35 9.95 12.63 7.87
CA CYS B 35 10.22 11.44 7.09
C CYS B 35 10.16 10.30 8.10
N PHE B 36 10.02 10.71 9.34
CA PHE B 36 9.78 9.73 10.45
C PHE B 36 8.28 9.50 10.39
N VAL B 37 7.91 8.68 9.47
CA VAL B 37 6.46 8.37 9.25
C VAL B 37 6.25 6.89 8.87
N CYS B 38 5.19 6.30 9.36
CA CYS B 38 4.83 4.87 9.06
C CYS B 38 4.36 4.75 7.64
N ALA B 39 4.52 3.61 7.03
CA ALA B 39 4.02 3.39 5.64
C ALA B 39 2.48 3.57 5.58
N GLN B 40 1.80 3.06 6.56
CA GLN B 40 0.30 3.13 6.68
C GLN B 40 -0.06 4.24 7.65
N CYS B 41 0.75 4.29 8.63
CA CYS B 41 0.67 5.17 9.81
C CYS B 41 1.49 6.42 9.45
N PHE B 42 1.99 6.55 8.15
CA PHE B 42 2.95 7.65 7.58
C PHE B 42 2.52 8.94 8.05
N GLN B 43 2.01 8.74 9.07
CA GLN B 43 1.68 9.82 9.93
C GLN B 43 2.87 9.70 10.84
N GLN B 44 3.23 10.74 11.36
CA GLN B 44 4.43 10.75 12.20
C GLN B 44 4.27 9.73 13.33
N PHE B 45 5.36 9.15 13.71
CA PHE B 45 5.35 8.10 14.79
C PHE B 45 5.02 8.75 16.15
N PRO B 46 3.98 8.30 16.84
CA PRO B 46 3.59 8.84 18.16
C PRO B 46 4.59 8.42 19.27
N GLU B 47 4.99 9.39 20.04
CA GLU B 47 5.97 9.27 21.17
C GLU B 47 7.30 8.88 20.59
N GLY B 48 7.31 8.91 19.32
CA GLY B 48 8.53 8.72 18.56
C GLY B 48 9.07 7.28 18.61
N LEU B 49 8.39 6.33 19.23
CA LEU B 49 8.94 4.93 19.23
C LEU B 49 8.31 4.19 18.07
N PHE B 50 9.14 3.77 17.20
CA PHE B 50 8.68 3.07 15.98
C PHE B 50 9.59 1.83 15.70
N TYR B 51 9.19 0.86 14.86
CA TYR B 51 10.09 -0.28 14.52
C TYR B 51 9.98 -0.58 13.01
N GLU B 52 11.07 -0.67 12.34
CA GLU B 52 11.06 -1.01 10.89
C GLU B 52 11.26 -2.55 10.66
N PHE B 53 10.46 -3.20 9.82
CA PHE B 53 10.74 -4.65 9.48
C PHE B 53 10.41 -4.96 8.01
N GLU B 54 11.29 -5.70 7.41
CA GLU B 54 11.15 -6.21 6.01
C GLU B 54 10.73 -5.20 4.93
N GLY B 55 11.40 -4.09 4.82
CA GLY B 55 11.10 -3.14 3.69
C GLY B 55 9.95 -2.20 4.02
N ARG B 56 9.16 -2.53 4.99
CA ARG B 56 8.02 -1.64 5.33
C ARG B 56 8.33 -1.09 6.69
N LYS B 57 7.89 0.09 6.94
CA LYS B 57 8.13 0.67 8.28
C LYS B 57 6.78 0.91 9.00
N TYR B 58 6.62 0.43 10.22
CA TYR B 58 5.34 0.65 11.00
C TYR B 58 5.64 1.06 12.44
N CYS B 59 4.74 1.75 13.08
CA CYS B 59 4.94 2.04 14.52
C CYS B 59 4.96 0.65 15.13
N GLU B 60 5.42 0.48 16.32
CA GLU B 60 5.43 -0.88 16.88
C GLU B 60 4.03 -1.40 16.87
N HIS B 61 3.13 -0.52 17.11
CA HIS B 61 1.73 -0.90 17.19
C HIS B 61 1.33 -1.65 15.95
N ASP B 62 1.55 -1.06 14.82
CA ASP B 62 1.11 -1.76 13.60
C ASP B 62 2.03 -2.92 13.29
N PHE B 63 3.27 -2.83 13.62
CA PHE B 63 4.10 -4.01 13.41
C PHE B 63 3.63 -5.02 14.43
N GLN B 64 3.26 -4.52 15.57
CA GLN B 64 2.78 -5.41 16.67
C GLN B 64 1.50 -6.05 16.21
N MET B 65 0.88 -5.54 15.23
CA MET B 65 -0.28 -6.31 14.72
C MET B 65 0.36 -7.57 14.10
N LEU B 66 1.28 -7.36 13.20
CA LEU B 66 2.02 -8.48 12.52
C LEU B 66 3.05 -9.14 13.46
N PHE B 67 3.36 -8.49 14.54
CA PHE B 67 4.39 -9.00 15.51
C PHE B 67 3.68 -9.30 16.84
N ALA B 68 2.46 -8.88 16.93
CA ALA B 68 1.64 -9.11 18.17
C ALA B 68 0.17 -9.42 17.79
N PRO B 69 -0.05 -10.56 17.17
CA PRO B 69 -1.41 -10.95 16.77
C PRO B 69 -2.28 -11.16 18.03
N CYS B 70 -3.50 -11.56 17.86
CA CYS B 70 -4.39 -11.79 19.03
C CYS B 70 -4.32 -10.57 19.95
ZN ZN C . 12.31 14.73 4.33
ZN ZN D . 2.02 3.25 12.34
#